data_6XA2
#
_entry.id   6XA2
#
_cell.length_a   224.554
_cell.length_b   57.156
_cell.length_c   282.659
_cell.angle_alpha   90.000
_cell.angle_beta   90.890
_cell.angle_gamma   90.000
#
_symmetry.space_group_name_H-M   'C 1 2 1'
#
loop_
_entity.id
_entity.type
_entity.pdbx_description
1 polymer TamI
2 non-polymer 'PROTOPORPHYRIN IX CONTAINING FE'
3 non-polymer (3E)-3-{(2E,4E,6R)-1-hydroxy-4-methyl-6-[(1R,3R,4S,5R)-1,4,8-trimethyl-2,9-dioxabicyclo[3.3.1]non-7-en-3-yl]hepta-2,4-dien-1-ylidene}-2H-pyrrole-2,4(3H)-dione
4 water water
#
_entity_poly.entity_id   1
_entity_poly.type   'polypeptide(L)'
_entity_poly.pdbx_seq_one_letter_code
;AVPMLQDSVPLELDDAFMQDPHSVYARLNAEGSAHRVMMPPGVPVCGGLPVWLITGYEEVRSALADPRLSTDLNRTDRLF
AQNEPDRNKRGAFSSALATHMLHSDPPDHTRLRKLVNKAFTSRAIEKLRPEIEQITGELLAALPDEDPVDLLDAFAFPLP
IRVICLLLGVPLEEQENFKSWSKALVSGDSPAATAAASTAMIEYLGDLIERKRRTPTDDVLAALVSARDVDDRLTETELV
SMAFLLFIGGHETTVNTLGNGTLHLMRNLDQWEALRQDRSLLPGAVEEFLRLESPLKHATFRCATEDLRIGDTAIPAGDF
VLLALASANRDPERFGDPHTLDVRRPTGGHVAFGHGIHYCLGAPLARMEAQVAFGVLLDTFPAMRLAVDPEDMRWRTSTL
IRGLHSLPVRLNRP
;
_entity_poly.pdbx_strand_id   A,B,C,D,E,F,G,H
#
# COMPACT_ATOMS: atom_id res chain seq x y z
N PRO A 10 15.46 0.16 -54.79
CA PRO A 10 14.76 0.62 -53.59
C PRO A 10 15.03 -0.28 -52.40
N LEU A 11 15.74 0.25 -51.40
CA LEU A 11 16.12 -0.58 -50.27
C LEU A 11 14.89 -0.88 -49.41
N GLU A 12 14.70 -2.16 -49.11
CA GLU A 12 13.60 -2.60 -48.27
C GLU A 12 14.01 -2.52 -46.81
N LEU A 13 13.23 -1.82 -46.00
CA LEU A 13 13.55 -1.64 -44.60
C LEU A 13 12.99 -2.81 -43.81
N ASP A 14 13.81 -3.41 -42.95
CA ASP A 14 13.40 -4.58 -42.18
C ASP A 14 13.09 -4.19 -40.74
N ASP A 15 12.81 -5.21 -39.93
CA ASP A 15 12.53 -4.98 -38.51
C ASP A 15 13.72 -4.34 -37.80
N ALA A 16 14.93 -4.80 -38.13
CA ALA A 16 16.14 -4.22 -37.52
C ALA A 16 16.15 -2.70 -37.64
N PHE A 17 15.51 -2.15 -38.67
CA PHE A 17 15.38 -0.68 -38.79
C PHE A 17 14.41 -0.15 -37.74
N MET A 18 13.31 -0.84 -37.50
CA MET A 18 12.40 -0.38 -36.43
C MET A 18 13.09 -0.43 -35.07
N GLN A 19 14.13 -1.23 -34.91
CA GLN A 19 14.73 -1.40 -33.57
C GLN A 19 15.89 -0.41 -33.37
N ASP A 20 16.68 -0.14 -34.40
CA ASP A 20 17.75 0.88 -34.30
C ASP A 20 17.74 1.62 -35.61
N PRO A 21 16.88 2.63 -35.77
CA PRO A 21 16.81 3.32 -37.02
C PRO A 21 18.03 4.21 -37.16
N HIS A 22 18.63 4.60 -36.05
CA HIS A 22 19.76 5.55 -36.05
C HIS A 22 20.95 4.97 -36.77
N SER A 23 21.20 3.69 -36.58
CA SER A 23 22.34 3.00 -37.21
C SER A 23 22.15 2.97 -38.73
N VAL A 24 20.93 2.78 -39.18
CA VAL A 24 20.65 2.81 -40.60
C VAL A 24 20.82 4.21 -41.14
N TYR A 25 20.39 5.21 -40.40
CA TYR A 25 20.51 6.56 -40.85
C TYR A 25 21.95 6.97 -40.98
N ALA A 26 22.79 6.68 -39.98
CA ALA A 26 24.20 7.01 -40.04
C ALA A 26 24.88 6.34 -41.22
N ARG A 27 24.51 5.09 -41.48
CA ARG A 27 25.01 4.39 -42.67
C ARG A 27 24.62 5.13 -43.94
N LEU A 28 23.34 5.45 -44.07
CA LEU A 28 22.85 6.11 -45.27
C LEU A 28 23.39 7.53 -45.40
N ASN A 29 23.39 8.29 -44.30
CA ASN A 29 23.86 9.66 -44.37
C ASN A 29 25.34 9.74 -44.74
N ALA A 30 26.12 8.74 -44.33
CA ALA A 30 27.53 8.72 -44.69
C ALA A 30 27.71 8.64 -46.20
N GLU A 31 26.75 8.08 -46.92
CA GLU A 31 26.83 7.97 -48.37
C GLU A 31 26.07 9.07 -49.10
N GLY A 32 25.09 9.70 -48.47
CA GLY A 32 24.29 10.70 -49.13
C GLY A 32 23.15 11.14 -48.24
N SER A 33 22.29 11.99 -48.80
CA SER A 33 21.18 12.57 -48.06
C SER A 33 19.82 12.08 -48.51
N ALA A 34 19.71 11.45 -49.67
CA ALA A 34 18.43 10.98 -50.19
C ALA A 34 18.59 9.55 -50.68
N HIS A 35 17.79 8.66 -50.13
CA HIS A 35 17.86 7.26 -50.46
C HIS A 35 16.51 6.67 -50.70
N ARG A 36 16.32 6.04 -51.83
CA ARG A 36 15.05 5.39 -52.12
C ARG A 36 14.83 4.15 -51.28
N VAL A 37 13.81 4.17 -50.45
CA VAL A 37 13.53 3.08 -49.56
C VAL A 37 12.11 2.57 -49.67
N MET A 38 11.79 1.53 -48.93
CA MET A 38 10.45 0.97 -48.93
C MET A 38 10.21 0.46 -47.55
N MET A 39 8.97 0.47 -47.11
CA MET A 39 8.64 -0.04 -45.83
C MET A 39 8.27 -1.48 -46.06
N PRO A 40 8.45 -2.32 -45.04
CA PRO A 40 8.15 -3.75 -45.20
C PRO A 40 6.77 -3.97 -45.78
N PRO A 41 6.61 -5.02 -46.55
CA PRO A 41 5.33 -5.21 -47.24
C PRO A 41 4.13 -5.36 -46.35
N GLY A 42 4.35 -5.79 -45.12
CA GLY A 42 3.27 -5.95 -44.20
C GLY A 42 3.02 -4.81 -43.27
N VAL A 43 3.48 -3.63 -43.62
CA VAL A 43 3.16 -2.47 -42.83
C VAL A 43 1.79 -2.15 -43.36
N PRO A 44 0.84 -1.98 -42.47
CA PRO A 44 -0.55 -1.82 -42.88
C PRO A 44 -0.96 -0.89 -44.03
N VAL A 45 -0.50 0.34 -44.14
CA VAL A 45 -0.99 1.17 -45.22
C VAL A 45 0.06 1.58 -46.20
N CYS A 46 1.24 1.90 -45.70
CA CYS A 46 2.31 2.37 -46.53
C CYS A 46 3.30 1.29 -46.93
N GLY A 47 2.96 0.05 -46.66
CA GLY A 47 3.85 -1.05 -46.95
C GLY A 47 4.15 -1.33 -48.37
N GLY A 48 5.42 -1.27 -48.72
CA GLY A 48 5.81 -1.62 -50.05
C GLY A 48 5.78 -0.46 -50.97
N LEU A 49 5.66 0.72 -50.40
CA LEU A 49 5.57 1.89 -51.21
C LEU A 49 6.89 2.60 -51.29
N PRO A 50 7.41 2.74 -52.50
CA PRO A 50 8.70 3.38 -52.69
C PRO A 50 8.76 4.88 -52.38
N VAL A 51 9.63 5.27 -51.47
CA VAL A 51 9.79 6.67 -51.10
C VAL A 51 11.22 7.07 -50.95
N TRP A 52 11.48 8.36 -50.92
CA TRP A 52 12.81 8.86 -50.67
C TRP A 52 13.03 9.24 -49.24
N LEU A 53 13.93 8.55 -48.56
CA LEU A 53 14.27 8.87 -47.19
C LEU A 53 15.34 9.95 -47.15
N ILE A 54 15.09 10.97 -46.36
CA ILE A 54 16.01 12.06 -46.28
C ILE A 54 16.79 12.03 -45.00
N THR A 55 18.10 12.02 -45.12
CA THR A 55 18.97 11.96 -43.99
C THR A 55 19.70 13.30 -43.88
N GLY A 56 19.99 13.75 -42.68
CA GLY A 56 20.75 14.98 -42.54
C GLY A 56 20.09 16.29 -42.13
N TYR A 57 20.49 16.85 -41.01
CA TYR A 57 19.96 18.15 -40.56
C TYR A 57 19.72 19.23 -41.58
N GLU A 58 20.75 19.67 -42.27
CA GLU A 58 20.58 20.73 -43.22
C GLU A 58 19.57 20.35 -44.25
N GLU A 59 19.67 19.13 -44.76
CA GLU A 59 18.74 18.69 -45.79
C GLU A 59 17.34 18.51 -45.23
N VAL A 60 17.20 17.94 -44.03
CA VAL A 60 15.88 17.73 -43.45
C VAL A 60 15.24 19.06 -43.08
N ARG A 61 15.98 19.95 -42.41
CA ARG A 61 15.41 21.22 -42.00
C ARG A 61 15.00 22.05 -43.21
N SER A 62 15.83 22.08 -44.24
CA SER A 62 15.46 22.78 -45.48
C SER A 62 14.25 22.12 -46.14
N ALA A 63 14.23 20.78 -46.18
CA ALA A 63 13.14 20.08 -46.86
C ALA A 63 11.80 20.30 -46.17
N LEU A 64 11.81 20.39 -44.83
CA LEU A 64 10.57 20.57 -44.10
C LEU A 64 9.85 21.85 -44.54
N ALA A 65 10.60 22.92 -44.76
CA ALA A 65 10.04 24.20 -45.14
C ALA A 65 10.17 24.49 -46.63
N ASP A 66 10.59 23.52 -47.42
CA ASP A 66 10.75 23.76 -48.85
C ASP A 66 9.39 23.94 -49.50
N PRO A 67 9.16 25.04 -50.22
CA PRO A 67 7.86 25.27 -50.84
C PRO A 67 7.51 24.28 -51.94
N ARG A 68 8.47 23.50 -52.43
CA ARG A 68 8.22 22.53 -53.49
C ARG A 68 7.82 21.15 -52.96
N LEU A 69 7.82 20.95 -51.64
CA LEU A 69 7.38 19.71 -51.02
C LEU A 69 6.05 19.96 -50.35
N SER A 70 5.01 19.24 -50.78
CA SER A 70 3.65 19.44 -50.34
C SER A 70 3.15 18.26 -49.51
N THR A 71 2.36 18.56 -48.49
CA THR A 71 1.71 17.54 -47.67
C THR A 71 0.26 17.32 -48.07
N ASP A 72 -0.16 17.86 -49.21
CA ASP A 72 -1.57 17.82 -49.60
C ASP A 72 -2.08 16.38 -49.68
N LEU A 73 -3.22 16.13 -49.05
CA LEU A 73 -3.83 14.80 -49.11
C LEU A 73 -4.15 14.41 -50.55
N ASN A 74 -4.56 15.38 -51.36
CA ASN A 74 -4.84 15.10 -52.76
C ASN A 74 -3.58 14.69 -53.51
N ARG A 75 -2.45 15.32 -53.18
CA ARG A 75 -1.18 14.95 -53.83
C ARG A 75 -0.70 13.60 -53.32
N THR A 76 -0.77 13.37 -52.01
CA THR A 76 -0.33 12.09 -51.45
C THR A 76 -1.29 10.95 -51.75
N ASP A 77 -2.45 11.26 -52.34
CA ASP A 77 -3.36 10.20 -52.76
C ASP A 77 -2.68 9.25 -53.73
N ARG A 78 -1.86 9.79 -54.63
CA ARG A 78 -1.16 8.96 -55.61
C ARG A 78 -0.26 7.94 -54.93
N LEU A 79 0.39 8.31 -53.82
CA LEU A 79 1.23 7.36 -53.10
C LEU A 79 0.40 6.21 -52.52
N PHE A 80 -0.67 6.54 -51.78
CA PHE A 80 -1.44 5.51 -51.10
C PHE A 80 -2.28 4.69 -52.06
N ALA A 81 -2.73 5.28 -53.17
CA ALA A 81 -3.55 4.54 -54.13
C ALA A 81 -2.83 3.33 -54.70
N GLN A 82 -1.51 3.29 -54.64
CA GLN A 82 -0.78 2.11 -55.08
C GLN A 82 -1.08 0.89 -54.22
N ASN A 83 -1.52 1.09 -52.98
CA ASN A 83 -1.89 0.00 -52.08
C ASN A 83 -3.40 -0.11 -51.94
N GLU A 84 -4.08 1.01 -51.73
CA GLU A 84 -5.52 1.03 -51.57
C GLU A 84 -6.10 2.21 -52.34
N PRO A 85 -6.77 1.96 -53.47
CA PRO A 85 -7.36 3.07 -54.23
C PRO A 85 -8.49 3.76 -53.49
N ASP A 86 -9.11 3.10 -52.52
CA ASP A 86 -10.25 3.68 -51.82
C ASP A 86 -9.75 4.71 -50.81
N ARG A 87 -10.13 5.97 -51.03
CA ARG A 87 -9.58 7.08 -50.25
C ARG A 87 -9.91 6.94 -48.77
N ASN A 88 -11.00 6.27 -48.44
CA ASN A 88 -11.44 6.13 -47.05
C ASN A 88 -11.08 4.79 -46.42
N LYS A 89 -10.19 4.02 -47.05
CA LYS A 89 -9.68 2.78 -46.49
C LYS A 89 -8.17 2.86 -46.23
N ARG A 90 -7.68 4.04 -45.90
CA ARG A 90 -6.24 4.23 -45.72
C ARG A 90 -5.78 4.46 -44.31
N GLY A 91 -6.56 4.01 -43.35
CA GLY A 91 -6.18 4.14 -41.97
C GLY A 91 -6.37 5.49 -41.39
N ALA A 92 -5.29 6.09 -40.95
CA ALA A 92 -5.35 7.42 -40.41
C ALA A 92 -5.15 8.38 -41.55
N PHE A 93 -5.05 7.83 -42.74
CA PHE A 93 -4.85 8.64 -43.92
C PHE A 93 -6.07 8.49 -44.76
N SER A 94 -7.16 8.03 -44.15
CA SER A 94 -8.42 7.93 -44.82
C SER A 94 -8.98 9.34 -44.92
N SER A 95 -9.59 9.74 -46.04
CA SER A 95 -9.97 11.14 -46.21
C SER A 95 -10.91 11.62 -45.11
N ALA A 96 -11.76 10.75 -44.58
CA ALA A 96 -12.66 11.17 -43.52
C ALA A 96 -11.92 11.57 -42.25
N LEU A 97 -10.65 11.17 -42.11
CA LEU A 97 -9.90 11.44 -40.90
C LEU A 97 -8.65 12.30 -41.10
N ALA A 98 -8.14 12.41 -42.33
CA ALA A 98 -6.87 13.07 -42.58
C ALA A 98 -6.99 14.40 -43.31
N THR A 99 -8.21 14.86 -43.62
CA THR A 99 -8.41 16.13 -44.31
C THR A 99 -8.31 17.29 -43.32
N HIS A 100 -7.11 17.51 -42.81
CA HIS A 100 -6.87 18.56 -41.83
C HIS A 100 -5.71 19.46 -42.24
N MET A 101 -5.28 20.35 -41.33
CA MET A 101 -4.31 21.39 -41.67
C MET A 101 -2.96 20.79 -42.06
N LEU A 102 -2.55 19.71 -41.40
CA LEU A 102 -1.24 19.14 -41.69
C LEU A 102 -1.17 18.57 -43.10
N HIS A 103 -2.30 18.14 -43.65
CA HIS A 103 -2.33 17.53 -44.98
C HIS A 103 -2.92 18.50 -46.01
N SER A 104 -2.59 19.77 -45.83
CA SER A 104 -3.05 20.78 -46.75
C SER A 104 -1.95 21.75 -47.03
N ASP A 105 -2.13 22.52 -48.09
CA ASP A 105 -1.13 23.45 -48.49
C ASP A 105 -1.59 24.81 -48.03
N PRO A 106 -0.81 25.85 -48.30
CA PRO A 106 -1.12 27.13 -47.69
C PRO A 106 -2.43 27.87 -47.77
N PRO A 107 -3.13 27.88 -48.89
CA PRO A 107 -4.35 28.67 -48.79
C PRO A 107 -5.30 28.11 -47.74
N ASP A 108 -5.48 26.79 -47.68
CA ASP A 108 -6.42 26.17 -46.77
C ASP A 108 -5.81 25.82 -45.43
N HIS A 109 -4.51 25.63 -45.38
CA HIS A 109 -3.81 25.39 -44.14
C HIS A 109 -3.99 26.54 -43.21
N THR A 110 -3.90 27.75 -43.76
CA THR A 110 -4.06 28.92 -42.95
C THR A 110 -5.44 28.91 -42.32
N ARG A 111 -6.50 28.90 -43.11
CA ARG A 111 -7.83 28.83 -42.57
C ARG A 111 -8.03 27.76 -41.54
N LEU A 112 -7.57 26.54 -41.80
CA LEU A 112 -7.81 25.47 -40.86
C LEU A 112 -7.07 25.72 -39.54
N ARG A 113 -5.83 26.21 -39.62
CA ARG A 113 -5.06 26.44 -38.39
C ARG A 113 -5.65 27.58 -37.56
N LYS A 114 -6.24 28.58 -38.21
CA LYS A 114 -6.78 29.73 -37.50
C LYS A 114 -7.95 29.36 -36.60
N LEU A 115 -8.66 28.27 -36.93
CA LEU A 115 -9.80 27.89 -36.11
C LEU A 115 -9.37 27.52 -34.69
N VAL A 116 -8.13 27.06 -34.51
CA VAL A 116 -7.72 26.51 -33.21
C VAL A 116 -6.42 27.09 -32.67
N ASN A 117 -5.73 27.93 -33.47
CA ASN A 117 -4.39 28.35 -33.07
C ASN A 117 -4.40 29.16 -31.77
N LYS A 118 -5.44 29.97 -31.55
CA LYS A 118 -5.50 30.79 -30.34
C LYS A 118 -5.62 29.95 -29.07
N ALA A 119 -6.14 28.73 -29.17
CA ALA A 119 -6.33 27.88 -27.99
C ALA A 119 -5.10 27.05 -27.64
N PHE A 120 -4.14 26.94 -28.55
CA PHE A 120 -2.91 26.20 -28.32
C PHE A 120 -1.71 27.12 -28.15
N THR A 121 -1.98 28.41 -27.96
CA THR A 121 -0.95 29.42 -27.78
C THR A 121 -0.14 29.15 -26.51
N SER A 122 1.11 29.64 -26.50
CA SER A 122 1.96 29.46 -25.33
C SER A 122 1.32 30.06 -24.09
N ARG A 123 0.76 31.26 -24.22
CA ARG A 123 0.05 31.89 -23.11
C ARG A 123 -1.18 31.11 -22.70
N ALA A 124 -1.93 30.60 -23.67
CA ALA A 124 -3.14 29.85 -23.38
C ALA A 124 -2.83 28.56 -22.60
N ILE A 125 -1.83 27.81 -23.06
CA ILE A 125 -1.52 26.52 -22.45
C ILE A 125 -1.01 26.67 -21.01
N GLU A 126 -0.40 27.81 -20.69
CA GLU A 126 0.08 28.02 -19.32
C GLU A 126 -1.05 28.04 -18.32
N LYS A 127 -2.25 28.47 -18.73
CA LYS A 127 -3.39 28.52 -17.81
C LYS A 127 -3.79 27.14 -17.32
N LEU A 128 -3.37 26.08 -18.00
CA LEU A 128 -3.78 24.71 -17.67
C LEU A 128 -2.81 24.02 -16.73
N ARG A 129 -1.74 24.70 -16.30
CA ARG A 129 -0.77 24.09 -15.40
C ARG A 129 -1.40 23.49 -14.15
N PRO A 130 -2.33 24.15 -13.44
CA PRO A 130 -2.92 23.51 -12.26
C PRO A 130 -3.64 22.19 -12.57
N GLU A 131 -4.43 22.14 -13.65
CA GLU A 131 -5.13 20.92 -13.98
C GLU A 131 -4.16 19.80 -14.35
N ILE A 132 -3.12 20.11 -15.12
CA ILE A 132 -2.16 19.10 -15.54
C ILE A 132 -1.42 18.54 -14.34
N GLU A 133 -0.99 19.41 -13.43
CA GLU A 133 -0.34 18.93 -12.20
C GLU A 133 -1.30 18.06 -11.40
N GLN A 134 -2.57 18.44 -11.33
CA GLN A 134 -3.56 17.64 -10.64
C GLN A 134 -3.66 16.25 -11.25
N ILE A 135 -3.81 16.18 -12.58
CA ILE A 135 -3.94 14.89 -13.25
C ILE A 135 -2.68 14.04 -13.06
N THR A 136 -1.51 14.67 -13.16
CA THR A 136 -0.26 13.94 -13.00
C THR A 136 -0.16 13.30 -11.61
N GLY A 137 -0.51 14.06 -10.57
CA GLY A 137 -0.44 13.52 -9.22
C GLY A 137 -1.39 12.36 -9.00
N GLU A 138 -2.60 12.47 -9.53
CA GLU A 138 -3.58 11.39 -9.41
C GLU A 138 -3.10 10.15 -10.17
N LEU A 139 -2.62 10.31 -11.38
CA LEU A 139 -2.28 9.16 -12.17
C LEU A 139 -1.21 8.30 -11.54
N LEU A 140 -0.25 8.95 -10.89
CA LEU A 140 0.83 8.20 -10.29
C LEU A 140 0.50 7.74 -8.90
N ALA A 141 -0.61 8.17 -8.38
CA ALA A 141 -1.00 7.70 -7.09
C ALA A 141 -1.98 6.58 -7.27
N ALA A 142 -2.56 6.48 -8.44
CA ALA A 142 -3.60 5.49 -8.69
C ALA A 142 -3.07 4.10 -9.04
N LEU A 143 -1.79 3.96 -9.35
CA LEU A 143 -1.25 2.71 -9.88
C LEU A 143 -0.79 1.82 -8.74
N PRO A 144 -0.53 0.53 -9.00
CA PRO A 144 -0.26 -0.41 -7.90
C PRO A 144 1.14 -0.20 -7.33
N ASP A 145 1.46 -1.02 -6.32
CA ASP A 145 2.79 -1.05 -5.71
C ASP A 145 3.39 -2.43 -5.94
N GLU A 146 4.13 -2.57 -7.04
CA GLU A 146 4.67 -3.86 -7.44
C GLU A 146 6.07 -3.63 -7.97
N ASP A 147 6.84 -4.72 -8.09
CA ASP A 147 8.18 -4.59 -8.65
C ASP A 147 8.14 -4.10 -10.10
N PRO A 148 7.40 -4.75 -11.03
CA PRO A 148 7.18 -4.12 -12.33
C PRO A 148 5.90 -3.31 -12.38
N VAL A 149 6.00 -2.06 -12.83
CA VAL A 149 4.85 -1.16 -12.88
C VAL A 149 4.37 -0.90 -14.31
N ASP A 150 5.21 -1.11 -15.33
CA ASP A 150 4.89 -0.72 -16.71
C ASP A 150 4.42 0.73 -16.76
N LEU A 151 5.38 1.62 -16.46
CA LEU A 151 5.10 3.05 -16.39
C LEU A 151 4.51 3.61 -17.67
N LEU A 152 4.77 2.95 -18.81
CA LEU A 152 4.21 3.41 -20.07
C LEU A 152 2.68 3.36 -20.07
N ASP A 153 2.12 2.20 -19.73
CA ASP A 153 0.66 2.05 -19.73
C ASP A 153 0.02 2.70 -18.52
N ALA A 154 0.69 2.65 -17.36
CA ALA A 154 0.10 3.20 -16.14
C ALA A 154 0.14 4.73 -16.14
N PHE A 155 1.21 5.32 -16.67
CA PHE A 155 1.43 6.76 -16.58
C PHE A 155 1.53 7.44 -17.94
N ALA A 156 2.40 6.95 -18.82
CA ALA A 156 2.74 7.68 -20.04
C ALA A 156 1.55 7.81 -20.97
N PHE A 157 0.83 6.72 -21.21
CA PHE A 157 -0.34 6.80 -22.11
C PHE A 157 -1.45 7.67 -21.54
N PRO A 158 -1.94 7.46 -20.31
CA PRO A 158 -3.11 8.23 -19.84
C PRO A 158 -2.91 9.73 -19.73
N LEU A 159 -1.70 10.21 -19.41
CA LEU A 159 -1.53 11.64 -19.12
C LEU A 159 -1.91 12.53 -20.30
N PRO A 160 -1.32 12.39 -21.49
CA PRO A 160 -1.71 13.29 -22.60
C PRO A 160 -3.17 13.19 -23.00
N ILE A 161 -3.74 11.98 -23.00
CA ILE A 161 -5.13 11.83 -23.42
C ILE A 161 -6.07 12.46 -22.38
N ARG A 162 -5.73 12.36 -21.09
CA ARG A 162 -6.54 13.04 -20.09
C ARG A 162 -6.48 14.56 -20.28
N VAL A 163 -5.29 15.08 -20.56
CA VAL A 163 -5.15 16.52 -20.79
C VAL A 163 -5.89 16.94 -22.05
N ILE A 164 -5.73 16.17 -23.14
CA ILE A 164 -6.39 16.51 -24.39
C ILE A 164 -7.90 16.45 -24.26
N CYS A 165 -8.42 15.43 -23.55
CA CYS A 165 -9.86 15.34 -23.35
C CYS A 165 -10.39 16.53 -22.58
N LEU A 166 -9.59 17.06 -21.65
CA LEU A 166 -9.97 18.28 -20.94
C LEU A 166 -10.10 19.44 -21.91
N LEU A 167 -9.18 19.57 -22.86
CA LEU A 167 -9.22 20.68 -23.79
C LEU A 167 -10.35 20.51 -24.81
N LEU A 168 -10.73 19.29 -25.13
CA LEU A 168 -11.76 19.07 -26.15
C LEU A 168 -13.06 18.59 -25.60
N GLY A 169 -13.27 18.78 -24.32
CA GLY A 169 -14.50 18.37 -23.69
C GLY A 169 -14.98 16.94 -23.65
N VAL A 170 -14.11 15.99 -23.35
CA VAL A 170 -14.51 14.60 -23.25
C VAL A 170 -14.33 13.98 -21.85
N PRO A 171 -15.41 13.40 -21.22
CA PRO A 171 -15.24 12.74 -19.92
C PRO A 171 -14.54 11.39 -20.11
N LEU A 172 -14.42 10.66 -19.00
CA LEU A 172 -13.75 9.36 -19.02
C LEU A 172 -14.77 8.24 -19.24
N ASN A 177 -10.51 3.66 -24.20
CA ASN A 177 -10.54 3.04 -25.52
C ASN A 177 -9.55 3.71 -26.47
N PHE A 178 -9.13 4.92 -26.12
CA PHE A 178 -8.24 5.68 -26.99
C PHE A 178 -6.89 4.99 -27.15
N LYS A 179 -6.35 4.43 -26.07
CA LYS A 179 -5.01 3.84 -26.12
C LYS A 179 -4.94 2.74 -27.15
N SER A 180 -5.91 1.81 -27.13
CA SER A 180 -5.92 0.73 -28.10
C SER A 180 -6.15 1.23 -29.51
N TRP A 181 -6.97 2.28 -29.68
CA TRP A 181 -7.28 2.77 -31.01
C TRP A 181 -6.05 3.37 -31.68
N SER A 182 -5.37 4.29 -30.99
CA SER A 182 -4.19 4.90 -31.58
C SER A 182 -3.07 3.88 -31.78
N LYS A 183 -3.06 2.83 -30.96
CA LYS A 183 -2.08 1.76 -31.16
C LYS A 183 -2.37 1.00 -32.44
N ALA A 184 -3.65 0.77 -32.74
CA ALA A 184 -3.99 0.09 -33.99
C ALA A 184 -3.73 1.00 -35.19
N LEU A 185 -3.91 2.28 -35.04
CA LEU A 185 -3.67 3.13 -36.16
C LEU A 185 -2.20 3.29 -36.44
N VAL A 186 -1.43 3.68 -35.44
CA VAL A 186 0.02 3.86 -35.58
C VAL A 186 0.86 2.63 -35.73
N SER A 187 0.57 1.63 -34.95
CA SER A 187 1.38 0.44 -34.93
C SER A 187 0.49 -0.74 -34.98
N GLY A 188 -0.08 -1.01 -36.12
CA GLY A 188 -1.04 -2.08 -36.18
C GLY A 188 -0.49 -3.42 -36.54
N ASP A 189 -1.01 -4.46 -35.92
CA ASP A 189 -0.56 -5.79 -36.24
C ASP A 189 -0.93 -6.20 -37.63
N SER A 190 -2.10 -5.83 -38.07
CA SER A 190 -2.55 -6.23 -39.34
C SER A 190 -3.22 -5.11 -40.01
N PRO A 191 -3.28 -5.15 -41.31
CA PRO A 191 -4.05 -4.12 -41.98
C PRO A 191 -5.48 -4.09 -41.45
N ALA A 192 -6.09 -5.24 -41.20
CA ALA A 192 -7.44 -5.36 -40.65
C ALA A 192 -7.54 -4.66 -39.30
N ALA A 193 -6.50 -4.77 -38.46
CA ALA A 193 -6.54 -4.13 -37.15
C ALA A 193 -6.63 -2.61 -37.28
N THR A 194 -5.84 -2.03 -38.19
CA THR A 194 -5.87 -0.59 -38.38
C THR A 194 -7.12 -0.14 -39.12
N ALA A 195 -7.58 -0.93 -40.10
CA ALA A 195 -8.84 -0.62 -40.76
C ALA A 195 -10.00 -0.68 -39.78
N ALA A 196 -9.97 -1.65 -38.85
CA ALA A 196 -11.01 -1.73 -37.84
C ALA A 196 -11.01 -0.50 -36.94
N ALA A 197 -9.82 -0.09 -36.48
CA ALA A 197 -9.72 1.10 -35.64
C ALA A 197 -10.11 2.35 -36.40
N SER A 198 -9.79 2.40 -37.70
CA SER A 198 -10.14 3.56 -38.51
C SER A 198 -11.65 3.73 -38.56
N THR A 199 -12.38 2.64 -38.86
CA THR A 199 -13.83 2.72 -38.92
C THR A 199 -14.42 3.10 -37.57
N ALA A 200 -13.87 2.56 -36.48
CA ALA A 200 -14.36 2.90 -35.15
C ALA A 200 -14.14 4.36 -34.81
N MET A 201 -13.06 4.96 -35.33
CA MET A 201 -12.77 6.35 -35.02
C MET A 201 -13.76 7.31 -35.68
N ILE A 202 -14.00 7.14 -36.99
CA ILE A 202 -14.99 8.00 -37.66
C ILE A 202 -16.38 7.76 -37.06
N GLU A 203 -16.63 6.55 -36.57
CA GLU A 203 -17.89 6.30 -35.88
C GLU A 203 -17.95 7.08 -34.58
N TYR A 204 -16.89 6.98 -33.76
CA TYR A 204 -16.88 7.67 -32.48
C TYR A 204 -16.86 9.18 -32.65
N LEU A 205 -16.06 9.69 -33.59
CA LEU A 205 -15.98 11.13 -33.77
C LEU A 205 -17.31 11.71 -34.24
N GLY A 206 -18.00 10.99 -35.13
CA GLY A 206 -19.34 11.42 -35.53
C GLY A 206 -20.30 11.50 -34.36
N ASP A 207 -20.28 10.46 -33.50
CA ASP A 207 -21.14 10.48 -32.31
C ASP A 207 -20.80 11.64 -31.40
N LEU A 208 -19.52 11.92 -31.21
CA LEU A 208 -19.10 13.01 -30.34
C LEU A 208 -19.59 14.36 -30.89
N ILE A 209 -19.53 14.54 -32.21
CA ILE A 209 -19.98 15.80 -32.81
C ILE A 209 -21.47 16.01 -32.59
N GLU A 210 -22.30 14.96 -32.76
CA GLU A 210 -23.71 15.05 -32.44
C GLU A 210 -23.94 15.39 -30.97
N ARG A 211 -23.17 14.77 -30.07
CA ARG A 211 -23.26 15.10 -28.65
C ARG A 211 -23.01 16.59 -28.42
N LYS A 212 -22.12 17.22 -29.18
CA LYS A 212 -21.89 18.65 -29.03
C LYS A 212 -23.05 19.48 -29.59
N ARG A 213 -23.59 19.05 -30.73
CA ARG A 213 -24.72 19.77 -31.33
C ARG A 213 -25.97 19.67 -30.45
N ARG A 214 -26.27 18.48 -29.96
CA ARG A 214 -27.47 18.29 -29.15
C ARG A 214 -27.38 19.06 -27.84
N THR A 215 -26.20 19.04 -27.21
CA THR A 215 -25.99 19.69 -25.91
C THR A 215 -24.74 20.56 -25.99
N PRO A 216 -24.88 21.83 -26.40
CA PRO A 216 -23.70 22.69 -26.55
C PRO A 216 -22.93 22.84 -25.24
N THR A 217 -21.62 22.98 -25.37
CA THR A 217 -20.71 23.15 -24.24
C THR A 217 -19.68 24.20 -24.65
N ASP A 218 -18.68 24.42 -23.80
CA ASP A 218 -17.64 25.42 -24.04
C ASP A 218 -16.28 24.71 -24.08
N ASP A 219 -15.80 24.41 -25.28
CA ASP A 219 -14.49 23.81 -25.45
C ASP A 219 -14.08 23.97 -26.91
N VAL A 220 -12.86 23.52 -27.22
CA VAL A 220 -12.34 23.67 -28.57
C VAL A 220 -13.25 22.95 -29.57
N LEU A 221 -13.64 21.71 -29.25
CA LEU A 221 -14.48 20.94 -30.16
C LEU A 221 -15.83 21.62 -30.38
N ALA A 222 -16.46 22.05 -29.29
CA ALA A 222 -17.74 22.73 -29.43
C ALA A 222 -17.59 24.04 -30.20
N ALA A 223 -16.52 24.79 -29.91
CA ALA A 223 -16.25 26.00 -30.67
C ALA A 223 -16.04 25.69 -32.15
N LEU A 224 -15.42 24.55 -32.43
CA LEU A 224 -15.24 24.13 -33.82
C LEU A 224 -16.58 23.80 -34.47
N VAL A 225 -17.48 23.15 -33.73
CA VAL A 225 -18.81 22.85 -34.26
C VAL A 225 -19.54 24.14 -34.58
N SER A 226 -19.45 25.14 -33.69
CA SER A 226 -20.06 26.43 -33.95
C SER A 226 -19.49 27.09 -35.20
N ALA A 227 -18.16 27.02 -35.37
CA ALA A 227 -17.53 27.56 -36.56
C ALA A 227 -18.02 26.87 -37.83
N ARG A 228 -18.52 25.63 -37.74
CA ARG A 228 -19.05 24.94 -38.91
C ARG A 228 -20.49 25.36 -39.19
N ASP A 229 -21.34 25.36 -38.15
CA ASP A 229 -22.77 25.58 -38.38
C ASP A 229 -23.11 27.06 -38.45
N VAL A 230 -22.67 27.84 -37.47
CA VAL A 230 -23.01 29.26 -37.43
C VAL A 230 -22.28 30.02 -38.52
N ASP A 231 -20.99 29.74 -38.69
CA ASP A 231 -20.13 30.59 -39.51
C ASP A 231 -19.65 29.95 -40.80
N ASP A 232 -19.88 28.65 -40.99
CA ASP A 232 -19.50 27.95 -42.23
C ASP A 232 -18.00 28.09 -42.51
N ARG A 233 -17.19 28.22 -41.47
CA ARG A 233 -15.75 28.37 -41.67
C ARG A 233 -15.11 27.04 -42.03
N LEU A 234 -15.86 25.95 -41.97
CA LEU A 234 -15.30 24.61 -42.00
C LEU A 234 -16.22 23.71 -42.82
N THR A 235 -15.65 22.64 -43.37
CA THR A 235 -16.42 21.60 -44.02
C THR A 235 -16.58 20.42 -43.08
N GLU A 236 -17.59 19.58 -43.36
CA GLU A 236 -17.89 18.46 -42.46
C GLU A 236 -16.73 17.48 -42.37
N THR A 237 -16.13 17.13 -43.51
CA THR A 237 -14.94 16.28 -43.48
C THR A 237 -13.82 16.92 -42.67
N GLU A 238 -13.55 18.20 -42.94
CA GLU A 238 -12.49 18.91 -42.23
C GLU A 238 -12.76 18.96 -40.73
N LEU A 239 -14.03 19.14 -40.34
CA LEU A 239 -14.38 19.13 -38.92
C LEU A 239 -14.02 17.81 -38.27
N VAL A 240 -14.44 16.68 -38.87
CA VAL A 240 -14.12 15.37 -38.30
C VAL A 240 -12.63 15.15 -38.27
N SER A 241 -11.95 15.47 -39.38
CA SER A 241 -10.50 15.27 -39.45
C SER A 241 -9.78 16.15 -38.44
N MET A 242 -10.24 17.39 -38.25
CA MET A 242 -9.61 18.27 -37.25
C MET A 242 -9.73 17.68 -35.86
N ALA A 243 -10.90 17.10 -35.53
CA ALA A 243 -11.05 16.42 -34.24
C ALA A 243 -10.06 15.27 -34.13
N PHE A 244 -9.96 14.47 -35.19
CA PHE A 244 -9.01 13.35 -35.21
C PHE A 244 -7.59 13.85 -35.03
N LEU A 245 -7.21 14.90 -35.76
CA LEU A 245 -5.85 15.42 -35.67
C LEU A 245 -5.56 15.91 -34.25
N LEU A 246 -6.50 16.66 -33.67
CA LEU A 246 -6.29 17.14 -32.31
C LEU A 246 -6.25 15.99 -31.31
N PHE A 247 -7.06 14.95 -31.53
CA PHE A 247 -7.11 13.83 -30.61
C PHE A 247 -5.89 12.93 -30.75
N ILE A 248 -5.73 12.30 -31.91
CA ILE A 248 -4.64 11.36 -32.13
C ILE A 248 -3.31 12.10 -32.27
N GLY A 249 -3.32 13.28 -32.86
CA GLY A 249 -2.08 14.00 -33.09
C GLY A 249 -1.34 14.33 -31.82
N GLY A 250 -2.05 14.52 -30.72
CA GLY A 250 -1.39 14.89 -29.49
C GLY A 250 -1.08 13.73 -28.58
N HIS A 251 -1.67 12.58 -28.85
CA HIS A 251 -1.62 11.47 -27.90
C HIS A 251 -0.35 10.65 -28.05
N GLU A 252 -0.16 10.01 -29.21
CA GLU A 252 0.98 9.12 -29.40
C GLU A 252 2.30 9.86 -29.26
N THR A 253 2.32 11.16 -29.55
CA THR A 253 3.56 11.93 -29.48
C THR A 253 4.06 12.08 -28.06
N THR A 254 3.21 12.57 -27.16
CA THR A 254 3.66 12.93 -25.83
C THR A 254 3.92 11.69 -24.96
N VAL A 255 3.16 10.62 -25.15
CA VAL A 255 3.38 9.40 -24.37
C VAL A 255 4.79 8.87 -24.61
N ASN A 256 5.21 8.84 -25.88
CA ASN A 256 6.54 8.33 -26.19
C ASN A 256 7.63 9.29 -25.72
N THR A 257 7.33 10.60 -25.64
CA THR A 257 8.28 11.53 -25.04
C THR A 257 8.56 11.14 -23.59
N LEU A 258 7.50 10.92 -22.81
CA LEU A 258 7.69 10.45 -21.44
C LEU A 258 8.37 9.10 -21.41
N GLY A 259 7.95 8.18 -22.30
CA GLY A 259 8.57 6.88 -22.35
C GLY A 259 10.02 6.92 -22.80
N ASN A 260 10.29 7.58 -23.94
CA ASN A 260 11.65 7.65 -24.45
C ASN A 260 12.57 8.39 -23.49
N GLY A 261 12.09 9.50 -22.93
CA GLY A 261 12.91 10.25 -21.99
C GLY A 261 13.20 9.47 -20.74
N THR A 262 12.20 8.77 -20.20
CA THR A 262 12.41 7.98 -18.98
C THR A 262 13.41 6.87 -19.22
N LEU A 263 13.31 6.17 -20.36
CA LEU A 263 14.26 5.10 -20.64
C LEU A 263 15.69 5.64 -20.64
N HIS A 264 15.93 6.72 -21.39
CA HIS A 264 17.28 7.27 -21.47
C HIS A 264 17.74 7.78 -20.12
N LEU A 265 16.83 8.36 -19.33
CA LEU A 265 17.19 8.77 -17.97
C LEU A 265 17.58 7.56 -17.12
N MET A 266 16.81 6.48 -17.22
CA MET A 266 17.11 5.27 -16.44
C MET A 266 18.42 4.62 -16.85
N ARG A 267 18.92 4.90 -18.04
CA ARG A 267 20.20 4.34 -18.48
C ARG A 267 21.37 5.22 -18.10
N ASN A 268 21.12 6.45 -17.72
CA ASN A 268 22.14 7.39 -17.25
C ASN A 268 21.63 7.99 -15.95
N LEU A 269 21.87 7.27 -14.85
CA LEU A 269 21.25 7.63 -13.57
C LEU A 269 21.84 8.90 -12.99
N ASP A 270 23.11 9.20 -13.28
CA ASP A 270 23.70 10.44 -12.80
C ASP A 270 22.98 11.65 -13.35
N GLN A 271 22.67 11.63 -14.65
CA GLN A 271 21.88 12.71 -15.25
C GLN A 271 20.47 12.73 -14.68
N TRP A 272 19.90 11.55 -14.41
CA TRP A 272 18.58 11.49 -13.82
C TRP A 272 18.55 12.14 -12.43
N GLU A 273 19.55 11.85 -11.60
CA GLU A 273 19.62 12.45 -10.27
C GLU A 273 19.97 13.93 -10.37
N ALA A 274 20.84 14.31 -11.31
CA ALA A 274 21.16 15.72 -11.49
C ALA A 274 19.89 16.54 -11.74
N LEU A 275 18.89 15.92 -12.37
CA LEU A 275 17.59 16.57 -12.51
C LEU A 275 16.88 16.63 -11.17
N ARG A 276 16.89 15.53 -10.41
CA ARG A 276 16.29 15.54 -9.07
C ARG A 276 16.96 16.58 -8.18
N GLN A 277 18.28 16.73 -8.31
CA GLN A 277 18.99 17.73 -7.53
C GLN A 277 18.59 19.14 -7.96
N ASP A 278 18.71 19.44 -9.26
CA ASP A 278 18.40 20.77 -9.82
C ASP A 278 17.31 20.74 -10.84
N ARG A 279 16.22 21.38 -10.55
CA ARG A 279 15.04 21.31 -11.40
C ARG A 279 15.04 22.33 -12.50
N SER A 280 15.94 23.29 -12.44
CA SER A 280 16.03 24.25 -13.53
C SER A 280 16.50 23.60 -14.82
N LEU A 281 17.06 22.41 -14.76
CA LEU A 281 17.53 21.70 -15.94
C LEU A 281 16.43 20.94 -16.63
N LEU A 282 15.26 20.79 -15.98
CA LEU A 282 14.15 20.04 -16.57
C LEU A 282 13.69 20.56 -17.93
N PRO A 283 13.51 21.88 -18.14
CA PRO A 283 13.08 22.33 -19.48
C PRO A 283 14.08 21.97 -20.57
N GLY A 284 15.36 22.22 -20.34
CA GLY A 284 16.38 21.86 -21.33
C GLY A 284 16.52 20.37 -21.50
N ALA A 285 16.34 19.59 -20.42
CA ALA A 285 16.43 18.14 -20.51
C ALA A 285 15.33 17.59 -21.42
N VAL A 286 14.13 18.18 -21.35
CA VAL A 286 13.02 17.71 -22.18
C VAL A 286 13.36 17.85 -23.66
N GLU A 287 13.92 19.00 -24.04
CA GLU A 287 14.33 19.19 -25.44
C GLU A 287 15.43 18.20 -25.83
N GLU A 288 16.28 17.81 -24.87
CA GLU A 288 17.31 16.82 -25.19
C GLU A 288 16.70 15.43 -25.35
N PHE A 289 15.62 15.13 -24.61
CA PHE A 289 14.90 13.88 -24.88
C PHE A 289 14.30 13.93 -26.28
N LEU A 290 13.74 15.08 -26.66
CA LEU A 290 13.11 15.21 -27.97
C LEU A 290 14.13 15.06 -29.09
N ARG A 291 15.34 15.60 -28.88
CA ARG A 291 16.38 15.46 -29.89
C ARG A 291 16.87 14.02 -29.97
N LEU A 292 17.20 13.42 -28.82
CA LEU A 292 17.85 12.11 -28.82
C LEU A 292 16.92 11.00 -29.31
N GLU A 293 15.72 10.90 -28.73
CA GLU A 293 14.75 9.88 -29.12
C GLU A 293 13.45 10.59 -29.50
N SER A 294 13.38 11.03 -30.75
CA SER A 294 12.23 11.78 -31.22
C SER A 294 11.00 10.89 -31.21
N PRO A 295 9.89 11.31 -30.62
CA PRO A 295 8.67 10.49 -30.66
C PRO A 295 8.23 10.17 -32.06
N LEU A 296 8.44 11.08 -33.02
CA LEU A 296 8.23 10.82 -34.43
C LEU A 296 9.58 10.74 -35.13
N LYS A 297 9.97 9.55 -35.55
CA LYS A 297 11.19 9.43 -36.35
C LYS A 297 11.04 10.14 -37.70
N HIS A 298 9.83 10.14 -38.26
CA HIS A 298 9.59 10.71 -39.59
C HIS A 298 8.43 11.70 -39.55
N ALA A 299 8.52 12.71 -40.41
CA ALA A 299 7.42 13.63 -40.69
C ALA A 299 6.43 12.99 -41.68
N THR A 300 5.32 13.68 -41.93
CA THR A 300 4.37 13.16 -42.91
C THR A 300 5.00 13.11 -44.31
N PHE A 301 4.47 12.23 -45.12
CA PHE A 301 4.91 12.12 -46.51
C PHE A 301 4.68 13.43 -47.24
N ARG A 302 5.65 13.83 -48.03
CA ARG A 302 5.54 15.01 -48.86
C ARG A 302 5.69 14.61 -50.33
N CYS A 303 5.10 15.41 -51.20
CA CYS A 303 5.16 15.16 -52.64
C CYS A 303 5.93 16.29 -53.32
N ALA A 304 6.74 15.93 -54.30
CA ALA A 304 7.53 16.90 -55.05
C ALA A 304 6.67 17.50 -56.16
N THR A 305 6.39 18.80 -56.07
CA THR A 305 5.58 19.49 -57.06
C THR A 305 6.40 19.95 -58.26
N GLU A 306 7.71 19.77 -58.24
CA GLU A 306 8.58 20.01 -59.38
C GLU A 306 9.93 19.37 -59.08
N ASP A 307 10.73 19.21 -60.12
CA ASP A 307 12.06 18.63 -59.94
C ASP A 307 12.85 19.46 -58.93
N LEU A 308 13.52 18.77 -58.01
CA LEU A 308 14.34 19.44 -57.01
C LEU A 308 15.49 18.52 -56.65
N ARG A 309 16.55 19.13 -56.14
CA ARG A 309 17.76 18.40 -55.77
C ARG A 309 17.91 18.46 -54.25
N ILE A 310 18.01 17.28 -53.64
CA ILE A 310 18.26 17.16 -52.20
C ILE A 310 19.64 16.54 -52.06
N GLY A 311 20.53 17.25 -51.38
CA GLY A 311 21.92 16.82 -51.38
C GLY A 311 22.45 16.88 -52.80
N ASP A 312 22.96 15.75 -53.30
CA ASP A 312 23.48 15.66 -54.65
C ASP A 312 22.61 14.82 -55.58
N THR A 313 21.41 14.44 -55.14
CA THR A 313 20.54 13.56 -55.92
C THR A 313 19.29 14.30 -56.34
N ALA A 314 18.90 14.10 -57.60
CA ALA A 314 17.75 14.77 -58.16
C ALA A 314 16.46 14.01 -57.80
N ILE A 315 15.47 14.76 -57.33
CA ILE A 315 14.18 14.19 -56.96
C ILE A 315 13.16 14.63 -58.01
N PRO A 316 12.65 13.71 -58.83
CA PRO A 316 11.76 14.13 -59.92
C PRO A 316 10.39 14.54 -59.40
N ALA A 317 9.75 15.42 -60.17
CA ALA A 317 8.40 15.87 -59.81
C ALA A 317 7.45 14.70 -59.70
N GLY A 318 6.64 14.71 -58.65
CA GLY A 318 5.65 13.68 -58.41
C GLY A 318 6.10 12.58 -57.48
N ASP A 319 7.39 12.49 -57.18
CA ASP A 319 7.84 11.47 -56.26
C ASP A 319 7.51 11.87 -54.83
N PHE A 320 7.63 10.90 -53.92
CA PHE A 320 7.24 11.08 -52.54
C PHE A 320 8.45 10.95 -51.64
N VAL A 321 8.45 11.75 -50.57
CA VAL A 321 9.63 11.96 -49.75
C VAL A 321 9.25 11.79 -48.28
N LEU A 322 10.11 11.13 -47.52
CA LEU A 322 9.91 10.90 -46.08
C LEU A 322 11.07 11.53 -45.32
N LEU A 323 10.75 12.48 -44.44
CA LEU A 323 11.76 13.24 -43.72
C LEU A 323 12.09 12.57 -42.40
N ALA A 324 13.33 12.15 -42.24
CA ALA A 324 13.79 11.47 -41.01
C ALA A 324 14.19 12.54 -40.01
N LEU A 325 13.26 12.88 -39.10
CA LEU A 325 13.57 13.86 -38.07
C LEU A 325 14.62 13.34 -37.09
N ALA A 326 14.61 12.04 -36.80
CA ALA A 326 15.61 11.46 -35.92
C ALA A 326 17.00 11.56 -36.54
N SER A 327 17.09 11.37 -37.86
CA SER A 327 18.39 11.50 -38.54
C SER A 327 18.93 12.92 -38.40
N ALA A 328 18.08 13.92 -38.62
CA ALA A 328 18.52 15.30 -38.48
C ALA A 328 18.93 15.61 -37.04
N ASN A 329 18.18 15.09 -36.07
CA ASN A 329 18.44 15.37 -34.66
C ASN A 329 19.67 14.68 -34.11
N ARG A 330 20.27 13.77 -34.86
CA ARG A 330 21.50 13.10 -34.43
C ARG A 330 22.59 13.26 -35.49
N ASP A 331 22.56 14.38 -36.21
CA ASP A 331 23.55 14.67 -37.24
C ASP A 331 24.79 15.29 -36.59
N PRO A 332 25.97 14.66 -36.72
CA PRO A 332 27.17 15.24 -36.11
C PRO A 332 27.58 16.61 -36.66
N GLU A 333 27.22 16.93 -37.91
CA GLU A 333 27.53 18.26 -38.43
C GLU A 333 26.79 19.35 -37.66
N ARG A 334 25.70 19.01 -36.97
CA ARG A 334 24.92 19.96 -36.20
C ARG A 334 25.02 19.74 -34.70
N PHE A 335 25.12 18.49 -34.23
CA PHE A 335 25.15 18.20 -32.80
C PHE A 335 26.38 17.36 -32.45
N GLY A 336 27.15 17.82 -31.48
CA GLY A 336 28.29 17.05 -31.00
C GLY A 336 27.85 15.95 -30.02
N ASP A 337 28.47 14.79 -30.14
CA ASP A 337 28.08 13.59 -29.43
C ASP A 337 26.58 13.31 -29.63
N PRO A 338 26.15 13.16 -30.89
CA PRO A 338 24.70 13.11 -31.17
C PRO A 338 23.99 11.92 -30.53
N HIS A 339 24.69 10.84 -30.25
CA HIS A 339 24.08 9.63 -29.70
C HIS A 339 24.18 9.55 -28.19
N THR A 340 24.70 10.58 -27.54
CA THR A 340 24.83 10.63 -26.10
C THR A 340 23.80 11.58 -25.52
N LEU A 341 23.16 11.16 -24.44
CA LEU A 341 22.22 12.01 -23.72
C LEU A 341 23.00 12.98 -22.84
N ASP A 342 22.81 14.28 -23.08
CA ASP A 342 23.36 15.33 -22.22
C ASP A 342 22.25 16.33 -21.94
N VAL A 343 21.71 16.29 -20.72
CA VAL A 343 20.60 17.17 -20.36
C VAL A 343 21.03 18.63 -20.25
N ARG A 344 22.33 18.89 -20.24
CA ARG A 344 22.82 20.25 -20.14
C ARG A 344 23.22 20.78 -21.47
N ARG A 345 22.84 20.09 -22.52
CA ARG A 345 23.25 20.48 -23.86
C ARG A 345 22.56 21.71 -24.32
N PRO A 346 23.30 22.58 -25.03
CA PRO A 346 22.61 23.72 -25.60
C PRO A 346 21.27 23.34 -26.21
N THR A 347 20.27 24.16 -25.95
CA THR A 347 18.96 23.83 -26.41
C THR A 347 18.59 24.68 -27.58
N GLY A 348 17.72 24.15 -28.42
CA GLY A 348 17.36 24.85 -29.62
C GLY A 348 17.95 24.05 -30.73
N GLY A 349 17.35 24.13 -31.89
CA GLY A 349 17.85 23.43 -33.03
C GLY A 349 17.33 22.08 -33.32
N HIS A 350 16.60 21.49 -32.39
CA HIS A 350 15.99 20.23 -32.70
C HIS A 350 14.85 20.43 -33.66
N VAL A 351 14.51 19.40 -34.38
CA VAL A 351 13.47 19.48 -35.41
C VAL A 351 12.39 18.46 -35.05
N ALA A 352 12.35 18.10 -33.76
CA ALA A 352 11.33 17.14 -33.35
C ALA A 352 9.91 17.65 -33.56
N PHE A 353 9.71 18.97 -33.52
CA PHE A 353 8.40 19.56 -33.79
C PHE A 353 8.26 20.01 -35.23
N GLY A 354 9.23 19.71 -36.08
CA GLY A 354 9.20 20.14 -37.46
C GLY A 354 9.85 21.50 -37.67
N HIS A 355 9.52 22.08 -38.82
CA HIS A 355 10.05 23.36 -39.25
C HIS A 355 9.20 23.85 -40.41
N GLY A 356 8.92 25.15 -40.43
CA GLY A 356 8.08 25.74 -41.45
C GLY A 356 6.67 26.01 -40.97
N ILE A 357 5.76 26.10 -41.94
CA ILE A 357 4.37 26.43 -41.65
C ILE A 357 3.69 25.36 -40.82
N HIS A 358 4.13 24.12 -40.89
CA HIS A 358 3.51 23.00 -40.19
C HIS A 358 4.13 22.72 -38.83
N TYR A 359 4.93 23.64 -38.30
CA TYR A 359 5.50 23.45 -36.97
C TYR A 359 4.41 23.15 -35.96
N CYS A 360 4.66 22.15 -35.11
CA CYS A 360 3.62 21.56 -34.28
C CYS A 360 2.87 22.60 -33.48
N LEU A 361 1.54 22.55 -33.56
CA LEU A 361 0.70 23.49 -32.83
C LEU A 361 0.57 23.12 -31.37
N GLY A 362 0.73 21.84 -31.03
CA GLY A 362 0.70 21.38 -29.67
C GLY A 362 2.03 21.43 -28.96
N ALA A 363 3.02 22.09 -29.56
CA ALA A 363 4.35 22.16 -28.95
C ALA A 363 4.33 22.79 -27.57
N PRO A 364 3.70 23.97 -27.35
CA PRO A 364 3.62 24.48 -25.96
C PRO A 364 2.96 23.52 -25.00
N LEU A 365 1.88 22.86 -25.43
CA LEU A 365 1.18 21.92 -24.55
C LEU A 365 2.06 20.73 -24.20
N ALA A 366 2.75 20.16 -25.19
CA ALA A 366 3.61 19.01 -24.94
C ALA A 366 4.75 19.36 -24.00
N ARG A 367 5.38 20.52 -24.21
CA ARG A 367 6.49 20.91 -23.34
C ARG A 367 6.04 21.05 -21.89
N MET A 368 4.90 21.70 -21.67
CA MET A 368 4.37 21.81 -20.31
C MET A 368 4.03 20.44 -19.75
N GLU A 369 3.39 19.59 -20.56
CA GLU A 369 3.08 18.24 -20.13
C GLU A 369 4.33 17.49 -19.68
N ALA A 370 5.39 17.55 -20.49
CA ALA A 370 6.62 16.85 -20.15
C ALA A 370 7.27 17.40 -18.89
N GLN A 371 7.30 18.74 -18.75
CA GLN A 371 7.90 19.35 -17.58
C GLN A 371 7.18 18.92 -16.30
N VAL A 372 5.85 18.99 -16.29
CA VAL A 372 5.10 18.63 -15.10
C VAL A 372 5.29 17.15 -14.77
N ALA A 373 5.13 16.28 -15.77
CA ALA A 373 5.17 14.84 -15.51
C ALA A 373 6.54 14.40 -15.01
N PHE A 374 7.62 14.88 -15.63
CA PHE A 374 8.94 14.50 -15.17
C PHE A 374 9.23 15.09 -13.79
N GLY A 375 8.83 16.35 -13.56
CA GLY A 375 9.08 16.96 -12.26
C GLY A 375 8.41 16.22 -11.12
N VAL A 376 7.16 15.78 -11.31
CA VAL A 376 6.50 14.97 -10.30
C VAL A 376 7.19 13.62 -10.16
N LEU A 377 7.60 13.01 -11.27
CA LEU A 377 8.29 11.73 -11.23
C LEU A 377 9.62 11.80 -10.51
N LEU A 378 10.25 12.98 -10.49
CA LEU A 378 11.46 13.11 -9.67
C LEU A 378 11.13 13.36 -8.21
N ASP A 379 10.02 14.06 -7.93
CA ASP A 379 9.59 14.24 -6.55
C ASP A 379 9.08 12.92 -5.97
N THR A 380 8.21 12.23 -6.70
CA THR A 380 7.67 10.95 -6.28
C THR A 380 8.39 9.83 -7.02
N PHE A 381 8.78 8.80 -6.28
CA PHE A 381 9.60 7.70 -6.80
C PHE A 381 10.94 8.22 -7.34
N PRO A 382 11.69 9.00 -6.56
CA PRO A 382 12.98 9.51 -7.07
C PRO A 382 14.03 8.44 -7.25
N ALA A 383 13.84 7.26 -6.65
CA ALA A 383 14.81 6.16 -6.71
C ALA A 383 14.33 5.04 -7.62
N MET A 384 13.40 5.34 -8.53
CA MET A 384 12.88 4.31 -9.40
C MET A 384 13.94 3.87 -10.39
N ARG A 385 13.88 2.59 -10.78
CA ARG A 385 14.86 2.02 -11.69
C ARG A 385 14.17 1.08 -12.66
N LEU A 386 14.84 0.88 -13.79
CA LEU A 386 14.38 -0.08 -14.80
C LEU A 386 14.32 -1.49 -14.21
N ALA A 387 13.25 -2.22 -14.53
CA ALA A 387 13.06 -3.56 -14.00
C ALA A 387 13.65 -4.64 -14.90
N VAL A 388 14.15 -4.27 -16.06
CA VAL A 388 14.81 -5.24 -16.92
C VAL A 388 16.09 -4.65 -17.42
N ASP A 389 16.77 -5.42 -18.25
CA ASP A 389 18.00 -4.94 -18.83
C ASP A 389 17.55 -4.13 -19.98
N PRO A 390 18.15 -2.98 -20.16
CA PRO A 390 17.87 -2.11 -21.28
C PRO A 390 17.78 -2.73 -22.65
N GLU A 391 18.43 -3.85 -22.87
CA GLU A 391 18.47 -4.39 -24.20
C GLU A 391 17.37 -5.36 -24.56
N ASP A 392 16.56 -5.72 -23.59
CA ASP A 392 15.45 -6.60 -23.86
C ASP A 392 14.22 -5.77 -24.12
N MET A 393 14.38 -4.46 -24.18
CA MET A 393 13.27 -3.60 -24.46
C MET A 393 13.11 -3.50 -25.92
N ARG A 394 11.87 -3.49 -26.35
CA ARG A 394 11.62 -3.48 -27.76
C ARG A 394 10.84 -2.28 -28.15
N TRP A 395 10.92 -1.98 -29.42
CA TRP A 395 10.25 -0.82 -29.91
C TRP A 395 9.17 -1.28 -30.84
N ARG A 396 8.10 -0.53 -30.92
CA ARG A 396 6.99 -0.90 -31.75
C ARG A 396 7.16 -0.65 -33.21
N THR A 397 6.36 -1.34 -34.02
CA THR A 397 6.48 -1.23 -35.44
C THR A 397 5.62 -0.14 -35.98
N SER A 398 6.24 0.94 -36.35
CA SER A 398 5.52 2.09 -36.86
C SER A 398 6.34 2.81 -37.92
N THR A 399 5.66 3.27 -38.98
CA THR A 399 6.34 4.01 -40.03
C THR A 399 6.84 5.36 -39.52
N LEU A 400 6.08 6.01 -38.63
CA LEU A 400 6.43 7.33 -38.15
C LEU A 400 6.74 7.41 -36.66
N ILE A 401 6.23 6.50 -35.84
CA ILE A 401 6.26 6.65 -34.38
C ILE A 401 7.45 5.88 -33.83
N ARG A 402 8.09 6.45 -32.81
CA ARG A 402 9.18 5.81 -32.08
C ARG A 402 8.75 5.69 -30.62
N GLY A 403 8.29 4.49 -30.25
CA GLY A 403 7.81 4.24 -28.90
C GLY A 403 8.05 2.81 -28.49
N LEU A 404 8.04 2.58 -27.18
CA LEU A 404 8.32 1.27 -26.62
C LEU A 404 7.04 0.46 -26.41
N HIS A 405 7.19 -0.86 -26.51
CA HIS A 405 6.09 -1.76 -26.19
C HIS A 405 5.68 -1.61 -24.73
N SER A 406 6.66 -1.53 -23.84
CA SER A 406 6.41 -1.40 -22.41
C SER A 406 7.60 -0.71 -21.77
N LEU A 407 7.44 -0.33 -20.50
CA LEU A 407 8.51 0.34 -19.74
C LEU A 407 8.40 -0.08 -18.28
N PRO A 408 8.77 -1.32 -17.96
CA PRO A 408 8.70 -1.77 -16.57
C PRO A 408 9.76 -1.09 -15.71
N VAL A 409 9.35 -0.68 -14.51
CA VAL A 409 10.21 0.03 -13.58
C VAL A 409 9.85 -0.42 -12.16
N ARG A 410 10.80 -0.25 -11.25
CA ARG A 410 10.59 -0.48 -9.83
C ARG A 410 10.72 0.85 -9.10
N LEU A 411 9.79 1.13 -8.19
CA LEU A 411 9.70 2.44 -7.57
C LEU A 411 10.25 2.49 -6.15
N ASN A 412 9.75 1.60 -5.27
CA ASN A 412 10.11 1.60 -3.85
C ASN A 412 9.66 2.88 -3.15
N PRO B 10 11.09 -8.56 52.57
CA PRO B 10 10.05 -8.57 51.54
C PRO B 10 10.50 -7.87 50.26
N LEU B 11 10.69 -8.64 49.20
CA LEU B 11 11.22 -8.12 47.95
C LEU B 11 10.17 -7.27 47.23
N GLU B 12 10.57 -6.06 46.83
CA GLU B 12 9.72 -5.17 46.05
C GLU B 12 9.88 -5.47 44.57
N LEU B 13 8.76 -5.67 43.89
CA LEU B 13 8.78 -5.99 42.46
C LEU B 13 8.86 -4.68 41.68
N ASP B 14 9.79 -4.61 40.74
CA ASP B 14 10.01 -3.39 39.98
C ASP B 14 9.42 -3.54 38.57
N ASP B 15 9.67 -2.55 37.71
CA ASP B 15 9.16 -2.61 36.34
C ASP B 15 9.74 -3.79 35.59
N ALA B 16 11.03 -4.09 35.79
CA ALA B 16 11.64 -5.24 35.14
C ALA B 16 10.81 -6.50 35.35
N PHE B 17 10.22 -6.65 36.54
CA PHE B 17 9.28 -7.74 36.76
C PHE B 17 8.07 -7.60 35.85
N MET B 18 7.55 -6.38 35.70
CA MET B 18 6.36 -6.18 34.86
C MET B 18 6.64 -6.51 33.40
N GLN B 19 7.82 -6.12 32.90
CA GLN B 19 8.14 -6.38 31.49
C GLN B 19 8.49 -7.85 31.26
N ASP B 20 9.24 -8.46 32.17
CA ASP B 20 9.66 -9.86 32.05
C ASP B 20 9.39 -10.57 33.37
N PRO B 21 8.13 -10.90 33.65
CA PRO B 21 7.84 -11.65 34.89
C PRO B 21 8.30 -13.10 34.82
N HIS B 22 8.39 -13.67 33.61
CA HIS B 22 8.74 -15.08 33.48
C HIS B 22 10.15 -15.34 33.98
N SER B 23 11.09 -14.47 33.61
CA SER B 23 12.46 -14.59 34.09
C SER B 23 12.48 -14.47 35.61
N VAL B 24 11.69 -13.56 36.15
CA VAL B 24 11.64 -13.42 37.61
C VAL B 24 11.14 -14.71 38.23
N TYR B 25 10.03 -15.25 37.72
CA TYR B 25 9.42 -16.45 38.30
C TYR B 25 10.38 -17.61 38.37
N ALA B 26 11.16 -17.83 37.30
CA ALA B 26 12.09 -18.96 37.29
C ALA B 26 13.10 -18.86 38.42
N ARG B 27 13.63 -17.66 38.66
CA ARG B 27 14.56 -17.46 39.77
C ARG B 27 13.91 -17.80 41.11
N LEU B 28 12.70 -17.28 41.37
CA LEU B 28 12.05 -17.58 42.65
C LEU B 28 11.71 -19.07 42.75
N ASN B 29 11.15 -19.64 41.68
CA ASN B 29 10.75 -21.04 41.74
C ASN B 29 11.95 -21.97 41.88
N ALA B 30 13.10 -21.60 41.31
CA ALA B 30 14.29 -22.43 41.45
C ALA B 30 14.73 -22.56 42.89
N GLU B 31 14.40 -21.58 43.74
CA GLU B 31 14.77 -21.60 45.14
C GLU B 31 13.67 -22.12 46.06
N GLY B 32 12.42 -22.05 45.64
CA GLY B 32 11.32 -22.45 46.50
C GLY B 32 10.00 -22.16 45.84
N SER B 33 8.92 -22.37 46.59
CA SER B 33 7.58 -22.21 46.05
C SER B 33 6.81 -21.03 46.62
N ALA B 34 7.24 -20.46 47.74
CA ALA B 34 6.54 -19.35 48.37
C ALA B 34 7.55 -18.26 48.71
N HIS B 35 7.29 -17.05 48.22
CA HIS B 35 8.19 -15.93 48.43
C HIS B 35 7.37 -14.71 48.83
N ARG B 36 7.80 -14.04 49.89
CA ARG B 36 7.15 -12.83 50.35
C ARG B 36 7.60 -11.67 49.46
N VAL B 37 6.65 -11.06 48.76
CA VAL B 37 6.96 -10.05 47.77
C VAL B 37 6.11 -8.80 48.02
N MET B 38 6.29 -7.81 47.15
CA MET B 38 5.67 -6.51 47.32
C MET B 38 5.56 -5.84 45.96
N MET B 39 4.39 -5.28 45.67
CA MET B 39 4.25 -4.43 44.50
C MET B 39 4.89 -3.07 44.76
N PRO B 40 5.25 -2.33 43.72
CA PRO B 40 5.81 -1.00 43.93
C PRO B 40 4.82 -0.11 44.68
N PRO B 41 5.33 0.80 45.51
CA PRO B 41 4.41 1.63 46.32
C PRO B 41 3.42 2.44 45.50
N GLY B 42 3.76 2.78 44.25
CA GLY B 42 2.90 3.60 43.41
C GLY B 42 1.81 2.86 42.67
N VAL B 43 1.74 1.53 42.80
CA VAL B 43 0.68 0.76 42.15
C VAL B 43 -0.67 1.13 42.77
N PRO B 44 -1.71 1.35 41.95
CA PRO B 44 -2.93 2.02 42.42
C PRO B 44 -3.49 1.59 43.78
N VAL B 45 -3.82 0.32 43.97
CA VAL B 45 -4.57 -0.13 45.14
C VAL B 45 -3.75 -1.08 46.02
N CYS B 46 -3.09 -2.06 45.40
CA CYS B 46 -2.30 -3.04 46.14
C CYS B 46 -0.85 -2.64 46.34
N GLY B 47 -0.46 -1.46 45.87
CA GLY B 47 0.94 -1.06 45.88
C GLY B 47 1.62 -1.11 47.23
N GLY B 48 2.78 -1.76 47.27
CA GLY B 48 3.56 -1.85 48.48
C GLY B 48 2.93 -2.68 49.58
N LEU B 49 2.11 -3.67 49.22
CA LEU B 49 1.46 -4.52 50.21
C LEU B 49 2.09 -5.90 50.19
N PRO B 50 2.52 -6.41 51.35
CA PRO B 50 3.21 -7.71 51.39
C PRO B 50 2.24 -8.87 51.18
N VAL B 51 2.60 -9.77 50.26
CA VAL B 51 1.85 -10.99 49.99
C VAL B 51 2.85 -12.09 49.65
N TRP B 52 2.40 -13.33 49.79
CA TRP B 52 3.18 -14.50 49.40
C TRP B 52 2.91 -14.80 47.93
N LEU B 53 3.98 -14.86 47.13
CA LEU B 53 3.87 -15.27 45.74
C LEU B 53 4.18 -16.77 45.65
N ILE B 54 3.33 -17.51 44.94
CA ILE B 54 3.46 -18.95 44.80
C ILE B 54 3.84 -19.25 43.36
N THR B 55 4.90 -20.05 43.17
CA THR B 55 5.54 -20.14 41.86
C THR B 55 5.70 -21.57 41.33
N GLY B 56 4.76 -22.47 41.60
CA GLY B 56 4.97 -23.82 41.12
C GLY B 56 3.70 -24.50 40.65
N TYR B 57 3.80 -25.30 39.58
CA TYR B 57 2.60 -25.89 38.99
C TYR B 57 1.83 -26.72 40.00
N GLU B 58 2.51 -27.69 40.63
CA GLU B 58 1.84 -28.51 41.63
C GLU B 58 1.36 -27.65 42.79
N GLU B 59 2.19 -26.71 43.23
CA GLU B 59 1.85 -25.87 44.37
C GLU B 59 0.73 -24.88 44.02
N VAL B 60 0.80 -24.27 42.85
CA VAL B 60 -0.24 -23.31 42.45
C VAL B 60 -1.56 -24.03 42.20
N ARG B 61 -1.54 -25.13 41.46
CA ARG B 61 -2.77 -25.85 41.16
C ARG B 61 -3.44 -26.33 42.43
N SER B 62 -2.65 -26.84 43.37
CA SER B 62 -3.18 -27.21 44.68
C SER B 62 -3.72 -25.99 45.41
N ALA B 63 -2.99 -24.88 45.36
CA ALA B 63 -3.39 -23.69 46.10
C ALA B 63 -4.70 -23.11 45.59
N LEU B 64 -4.95 -23.18 44.29
CA LEU B 64 -6.17 -22.62 43.72
C LEU B 64 -7.41 -23.27 44.32
N ALA B 65 -7.37 -24.58 44.53
CA ALA B 65 -8.49 -25.32 45.08
C ALA B 65 -8.31 -25.69 46.54
N ASP B 66 -7.28 -25.16 47.20
CA ASP B 66 -7.05 -25.51 48.59
C ASP B 66 -8.16 -24.90 49.43
N PRO B 67 -8.88 -25.70 50.23
CA PRO B 67 -10.01 -25.16 51.01
C PRO B 67 -9.61 -24.15 52.07
N ARG B 68 -8.33 -24.06 52.41
CA ARG B 68 -7.87 -23.11 53.42
C ARG B 68 -7.49 -21.76 52.83
N LEU B 69 -7.55 -21.61 51.51
CA LEU B 69 -7.28 -20.34 50.85
C LEU B 69 -8.61 -19.76 50.39
N SER B 70 -8.98 -18.61 50.93
CA SER B 70 -10.28 -17.99 50.68
C SER B 70 -10.11 -16.70 49.90
N THR B 71 -11.03 -16.44 48.97
CA THR B 71 -11.08 -15.20 48.22
C THR B 71 -12.11 -14.21 48.76
N ASP B 72 -12.61 -14.46 49.97
CA ASP B 72 -13.71 -13.67 50.52
C ASP B 72 -13.33 -12.19 50.59
N LEU B 73 -14.23 -11.34 50.09
CA LEU B 73 -14.02 -9.90 50.14
C LEU B 73 -13.85 -9.40 51.56
N ASN B 74 -14.58 -10.01 52.51
CA ASN B 74 -14.45 -9.61 53.91
C ASN B 74 -13.06 -9.96 54.45
N ARG B 75 -12.52 -11.10 54.04
CA ARG B 75 -11.18 -11.48 54.50
C ARG B 75 -10.11 -10.64 53.84
N THR B 76 -10.21 -10.40 52.53
CA THR B 76 -9.20 -9.59 51.85
C THR B 76 -9.31 -8.11 52.20
N ASP B 77 -10.36 -7.71 52.92
CA ASP B 77 -10.49 -6.33 53.38
C ASP B 77 -9.30 -5.98 54.28
N ARG B 78 -8.87 -6.91 55.12
CA ARG B 78 -7.73 -6.67 56.01
C ARG B 78 -6.49 -6.32 55.19
N LEU B 79 -6.31 -6.96 54.04
CA LEU B 79 -5.19 -6.64 53.17
C LEU B 79 -5.28 -5.21 52.64
N PHE B 80 -6.43 -4.83 52.08
CA PHE B 80 -6.56 -3.52 51.46
C PHE B 80 -6.60 -2.39 52.48
N ALA B 81 -7.12 -2.65 53.69
CA ALA B 81 -7.21 -1.62 54.71
C ALA B 81 -5.86 -1.04 55.08
N GLN B 82 -4.77 -1.76 54.80
CA GLN B 82 -3.43 -1.23 55.02
C GLN B 82 -3.13 -0.05 54.11
N ASN B 83 -3.83 0.07 52.98
CA ASN B 83 -3.69 1.20 52.08
C ASN B 83 -4.89 2.14 52.14
N GLU B 84 -6.11 1.58 52.11
CA GLU B 84 -7.33 2.37 52.17
C GLU B 84 -8.36 1.68 53.05
N PRO B 85 -8.62 2.19 54.26
CA PRO B 85 -9.63 1.56 55.12
C PRO B 85 -11.05 1.66 54.55
N ASP B 86 -11.32 2.60 53.66
CA ASP B 86 -12.65 2.78 53.10
C ASP B 86 -12.91 1.73 52.04
N ARG B 87 -13.93 0.88 52.28
CA ARG B 87 -14.17 -0.26 51.40
C ARG B 87 -14.45 0.17 49.97
N ASN B 88 -15.01 1.36 49.79
CA ASN B 88 -15.46 1.82 48.49
C ASN B 88 -14.47 2.76 47.80
N LYS B 89 -13.22 2.81 48.28
CA LYS B 89 -12.16 3.54 47.59
C LYS B 89 -11.05 2.59 47.16
N ARG B 90 -11.39 1.37 46.77
CA ARG B 90 -10.38 0.37 46.42
C ARG B 90 -10.34 -0.11 44.99
N GLY B 91 -10.71 0.72 44.04
CA GLY B 91 -10.61 0.34 42.65
C GLY B 91 -11.67 -0.62 42.24
N ALA B 92 -11.27 -1.75 41.73
CA ALA B 92 -12.21 -2.79 41.34
C ALA B 92 -12.40 -3.73 42.48
N PHE B 93 -11.90 -3.35 43.65
CA PHE B 93 -12.00 -4.17 44.83
C PHE B 93 -12.79 -3.37 45.79
N SER B 94 -13.47 -2.36 45.26
CA SER B 94 -14.33 -1.56 46.08
C SER B 94 -15.58 -2.39 46.31
N SER B 95 -16.13 -2.37 47.51
CA SER B 95 -17.25 -3.20 47.86
C SER B 95 -18.42 -3.11 46.91
N ALA B 96 -18.75 -1.92 46.52
CA ALA B 96 -19.86 -1.68 45.59
C ALA B 96 -19.67 -2.38 44.25
N LEU B 97 -18.45 -2.80 43.92
CA LEU B 97 -18.17 -3.43 42.64
C LEU B 97 -17.63 -4.85 42.75
N ALA B 98 -17.09 -5.26 43.89
CA ALA B 98 -16.39 -6.53 44.02
C ALA B 98 -17.15 -7.57 44.83
N THR B 99 -18.36 -7.25 45.29
CA THR B 99 -19.17 -8.20 46.07
C THR B 99 -19.84 -9.19 45.12
N HIS B 100 -19.01 -10.05 44.51
CA HIS B 100 -19.52 -11.02 43.56
C HIS B 100 -19.04 -12.43 43.88
N MET B 101 -19.32 -13.37 42.96
CA MET B 101 -19.08 -14.78 43.23
C MET B 101 -17.59 -15.07 43.41
N LEU B 102 -16.73 -14.42 42.63
CA LEU B 102 -15.29 -14.69 42.72
C LEU B 102 -14.71 -14.29 44.06
N HIS B 103 -15.30 -13.29 44.71
CA HIS B 103 -14.81 -12.79 45.98
C HIS B 103 -15.72 -13.26 47.12
N SER B 104 -16.18 -14.50 47.02
CA SER B 104 -17.04 -15.09 48.03
C SER B 104 -16.66 -16.54 48.27
N ASP B 105 -16.98 -17.02 49.46
CA ASP B 105 -16.74 -18.40 49.86
C ASP B 105 -17.94 -19.26 49.48
N PRO B 106 -17.81 -20.59 49.51
CA PRO B 106 -18.75 -21.47 48.80
C PRO B 106 -20.22 -21.22 49.12
N PRO B 107 -20.63 -20.91 50.39
CA PRO B 107 -22.07 -20.71 50.63
C PRO B 107 -22.66 -19.68 49.68
N ASP B 108 -22.09 -18.47 49.70
CA ASP B 108 -22.56 -17.42 48.80
C ASP B 108 -22.12 -17.67 47.36
N HIS B 109 -21.00 -18.35 47.16
CA HIS B 109 -20.50 -18.57 45.80
C HIS B 109 -21.46 -19.41 44.97
N THR B 110 -22.04 -20.46 45.57
CA THR B 110 -22.99 -21.29 44.83
C THR B 110 -24.23 -20.49 44.44
N ARG B 111 -24.77 -19.70 45.38
CA ARG B 111 -25.96 -18.90 45.11
C ARG B 111 -25.71 -17.93 43.96
N LEU B 112 -24.56 -17.25 43.99
CA LEU B 112 -24.27 -16.23 42.99
C LEU B 112 -23.98 -16.85 41.63
N ARG B 113 -23.23 -17.94 41.59
CA ARG B 113 -22.91 -18.56 40.31
C ARG B 113 -24.15 -19.18 39.68
N LYS B 114 -25.07 -19.69 40.49
CA LYS B 114 -26.27 -20.34 39.97
C LYS B 114 -27.15 -19.37 39.20
N LEU B 115 -27.07 -18.07 39.52
CA LEU B 115 -27.94 -17.09 38.88
C LEU B 115 -27.65 -16.94 37.40
N VAL B 116 -26.41 -17.17 36.97
CA VAL B 116 -26.02 -16.86 35.60
C VAL B 116 -25.33 -18.03 34.91
N ASN B 117 -25.06 -19.10 35.67
CA ASN B 117 -24.25 -20.18 35.12
C ASN B 117 -24.92 -20.85 33.91
N LYS B 118 -26.26 -20.87 33.91
CA LYS B 118 -26.97 -21.52 32.80
C LYS B 118 -26.72 -20.82 31.47
N ALA B 119 -26.40 -19.53 31.49
CA ALA B 119 -26.21 -18.76 30.27
C ALA B 119 -24.78 -18.81 29.74
N PHE B 120 -23.82 -19.25 30.55
CA PHE B 120 -22.42 -19.32 30.14
C PHE B 120 -21.99 -20.75 29.90
N THR B 121 -22.95 -21.66 29.77
CA THR B 121 -22.66 -23.05 29.46
C THR B 121 -22.02 -23.16 28.07
N SER B 122 -21.21 -24.21 27.88
CA SER B 122 -20.55 -24.41 26.60
C SER B 122 -21.57 -24.55 25.47
N ARG B 123 -22.62 -25.33 25.71
CA ARG B 123 -23.68 -25.50 24.72
C ARG B 123 -24.43 -24.19 24.46
N ALA B 124 -24.70 -23.42 25.52
CA ALA B 124 -25.41 -22.15 25.37
C ALA B 124 -24.61 -21.17 24.51
N ILE B 125 -23.31 -21.04 24.79
CA ILE B 125 -22.46 -20.08 24.08
C ILE B 125 -22.29 -20.45 22.61
N GLU B 126 -22.45 -21.72 22.25
CA GLU B 126 -22.32 -22.12 20.85
C GLU B 126 -23.35 -21.43 19.97
N LYS B 127 -24.52 -21.08 20.51
CA LYS B 127 -25.54 -20.39 19.72
C LYS B 127 -25.07 -19.02 19.26
N LEU B 128 -24.03 -18.47 19.87
CA LEU B 128 -23.58 -17.12 19.57
C LEU B 128 -22.51 -17.08 18.48
N ARG B 129 -22.11 -18.24 17.95
CA ARG B 129 -21.09 -18.27 16.89
C ARG B 129 -21.44 -17.39 15.70
N PRO B 130 -22.67 -17.40 15.15
CA PRO B 130 -22.95 -16.50 14.02
C PRO B 130 -22.77 -15.03 14.37
N GLU B 131 -23.23 -14.61 15.55
CA GLU B 131 -23.07 -13.21 15.94
C GLU B 131 -21.59 -12.85 16.12
N ILE B 132 -20.82 -13.75 16.75
CA ILE B 132 -19.41 -13.46 17.00
C ILE B 132 -18.64 -13.34 15.69
N GLU B 133 -18.88 -14.26 14.76
CA GLU B 133 -18.26 -14.14 13.43
C GLU B 133 -18.71 -12.87 12.73
N GLN B 134 -19.99 -12.53 12.87
CA GLN B 134 -20.50 -11.28 12.28
C GLN B 134 -19.75 -10.08 12.85
N ILE B 135 -19.64 -10.01 14.18
CA ILE B 135 -18.94 -8.90 14.81
C ILE B 135 -17.47 -8.88 14.41
N THR B 136 -16.83 -10.04 14.37
CA THR B 136 -15.42 -10.12 14.01
C THR B 136 -15.18 -9.59 12.59
N GLY B 137 -16.04 -9.99 11.65
CA GLY B 137 -15.84 -9.58 10.27
C GLY B 137 -15.98 -8.08 10.06
N GLU B 138 -16.95 -7.46 10.73
CA GLU B 138 -17.11 -6.03 10.61
C GLU B 138 -15.93 -5.29 11.23
N LEU B 139 -15.46 -5.75 12.37
CA LEU B 139 -14.39 -5.06 13.05
C LEU B 139 -13.11 -5.08 12.27
N LEU B 140 -12.90 -6.13 11.51
CA LEU B 140 -11.70 -6.24 10.73
C LEU B 140 -11.77 -5.44 9.44
N ALA B 141 -12.98 -5.19 8.98
CA ALA B 141 -13.15 -4.42 7.79
C ALA B 141 -13.29 -2.95 8.09
N ALA B 142 -13.56 -2.62 9.34
CA ALA B 142 -13.84 -1.24 9.69
C ALA B 142 -12.58 -0.40 9.92
N LEU B 143 -11.42 -1.01 10.02
CA LEU B 143 -10.21 -0.30 10.43
C LEU B 143 -9.51 0.29 9.23
N PRO B 144 -8.53 1.18 9.44
CA PRO B 144 -7.91 1.87 8.30
C PRO B 144 -6.97 0.94 7.54
N ASP B 145 -6.32 1.47 6.51
CA ASP B 145 -5.30 0.78 5.74
C ASP B 145 -4.05 1.60 6.00
N GLU B 146 -3.30 1.21 7.01
CA GLU B 146 -2.22 2.05 7.47
C GLU B 146 -0.96 1.21 7.72
N ASP B 147 0.10 1.98 7.81
CA ASP B 147 1.48 1.50 7.99
C ASP B 147 1.58 0.79 9.33
N PRO B 148 1.41 1.49 10.56
CA PRO B 148 1.06 0.77 11.80
C PRO B 148 -0.44 0.77 12.03
N VAL B 149 -1.01 -0.37 12.35
CA VAL B 149 -2.46 -0.47 12.54
C VAL B 149 -2.86 -0.54 14.01
N ASP B 150 -1.95 -0.91 14.91
CA ASP B 150 -2.27 -1.11 16.32
C ASP B 150 -3.49 -2.03 16.49
N LEU B 151 -3.27 -3.29 16.11
CA LEU B 151 -4.34 -4.30 16.16
C LEU B 151 -4.93 -4.43 17.55
N LEU B 152 -4.17 -4.02 18.58
CA LEU B 152 -4.67 -4.08 19.95
C LEU B 152 -5.91 -3.21 20.13
N ASP B 153 -5.81 -1.93 19.77
CA ASP B 153 -6.93 -1.01 19.98
C ASP B 153 -8.02 -1.17 18.91
N ALA B 154 -7.64 -1.46 17.66
CA ALA B 154 -8.60 -1.52 16.58
C ALA B 154 -9.44 -2.79 16.61
N PHE B 155 -8.84 -3.93 16.99
CA PHE B 155 -9.53 -5.22 16.90
C PHE B 155 -9.66 -5.90 18.26
N ALA B 156 -8.57 -6.06 19.00
CA ALA B 156 -8.59 -6.91 20.19
C ALA B 156 -9.50 -6.35 21.27
N PHE B 157 -9.42 -5.03 21.52
CA PHE B 157 -10.27 -4.44 22.55
C PHE B 157 -11.75 -4.46 22.17
N PRO B 158 -12.18 -3.97 21.00
CA PRO B 158 -13.63 -3.91 20.73
C PRO B 158 -14.34 -5.27 20.67
N LEU B 159 -13.68 -6.34 20.22
CA LEU B 159 -14.40 -7.60 20.02
C LEU B 159 -15.03 -8.15 21.30
N PRO B 160 -14.28 -8.40 22.38
CA PRO B 160 -14.93 -8.95 23.58
C PRO B 160 -16.00 -8.05 24.16
N ILE B 161 -15.78 -6.73 24.16
CA ILE B 161 -16.78 -5.83 24.72
C ILE B 161 -18.04 -5.82 23.86
N ARG B 162 -17.89 -5.91 22.53
CA ARG B 162 -19.06 -6.01 21.68
C ARG B 162 -19.82 -7.30 21.94
N VAL B 163 -19.09 -8.42 22.05
CA VAL B 163 -19.72 -9.71 22.32
C VAL B 163 -20.38 -9.72 23.69
N ILE B 164 -19.69 -9.19 24.71
CA ILE B 164 -20.26 -9.20 26.06
C ILE B 164 -21.52 -8.34 26.13
N CYS B 165 -21.50 -7.18 25.45
CA CYS B 165 -22.67 -6.30 25.46
C CYS B 165 -23.88 -6.99 24.84
N LEU B 166 -23.66 -7.85 23.83
CA LEU B 166 -24.76 -8.62 23.26
C LEU B 166 -25.43 -9.49 24.31
N LEU B 167 -24.67 -10.07 25.21
CA LEU B 167 -25.27 -10.96 26.19
C LEU B 167 -25.92 -10.24 27.36
N LEU B 168 -25.41 -9.10 27.73
CA LEU B 168 -25.94 -8.36 28.84
C LEU B 168 -26.80 -7.18 28.44
N GLY B 169 -27.21 -7.11 27.19
CA GLY B 169 -27.99 -6.00 26.70
C GLY B 169 -27.52 -4.56 26.67
N VAL B 170 -26.34 -4.30 26.15
CA VAL B 170 -25.86 -2.94 26.03
C VAL B 170 -25.60 -2.56 24.58
N PRO B 171 -26.18 -1.43 24.14
CA PRO B 171 -25.96 -0.94 22.79
C PRO B 171 -24.56 -0.35 22.60
N LEU B 172 -24.27 0.21 21.44
CA LEU B 172 -22.98 0.86 21.24
C LEU B 172 -23.07 2.33 21.60
N ASN B 177 -16.18 3.69 25.82
CA ASN B 177 -15.84 4.15 27.15
C ASN B 177 -15.33 2.99 28.01
N PHE B 178 -15.80 1.78 27.71
CA PHE B 178 -15.38 0.61 28.47
C PHE B 178 -13.88 0.39 28.36
N LYS B 179 -13.29 0.69 27.19
CA LYS B 179 -11.87 0.41 26.98
C LYS B 179 -10.98 1.25 27.88
N SER B 180 -11.20 2.56 27.91
CA SER B 180 -10.42 3.42 28.79
C SER B 180 -10.70 3.10 30.26
N TRP B 181 -11.94 2.69 30.58
CA TRP B 181 -12.30 2.42 31.96
C TRP B 181 -11.52 1.23 32.49
N SER B 182 -11.56 0.10 31.77
CA SER B 182 -10.88 -1.09 32.25
C SER B 182 -9.37 -0.89 32.29
N LYS B 183 -8.85 0.01 31.45
CA LYS B 183 -7.42 0.33 31.51
C LYS B 183 -7.06 1.04 32.80
N ALA B 184 -7.93 1.96 33.25
CA ALA B 184 -7.68 2.64 34.51
C ALA B 184 -7.87 1.70 35.69
N LEU B 185 -8.82 0.82 35.64
CA LEU B 185 -8.98 -0.12 36.73
C LEU B 185 -7.85 -1.12 36.84
N VAL B 186 -7.55 -1.83 35.76
CA VAL B 186 -6.46 -2.78 35.71
C VAL B 186 -5.05 -2.22 35.74
N SER B 187 -4.83 -1.16 35.00
CA SER B 187 -3.51 -0.64 34.87
C SER B 187 -3.46 0.85 34.97
N GLY B 188 -3.73 1.39 36.14
CA GLY B 188 -3.80 2.83 36.25
C GLY B 188 -2.52 3.62 36.25
N ASP B 189 -2.62 4.88 35.86
CA ASP B 189 -1.45 5.70 35.86
C ASP B 189 -1.34 6.39 37.15
N SER B 190 -2.43 6.38 37.88
CA SER B 190 -2.43 7.00 39.17
C SER B 190 -3.49 6.40 40.00
N PRO B 191 -3.32 6.49 41.29
CA PRO B 191 -4.41 6.04 42.13
C PRO B 191 -5.69 6.86 41.86
N ALA B 192 -5.56 8.12 41.58
CA ALA B 192 -6.69 8.96 41.15
C ALA B 192 -7.32 8.43 39.88
N ALA B 193 -6.51 7.95 38.93
CA ALA B 193 -7.06 7.44 37.67
C ALA B 193 -7.96 6.22 37.92
N THR B 194 -7.51 5.31 38.77
CA THR B 194 -8.32 4.12 39.06
C THR B 194 -9.49 4.46 39.95
N ALA B 195 -9.32 5.40 40.88
CA ALA B 195 -10.45 5.87 41.68
C ALA B 195 -11.49 6.53 40.79
N ALA B 196 -11.05 7.27 39.77
CA ALA B 196 -11.98 7.92 38.85
C ALA B 196 -12.82 6.89 38.10
N ALA B 197 -12.16 5.84 37.59
CA ALA B 197 -12.89 4.81 36.87
C ALA B 197 -13.83 4.05 37.81
N SER B 198 -13.40 3.83 39.05
CA SER B 198 -14.22 3.07 39.99
C SER B 198 -15.54 3.79 40.28
N THR B 199 -15.48 5.06 40.68
CA THR B 199 -16.71 5.79 40.99
C THR B 199 -17.57 5.93 39.74
N ALA B 200 -16.94 6.17 38.58
CA ALA B 200 -17.69 6.28 37.34
C ALA B 200 -18.37 4.96 36.98
N MET B 201 -17.75 3.82 37.34
CA MET B 201 -18.32 2.53 36.98
C MET B 201 -19.61 2.25 37.75
N ILE B 202 -19.60 2.46 39.07
CA ILE B 202 -20.82 2.25 39.87
C ILE B 202 -21.91 3.21 39.40
N GLU B 203 -21.53 4.36 38.86
CA GLU B 203 -22.50 5.27 38.29
C GLU B 203 -23.17 4.68 37.05
N TYR B 204 -22.36 4.16 36.13
CA TYR B 204 -22.90 3.60 34.89
C TYR B 204 -23.77 2.37 35.16
N LEU B 205 -23.31 1.48 36.02
CA LEU B 205 -24.06 0.26 36.30
C LEU B 205 -25.40 0.57 36.95
N GLY B 206 -25.43 1.51 37.90
CA GLY B 206 -26.69 1.90 38.50
C GLY B 206 -27.68 2.45 37.49
N ASP B 207 -27.22 3.36 36.63
CA ASP B 207 -28.07 3.88 35.57
C ASP B 207 -28.51 2.76 34.64
N LEU B 208 -27.57 1.88 34.28
CA LEU B 208 -27.87 0.78 33.39
C LEU B 208 -28.90 -0.17 34.02
N ILE B 209 -28.75 -0.44 35.32
CA ILE B 209 -29.70 -1.31 36.00
C ILE B 209 -31.08 -0.67 36.04
N GLU B 210 -31.13 0.63 36.36
CA GLU B 210 -32.42 1.32 36.40
C GLU B 210 -33.07 1.37 35.03
N ARG B 211 -32.28 1.61 33.98
CA ARG B 211 -32.82 1.60 32.63
C ARG B 211 -33.51 0.27 32.33
N LYS B 212 -33.01 -0.82 32.90
CA LYS B 212 -33.66 -2.11 32.73
C LYS B 212 -34.99 -2.17 33.48
N ARG B 213 -35.05 -1.59 34.68
CA ARG B 213 -36.30 -1.58 35.43
C ARG B 213 -37.36 -0.73 34.74
N ARG B 214 -36.98 0.47 34.28
CA ARG B 214 -37.93 1.36 33.65
C ARG B 214 -38.47 0.76 32.36
N THR B 215 -37.62 0.10 31.57
CA THR B 215 -38.02 -0.53 30.31
C THR B 215 -37.46 -1.96 30.31
N PRO B 216 -38.19 -2.90 30.91
CA PRO B 216 -37.66 -4.28 31.01
C PRO B 216 -37.42 -4.90 29.63
N THR B 217 -36.40 -5.75 29.52
CA THR B 217 -36.05 -6.41 28.25
C THR B 217 -35.64 -7.85 28.55
N ASP B 218 -35.17 -8.57 27.46
CA ASP B 218 -34.72 -9.96 27.60
C ASP B 218 -33.25 -10.20 27.38
N ASP B 219 -32.50 -10.31 28.53
CA ASP B 219 -31.07 -10.58 28.39
C ASP B 219 -30.58 -11.00 29.78
N VAL B 220 -29.29 -11.32 29.86
CA VAL B 220 -28.73 -11.80 31.11
C VAL B 220 -28.90 -10.76 32.21
N LEU B 221 -28.56 -9.49 31.92
CA LEU B 221 -28.63 -8.45 32.93
C LEU B 221 -30.06 -8.23 33.41
N ALA B 222 -31.00 -8.14 32.47
CA ALA B 222 -32.40 -7.95 32.86
C ALA B 222 -32.90 -9.12 33.68
N ALA B 223 -32.51 -10.34 33.30
CA ALA B 223 -32.85 -11.52 34.08
C ALA B 223 -32.32 -11.43 35.50
N LEU B 224 -31.15 -10.81 35.69
CA LEU B 224 -30.62 -10.64 37.04
C LEU B 224 -31.48 -9.67 37.86
N VAL B 225 -31.95 -8.58 37.23
CA VAL B 225 -32.81 -7.63 37.93
C VAL B 225 -34.08 -8.31 38.40
N SER B 226 -34.67 -9.14 37.53
CA SER B 226 -35.85 -9.90 37.91
C SER B 226 -35.55 -10.84 39.06
N ALA B 227 -34.39 -11.52 39.01
CA ALA B 227 -33.97 -12.36 40.11
C ALA B 227 -33.78 -11.55 41.39
N ARG B 228 -33.52 -10.24 41.27
CA ARG B 228 -33.38 -9.38 42.45
C ARG B 228 -34.73 -8.90 42.94
N ASP B 229 -35.60 -8.42 42.04
CA ASP B 229 -36.83 -7.77 42.44
C ASP B 229 -37.94 -8.79 42.70
N VAL B 230 -38.18 -9.70 41.75
CA VAL B 230 -39.26 -10.65 41.88
C VAL B 230 -38.94 -11.72 42.94
N ASP B 231 -37.72 -12.23 42.93
CA ASP B 231 -37.40 -13.45 43.66
C ASP B 231 -36.50 -13.25 44.87
N ASP B 232 -35.93 -12.05 45.06
CA ASP B 232 -35.08 -11.75 46.22
C ASP B 232 -33.89 -12.71 46.31
N ARG B 233 -33.42 -13.21 45.18
CA ARG B 233 -32.30 -14.13 45.19
C ARG B 233 -30.97 -13.41 45.38
N LEU B 234 -30.98 -12.08 45.37
CA LEU B 234 -29.76 -11.30 45.23
C LEU B 234 -29.86 -10.07 46.13
N THR B 235 -28.70 -9.53 46.49
CA THR B 235 -28.64 -8.26 47.19
C THR B 235 -28.31 -7.15 46.18
N GLU B 236 -28.64 -5.92 46.55
CA GLU B 236 -28.45 -4.81 45.62
C GLU B 236 -26.98 -4.60 45.29
N THR B 237 -26.10 -4.67 46.31
CA THR B 237 -24.67 -4.61 46.04
C THR B 237 -24.24 -5.74 45.11
N GLU B 238 -24.66 -6.96 45.43
CA GLU B 238 -24.29 -8.12 44.61
C GLU B 238 -24.80 -7.97 43.18
N LEU B 239 -26.02 -7.45 43.02
CA LEU B 239 -26.53 -7.21 41.68
C LEU B 239 -25.62 -6.26 40.91
N VAL B 240 -25.25 -5.14 41.53
CA VAL B 240 -24.32 -4.20 40.89
C VAL B 240 -22.97 -4.85 40.70
N SER B 241 -22.47 -5.54 41.73
CA SER B 241 -21.16 -6.17 41.65
C SER B 241 -21.13 -7.28 40.60
N MET B 242 -22.21 -8.07 40.50
CA MET B 242 -22.28 -9.10 39.48
C MET B 242 -22.20 -8.50 38.08
N ALA B 243 -22.85 -7.36 37.87
CA ALA B 243 -22.75 -6.67 36.58
C ALA B 243 -21.31 -6.30 36.27
N PHE B 244 -20.60 -5.74 37.26
CA PHE B 244 -19.20 -5.36 37.06
C PHE B 244 -18.35 -6.57 36.69
N LEU B 245 -18.51 -7.68 37.41
CA LEU B 245 -17.71 -8.87 37.15
C LEU B 245 -17.95 -9.39 35.73
N LEU B 246 -19.21 -9.48 35.32
CA LEU B 246 -19.52 -9.95 33.98
C LEU B 246 -18.96 -9.00 32.92
N PHE B 247 -18.98 -7.69 33.19
CA PHE B 247 -18.52 -6.71 32.20
C PHE B 247 -17.01 -6.67 32.09
N ILE B 248 -16.34 -6.24 33.18
CA ILE B 248 -14.89 -6.06 33.16
C ILE B 248 -14.16 -7.41 33.20
N GLY B 249 -14.72 -8.40 33.89
CA GLY B 249 -14.03 -9.68 34.03
C GLY B 249 -13.77 -10.35 32.71
N GLY B 250 -14.65 -10.14 31.73
CA GLY B 250 -14.51 -10.83 30.46
C GLY B 250 -13.77 -10.04 29.40
N HIS B 251 -13.57 -8.74 29.63
CA HIS B 251 -13.02 -7.89 28.58
C HIS B 251 -11.49 -7.91 28.57
N GLU B 252 -10.87 -7.47 29.67
CA GLU B 252 -9.41 -7.38 29.70
C GLU B 252 -8.75 -8.74 29.51
N THR B 253 -9.45 -9.81 29.90
CA THR B 253 -8.90 -11.15 29.75
C THR B 253 -8.78 -11.53 28.28
N THR B 254 -9.86 -11.38 27.51
CA THR B 254 -9.89 -11.89 26.15
C THR B 254 -9.07 -11.02 25.20
N VAL B 255 -9.04 -9.70 25.42
CA VAL B 255 -8.26 -8.83 24.54
C VAL B 255 -6.79 -9.21 24.58
N ASN B 256 -6.25 -9.44 25.78
CA ASN B 256 -4.85 -9.79 25.90
C ASN B 256 -4.58 -11.21 25.40
N THR B 257 -5.58 -12.09 25.47
CA THR B 257 -5.43 -13.40 24.83
C THR B 257 -5.17 -13.24 23.34
N LEU B 258 -6.01 -12.46 22.67
CA LEU B 258 -5.77 -12.16 21.27
C LEU B 258 -4.47 -11.38 21.08
N GLY B 259 -4.22 -10.40 21.95
CA GLY B 259 -3.00 -9.62 21.83
C GLY B 259 -1.75 -10.43 22.07
N ASN B 260 -1.69 -11.16 23.20
CA ASN B 260 -0.52 -11.97 23.49
C ASN B 260 -0.36 -13.09 22.46
N GLY B 261 -1.47 -13.73 22.08
CA GLY B 261 -1.40 -14.79 21.11
C GLY B 261 -0.93 -14.30 19.75
N THR B 262 -1.43 -13.14 19.31
CA THR B 262 -1.01 -12.59 18.03
C THR B 262 0.47 -12.23 18.04
N LEU B 263 0.95 -11.62 19.13
CA LEU B 263 2.35 -11.23 19.21
C LEU B 263 3.26 -12.46 19.04
N HIS B 264 3.01 -13.51 19.82
CA HIS B 264 3.84 -14.71 19.72
C HIS B 264 3.69 -15.36 18.35
N LEU B 265 2.50 -15.32 17.77
CA LEU B 265 2.32 -15.80 16.39
C LEU B 265 3.18 -15.00 15.42
N MET B 266 3.21 -13.67 15.59
CA MET B 266 4.03 -12.83 14.72
C MET B 266 5.52 -13.07 14.92
N ARG B 267 5.93 -13.61 16.07
CA ARG B 267 7.34 -13.90 16.31
C ARG B 267 7.75 -15.28 15.85
N ASN B 268 6.78 -16.16 15.60
CA ASN B 268 7.04 -17.50 15.07
C ASN B 268 6.10 -17.67 13.87
N LEU B 269 6.53 -17.16 12.72
CA LEU B 269 5.67 -17.12 11.55
C LEU B 269 5.42 -18.51 10.98
N ASP B 270 6.38 -19.42 11.18
CA ASP B 270 6.18 -20.79 10.72
C ASP B 270 4.99 -21.44 11.41
N GLN B 271 4.89 -21.25 12.73
CA GLN B 271 3.73 -21.75 13.46
C GLN B 271 2.46 -20.98 13.10
N TRP B 272 2.59 -19.67 12.86
CA TRP B 272 1.43 -18.86 12.50
C TRP B 272 0.83 -19.30 11.16
N GLU B 273 1.68 -19.54 10.15
CA GLU B 273 1.15 -19.97 8.85
C GLU B 273 0.62 -21.40 8.90
N ALA B 274 1.28 -22.27 9.67
CA ALA B 274 0.78 -23.64 9.81
C ALA B 274 -0.66 -23.61 10.30
N LEU B 275 -1.02 -22.58 11.05
CA LEU B 275 -2.41 -22.39 11.46
C LEU B 275 -3.32 -21.97 10.30
N ARG B 276 -2.91 -20.97 9.51
CA ARG B 276 -3.74 -20.55 8.37
C ARG B 276 -3.98 -21.70 7.44
N GLN B 277 -2.96 -22.53 7.34
CA GLN B 277 -2.95 -23.69 6.49
C GLN B 277 -3.87 -24.75 7.04
N ASP B 278 -3.73 -25.08 8.33
CA ASP B 278 -4.47 -26.14 9.02
C ASP B 278 -5.34 -25.48 10.10
N ARG B 279 -6.66 -25.57 9.94
CA ARG B 279 -7.60 -24.95 10.89
C ARG B 279 -8.03 -25.91 11.98
N SER B 280 -7.61 -27.17 11.91
CA SER B 280 -7.85 -28.11 13.01
C SER B 280 -6.95 -27.82 14.21
N LEU B 281 -5.87 -27.08 14.01
CA LEU B 281 -4.95 -26.74 15.11
C LEU B 281 -5.39 -25.53 15.91
N LEU B 282 -6.36 -24.77 15.41
CA LEU B 282 -6.78 -23.55 16.10
C LEU B 282 -7.20 -23.77 17.55
N PRO B 283 -8.03 -24.76 17.90
CA PRO B 283 -8.40 -24.90 19.32
C PRO B 283 -7.22 -25.16 20.23
N GLY B 284 -6.34 -26.10 19.86
CA GLY B 284 -5.16 -26.35 20.67
C GLY B 284 -4.20 -25.18 20.68
N ALA B 285 -4.07 -24.48 19.55
CA ALA B 285 -3.21 -23.31 19.49
C ALA B 285 -3.69 -22.23 20.45
N VAL B 286 -5.00 -22.06 20.57
CA VAL B 286 -5.54 -21.10 21.53
C VAL B 286 -5.17 -21.52 22.95
N GLU B 287 -5.30 -22.82 23.25
CA GLU B 287 -4.90 -23.32 24.58
C GLU B 287 -3.41 -23.13 24.82
N GLU B 288 -2.58 -23.21 23.76
CA GLU B 288 -1.15 -22.99 23.94
C GLU B 288 -0.83 -21.51 24.17
N PHE B 289 -1.58 -20.60 23.55
CA PHE B 289 -1.39 -19.19 23.86
C PHE B 289 -1.68 -18.92 25.32
N LEU B 290 -2.74 -19.53 25.85
CA LEU B 290 -3.14 -19.30 27.23
C LEU B 290 -2.06 -19.77 28.20
N ARG B 291 -1.42 -20.90 27.90
CA ARG B 291 -0.37 -21.41 28.78
C ARG B 291 0.87 -20.52 28.75
N LEU B 292 1.38 -20.21 27.55
CA LEU B 292 2.65 -19.52 27.44
C LEU B 292 2.58 -18.08 27.95
N GLU B 293 1.58 -17.33 27.50
CA GLU B 293 1.40 -15.94 27.92
C GLU B 293 -0.02 -15.80 28.48
N SER B 294 -0.15 -16.13 29.76
CA SER B 294 -1.46 -16.08 30.41
C SER B 294 -1.96 -14.66 30.50
N PRO B 295 -3.19 -14.38 30.05
CA PRO B 295 -3.71 -13.00 30.17
C PRO B 295 -3.74 -12.49 31.59
N LEU B 296 -4.00 -13.37 32.55
CA LEU B 296 -3.89 -13.05 33.97
C LEU B 296 -2.65 -13.75 34.48
N LYS B 297 -1.59 -12.97 34.75
CA LYS B 297 -0.39 -13.55 35.33
C LYS B 297 -0.65 -14.12 36.70
N HIS B 298 -1.54 -13.49 37.46
CA HIS B 298 -1.84 -13.88 38.83
C HIS B 298 -3.35 -14.07 39.00
N ALA B 299 -3.70 -14.99 39.91
CA ALA B 299 -5.07 -15.14 40.36
C ALA B 299 -5.42 -14.08 41.40
N THR B 300 -6.68 -14.05 41.82
CA THR B 300 -7.10 -13.09 42.83
C THR B 300 -6.42 -13.38 44.16
N PHE B 301 -6.32 -12.33 44.97
CA PHE B 301 -5.74 -12.47 46.30
C PHE B 301 -6.57 -13.43 47.15
N ARG B 302 -5.88 -14.31 47.85
CA ARG B 302 -6.48 -15.25 48.77
C ARG B 302 -5.93 -15.04 50.17
N CYS B 303 -6.71 -15.42 51.17
CA CYS B 303 -6.31 -15.30 52.56
C CYS B 303 -6.19 -16.68 53.19
N ALA B 304 -5.18 -16.85 54.04
CA ALA B 304 -5.00 -18.12 54.74
C ALA B 304 -5.88 -18.10 55.99
N THR B 305 -6.88 -18.97 56.00
CA THR B 305 -7.80 -19.12 57.11
C THR B 305 -7.29 -20.08 58.16
N GLU B 306 -6.11 -20.66 57.95
CA GLU B 306 -5.50 -21.58 58.88
C GLU B 306 -4.01 -21.66 58.59
N ASP B 307 -3.25 -22.14 59.57
CA ASP B 307 -1.83 -22.38 59.33
C ASP B 307 -1.71 -23.39 58.20
N LEU B 308 -0.84 -23.10 57.23
CA LEU B 308 -0.67 -24.05 56.15
C LEU B 308 0.73 -23.92 55.58
N ARG B 309 1.18 -25.00 54.96
CA ARG B 309 2.50 -25.07 54.35
C ARG B 309 2.34 -25.21 52.85
N ILE B 310 2.96 -24.32 52.10
CA ILE B 310 2.99 -24.38 50.65
C ILE B 310 4.44 -24.66 50.25
N GLY B 311 4.65 -25.75 49.54
CA GLY B 311 6.02 -26.21 49.31
C GLY B 311 6.63 -26.55 50.65
N ASP B 312 7.77 -25.93 50.97
CA ASP B 312 8.46 -26.17 52.22
C ASP B 312 8.43 -24.98 53.19
N THR B 313 7.65 -23.95 52.89
CA THR B 313 7.60 -22.74 53.70
C THR B 313 6.23 -22.62 54.35
N ALA B 314 6.22 -22.30 55.65
CA ALA B 314 4.97 -22.21 56.39
C ALA B 314 4.33 -20.84 56.20
N ILE B 315 3.04 -20.84 55.89
CA ILE B 315 2.28 -19.61 55.67
C ILE B 315 1.32 -19.45 56.84
N PRO B 316 1.52 -18.47 57.71
CA PRO B 316 0.67 -18.35 58.89
C PRO B 316 -0.74 -17.88 58.55
N ALA B 317 -1.68 -18.24 59.42
CA ALA B 317 -3.07 -17.84 59.25
C ALA B 317 -3.20 -16.32 59.19
N GLY B 318 -4.01 -15.85 58.25
CA GLY B 318 -4.28 -14.44 58.07
C GLY B 318 -3.43 -13.74 57.05
N ASP B 319 -2.36 -14.37 56.58
CA ASP B 319 -1.54 -13.76 55.54
C ASP B 319 -2.22 -13.88 54.18
N PHE B 320 -1.71 -13.14 53.21
CA PHE B 320 -2.33 -13.05 51.90
C PHE B 320 -1.38 -13.60 50.84
N VAL B 321 -1.97 -14.23 49.83
CA VAL B 321 -1.23 -15.04 48.87
C VAL B 321 -1.64 -14.65 47.46
N LEU B 322 -0.66 -14.59 46.55
CA LEU B 322 -0.89 -14.29 45.15
C LEU B 322 -0.42 -15.49 44.34
N LEU B 323 -1.34 -16.12 43.62
CA LEU B 323 -1.04 -17.35 42.89
C LEU B 323 -0.58 -16.98 41.49
N ALA B 324 0.67 -17.32 41.17
CA ALA B 324 1.25 -16.99 39.87
C ALA B 324 0.87 -18.09 38.88
N LEU B 325 -0.21 -17.85 38.14
CA LEU B 325 -0.63 -18.81 37.12
C LEU B 325 0.37 -18.89 35.98
N ALA B 326 0.98 -17.76 35.63
CA ALA B 326 1.99 -17.76 34.56
C ALA B 326 3.19 -18.61 34.94
N SER B 327 3.61 -18.55 36.21
CA SER B 327 4.70 -19.40 36.67
C SER B 327 4.32 -20.87 36.57
N ALA B 328 3.11 -21.22 36.99
CA ALA B 328 2.67 -22.61 36.92
C ALA B 328 2.59 -23.10 35.47
N ASN B 329 2.12 -22.24 34.56
CA ASN B 329 1.95 -22.62 33.16
C ASN B 329 3.28 -22.72 32.42
N ARG B 330 4.38 -22.28 33.02
CA ARG B 330 5.69 -22.38 32.38
C ARG B 330 6.67 -23.12 33.28
N ASP B 331 6.16 -24.08 34.05
CA ASP B 331 6.98 -24.90 34.93
C ASP B 331 7.54 -26.08 34.15
N PRO B 332 8.86 -26.23 34.04
CA PRO B 332 9.42 -27.40 33.33
C PRO B 332 9.06 -28.71 34.01
N GLU B 333 8.73 -28.69 35.30
CA GLU B 333 8.26 -29.89 35.99
C GLU B 333 6.96 -30.42 35.41
N ARG B 334 6.17 -29.57 34.75
CA ARG B 334 4.90 -29.95 34.16
C ARG B 334 4.87 -29.91 32.64
N PHE B 335 5.56 -28.93 32.03
CA PHE B 335 5.55 -28.75 30.58
C PHE B 335 6.97 -28.75 30.05
N GLY B 336 7.23 -29.56 29.03
CA GLY B 336 8.54 -29.57 28.39
C GLY B 336 8.68 -28.39 27.43
N ASP B 337 9.85 -27.78 27.45
CA ASP B 337 10.11 -26.54 26.74
C ASP B 337 9.05 -25.49 27.08
N PRO B 338 8.93 -25.14 28.38
CA PRO B 338 7.79 -24.31 28.81
C PRO B 338 7.77 -22.93 28.18
N HIS B 339 8.93 -22.41 27.77
CA HIS B 339 9.03 -21.05 27.26
C HIS B 339 9.00 -21.00 25.74
N THR B 340 8.76 -22.13 25.08
CA THR B 340 8.69 -22.19 23.63
C THR B 340 7.22 -22.31 23.22
N LEU B 341 6.84 -21.54 22.21
CA LEU B 341 5.50 -21.62 21.67
C LEU B 341 5.41 -22.83 20.75
N ASP B 342 4.53 -23.78 21.10
CA ASP B 342 4.26 -24.93 20.25
C ASP B 342 2.75 -25.11 20.16
N VAL B 343 2.17 -24.77 19.02
CA VAL B 343 0.73 -24.87 18.84
C VAL B 343 0.26 -26.31 18.79
N ARG B 344 1.17 -27.26 18.58
CA ARG B 344 0.82 -28.68 18.57
C ARG B 344 0.99 -29.35 19.94
N ARG B 345 1.31 -28.58 20.98
CA ARG B 345 1.50 -29.15 22.30
C ARG B 345 0.19 -29.77 22.80
N PRO B 346 0.26 -30.90 23.57
CA PRO B 346 -0.97 -31.42 24.17
C PRO B 346 -1.61 -30.40 25.10
N THR B 347 -2.86 -30.04 24.85
CA THR B 347 -3.53 -28.98 25.61
C THR B 347 -3.88 -29.06 27.09
N GLY B 348 -4.38 -30.18 27.55
CA GLY B 348 -4.85 -30.23 28.91
C GLY B 348 -3.79 -29.92 29.91
N GLY B 349 -4.14 -29.13 30.90
CA GLY B 349 -3.19 -28.86 31.94
C GLY B 349 -2.88 -27.43 32.23
N HIS B 350 -3.13 -26.51 31.33
CA HIS B 350 -2.76 -25.16 31.69
C HIS B 350 -3.74 -24.65 32.75
N VAL B 351 -3.30 -23.66 33.52
CA VAL B 351 -4.10 -23.16 34.63
C VAL B 351 -4.49 -21.70 34.40
N ALA B 352 -4.52 -21.27 33.13
CA ALA B 352 -4.86 -19.90 32.80
C ALA B 352 -6.29 -19.56 33.19
N PHE B 353 -7.17 -20.55 33.25
CA PHE B 353 -8.54 -20.35 33.69
C PHE B 353 -8.73 -20.65 35.17
N GLY B 354 -7.65 -20.93 35.90
CA GLY B 354 -7.76 -21.25 37.31
C GLY B 354 -7.96 -22.74 37.56
N HIS B 355 -8.43 -23.02 38.77
CA HIS B 355 -8.69 -24.39 39.23
C HIS B 355 -9.51 -24.31 40.51
N GLY B 356 -10.46 -25.24 40.64
CA GLY B 356 -11.33 -25.27 41.80
C GLY B 356 -12.72 -24.71 41.53
N ILE B 357 -13.38 -24.32 42.63
CA ILE B 357 -14.76 -23.84 42.52
C ILE B 357 -14.84 -22.54 41.73
N HIS B 358 -13.76 -21.77 41.71
CA HIS B 358 -13.75 -20.51 41.00
C HIS B 358 -13.23 -20.64 39.57
N TYR B 359 -13.17 -21.86 39.04
CA TYR B 359 -12.76 -22.04 37.66
C TYR B 359 -13.62 -21.17 36.74
N CYS B 360 -12.97 -20.53 35.79
CA CYS B 360 -13.58 -19.47 35.00
C CYS B 360 -14.90 -19.90 34.38
N LEU B 361 -15.92 -19.07 34.59
CA LEU B 361 -17.25 -19.34 34.03
C LEU B 361 -17.33 -18.92 32.57
N GLY B 362 -16.52 -17.96 32.16
CA GLY B 362 -16.49 -17.49 30.79
C GLY B 362 -15.58 -18.27 29.87
N ALA B 363 -15.07 -19.42 30.32
CA ALA B 363 -14.13 -20.19 29.50
C ALA B 363 -14.72 -20.61 28.15
N PRO B 364 -15.92 -21.20 28.06
CA PRO B 364 -16.47 -21.51 26.73
C PRO B 364 -16.60 -20.28 25.83
N LEU B 365 -17.07 -19.16 26.38
CA LEU B 365 -17.20 -17.94 25.59
C LEU B 365 -15.85 -17.41 25.17
N ALA B 366 -14.89 -17.37 26.10
CA ALA B 366 -13.56 -16.85 25.77
C ALA B 366 -12.87 -17.69 24.71
N ARG B 367 -12.97 -19.02 24.83
CA ARG B 367 -12.36 -19.90 23.83
C ARG B 367 -12.98 -19.69 22.45
N MET B 368 -14.32 -19.60 22.40
CA MET B 368 -15.01 -19.43 21.12
C MET B 368 -14.62 -18.12 20.44
N GLU B 369 -14.58 -17.03 21.22
CA GLU B 369 -14.17 -15.75 20.66
C GLU B 369 -12.77 -15.84 20.05
N ALA B 370 -11.83 -16.44 20.78
CA ALA B 370 -10.46 -16.53 20.30
C ALA B 370 -10.36 -17.38 19.02
N GLN B 371 -11.06 -18.51 18.98
CA GLN B 371 -11.04 -19.36 17.80
C GLN B 371 -11.57 -18.60 16.58
N VAL B 372 -12.72 -17.96 16.73
CA VAL B 372 -13.32 -17.23 15.62
C VAL B 372 -12.42 -16.07 15.21
N ALA B 373 -11.94 -15.30 16.20
CA ALA B 373 -11.14 -14.11 15.89
C ALA B 373 -9.84 -14.48 15.20
N PHE B 374 -9.14 -15.51 15.71
CA PHE B 374 -7.90 -15.92 15.08
C PHE B 374 -8.15 -16.53 13.70
N GLY B 375 -9.18 -17.38 13.58
CA GLY B 375 -9.47 -18.00 12.30
C GLY B 375 -9.77 -16.99 11.22
N VAL B 376 -10.53 -15.94 11.57
CA VAL B 376 -10.78 -14.86 10.62
C VAL B 376 -9.48 -14.13 10.29
N LEU B 377 -8.64 -13.90 11.31
CA LEU B 377 -7.34 -13.26 11.07
C LEU B 377 -6.44 -14.10 10.19
N LEU B 378 -6.65 -15.42 10.14
CA LEU B 378 -5.92 -16.23 9.18
C LEU B 378 -6.53 -16.13 7.79
N ASP B 379 -7.87 -16.02 7.72
CA ASP B 379 -8.53 -15.81 6.43
C ASP B 379 -8.23 -14.42 5.88
N THR B 380 -8.39 -13.39 6.71
CA THR B 380 -8.12 -12.01 6.30
C THR B 380 -6.79 -11.56 6.88
N PHE B 381 -5.96 -10.95 6.05
CA PHE B 381 -4.60 -10.55 6.40
C PHE B 381 -3.74 -11.74 6.84
N PRO B 382 -3.66 -12.81 6.06
CA PRO B 382 -2.82 -13.95 6.46
C PRO B 382 -1.33 -13.64 6.43
N ALA B 383 -0.92 -12.54 5.80
CA ALA B 383 0.48 -12.17 5.64
C ALA B 383 0.88 -11.00 6.54
N MET B 384 0.10 -10.74 7.60
CA MET B 384 0.40 -9.62 8.47
C MET B 384 1.67 -9.88 9.27
N ARG B 385 2.38 -8.79 9.60
CA ARG B 385 3.64 -8.88 10.33
C ARG B 385 3.70 -7.77 11.37
N LEU B 386 4.52 -8.00 12.39
CA LEU B 386 4.76 -6.98 13.41
C LEU B 386 5.38 -5.75 12.77
N ALA B 387 4.92 -4.57 13.19
CA ALA B 387 5.38 -3.32 12.61
C ALA B 387 6.55 -2.70 13.37
N VAL B 388 7.01 -3.32 14.47
CA VAL B 388 8.16 -2.85 15.21
C VAL B 388 8.98 -4.05 15.68
N ASP B 389 10.22 -3.78 16.09
CA ASP B 389 11.04 -4.81 16.70
C ASP B 389 10.39 -5.28 17.99
N PRO B 390 10.37 -6.59 18.24
CA PRO B 390 9.64 -7.12 19.41
C PRO B 390 10.01 -6.53 20.76
N GLU B 391 11.29 -6.30 21.04
CA GLU B 391 11.67 -5.66 22.30
C GLU B 391 11.25 -4.22 22.38
N ASP B 392 10.77 -3.64 21.29
CA ASP B 392 10.31 -2.26 21.30
C ASP B 392 8.86 -2.16 21.76
N MET B 393 8.26 -3.29 22.10
CA MET B 393 6.90 -3.35 22.62
C MET B 393 7.00 -3.69 24.09
N ARG B 394 6.28 -2.93 24.91
CA ARG B 394 6.39 -3.02 26.36
C ARG B 394 5.04 -3.44 26.93
N TRP B 395 5.04 -3.80 28.20
CA TRP B 395 3.86 -4.41 28.83
C TRP B 395 3.25 -3.44 29.83
N ARG B 396 1.93 -3.41 29.88
CA ARG B 396 1.22 -2.52 30.77
C ARG B 396 1.45 -2.93 32.22
N THR B 397 1.41 -1.94 33.11
CA THR B 397 1.70 -2.15 34.53
C THR B 397 0.42 -2.60 35.22
N SER B 398 0.35 -3.90 35.52
CA SER B 398 -0.82 -4.46 36.19
C SER B 398 -0.38 -5.56 37.14
N THR B 399 -1.00 -5.59 38.31
CA THR B 399 -0.70 -6.61 39.32
C THR B 399 -1.16 -7.99 38.86
N LEU B 400 -2.29 -8.06 38.15
CA LEU B 400 -2.87 -9.33 37.76
C LEU B 400 -2.89 -9.56 36.26
N ILE B 401 -2.86 -8.52 35.44
CA ILE B 401 -3.10 -8.64 34.00
C ILE B 401 -1.76 -8.67 33.26
N ARG B 402 -1.73 -9.45 32.19
CA ARG B 402 -0.59 -9.53 31.27
C ARG B 402 -1.08 -9.04 29.91
N GLY B 403 -0.80 -7.78 29.60
CA GLY B 403 -1.25 -7.20 28.35
C GLY B 403 -0.29 -6.17 27.81
N LEU B 404 -0.41 -5.93 26.51
CA LEU B 404 0.49 -5.04 25.79
C LEU B 404 -0.05 -3.61 25.76
N HIS B 405 0.90 -2.66 25.70
CA HIS B 405 0.52 -1.27 25.45
C HIS B 405 -0.07 -1.11 24.05
N SER B 406 0.53 -1.75 23.05
CA SER B 406 0.05 -1.67 21.68
C SER B 406 0.50 -2.92 20.94
N LEU B 407 -0.01 -3.07 19.72
CA LEU B 407 0.35 -4.20 18.85
C LEU B 407 0.33 -3.72 17.40
N PRO B 408 1.32 -2.92 17.00
CA PRO B 408 1.35 -2.44 15.61
C PRO B 408 1.70 -3.56 14.64
N VAL B 409 0.97 -3.59 13.52
CA VAL B 409 1.15 -4.61 12.50
C VAL B 409 0.96 -3.96 11.14
N ARG B 410 1.50 -4.62 10.10
CA ARG B 410 1.29 -4.23 8.71
C ARG B 410 0.51 -5.34 8.01
N LEU B 411 -0.52 -4.96 7.26
CA LEU B 411 -1.45 -5.93 6.69
C LEU B 411 -1.26 -6.10 5.19
N ASN B 412 -1.32 -5.01 4.43
CA ASN B 412 -1.31 -5.03 2.96
C ASN B 412 -2.53 -5.79 2.43
N PRO C 10 -35.65 -43.38 47.73
CA PRO C 10 -34.30 -43.82 47.41
C PRO C 10 -34.28 -44.88 46.32
N LEU C 11 -33.77 -44.50 45.15
CA LEU C 11 -33.77 -45.39 44.00
C LEU C 11 -32.75 -46.50 44.19
N GLU C 12 -33.21 -47.73 44.01
CA GLU C 12 -32.33 -48.89 43.95
C GLU C 12 -31.75 -49.08 42.57
N LEU C 13 -30.41 -49.08 42.52
CA LEU C 13 -29.63 -49.21 41.30
C LEU C 13 -29.39 -50.70 41.04
N ASP C 14 -29.73 -51.13 39.84
CA ASP C 14 -29.67 -52.53 39.46
C ASP C 14 -28.49 -52.81 38.53
N ASP C 15 -28.49 -54.01 37.97
CA ASP C 15 -27.51 -54.39 36.95
C ASP C 15 -27.52 -53.49 35.73
N ALA C 16 -28.71 -53.17 35.21
CA ALA C 16 -28.77 -52.34 34.01
C ALA C 16 -27.93 -51.08 34.22
N PHE C 17 -27.92 -50.56 35.44
CA PHE C 17 -26.98 -49.49 35.78
C PHE C 17 -25.54 -49.96 35.68
N MET C 18 -25.23 -51.17 36.16
CA MET C 18 -23.85 -51.64 36.09
C MET C 18 -23.40 -51.79 34.64
N GLN C 19 -24.25 -52.37 33.79
CA GLN C 19 -23.89 -52.54 32.38
C GLN C 19 -24.00 -51.24 31.60
N ASP C 20 -25.03 -50.44 31.86
CA ASP C 20 -25.27 -49.18 31.15
C ASP C 20 -25.63 -48.12 32.18
N PRO C 21 -24.64 -47.58 32.91
CA PRO C 21 -24.96 -46.53 33.89
C PRO C 21 -25.30 -45.20 33.25
N HIS C 22 -24.79 -44.98 32.05
CA HIS C 22 -24.91 -43.69 31.38
C HIS C 22 -26.34 -43.37 30.98
N SER C 23 -27.09 -44.36 30.50
CA SER C 23 -28.51 -44.13 30.24
C SER C 23 -29.21 -43.73 31.53
N VAL C 24 -28.84 -44.37 32.64
CA VAL C 24 -29.37 -44.00 33.94
C VAL C 24 -29.00 -42.57 34.29
N TYR C 25 -27.74 -42.18 34.03
CA TYR C 25 -27.31 -40.82 34.30
C TYR C 25 -28.15 -39.81 33.53
N ALA C 26 -28.44 -40.10 32.25
CA ALA C 26 -29.19 -39.17 31.42
C ALA C 26 -30.58 -38.92 32.00
N ARG C 27 -31.24 -39.98 32.50
CA ARG C 27 -32.52 -39.81 33.16
C ARG C 27 -32.42 -38.89 34.36
N LEU C 28 -31.46 -39.16 35.24
CA LEU C 28 -31.34 -38.38 36.46
C LEU C 28 -30.97 -36.93 36.16
N ASN C 29 -30.02 -36.71 35.24
CA ASN C 29 -29.61 -35.35 34.94
C ASN C 29 -30.73 -34.54 34.32
N ALA C 30 -31.61 -35.20 33.56
CA ALA C 30 -32.74 -34.49 32.95
C ALA C 30 -33.66 -33.88 34.00
N GLU C 31 -33.70 -34.45 35.20
CA GLU C 31 -34.54 -33.91 36.26
C GLU C 31 -33.80 -32.99 37.22
N GLY C 32 -32.50 -33.22 37.39
CA GLY C 32 -31.74 -32.49 38.37
C GLY C 32 -30.35 -33.08 38.50
N SER C 33 -29.62 -32.60 39.50
CA SER C 33 -28.24 -33.02 39.69
C SER C 33 -28.01 -33.88 40.92
N ALA C 34 -28.94 -33.95 41.88
CA ALA C 34 -28.71 -34.71 43.10
C ALA C 34 -29.88 -35.63 43.35
N HIS C 35 -29.59 -36.94 43.45
CA HIS C 35 -30.60 -37.97 43.66
C HIS C 35 -30.08 -38.99 44.66
N ARG C 36 -30.91 -39.34 45.65
CA ARG C 36 -30.54 -40.35 46.62
C ARG C 36 -30.77 -41.74 46.04
N VAL C 37 -29.68 -42.52 45.94
CA VAL C 37 -29.70 -43.84 45.32
C VAL C 37 -29.00 -44.84 46.24
N MET C 38 -28.88 -46.07 45.76
CA MET C 38 -28.31 -47.18 46.51
C MET C 38 -27.79 -48.21 45.52
N MET C 39 -26.59 -48.73 45.78
CA MET C 39 -26.09 -49.88 45.05
C MET C 39 -26.86 -51.11 45.52
N PRO C 40 -26.88 -52.19 44.73
CA PRO C 40 -27.64 -53.37 45.13
C PRO C 40 -27.15 -53.91 46.48
N PRO C 41 -28.05 -54.50 47.27
CA PRO C 41 -27.64 -54.96 48.61
C PRO C 41 -26.53 -56.00 48.59
N GLY C 42 -26.40 -56.77 47.50
CA GLY C 42 -25.41 -57.82 47.45
C GLY C 42 -24.01 -57.39 47.04
N VAL C 43 -23.81 -56.13 46.67
CA VAL C 43 -22.47 -55.65 46.35
C VAL C 43 -21.62 -55.66 47.61
N PRO C 44 -20.37 -56.14 47.56
CA PRO C 44 -19.63 -56.50 48.77
C PRO C 44 -19.69 -55.58 49.99
N VAL C 45 -19.28 -54.31 49.88
CA VAL C 45 -19.06 -53.47 51.05
C VAL C 45 -20.00 -52.26 51.06
N CYS C 46 -20.12 -51.56 49.94
CA CYS C 46 -20.97 -50.39 49.87
C CYS C 46 -22.40 -50.72 49.45
N GLY C 47 -22.70 -51.99 49.21
CA GLY C 47 -23.98 -52.42 48.69
C GLY C 47 -25.17 -52.02 49.55
N GLY C 48 -26.19 -51.45 48.91
CA GLY C 48 -27.41 -51.07 49.62
C GLY C 48 -27.25 -49.92 50.59
N LEU C 49 -26.33 -48.99 50.31
CA LEU C 49 -26.12 -47.85 51.18
C LEU C 49 -26.65 -46.57 50.54
N PRO C 50 -27.48 -45.81 51.24
CA PRO C 50 -28.07 -44.59 50.65
C PRO C 50 -27.04 -43.49 50.54
N VAL C 51 -26.92 -42.91 49.33
CA VAL C 51 -26.01 -41.80 49.07
C VAL C 51 -26.63 -40.87 48.05
N TRP C 52 -26.11 -39.64 48.00
CA TRP C 52 -26.51 -38.66 47.00
C TRP C 52 -25.65 -38.84 45.76
N LEU C 53 -26.29 -39.05 44.61
CA LEU C 53 -25.61 -39.12 43.32
C LEU C 53 -25.70 -37.77 42.62
N ILE C 54 -24.57 -37.28 42.12
CA ILE C 54 -24.49 -36.00 41.43
C ILE C 54 -24.21 -36.24 39.96
N THR C 55 -25.00 -35.60 39.08
CA THR C 55 -25.07 -36.01 37.67
C THR C 55 -24.83 -34.86 36.69
N GLY C 56 -24.02 -33.86 37.01
CA GLY C 56 -23.86 -32.77 36.06
C GLY C 56 -22.47 -32.17 36.00
N TYR C 57 -21.99 -31.82 34.80
CA TYR C 57 -20.59 -31.43 34.65
C TYR C 57 -20.23 -30.28 35.58
N GLU C 58 -20.97 -29.18 35.52
CA GLU C 58 -20.71 -28.07 36.43
C GLU C 58 -20.89 -28.51 37.87
N GLU C 59 -21.93 -29.29 38.14
CA GLU C 59 -22.22 -29.71 39.51
C GLU C 59 -21.19 -30.69 40.04
N VAL C 60 -20.78 -31.69 39.23
CA VAL C 60 -19.77 -32.63 39.69
C VAL C 60 -18.42 -31.95 39.82
N ARG C 61 -18.03 -31.15 38.82
CA ARG C 61 -16.73 -30.49 38.86
C ARG C 61 -16.61 -29.55 40.04
N SER C 62 -17.68 -28.79 40.34
CA SER C 62 -17.68 -27.98 41.55
C SER C 62 -17.60 -28.85 42.79
N ALA C 63 -18.36 -29.94 42.81
CA ALA C 63 -18.41 -30.81 43.99
C ALA C 63 -17.05 -31.44 44.28
N LEU C 64 -16.29 -31.75 43.23
CA LEU C 64 -14.99 -32.36 43.42
C LEU C 64 -14.08 -31.46 44.25
N ALA C 65 -14.13 -30.15 44.01
CA ALA C 65 -13.28 -29.19 44.70
C ALA C 65 -14.00 -28.42 45.80
N ASP C 66 -15.24 -28.78 46.12
CA ASP C 66 -15.98 -28.03 47.13
C ASP C 66 -15.39 -28.25 48.51
N PRO C 67 -15.02 -27.18 49.24
CA PRO C 67 -14.41 -27.36 50.57
C PRO C 67 -15.35 -27.94 51.60
N ARG C 68 -16.67 -27.97 51.36
CA ARG C 68 -17.62 -28.47 52.34
C ARG C 68 -17.84 -29.98 52.20
N LEU C 69 -17.23 -30.62 51.20
CA LEU C 69 -17.30 -32.06 51.01
C LEU C 69 -15.93 -32.65 51.35
N SER C 70 -15.93 -33.56 52.33
CA SER C 70 -14.70 -34.13 52.86
C SER C 70 -14.58 -35.60 52.47
N THR C 71 -13.36 -36.03 52.18
CA THR C 71 -13.07 -37.43 51.90
C THR C 71 -12.49 -38.17 53.09
N ASP C 72 -12.54 -37.56 54.28
CA ASP C 72 -11.91 -38.14 55.47
C ASP C 72 -12.47 -39.51 55.77
N LEU C 73 -11.58 -40.47 56.06
CA LEU C 73 -12.00 -41.83 56.38
C LEU C 73 -12.89 -41.88 57.61
N ASN C 74 -12.61 -41.02 58.61
CA ASN C 74 -13.42 -41.03 59.83
C ASN C 74 -14.84 -40.59 59.56
N ARG C 75 -15.03 -39.63 58.66
CA ARG C 75 -16.38 -39.15 58.36
C ARG C 75 -17.18 -40.21 57.60
N THR C 76 -16.56 -40.85 56.61
CA THR C 76 -17.21 -41.88 55.82
C THR C 76 -17.36 -43.21 56.56
N ASP C 77 -16.78 -43.34 57.76
CA ASP C 77 -16.90 -44.58 58.52
C ASP C 77 -18.34 -44.91 58.85
N ARG C 78 -19.12 -43.90 59.25
CA ARG C 78 -20.53 -44.14 59.60
C ARG C 78 -21.28 -44.76 58.43
N LEU C 79 -20.95 -44.35 57.21
CA LEU C 79 -21.57 -44.97 56.05
C LEU C 79 -21.21 -46.45 55.98
N PHE C 80 -19.92 -46.77 56.05
CA PHE C 80 -19.50 -48.15 55.88
C PHE C 80 -19.91 -49.02 57.07
N ALA C 81 -19.91 -48.45 58.28
CA ALA C 81 -20.27 -49.23 59.45
C ALA C 81 -21.72 -49.72 59.40
N GLN C 82 -22.57 -49.08 58.59
CA GLN C 82 -23.95 -49.56 58.43
C GLN C 82 -24.02 -50.93 57.78
N ASN C 83 -23.05 -51.29 56.94
CA ASN C 83 -23.07 -52.55 56.22
C ASN C 83 -22.03 -53.56 56.66
N GLU C 84 -20.82 -53.14 57.00
CA GLU C 84 -19.74 -54.04 57.38
C GLU C 84 -19.24 -53.55 58.72
N PRO C 85 -19.50 -54.27 59.81
CA PRO C 85 -19.08 -53.75 61.13
C PRO C 85 -17.57 -53.75 61.33
N ASP C 86 -16.84 -54.67 60.71
CA ASP C 86 -15.40 -54.76 60.93
C ASP C 86 -14.69 -53.74 60.07
N ARG C 87 -14.02 -52.77 60.71
CA ARG C 87 -13.42 -51.67 59.95
C ARG C 87 -12.35 -52.20 59.01
N ASN C 88 -11.67 -53.28 59.39
CA ASN C 88 -10.59 -53.85 58.60
C ASN C 88 -11.06 -55.03 57.77
N LYS C 89 -12.35 -55.17 57.55
CA LYS C 89 -12.83 -56.20 56.65
C LYS C 89 -13.66 -55.53 55.58
N ARG C 90 -13.47 -54.23 55.41
CA ARG C 90 -14.24 -53.46 54.44
C ARG C 90 -13.64 -53.43 53.05
N GLY C 91 -12.89 -54.44 52.69
CA GLY C 91 -12.33 -54.50 51.36
C GLY C 91 -11.26 -53.49 51.12
N ALA C 92 -11.34 -52.81 49.98
CA ALA C 92 -10.38 -51.77 49.68
C ALA C 92 -10.65 -50.49 50.44
N PHE C 93 -11.54 -50.53 51.43
CA PHE C 93 -11.84 -49.36 52.21
C PHE C 93 -11.59 -49.63 53.66
N SER C 94 -10.63 -50.48 53.94
CA SER C 94 -10.34 -50.86 55.32
C SER C 94 -9.38 -49.87 55.93
N SER C 95 -9.44 -49.60 57.24
CA SER C 95 -8.60 -48.54 57.78
C SER C 95 -7.11 -48.85 57.60
N ALA C 96 -6.73 -50.12 57.67
CA ALA C 96 -5.34 -50.50 57.46
C ALA C 96 -4.89 -50.24 56.02
N LEU C 97 -5.84 -50.07 55.09
CA LEU C 97 -5.51 -49.92 53.68
C LEU C 97 -5.96 -48.60 53.07
N ALA C 98 -6.92 -47.90 53.67
CA ALA C 98 -7.49 -46.71 53.05
C ALA C 98 -7.11 -45.42 53.76
N THR C 99 -6.31 -45.50 54.83
CA THR C 99 -5.87 -44.31 55.56
C THR C 99 -4.71 -43.66 54.80
N HIS C 100 -5.05 -43.10 53.65
CA HIS C 100 -4.05 -42.46 52.79
C HIS C 100 -4.45 -41.04 52.43
N MET C 101 -3.71 -40.42 51.50
CA MET C 101 -3.88 -39.00 51.23
C MET C 101 -5.27 -38.68 50.68
N LEU C 102 -5.82 -39.57 49.83
CA LEU C 102 -7.12 -39.30 49.25
C LEU C 102 -8.22 -39.26 50.29
N HIS C 103 -8.07 -40.01 51.37
CA HIS C 103 -9.09 -40.09 52.41
C HIS C 103 -8.69 -39.29 53.64
N SER C 104 -8.07 -38.14 53.41
CA SER C 104 -7.67 -37.23 54.47
C SER C 104 -7.96 -35.81 54.02
N ASP C 105 -8.14 -34.93 55.00
CA ASP C 105 -8.44 -33.52 54.77
C ASP C 105 -7.15 -32.73 54.61
N PRO C 106 -7.22 -31.50 54.11
CA PRO C 106 -6.02 -30.83 53.55
C PRO C 106 -4.83 -30.79 54.51
N PRO C 107 -5.01 -30.56 55.85
CA PRO C 107 -3.82 -30.55 56.71
C PRO C 107 -3.01 -31.82 56.57
N ASP C 108 -3.66 -32.97 56.79
CA ASP C 108 -2.97 -34.25 56.65
C ASP C 108 -2.73 -34.61 55.19
N HIS C 109 -3.61 -34.17 54.28
CA HIS C 109 -3.45 -34.53 52.87
C HIS C 109 -2.19 -33.93 52.28
N THR C 110 -1.87 -32.68 52.63
CA THR C 110 -0.65 -32.05 52.13
C THR C 110 0.58 -32.80 52.63
N ARG C 111 0.57 -33.21 53.90
CA ARG C 111 1.69 -33.95 54.45
C ARG C 111 1.92 -35.25 53.68
N LEU C 112 0.84 -35.97 53.38
CA LEU C 112 0.98 -37.26 52.70
C LEU C 112 1.37 -37.08 51.24
N ARG C 113 0.76 -36.09 50.55
CA ARG C 113 1.05 -35.91 49.13
C ARG C 113 2.48 -35.43 48.90
N LYS C 114 3.03 -34.63 49.81
CA LYS C 114 4.37 -34.10 49.62
C LYS C 114 5.41 -35.21 49.62
N LEU C 115 5.14 -36.32 50.31
CA LEU C 115 6.13 -37.38 50.45
C LEU C 115 6.48 -38.06 49.14
N VAL C 116 5.56 -38.09 48.17
CA VAL C 116 5.78 -38.87 46.96
C VAL C 116 5.52 -38.04 45.71
N ASN C 117 5.00 -36.82 45.87
CA ASN C 117 4.54 -36.05 44.71
C ASN C 117 5.69 -35.73 43.76
N LYS C 118 6.91 -35.57 44.28
CA LYS C 118 8.04 -35.23 43.41
C LYS C 118 8.37 -36.36 42.44
N ALA C 119 8.02 -37.60 42.79
CA ALA C 119 8.35 -38.76 41.96
C ALA C 119 7.34 -39.07 40.88
N PHE C 120 6.13 -38.50 40.94
CA PHE C 120 5.12 -38.72 39.93
C PHE C 120 4.94 -37.51 39.03
N THR C 121 5.89 -36.58 39.08
CA THR C 121 5.85 -35.39 38.25
C THR C 121 5.96 -35.77 36.76
N SER C 122 5.41 -34.91 35.90
CA SER C 122 5.47 -35.16 34.46
C SER C 122 6.91 -35.27 33.96
N ARG C 123 7.78 -34.36 34.42
CA ARG C 123 9.19 -34.44 34.04
C ARG C 123 9.82 -35.71 34.59
N ALA C 124 9.52 -36.06 35.83
CA ALA C 124 10.04 -37.30 36.40
C ALA C 124 9.52 -38.49 35.61
N ILE C 125 8.21 -38.52 35.35
CA ILE C 125 7.62 -39.64 34.63
C ILE C 125 8.13 -39.70 33.20
N GLU C 126 8.57 -38.57 32.63
CA GLU C 126 9.13 -38.58 31.29
C GLU C 126 10.40 -39.41 31.21
N LYS C 127 11.17 -39.48 32.31
CA LYS C 127 12.39 -40.27 32.31
C LYS C 127 12.12 -41.76 32.15
N LEU C 128 10.90 -42.22 32.38
CA LEU C 128 10.56 -43.64 32.36
C LEU C 128 10.06 -44.13 31.01
N ARG C 129 10.00 -43.25 30.00
CA ARG C 129 9.55 -43.68 28.67
C ARG C 129 10.31 -44.89 28.14
N PRO C 130 11.65 -44.97 28.23
CA PRO C 130 12.32 -46.20 27.75
C PRO C 130 11.87 -47.45 28.49
N GLU C 131 11.76 -47.38 29.82
CA GLU C 131 11.34 -48.57 30.58
C GLU C 131 9.93 -49.00 30.22
N ILE C 132 9.00 -48.04 30.10
CA ILE C 132 7.63 -48.38 29.75
C ILE C 132 7.55 -48.97 28.35
N GLU C 133 8.26 -48.35 27.39
CA GLU C 133 8.37 -48.92 26.05
C GLU C 133 9.00 -50.30 26.11
N GLN C 134 9.99 -50.47 27.00
CA GLN C 134 10.63 -51.75 27.18
C GLN C 134 9.62 -52.83 27.59
N ILE C 135 8.83 -52.54 28.63
CA ILE C 135 7.84 -53.50 29.12
C ILE C 135 6.78 -53.77 28.06
N THR C 136 6.32 -52.74 27.39
CA THR C 136 5.29 -52.93 26.40
C THR C 136 5.76 -53.93 25.36
N GLY C 137 7.02 -53.83 24.98
CA GLY C 137 7.56 -54.71 23.97
C GLY C 137 7.62 -56.14 24.41
N GLU C 138 7.87 -56.37 25.68
CA GLU C 138 7.99 -57.71 26.20
C GLU C 138 6.69 -58.39 26.57
N LEU C 139 5.60 -57.64 26.75
CA LEU C 139 4.33 -58.23 27.09
C LEU C 139 3.80 -58.66 25.79
N LEU C 140 4.19 -57.95 24.74
CA LEU C 140 3.81 -58.33 23.42
C LEU C 140 4.86 -59.35 23.09
N ALA C 141 4.62 -60.17 22.07
CA ALA C 141 5.55 -61.25 21.74
C ALA C 141 5.74 -62.25 22.86
N ALA C 142 4.96 -62.14 23.90
CA ALA C 142 5.02 -63.12 24.96
C ALA C 142 3.56 -63.41 25.17
N LEU C 143 2.74 -62.92 24.25
CA LEU C 143 1.32 -63.18 24.31
C LEU C 143 1.06 -64.06 23.13
N PRO C 144 -0.02 -64.81 23.17
CA PRO C 144 -0.16 -65.64 21.98
C PRO C 144 -0.94 -64.93 20.93
N ASP C 145 -0.33 -64.74 19.77
CA ASP C 145 -1.05 -64.14 18.70
C ASP C 145 -1.82 -65.28 18.18
N GLU C 146 -3.13 -65.13 18.17
CA GLU C 146 -3.99 -66.22 17.80
C GLU C 146 -5.32 -65.57 17.53
N ASP C 147 -6.33 -66.36 17.20
CA ASP C 147 -7.65 -65.79 17.06
C ASP C 147 -8.21 -65.22 18.36
N PRO C 148 -8.02 -65.93 19.49
CA PRO C 148 -8.60 -65.29 20.66
C PRO C 148 -7.58 -64.89 21.67
N VAL C 149 -7.41 -63.59 21.87
CA VAL C 149 -6.48 -63.13 22.88
C VAL C 149 -7.27 -62.26 23.80
N ASP C 150 -7.15 -62.46 25.10
CA ASP C 150 -7.95 -61.70 26.04
C ASP C 150 -7.65 -60.23 26.09
N LEU C 151 -6.42 -59.82 25.83
CA LEU C 151 -6.03 -58.40 25.78
C LEU C 151 -6.11 -57.75 27.11
N LEU C 152 -7.25 -57.82 27.71
CA LEU C 152 -7.39 -57.29 29.01
C LEU C 152 -6.61 -58.18 29.90
N ASP C 153 -6.69 -59.48 29.66
CA ASP C 153 -5.85 -60.32 30.51
C ASP C 153 -4.43 -60.42 29.94
N ALA C 154 -4.29 -60.49 28.62
CA ALA C 154 -2.98 -60.73 28.05
C ALA C 154 -2.08 -59.51 28.10
N PHE C 155 -2.61 -58.32 27.83
CA PHE C 155 -1.81 -57.12 27.70
C PHE C 155 -2.18 -56.02 28.69
N ALA C 156 -3.47 -55.65 28.75
CA ALA C 156 -3.86 -54.45 29.48
C ALA C 156 -3.59 -54.56 30.98
N PHE C 157 -3.89 -55.73 31.56
CA PHE C 157 -3.68 -55.90 33.00
C PHE C 157 -2.21 -55.87 33.42
N PRO C 158 -1.32 -56.67 32.83
CA PRO C 158 0.07 -56.72 33.35
C PRO C 158 0.84 -55.41 33.24
N LEU C 159 0.60 -54.59 32.21
CA LEU C 159 1.45 -53.44 31.97
C LEU C 159 1.47 -52.45 33.13
N PRO C 160 0.33 -51.91 33.59
CA PRO C 160 0.39 -50.97 34.73
C PRO C 160 0.94 -51.58 36.02
N ILE C 161 0.59 -52.84 36.31
CA ILE C 161 1.08 -53.45 37.55
C ILE C 161 2.59 -53.68 37.48
N ARG C 162 3.09 -54.05 36.30
CA ARG C 162 4.54 -54.19 36.14
C ARG C 162 5.23 -52.83 36.23
N VAL C 163 4.65 -51.80 35.60
CA VAL C 163 5.23 -50.47 35.68
C VAL C 163 5.23 -49.99 37.13
N ILE C 164 4.12 -50.18 37.83
CA ILE C 164 4.04 -49.76 39.22
C ILE C 164 5.02 -50.55 40.08
N CYS C 165 5.25 -51.81 39.74
CA CYS C 165 6.11 -52.62 40.59
C CYS C 165 7.53 -52.11 40.48
N LEU C 166 7.92 -51.69 39.29
CA LEU C 166 9.23 -51.11 39.13
C LEU C 166 9.39 -49.87 39.98
N LEU C 167 8.37 -49.04 40.02
CA LEU C 167 8.47 -47.80 40.75
C LEU C 167 8.40 -48.03 42.24
N LEU C 168 7.78 -49.11 42.67
CA LEU C 168 7.76 -49.40 44.07
C LEU C 168 8.70 -50.51 44.50
N GLY C 169 9.62 -50.90 43.64
CA GLY C 169 10.61 -51.89 44.01
C GLY C 169 10.15 -53.31 44.10
N VAL C 170 9.33 -53.74 43.15
CA VAL C 170 8.79 -55.07 43.21
C VAL C 170 9.20 -55.99 42.00
N PRO C 171 9.65 -57.26 42.22
CA PRO C 171 9.95 -58.16 41.09
C PRO C 171 8.69 -58.82 40.52
N SER C 182 -7.52 -60.24 44.84
CA SER C 182 -7.03 -58.96 44.39
C SER C 182 -8.15 -58.15 43.80
N LYS C 183 -8.68 -58.59 42.67
CA LYS C 183 -9.72 -57.87 41.98
C LYS C 183 -10.90 -57.73 42.87
N ALA C 184 -11.12 -58.74 43.68
CA ALA C 184 -12.23 -58.71 44.56
C ALA C 184 -11.89 -57.88 45.73
N LEU C 185 -11.61 -56.62 45.51
CA LEU C 185 -11.35 -55.73 46.58
C LEU C 185 -12.04 -54.54 46.01
N VAL C 186 -12.19 -54.57 44.71
CA VAL C 186 -12.77 -53.44 44.04
C VAL C 186 -14.00 -53.89 43.31
N SER C 187 -13.99 -55.13 42.88
CA SER C 187 -15.10 -55.70 42.17
C SER C 187 -15.45 -56.75 43.15
N GLY C 188 -16.61 -57.31 43.03
CA GLY C 188 -16.87 -58.35 43.95
C GLY C 188 -17.91 -59.26 43.46
N ASP C 189 -17.98 -60.40 44.09
CA ASP C 189 -19.06 -61.28 43.77
C ASP C 189 -19.56 -61.54 45.14
N SER C 190 -18.63 -61.77 46.07
CA SER C 190 -19.20 -62.09 47.37
C SER C 190 -18.50 -61.26 48.44
N PRO C 191 -19.22 -60.91 49.51
CA PRO C 191 -18.56 -60.26 50.65
C PRO C 191 -17.43 -61.06 51.25
N ALA C 192 -17.53 -62.39 51.23
CA ALA C 192 -16.45 -63.24 51.74
C ALA C 192 -15.17 -63.08 50.93
N ALA C 193 -15.31 -63.03 49.60
CA ALA C 193 -14.14 -62.89 48.74
C ALA C 193 -13.42 -61.56 48.96
N THR C 194 -14.18 -60.47 49.13
CA THR C 194 -13.52 -59.18 49.36
C THR C 194 -12.95 -59.12 50.76
N ALA C 195 -13.62 -59.74 51.71
CA ALA C 195 -12.98 -59.98 53.00
C ALA C 195 -11.72 -60.82 52.78
N ALA C 196 -11.75 -61.71 51.78
CA ALA C 196 -10.57 -62.51 51.47
C ALA C 196 -9.41 -61.65 50.99
N ALA C 197 -9.67 -60.77 50.02
CA ALA C 197 -8.61 -59.92 49.52
C ALA C 197 -8.14 -58.91 50.55
N SER C 198 -9.02 -58.42 51.42
CA SER C 198 -8.61 -57.41 52.38
C SER C 198 -7.52 -57.93 53.32
N THR C 199 -7.79 -59.04 54.01
CA THR C 199 -6.80 -59.57 54.96
C THR C 199 -5.51 -59.98 54.26
N ALA C 200 -5.63 -60.45 53.03
CA ALA C 200 -4.46 -60.86 52.28
C ALA C 200 -3.57 -59.71 51.89
N MET C 201 -4.18 -58.59 51.49
CA MET C 201 -3.42 -57.44 51.08
C MET C 201 -2.71 -56.84 52.24
N ILE C 202 -3.38 -56.76 53.37
CA ILE C 202 -2.73 -56.26 54.56
C ILE C 202 -1.49 -57.08 54.82
N GLU C 203 -1.60 -58.40 54.68
CA GLU C 203 -0.46 -59.27 54.93
C GLU C 203 0.68 -59.06 53.96
N TYR C 204 0.40 -59.01 52.68
CA TYR C 204 1.43 -58.85 51.69
C TYR C 204 2.15 -57.56 51.89
N LEU C 205 1.40 -56.51 52.15
CA LEU C 205 2.01 -55.23 52.27
C LEU C 205 2.83 -55.14 53.50
N GLY C 206 2.38 -55.70 54.59
CA GLY C 206 3.17 -55.72 55.78
C GLY C 206 4.46 -56.45 55.59
N ASP C 207 4.42 -57.50 54.80
CA ASP C 207 5.62 -58.26 54.52
C ASP C 207 6.54 -57.50 53.60
N LEU C 208 5.99 -56.77 52.64
CA LEU C 208 6.78 -56.02 51.70
C LEU C 208 7.48 -54.92 52.42
N ILE C 209 6.85 -54.42 53.45
CA ILE C 209 7.43 -53.33 54.15
C ILE C 209 8.59 -53.84 54.96
N GLU C 210 8.42 -54.94 55.66
CA GLU C 210 9.52 -55.52 56.40
C GLU C 210 10.66 -55.92 55.45
N ARG C 211 10.33 -56.40 54.26
CA ARG C 211 11.36 -56.71 53.28
C ARG C 211 12.20 -55.49 52.93
N LYS C 212 11.58 -54.30 52.90
CA LYS C 212 12.32 -53.08 52.63
C LYS C 212 13.25 -52.70 53.77
N ARG C 213 12.79 -52.87 55.01
CA ARG C 213 13.64 -52.55 56.17
C ARG C 213 14.84 -53.48 56.24
N ARG C 214 14.62 -54.77 56.04
CA ARG C 214 15.72 -55.74 56.16
C ARG C 214 16.78 -55.51 55.09
N THR C 215 16.37 -55.19 53.87
CA THR C 215 17.28 -55.02 52.74
C THR C 215 16.96 -53.66 52.11
N PRO C 216 17.59 -52.59 52.61
CA PRO C 216 17.29 -51.26 52.06
C PRO C 216 17.66 -51.17 50.59
N THR C 217 16.86 -50.41 49.84
CA THR C 217 17.06 -50.21 48.41
C THR C 217 16.66 -48.78 48.09
N ASP C 218 16.63 -48.45 46.80
CA ASP C 218 16.32 -47.09 46.35
C ASP C 218 15.07 -47.13 45.48
N ASP C 219 13.92 -46.82 46.08
CA ASP C 219 12.66 -46.74 45.34
C ASP C 219 11.65 -45.95 46.17
N VAL C 220 10.46 -45.78 45.61
CA VAL C 220 9.42 -44.98 46.25
C VAL C 220 9.03 -45.58 47.60
N LEU C 221 8.79 -46.89 47.62
CA LEU C 221 8.36 -47.55 48.87
C LEU C 221 9.41 -47.43 49.96
N ALA C 222 10.67 -47.67 49.60
CA ALA C 222 11.75 -47.53 50.58
C ALA C 222 11.84 -46.10 51.07
N ALA C 223 11.66 -45.12 50.16
CA ALA C 223 11.61 -43.73 50.59
C ALA C 223 10.48 -43.49 51.57
N LEU C 224 9.36 -44.19 51.39
CA LEU C 224 8.26 -44.10 52.34
C LEU C 224 8.65 -44.69 53.69
N VAL C 225 9.36 -45.83 53.67
CA VAL C 225 9.82 -46.44 54.91
C VAL C 225 10.80 -45.52 55.63
N SER C 226 11.74 -44.91 54.89
CA SER C 226 12.68 -43.99 55.50
C SER C 226 11.96 -42.79 56.10
N ALA C 227 10.98 -42.22 55.37
CA ALA C 227 10.21 -41.13 55.92
C ALA C 227 9.46 -41.53 57.18
N ARG C 228 9.16 -42.83 57.33
CA ARG C 228 8.47 -43.31 58.51
C ARG C 228 9.43 -43.55 59.67
N ASP C 229 10.54 -44.24 59.40
CA ASP C 229 11.46 -44.63 60.46
C ASP C 229 12.47 -43.54 60.78
N VAL C 230 13.10 -42.97 59.76
CA VAL C 230 14.14 -41.96 59.99
C VAL C 230 13.51 -40.66 60.49
N ASP C 231 12.42 -40.22 59.85
CA ASP C 231 11.92 -38.87 60.07
C ASP C 231 10.54 -38.82 60.75
N ASP C 232 9.87 -39.96 60.91
CA ASP C 232 8.57 -40.02 61.59
C ASP C 232 7.52 -39.12 60.92
N ARG C 233 7.62 -38.93 59.61
CA ARG C 233 6.67 -38.09 58.89
C ARG C 233 5.35 -38.81 58.65
N LEU C 234 5.25 -40.09 59.01
CA LEU C 234 4.17 -40.96 58.63
C LEU C 234 3.81 -41.86 59.80
N THR C 235 2.59 -42.37 59.80
CA THR C 235 2.19 -43.39 60.75
C THR C 235 2.21 -44.76 60.06
N GLU C 236 2.28 -45.81 60.89
CA GLU C 236 2.39 -47.16 60.33
C GLU C 236 1.17 -47.50 59.48
N THR C 237 -0.02 -47.13 59.94
CA THR C 237 -1.23 -47.30 59.12
C THR C 237 -1.10 -46.54 57.80
N GLU C 238 -0.64 -45.29 57.87
CA GLU C 238 -0.50 -44.49 56.66
C GLU C 238 0.51 -45.11 55.68
N LEU C 239 1.62 -45.64 56.20
CA LEU C 239 2.59 -46.29 55.33
C LEU C 239 1.98 -47.44 54.57
N VAL C 240 1.28 -48.34 55.28
CA VAL C 240 0.63 -49.46 54.62
C VAL C 240 -0.44 -48.95 53.65
N SER C 241 -1.25 -47.99 54.10
CA SER C 241 -2.30 -47.45 53.23
C SER C 241 -1.70 -46.71 52.04
N MET C 242 -0.62 -45.95 52.25
CA MET C 242 0.04 -45.29 51.14
C MET C 242 0.55 -46.31 50.14
N ALA C 243 1.08 -47.43 50.64
CA ALA C 243 1.47 -48.52 49.75
C ALA C 243 0.27 -49.03 48.97
N PHE C 244 -0.84 -49.32 49.66
CA PHE C 244 -2.04 -49.82 48.98
C PHE C 244 -2.51 -48.86 47.90
N LEU C 245 -2.56 -47.56 48.22
CA LEU C 245 -3.03 -46.58 47.26
C LEU C 245 -2.14 -46.57 46.03
N LEU C 246 -0.82 -46.57 46.23
CA LEU C 246 0.08 -46.61 45.08
C LEU C 246 -0.06 -47.90 44.30
N PHE C 247 -0.30 -49.02 44.99
CA PHE C 247 -0.39 -50.30 44.30
C PHE C 247 -1.72 -50.46 43.58
N ILE C 248 -2.83 -50.47 44.33
CA ILE C 248 -4.14 -50.67 43.72
C ILE C 248 -4.58 -49.42 42.97
N GLY C 249 -4.23 -48.23 43.49
CA GLY C 249 -4.69 -47.00 42.89
C GLY C 249 -4.19 -46.76 41.47
N GLY C 250 -2.99 -47.25 41.16
CA GLY C 250 -2.45 -46.95 39.86
C GLY C 250 -2.69 -47.98 38.78
N HIS C 251 -3.10 -49.17 39.19
CA HIS C 251 -3.19 -50.32 38.27
C HIS C 251 -4.55 -50.42 37.59
N GLU C 252 -5.62 -50.58 38.38
CA GLU C 252 -6.95 -50.83 37.83
C GLU C 252 -7.39 -49.73 36.88
N THR C 253 -6.86 -48.53 37.07
CA THR C 253 -7.22 -47.39 36.23
C THR C 253 -6.73 -47.59 34.80
N THR C 254 -5.45 -47.93 34.62
CA THR C 254 -4.87 -47.96 33.26
C THR C 254 -5.36 -49.15 32.42
N VAL C 255 -5.58 -50.30 33.04
CA VAL C 255 -6.10 -51.49 32.29
C VAL C 255 -7.40 -51.09 31.61
N ASN C 256 -8.31 -50.46 32.35
CA ASN C 256 -9.64 -50.09 31.81
C ASN C 256 -9.49 -48.93 30.84
N THR C 257 -8.53 -48.06 31.03
CA THR C 257 -8.30 -47.00 30.02
C THR C 257 -7.98 -47.65 28.69
N LEU C 258 -6.99 -48.52 28.69
CA LEU C 258 -6.58 -49.21 27.46
C LEU C 258 -7.72 -50.09 26.98
N GLY C 259 -8.39 -50.78 27.89
CA GLY C 259 -9.53 -51.66 27.55
C GLY C 259 -10.75 -50.94 27.00
N ASN C 260 -11.26 -49.95 27.73
CA ASN C 260 -12.47 -49.22 27.30
C ASN C 260 -12.16 -48.49 26.00
N GLY C 261 -10.98 -47.90 25.91
CA GLY C 261 -10.62 -47.12 24.73
C GLY C 261 -10.47 -48.02 23.53
N THR C 262 -10.05 -49.26 23.77
CA THR C 262 -9.86 -50.21 22.67
C THR C 262 -11.23 -50.69 22.18
N LEU C 263 -12.13 -51.09 23.07
CA LEU C 263 -13.49 -51.46 22.62
C LEU C 263 -14.06 -50.35 21.74
N HIS C 264 -14.05 -49.11 22.22
CA HIS C 264 -14.62 -48.05 21.41
C HIS C 264 -13.83 -47.88 20.12
N LEU C 265 -12.51 -48.07 20.18
CA LEU C 265 -11.67 -48.07 18.98
C LEU C 265 -12.04 -49.22 18.05
N MET C 266 -12.21 -50.42 18.60
CA MET C 266 -12.58 -51.60 17.83
C MET C 266 -13.96 -51.48 17.20
N ARG C 267 -14.78 -50.59 17.71
CA ARG C 267 -16.14 -50.38 17.22
C ARG C 267 -16.26 -49.26 16.21
N ASN C 268 -15.27 -48.38 16.14
CA ASN C 268 -15.25 -47.29 15.17
C ASN C 268 -13.90 -47.37 14.51
N LEU C 269 -13.80 -48.22 13.48
CA LEU C 269 -12.51 -48.50 12.87
C LEU C 269 -11.99 -47.29 12.10
N ASP C 270 -12.89 -46.42 11.70
CA ASP C 270 -12.49 -45.21 11.00
C ASP C 270 -11.54 -44.45 11.87
N GLN C 271 -11.83 -44.40 13.15
CA GLN C 271 -11.01 -43.67 14.05
C GLN C 271 -9.77 -44.45 14.40
N TRP C 272 -9.85 -45.77 14.35
CA TRP C 272 -8.70 -46.62 14.61
C TRP C 272 -7.74 -46.46 13.50
N GLU C 273 -8.28 -46.32 12.30
CA GLU C 273 -7.44 -46.18 11.17
C GLU C 273 -6.81 -44.84 11.22
N ALA C 274 -7.50 -43.86 11.77
CA ALA C 274 -6.98 -42.51 11.84
C ALA C 274 -5.98 -42.33 12.95
N LEU C 275 -6.01 -43.20 13.93
CA LEU C 275 -5.04 -43.15 14.99
C LEU C 275 -3.81 -43.83 14.44
N ARG C 276 -3.97 -44.93 13.73
CA ARG C 276 -2.81 -45.56 13.10
C ARG C 276 -2.16 -44.64 12.11
N GLN C 277 -2.96 -43.83 11.45
CA GLN C 277 -2.41 -42.96 10.44
C GLN C 277 -1.73 -41.72 10.97
N ASP C 278 -2.38 -41.00 11.90
CA ASP C 278 -1.79 -39.74 12.34
C ASP C 278 -0.78 -39.77 13.45
N ARG C 279 -1.08 -40.40 14.57
CA ARG C 279 -0.17 -40.41 15.76
C ARG C 279 0.08 -39.08 16.45
N SER C 280 -0.44 -38.02 15.88
CA SER C 280 -0.32 -36.73 16.50
C SER C 280 -1.65 -36.60 17.14
N LEU C 281 -2.55 -37.52 16.82
CA LEU C 281 -3.88 -37.47 17.34
C LEU C 281 -3.94 -38.25 18.61
N LEU C 282 -3.07 -39.22 18.76
CA LEU C 282 -3.05 -40.05 19.94
C LEU C 282 -3.13 -39.31 21.31
N PRO C 283 -2.26 -38.30 21.64
CA PRO C 283 -2.47 -37.67 22.95
C PRO C 283 -3.90 -37.18 23.16
N GLY C 284 -4.47 -36.49 22.17
CA GLY C 284 -5.85 -36.06 22.29
C GLY C 284 -6.82 -37.22 22.31
N ALA C 285 -6.51 -38.28 21.56
CA ALA C 285 -7.36 -39.47 21.56
C ALA C 285 -7.42 -40.12 22.94
N VAL C 286 -6.29 -40.17 23.64
CA VAL C 286 -6.28 -40.73 24.99
C VAL C 286 -7.18 -39.92 25.90
N GLU C 287 -7.11 -38.59 25.80
CA GLU C 287 -7.99 -37.74 26.58
C GLU C 287 -9.45 -38.01 26.24
N GLU C 288 -9.74 -38.35 24.98
CA GLU C 288 -11.11 -38.66 24.62
C GLU C 288 -11.56 -40.02 25.16
N PHE C 289 -10.66 -40.99 25.24
CA PHE C 289 -11.03 -42.26 25.86
C PHE C 289 -11.43 -42.05 27.31
N LEU C 290 -10.68 -41.22 28.03
CA LEU C 290 -10.99 -40.97 29.44
C LEU C 290 -12.34 -40.28 29.59
N ARG C 291 -12.67 -39.35 28.70
CA ARG C 291 -13.94 -38.65 28.81
C ARG C 291 -15.12 -39.58 28.51
N LEU C 292 -15.07 -40.31 27.38
CA LEU C 292 -16.22 -41.09 26.97
C LEU C 292 -16.47 -42.26 27.90
N GLU C 293 -15.43 -43.04 28.20
CA GLU C 293 -15.54 -44.19 29.10
C GLU C 293 -14.53 -43.96 30.22
N SER C 294 -14.95 -43.23 31.24
CA SER C 294 -14.08 -42.93 32.35
C SER C 294 -13.74 -44.21 33.10
N PRO C 295 -12.46 -44.51 33.33
CA PRO C 295 -12.12 -45.72 34.10
C PRO C 295 -12.75 -45.74 35.47
N LEU C 296 -12.90 -44.58 36.09
CA LEU C 296 -13.68 -44.43 37.32
C LEU C 296 -14.96 -43.67 36.99
N LYS C 297 -16.09 -44.38 37.00
CA LYS C 297 -17.37 -43.71 36.80
C LYS C 297 -17.64 -42.73 37.93
N HIS C 298 -17.24 -43.09 39.16
CA HIS C 298 -17.52 -42.28 40.33
C HIS C 298 -16.23 -41.99 41.09
N ALA C 299 -16.20 -40.84 41.74
CA ALA C 299 -15.14 -40.49 42.68
C ALA C 299 -15.40 -41.15 44.03
N THR C 300 -14.47 -40.96 44.97
CA THR C 300 -14.64 -41.51 46.30
C THR C 300 -15.85 -40.90 47.01
N PHE C 301 -16.39 -41.65 47.96
CA PHE C 301 -17.47 -41.14 48.78
C PHE C 301 -17.00 -39.90 49.55
N ARG C 302 -17.84 -38.88 49.59
CA ARG C 302 -17.55 -37.66 50.33
C ARG C 302 -18.62 -37.43 51.39
N CYS C 303 -18.23 -36.71 52.45
CA CYS C 303 -19.14 -36.38 53.54
C CYS C 303 -19.33 -34.87 53.60
N ALA C 304 -20.55 -34.45 53.89
CA ALA C 304 -20.88 -33.04 54.01
C ALA C 304 -20.57 -32.56 55.42
N THR C 305 -19.63 -31.61 55.55
CA THR C 305 -19.27 -31.06 56.85
C THR C 305 -20.19 -29.93 57.28
N GLU C 306 -21.08 -29.49 56.40
CA GLU C 306 -22.11 -28.51 56.73
C GLU C 306 -23.15 -28.54 55.63
N ASP C 307 -24.32 -27.99 55.93
CA ASP C 307 -25.40 -27.97 54.96
C ASP C 307 -24.97 -27.26 53.69
N LEU C 308 -25.35 -27.84 52.54
CA LEU C 308 -25.01 -27.27 51.25
C LEU C 308 -26.08 -27.64 50.22
N ARG C 309 -26.11 -26.86 49.15
CA ARG C 309 -27.06 -27.02 48.05
C ARG C 309 -26.30 -27.44 46.80
N ILE C 310 -26.71 -28.56 46.21
CA ILE C 310 -26.17 -29.02 44.93
C ILE C 310 -27.30 -28.96 43.92
N GLY C 311 -27.08 -28.23 42.83
CA GLY C 311 -28.17 -27.98 41.90
C GLY C 311 -29.25 -27.20 42.62
N ASP C 312 -30.47 -27.76 42.62
CA ASP C 312 -31.60 -27.14 43.28
C ASP C 312 -32.05 -27.89 44.53
N THR C 313 -31.27 -28.88 44.98
CA THR C 313 -31.63 -29.72 46.12
C THR C 313 -30.67 -29.50 47.28
N ALA C 314 -31.24 -29.39 48.48
CA ALA C 314 -30.46 -29.15 49.70
C ALA C 314 -29.93 -30.46 50.27
N ILE C 315 -28.63 -30.47 50.59
CA ILE C 315 -27.96 -31.65 51.15
C ILE C 315 -27.59 -31.34 52.59
N PRO C 316 -28.17 -32.04 53.58
CA PRO C 316 -27.89 -31.71 54.98
C PRO C 316 -26.50 -32.15 55.40
N ALA C 317 -25.98 -31.47 56.42
CA ALA C 317 -24.69 -31.82 57.00
C ALA C 317 -24.68 -33.27 57.47
N GLY C 318 -23.60 -33.98 57.18
CA GLY C 318 -23.44 -35.35 57.59
C GLY C 318 -23.84 -36.38 56.56
N ASP C 319 -24.52 -35.98 55.49
CA ASP C 319 -24.89 -36.93 54.44
C ASP C 319 -23.68 -37.26 53.58
N PHE C 320 -23.82 -38.31 52.78
CA PHE C 320 -22.75 -38.83 51.94
C PHE C 320 -23.14 -38.69 50.48
N VAL C 321 -22.15 -38.39 49.65
CA VAL C 321 -22.37 -38.00 48.26
C VAL C 321 -21.41 -38.78 47.38
N LEU C 322 -21.89 -39.23 46.23
CA LEU C 322 -21.09 -39.94 45.25
C LEU C 322 -21.10 -39.15 43.96
N LEU C 323 -19.91 -38.71 43.52
CA LEU C 323 -19.79 -37.85 42.36
C LEU C 323 -19.60 -38.69 41.10
N ALA C 324 -20.55 -38.62 40.18
CA ALA C 324 -20.52 -39.40 38.95
C ALA C 324 -19.71 -38.65 37.90
N LEU C 325 -18.42 -38.99 37.80
CA LEU C 325 -17.58 -38.39 36.78
C LEU C 325 -18.00 -38.80 35.38
N ALA C 326 -18.50 -40.04 35.23
CA ALA C 326 -18.98 -40.49 33.93
C ALA C 326 -20.15 -39.64 33.46
N SER C 327 -21.06 -39.29 34.39
CA SER C 327 -22.16 -38.40 34.03
C SER C 327 -21.64 -37.02 33.64
N ALA C 328 -20.70 -36.49 34.41
CA ALA C 328 -20.13 -35.18 34.08
C ALA C 328 -19.44 -35.23 32.73
N ASN C 329 -18.75 -36.33 32.43
CA ASN C 329 -18.03 -36.49 31.19
C ASN C 329 -18.96 -36.79 30.01
N ARG C 330 -20.26 -37.01 30.25
CA ARG C 330 -21.23 -37.20 29.19
C ARG C 330 -22.38 -36.19 29.30
N ASP C 331 -22.08 -34.98 29.78
CA ASP C 331 -23.07 -33.91 29.91
C ASP C 331 -23.16 -33.14 28.60
N PRO C 332 -24.32 -33.12 27.93
CA PRO C 332 -24.45 -32.30 26.71
C PRO C 332 -24.31 -30.81 26.98
N GLU C 333 -24.52 -30.38 28.22
CA GLU C 333 -24.29 -28.99 28.59
C GLU C 333 -22.84 -28.58 28.42
N ARG C 334 -21.91 -29.53 28.45
CA ARG C 334 -20.49 -29.22 28.29
C ARG C 334 -19.87 -29.77 27.02
N PHE C 335 -20.30 -30.95 26.57
CA PHE C 335 -19.72 -31.60 25.41
C PHE C 335 -20.80 -31.88 24.39
N GLY C 336 -20.59 -31.46 23.15
CA GLY C 336 -21.52 -31.77 22.07
C GLY C 336 -21.30 -33.20 21.62
N ASP C 337 -22.42 -33.88 21.31
CA ASP C 337 -22.42 -35.31 21.03
C ASP C 337 -21.73 -36.11 22.15
N PRO C 338 -22.25 -36.02 23.39
CA PRO C 338 -21.52 -36.60 24.52
C PRO C 338 -21.36 -38.11 24.44
N HIS C 339 -22.24 -38.81 23.72
CA HIS C 339 -22.21 -40.27 23.65
C HIS C 339 -21.47 -40.78 22.41
N THR C 340 -20.88 -39.88 21.63
CA THR C 340 -20.13 -40.25 20.43
C THR C 340 -18.64 -40.10 20.69
N LEU C 341 -17.87 -41.08 20.21
CA LEU C 341 -16.41 -41.04 20.28
C LEU C 341 -15.87 -40.16 19.16
N ASP C 342 -15.12 -39.10 19.53
CA ASP C 342 -14.43 -38.25 18.57
C ASP C 342 -13.01 -38.01 19.08
N VAL C 343 -12.03 -38.66 18.43
CA VAL C 343 -10.64 -38.54 18.84
C VAL C 343 -10.05 -37.17 18.53
N ARG C 344 -10.69 -36.38 17.67
CA ARG C 344 -10.23 -35.05 17.32
C ARG C 344 -10.82 -33.98 18.22
N ARG C 345 -11.49 -34.38 19.30
CA ARG C 345 -12.12 -33.47 20.22
C ARG C 345 -11.10 -32.50 20.83
N PRO C 346 -11.56 -31.25 21.15
CA PRO C 346 -10.66 -30.41 21.92
C PRO C 346 -10.45 -31.19 23.20
N THR C 347 -9.22 -31.40 23.59
CA THR C 347 -8.91 -32.25 24.75
C THR C 347 -9.38 -31.86 26.13
N GLY C 348 -9.29 -30.59 26.45
CA GLY C 348 -9.63 -30.20 27.80
C GLY C 348 -11.05 -30.38 28.22
N GLY C 349 -11.26 -30.69 29.49
CA GLY C 349 -12.60 -30.73 29.99
C GLY C 349 -12.94 -31.83 30.90
N HIS C 350 -12.45 -33.02 30.62
CA HIS C 350 -12.86 -34.13 31.40
C HIS C 350 -12.47 -34.07 32.84
N VAL C 351 -13.25 -34.70 33.67
CA VAL C 351 -12.98 -34.76 35.10
C VAL C 351 -12.62 -36.19 35.47
N ALA C 352 -12.13 -36.96 34.50
CA ALA C 352 -11.78 -38.35 34.77
C ALA C 352 -10.67 -38.46 35.82
N PHE C 353 -9.83 -37.42 35.92
CA PHE C 353 -8.79 -37.37 36.93
C PHE C 353 -9.21 -36.61 38.17
N GLY C 354 -10.47 -36.21 38.26
CA GLY C 354 -10.93 -35.45 39.40
C GLY C 354 -10.74 -33.96 39.23
N HIS C 355 -10.77 -33.28 40.36
CA HIS C 355 -10.65 -31.82 40.40
C HIS C 355 -10.38 -31.41 41.83
N GLY C 356 -9.52 -30.40 41.99
CA GLY C 356 -9.18 -29.91 43.31
C GLY C 356 -7.88 -30.47 43.85
N ILE C 357 -7.78 -30.43 45.18
CA ILE C 357 -6.56 -30.87 45.84
C ILE C 357 -6.32 -32.36 45.62
N HIS C 358 -7.38 -33.13 45.36
CA HIS C 358 -7.28 -34.56 45.15
C HIS C 358 -7.15 -34.93 43.67
N TYR C 359 -6.84 -33.95 42.81
CA TYR C 359 -6.62 -34.24 41.41
C TYR C 359 -5.58 -35.35 41.26
N CYS C 360 -5.83 -36.25 40.33
CA CYS C 360 -5.08 -37.50 40.23
C CYS C 360 -3.58 -37.25 40.19
N LEU C 361 -2.87 -37.93 41.08
CA LEU C 361 -1.41 -37.79 41.13
C LEU C 361 -0.75 -38.64 40.06
N GLY C 362 -1.37 -39.75 39.68
CA GLY C 362 -0.82 -40.60 38.65
C GLY C 362 -1.22 -40.19 37.25
N ALA C 363 -1.81 -39.01 37.10
CA ALA C 363 -2.27 -38.57 35.78
C ALA C 363 -1.14 -38.52 34.76
N PRO C 364 0.00 -37.86 35.02
CA PRO C 364 1.09 -37.92 34.01
C PRO C 364 1.52 -39.34 33.70
N LEU C 365 1.64 -40.20 34.72
CA LEU C 365 2.06 -41.58 34.48
C LEU C 365 1.02 -42.34 33.66
N ALA C 366 -0.26 -42.18 34.00
CA ALA C 366 -1.31 -42.88 33.27
C ALA C 366 -1.36 -42.45 31.82
N ARG C 367 -1.22 -41.15 31.56
CA ARG C 367 -1.22 -40.66 30.19
C ARG C 367 -0.04 -41.24 29.39
N MET C 368 1.16 -41.23 29.99
CA MET C 368 2.33 -41.77 29.30
C MET C 368 2.16 -43.25 29.02
N GLU C 369 1.70 -44.02 30.01
CA GLU C 369 1.48 -45.45 29.82
C GLU C 369 0.53 -45.70 28.66
N ALA C 370 -0.61 -45.01 28.64
CA ALA C 370 -1.60 -45.21 27.58
C ALA C 370 -1.04 -44.83 26.23
N GLN C 371 -0.35 -43.69 26.14
CA GLN C 371 0.23 -43.27 24.86
C GLN C 371 1.21 -44.30 24.34
N VAL C 372 2.13 -44.76 25.20
CA VAL C 372 3.10 -45.76 24.78
C VAL C 372 2.38 -47.07 24.47
N ALA C 373 1.47 -47.49 25.35
CA ALA C 373 0.79 -48.77 25.18
C ALA C 373 -0.07 -48.78 23.92
N PHE C 374 -0.82 -47.71 23.69
CA PHE C 374 -1.63 -47.63 22.47
C PHE C 374 -0.76 -47.57 21.23
N GLY C 375 0.31 -46.75 21.28
CA GLY C 375 1.16 -46.56 20.12
C GLY C 375 1.75 -47.85 19.60
N VAL C 376 2.15 -48.74 20.49
CA VAL C 376 2.64 -50.04 20.03
C VAL C 376 1.53 -50.82 19.35
N LEU C 377 0.29 -50.73 19.87
CA LEU C 377 -0.84 -51.44 19.29
C LEU C 377 -1.15 -51.00 17.87
N LEU C 378 -0.81 -49.76 17.49
CA LEU C 378 -1.01 -49.37 16.10
C LEU C 378 0.11 -49.86 15.20
N ASP C 379 1.35 -49.90 15.68
CA ASP C 379 2.44 -50.46 14.87
C ASP C 379 2.30 -51.96 14.73
N THR C 380 2.10 -52.65 15.85
CA THR C 380 1.97 -54.11 15.87
C THR C 380 0.50 -54.48 16.01
N PHE C 381 0.06 -55.44 15.21
CA PHE C 381 -1.35 -55.82 15.09
C PHE C 381 -2.21 -54.63 14.65
N PRO C 382 -1.86 -53.91 13.58
CA PRO C 382 -2.71 -52.78 13.15
C PRO C 382 -4.06 -53.22 12.61
N ALA C 383 -4.22 -54.51 12.31
CA ALA C 383 -5.43 -55.04 11.70
C ALA C 383 -6.28 -55.81 12.70
N MET C 384 -6.05 -55.60 13.99
CA MET C 384 -6.79 -56.35 14.98
C MET C 384 -8.26 -55.91 15.04
N ARG C 385 -9.14 -56.86 15.32
CA ARG C 385 -10.58 -56.64 15.35
C ARG C 385 -11.19 -57.36 16.53
N LEU C 386 -12.35 -56.86 16.96
CA LEU C 386 -13.08 -57.50 18.04
C LEU C 386 -13.44 -58.93 17.68
N ALA C 387 -13.26 -59.85 18.62
CA ALA C 387 -13.53 -61.26 18.39
C ALA C 387 -14.95 -61.68 18.76
N VAL C 388 -15.71 -60.82 19.42
CA VAL C 388 -17.12 -61.11 19.70
C VAL C 388 -17.96 -59.89 19.33
N ASP C 389 -19.27 -60.00 19.47
CA ASP C 389 -20.15 -58.88 19.17
C ASP C 389 -20.15 -58.00 20.36
N PRO C 390 -20.13 -56.70 20.13
CA PRO C 390 -20.07 -55.75 21.23
C PRO C 390 -21.02 -56.08 22.36
N GLU C 391 -22.29 -56.24 22.05
CA GLU C 391 -23.30 -56.49 23.08
C GLU C 391 -23.06 -57.77 23.87
N ASP C 392 -22.16 -58.64 23.42
CA ASP C 392 -21.89 -59.88 24.13
C ASP C 392 -20.79 -59.71 25.16
N MET C 393 -20.32 -58.47 25.34
CA MET C 393 -19.29 -58.15 26.31
C MET C 393 -19.92 -57.45 27.50
N ARG C 394 -19.52 -57.87 28.69
CA ARG C 394 -20.16 -57.41 29.92
C ARG C 394 -19.15 -56.62 30.73
N TRP C 395 -19.66 -55.90 31.72
CA TRP C 395 -18.86 -54.99 32.54
C TRP C 395 -18.78 -55.52 33.95
N ARG C 396 -17.61 -55.35 34.57
CA ARG C 396 -17.42 -55.85 35.92
C ARG C 396 -18.31 -55.10 36.90
N THR C 397 -18.68 -55.80 37.97
CA THR C 397 -19.59 -55.26 38.98
C THR C 397 -18.76 -54.49 40.00
N SER C 398 -18.78 -53.16 39.92
CA SER C 398 -17.98 -52.34 40.81
C SER C 398 -18.70 -51.05 41.15
N THR C 399 -18.55 -50.63 42.40
CA THR C 399 -19.18 -49.38 42.85
C THR C 399 -18.58 -48.16 42.15
N LEU C 400 -17.27 -48.18 41.91
CA LEU C 400 -16.58 -47.03 41.33
C LEU C 400 -15.98 -47.27 39.96
N ILE C 401 -15.70 -48.51 39.58
CA ILE C 401 -14.86 -48.82 38.44
C ILE C 401 -15.70 -49.15 37.21
N ARG C 402 -15.21 -48.70 36.05
CA ARG C 402 -15.80 -49.01 34.75
C ARG C 402 -14.75 -49.76 33.92
N GLY C 403 -14.85 -51.08 33.91
CA GLY C 403 -13.91 -51.90 33.17
C GLY C 403 -14.59 -53.17 32.70
N LEU C 404 -14.00 -53.78 31.67
CA LEU C 404 -14.58 -54.95 31.05
C LEU C 404 -14.08 -56.23 31.71
N HIS C 405 -14.93 -57.27 31.66
CA HIS C 405 -14.51 -58.60 32.08
C HIS C 405 -13.41 -59.13 31.18
N SER C 406 -13.55 -58.93 29.88
CA SER C 406 -12.56 -59.40 28.90
C SER C 406 -12.66 -58.52 27.67
N LEU C 407 -11.67 -58.67 26.79
CA LEU C 407 -11.64 -57.94 25.51
C LEU C 407 -11.01 -58.84 24.46
N PRO C 408 -11.74 -59.86 24.01
CA PRO C 408 -11.19 -60.75 22.98
C PRO C 408 -11.08 -60.03 21.66
N VAL C 409 -9.96 -60.24 20.98
CA VAL C 409 -9.65 -59.57 19.73
C VAL C 409 -8.89 -60.56 18.85
N ARG C 410 -8.93 -60.33 17.54
CA ARG C 410 -8.17 -61.12 16.57
C ARG C 410 -7.11 -60.22 15.95
N LEU C 411 -5.87 -60.71 15.89
CA LEU C 411 -4.72 -59.89 15.52
C LEU C 411 -4.20 -60.16 14.11
N ASN C 412 -3.89 -61.43 13.80
CA ASN C 412 -3.24 -61.81 12.55
C ASN C 412 -1.84 -61.20 12.47
N PRO D 10 -2.25 54.56 -44.46
CA PRO D 10 -0.86 54.10 -44.34
C PRO D 10 -0.07 54.88 -43.30
N LEU D 11 0.32 54.22 -42.20
CA LEU D 11 0.98 54.92 -41.10
C LEU D 11 2.39 55.33 -41.51
N GLU D 12 2.70 56.60 -41.31
CA GLU D 12 4.05 57.10 -41.53
C GLU D 12 4.85 56.90 -40.25
N LEU D 13 5.93 56.14 -40.31
CA LEU D 13 6.75 55.82 -39.14
C LEU D 13 7.80 56.89 -38.94
N ASP D 14 8.00 57.31 -37.70
CA ASP D 14 8.91 58.39 -37.42
C ASP D 14 10.17 57.91 -36.77
N ASP D 15 10.92 58.82 -36.18
CA ASP D 15 12.18 58.43 -35.61
C ASP D 15 12.01 57.93 -34.24
N ALA D 16 10.80 57.97 -33.74
CA ALA D 16 10.53 57.42 -32.44
C ALA D 16 10.30 55.95 -32.63
N PHE D 17 9.94 55.58 -33.85
CA PHE D 17 9.78 54.19 -34.16
C PHE D 17 11.19 53.66 -34.15
N MET D 18 12.10 54.47 -34.61
CA MET D 18 13.48 54.00 -34.73
C MET D 18 14.12 53.83 -33.36
N GLN D 19 13.87 54.76 -32.44
CA GLN D 19 14.45 54.65 -31.11
C GLN D 19 13.72 53.59 -30.29
N ASP D 20 12.40 53.53 -30.38
CA ASP D 20 11.57 52.59 -29.62
C ASP D 20 10.56 51.92 -30.55
N PRO D 21 10.98 50.95 -31.35
CA PRO D 21 10.02 50.23 -32.19
C PRO D 21 9.13 49.29 -31.41
N HIS D 22 9.60 48.81 -30.26
CA HIS D 22 8.87 47.78 -29.51
C HIS D 22 7.52 48.29 -29.01
N SER D 23 7.47 49.52 -28.50
CA SER D 23 6.19 50.10 -28.09
C SER D 23 5.23 50.22 -29.26
N VAL D 24 5.73 50.62 -30.42
CA VAL D 24 4.87 50.74 -31.60
C VAL D 24 4.30 49.37 -31.96
N TYR D 25 5.13 48.32 -31.95
CA TYR D 25 4.66 46.99 -32.30
C TYR D 25 3.51 46.56 -31.39
N ALA D 26 3.65 46.80 -30.09
CA ALA D 26 2.60 46.41 -29.15
C ALA D 26 1.30 47.13 -29.46
N ARG D 27 1.38 48.42 -29.79
CA ARG D 27 0.20 49.16 -30.21
C ARG D 27 -0.42 48.54 -31.46
N LEU D 28 0.40 48.30 -32.48
CA LEU D 28 -0.11 47.72 -33.72
C LEU D 28 -0.63 46.30 -33.51
N ASN D 29 0.14 45.48 -32.77
CA ASN D 29 -0.26 44.09 -32.59
C ASN D 29 -1.58 43.97 -31.82
N ALA D 30 -1.86 44.92 -30.93
CA ALA D 30 -3.11 44.90 -30.19
C ALA D 30 -4.32 45.00 -31.12
N GLU D 31 -4.15 45.59 -32.30
CA GLU D 31 -5.25 45.76 -33.25
C GLU D 31 -5.32 44.68 -34.31
N GLY D 32 -4.21 44.01 -34.59
CA GLY D 32 -4.17 43.05 -35.67
C GLY D 32 -2.74 42.59 -35.89
N SER D 33 -2.55 41.85 -36.98
CA SER D 33 -1.23 41.33 -37.32
C SER D 33 -0.62 41.97 -38.55
N ALA D 34 -1.41 42.66 -39.38
CA ALA D 34 -0.92 43.24 -40.62
C ALA D 34 -1.40 44.69 -40.73
N HIS D 35 -0.45 45.61 -40.91
CA HIS D 35 -0.75 47.03 -40.99
C HIS D 35 0.07 47.69 -42.09
N ARG D 36 -0.59 48.53 -42.89
CA ARG D 36 0.08 49.28 -43.95
C ARG D 36 0.84 50.46 -43.35
N VAL D 37 2.14 50.38 -43.49
CA VAL D 37 3.00 51.41 -42.90
C VAL D 37 3.82 51.96 -44.03
N MET D 38 4.58 52.99 -43.73
CA MET D 38 5.49 53.60 -44.71
C MET D 38 6.68 53.92 -43.83
N MET D 39 7.86 53.83 -44.39
CA MET D 39 9.04 54.05 -43.53
C MET D 39 9.30 55.55 -43.51
N PRO D 40 10.09 56.09 -42.55
CA PRO D 40 10.39 57.50 -42.53
C PRO D 40 10.85 57.89 -43.92
N PRO D 41 10.35 58.99 -44.50
CA PRO D 41 10.68 59.33 -45.88
C PRO D 41 12.13 59.77 -46.11
N GLY D 42 12.83 60.20 -45.06
CA GLY D 42 14.20 60.73 -45.21
C GLY D 42 15.21 59.63 -45.04
N VAL D 43 14.75 58.39 -45.09
CA VAL D 43 15.62 57.22 -44.95
C VAL D 43 16.17 56.83 -46.32
N PRO D 44 17.47 56.56 -46.43
CA PRO D 44 18.16 56.55 -47.75
C PRO D 44 17.53 55.88 -48.95
N VAL D 45 17.25 54.58 -48.88
CA VAL D 45 16.79 53.87 -50.12
C VAL D 45 15.37 53.36 -50.01
N CYS D 46 15.05 52.77 -48.87
CA CYS D 46 13.72 52.15 -48.66
C CYS D 46 12.75 53.25 -48.24
N GLY D 47 13.25 54.43 -47.90
CA GLY D 47 12.42 55.55 -47.39
C GLY D 47 11.16 55.91 -48.15
N GLY D 48 10.02 55.97 -47.46
CA GLY D 48 8.77 56.42 -48.09
C GLY D 48 8.02 55.35 -48.87
N LEU D 49 8.30 54.07 -48.62
CA LEU D 49 7.61 53.07 -49.44
C LEU D 49 6.55 52.35 -48.64
N PRO D 50 5.32 52.25 -49.14
CA PRO D 50 4.26 51.58 -48.39
C PRO D 50 4.44 50.06 -48.44
N VAL D 51 4.40 49.43 -47.25
CA VAL D 51 4.51 47.98 -47.13
C VAL D 51 3.63 47.51 -45.99
N TRP D 52 3.34 46.21 -45.99
CA TRP D 52 2.60 45.58 -44.90
C TRP D 52 3.56 45.18 -43.80
N LEU D 53 3.29 45.64 -42.57
CA LEU D 53 4.05 45.24 -41.40
C LEU D 53 3.31 44.10 -40.70
N ILE D 54 4.04 43.04 -40.37
CA ILE D 54 3.47 41.86 -39.70
C ILE D 54 4.02 41.80 -38.29
N THR D 55 3.12 41.66 -37.30
CA THR D 55 3.45 41.95 -35.90
C THR D 55 3.11 40.83 -34.93
N GLY D 56 3.20 39.56 -35.31
CA GLY D 56 2.80 38.50 -34.40
C GLY D 56 3.69 37.27 -34.52
N TYR D 57 3.93 36.64 -33.36
CA TYR D 57 4.85 35.51 -33.33
C TYR D 57 4.41 34.39 -34.27
N GLU D 58 3.18 33.91 -34.10
CA GLU D 58 2.66 32.87 -34.96
C GLU D 58 2.60 33.35 -36.41
N GLU D 59 2.13 34.58 -36.61
CA GLU D 59 1.98 35.11 -37.97
C GLU D 59 3.32 35.40 -38.62
N VAL D 60 4.26 35.99 -37.88
CA VAL D 60 5.58 36.26 -38.45
C VAL D 60 6.33 34.97 -38.72
N ARG D 61 6.31 34.03 -37.76
CA ARG D 61 6.99 32.76 -37.98
C ARG D 61 6.37 32.01 -39.15
N SER D 62 5.07 32.09 -39.31
CA SER D 62 4.49 31.45 -40.46
C SER D 62 4.89 32.17 -41.70
N ALA D 63 4.81 33.50 -41.66
CA ALA D 63 5.12 34.28 -42.85
C ALA D 63 6.55 34.05 -43.32
N LEU D 64 7.48 33.83 -42.39
CA LEU D 64 8.88 33.62 -42.77
C LEU D 64 9.03 32.41 -43.70
N ALA D 65 8.29 31.34 -43.42
CA ALA D 65 8.37 30.12 -44.20
C ALA D 65 7.21 29.95 -45.18
N ASP D 66 6.39 30.97 -45.33
CA ASP D 66 5.22 30.86 -46.20
C ASP D 66 5.66 30.75 -47.66
N PRO D 67 5.21 29.74 -48.40
CA PRO D 67 5.61 29.59 -49.80
C PRO D 67 5.09 30.70 -50.71
N ARG D 68 4.11 31.48 -50.27
CA ARG D 68 3.55 32.55 -51.09
C ARG D 68 4.26 33.88 -50.92
N LEU D 69 5.26 33.95 -50.03
CA LEU D 69 6.06 35.14 -49.84
C LEU D 69 7.43 34.90 -50.46
N SER D 70 7.80 35.74 -51.42
CA SER D 70 9.03 35.56 -52.18
C SER D 70 10.01 36.65 -51.81
N THR D 71 11.29 36.27 -51.73
CA THR D 71 12.37 37.21 -51.50
C THR D 71 13.11 37.58 -52.77
N ASP D 72 12.54 37.20 -53.93
CA ASP D 72 13.23 37.38 -55.20
C ASP D 72 13.55 38.84 -55.46
N LEU D 73 14.81 39.10 -55.82
CA LEU D 73 15.24 40.46 -56.11
C LEU D 73 14.45 41.06 -57.27
N ASN D 74 14.09 40.24 -58.26
CA ASN D 74 13.32 40.74 -59.40
C ASN D 74 11.94 41.23 -58.98
N ARG D 75 11.31 40.53 -58.03
CA ARG D 75 9.98 40.94 -57.59
C ARG D 75 10.05 42.21 -56.74
N THR D 76 11.01 42.29 -55.81
CA THR D 76 11.13 43.46 -54.97
C THR D 76 11.68 44.68 -55.72
N ASP D 77 12.11 44.49 -56.97
CA ASP D 77 12.60 45.61 -57.78
C ASP D 77 11.52 46.69 -57.93
N ARG D 78 10.31 46.35 -58.13
CA ARG D 78 9.26 47.34 -58.32
C ARG D 78 9.10 48.19 -57.08
N LEU D 79 9.22 47.54 -55.90
CA LEU D 79 9.16 48.35 -54.68
C LEU D 79 10.27 49.40 -54.66
N PHE D 80 11.51 48.98 -54.92
CA PHE D 80 12.65 49.90 -54.81
C PHE D 80 12.65 50.93 -55.93
N ALA D 81 12.16 50.58 -57.12
CA ALA D 81 12.09 51.52 -58.23
C ALA D 81 11.24 52.74 -57.92
N GLN D 82 10.37 52.64 -56.91
CA GLN D 82 9.56 53.78 -56.50
C GLN D 82 10.40 54.95 -56.00
N ASN D 83 11.56 54.66 -55.43
CA ASN D 83 12.37 55.71 -54.77
C ASN D 83 13.76 55.90 -55.40
N GLU D 84 14.41 54.83 -55.84
CA GLU D 84 15.72 55.01 -56.53
C GLU D 84 15.73 54.23 -57.82
N PRO D 85 15.39 54.86 -58.96
CA PRO D 85 15.27 54.14 -60.22
C PRO D 85 16.49 53.30 -60.61
N ASP D 86 17.69 53.83 -60.37
CA ASP D 86 18.91 53.10 -60.77
C ASP D 86 19.07 51.90 -59.85
N ARG D 87 19.32 50.72 -60.37
CA ARG D 87 19.45 49.52 -59.55
C ARG D 87 20.71 49.43 -58.71
N ASN D 88 21.80 50.04 -59.14
CA ASN D 88 23.06 49.87 -58.43
C ASN D 88 23.45 50.99 -57.53
N LYS D 89 22.48 51.80 -57.15
CA LYS D 89 22.75 52.85 -56.20
C LYS D 89 21.75 52.61 -55.10
N ARG D 90 21.17 51.41 -55.07
CA ARG D 90 20.15 51.09 -54.09
C ARG D 90 20.70 50.60 -52.79
N GLY D 91 21.94 50.90 -52.54
CA GLY D 91 22.51 50.53 -51.27
C GLY D 91 22.96 49.12 -51.22
N ALA D 92 22.58 48.43 -50.17
CA ALA D 92 22.92 47.06 -50.03
C ALA D 92 21.93 46.26 -50.79
N PHE D 93 20.94 46.93 -51.35
CA PHE D 93 19.92 46.26 -52.10
C PHE D 93 20.18 46.56 -53.52
N SER D 94 21.42 46.84 -53.83
CA SER D 94 21.81 47.09 -55.20
C SER D 94 21.93 45.78 -55.91
N SER D 95 21.53 45.74 -57.16
CA SER D 95 21.55 44.49 -57.90
C SER D 95 22.89 43.79 -57.86
N ALA D 96 23.93 44.47 -58.27
CA ALA D 96 25.29 43.94 -58.25
C ALA D 96 25.68 43.40 -56.88
N LEU D 97 24.93 43.75 -55.83
CA LEU D 97 25.28 43.33 -54.47
C LEU D 97 24.24 42.46 -53.79
N ALA D 98 22.98 42.48 -54.23
CA ALA D 98 21.92 41.78 -53.53
C ALA D 98 21.43 40.55 -54.26
N THR D 99 22.00 40.22 -55.42
CA THR D 99 21.60 39.04 -56.18
C THR D 99 22.28 37.81 -55.57
N HIS D 100 21.81 37.44 -54.38
CA HIS D 100 22.37 36.29 -53.68
C HIS D 100 21.27 35.34 -53.21
N MET D 101 21.65 34.35 -52.40
CA MET D 101 20.74 33.28 -52.02
C MET D 101 19.53 33.81 -51.25
N LEU D 102 19.74 34.80 -50.38
CA LEU D 102 18.64 35.30 -49.57
C LEU D 102 17.57 35.96 -50.44
N HIS D 103 17.96 36.52 -51.58
CA HIS D 103 17.04 37.22 -52.47
C HIS D 103 16.74 36.41 -53.72
N SER D 104 16.60 35.09 -53.55
CA SER D 104 16.28 34.20 -54.65
C SER D 104 15.29 33.14 -54.15
N ASP D 105 14.54 32.59 -55.09
CA ASP D 105 13.53 31.57 -54.80
C ASP D 105 14.18 30.19 -54.83
N PRO D 106 13.51 29.17 -54.31
CA PRO D 106 14.22 27.92 -53.90
C PRO D 106 15.08 27.30 -54.99
N PRO D 107 14.66 27.28 -56.29
CA PRO D 107 15.54 26.67 -57.31
C PRO D 107 16.94 27.27 -57.26
N ASP D 108 17.03 28.60 -57.40
CA ASP D 108 18.33 29.25 -57.35
C ASP D 108 18.88 29.28 -55.93
N HIS D 109 18.01 29.33 -54.91
CA HIS D 109 18.47 29.40 -53.53
C HIS D 109 19.22 28.14 -53.12
N THR D 110 18.72 26.97 -53.54
CA THR D 110 19.43 25.73 -53.24
C THR D 110 20.80 25.69 -53.90
N ARG D 111 20.86 26.12 -55.17
CA ARG D 111 22.14 26.14 -55.89
C ARG D 111 23.14 27.04 -55.18
N LEU D 112 22.70 28.23 -54.76
CA LEU D 112 23.62 29.17 -54.13
C LEU D 112 24.01 28.74 -52.72
N ARG D 113 23.04 28.23 -51.95
CA ARG D 113 23.36 27.83 -50.58
C ARG D 113 24.28 26.61 -50.54
N LYS D 114 24.16 25.71 -51.52
CA LYS D 114 24.99 24.52 -51.54
C LYS D 114 26.47 24.88 -51.71
N LEU D 115 26.75 26.02 -52.32
CA LEU D 115 28.13 26.42 -52.59
C LEU D 115 28.92 26.67 -51.30
N VAL D 116 28.27 27.11 -50.22
CA VAL D 116 29.00 27.54 -49.04
C VAL D 116 28.48 26.92 -47.75
N ASN D 117 27.35 26.22 -47.83
CA ASN D 117 26.70 25.78 -46.59
C ASN D 117 27.57 24.80 -45.82
N LYS D 118 28.38 23.99 -46.52
CA LYS D 118 29.20 22.99 -45.84
C LYS D 118 30.24 23.63 -44.92
N ALA D 119 30.66 24.86 -45.20
CA ALA D 119 31.69 25.52 -44.42
C ALA D 119 31.14 26.27 -43.22
N PHE D 120 29.83 26.50 -43.14
CA PHE D 120 29.22 27.22 -42.04
C PHE D 120 28.46 26.31 -41.09
N THR D 121 28.64 25.00 -41.19
CA THR D 121 28.01 24.06 -40.28
C THR D 121 28.56 24.22 -38.86
N SER D 122 27.76 23.78 -37.88
CA SER D 122 28.16 23.87 -36.47
C SER D 122 29.49 23.19 -36.21
N ARG D 123 29.68 21.99 -36.80
CA ARG D 123 30.95 21.28 -36.62
C ARG D 123 32.11 22.06 -37.24
N ALA D 124 31.91 22.61 -38.44
CA ALA D 124 32.97 23.37 -39.11
C ALA D 124 33.36 24.59 -38.30
N ILE D 125 32.38 25.38 -37.87
CA ILE D 125 32.69 26.59 -37.11
C ILE D 125 33.29 26.25 -35.76
N GLU D 126 32.99 25.06 -35.23
CA GLU D 126 33.60 24.64 -33.98
C GLU D 126 35.11 24.52 -34.11
N LYS D 127 35.59 24.18 -35.31
CA LYS D 127 37.03 24.10 -35.54
C LYS D 127 37.71 25.46 -35.40
N LEU D 128 36.94 26.55 -35.45
CA LEU D 128 37.48 27.90 -35.43
C LEU D 128 37.56 28.49 -34.02
N ARG D 129 37.15 27.74 -33.00
CA ARG D 129 37.19 28.24 -31.62
C ARG D 129 38.56 28.77 -31.22
N PRO D 130 39.68 28.07 -31.48
CA PRO D 130 40.97 28.66 -31.08
C PRO D 130 41.26 30.00 -31.73
N GLU D 131 40.99 30.13 -33.03
CA GLU D 131 41.25 31.40 -33.71
C GLU D 131 40.37 32.52 -33.16
N ILE D 132 39.08 32.23 -32.94
CA ILE D 132 38.16 33.26 -32.45
C ILE D 132 38.57 33.73 -31.07
N GLU D 133 38.95 32.79 -30.18
CA GLU D 133 39.49 33.18 -28.88
C GLU D 133 40.75 34.01 -29.04
N GLN D 134 41.61 33.64 -30.00
CA GLN D 134 42.82 34.41 -30.25
C GLN D 134 42.49 35.86 -30.62
N ILE D 135 41.61 36.04 -31.59
CA ILE D 135 41.23 37.38 -32.04
C ILE D 135 40.62 38.17 -30.91
N THR D 136 39.73 37.56 -30.17
CA THR D 136 39.16 38.21 -28.99
C THR D 136 40.25 38.66 -28.02
N GLY D 137 41.23 37.82 -27.78
CA GLY D 137 42.29 38.16 -26.84
C GLY D 137 43.21 39.25 -27.27
N GLU D 138 43.41 39.38 -28.57
CA GLU D 138 44.24 40.43 -29.07
C GLU D 138 43.55 41.76 -28.97
N LEU D 139 42.24 41.78 -29.13
CA LEU D 139 41.50 43.03 -29.08
C LEU D 139 41.24 43.45 -27.68
N LEU D 140 41.44 42.55 -26.75
CA LEU D 140 41.21 42.85 -25.37
C LEU D 140 42.42 43.52 -24.82
N ALA D 141 43.56 43.09 -25.27
CA ALA D 141 44.79 43.66 -24.80
C ALA D 141 44.95 45.01 -25.42
N ALA D 142 44.49 45.13 -26.66
CA ALA D 142 44.65 46.37 -27.35
C ALA D 142 43.58 47.40 -27.07
N LEU D 143 42.58 47.07 -26.27
CA LEU D 143 41.58 48.08 -25.95
C LEU D 143 42.14 49.14 -25.03
N PRO D 144 41.67 50.42 -25.14
CA PRO D 144 42.11 51.48 -24.25
C PRO D 144 42.20 51.29 -22.74
N ASP D 145 43.18 51.91 -22.12
CA ASP D 145 43.36 51.84 -20.69
C ASP D 145 42.59 52.95 -20.11
N GLU D 146 41.60 53.41 -20.82
CA GLU D 146 40.86 54.55 -20.39
C GLU D 146 39.55 54.08 -19.97
N ASP D 147 38.89 54.87 -19.18
CA ASP D 147 37.55 54.51 -18.82
C ASP D 147 36.39 55.01 -19.62
N PRO D 148 36.65 55.89 -20.57
CA PRO D 148 35.47 56.09 -21.39
C PRO D 148 35.79 55.18 -22.55
N VAL D 149 35.30 53.94 -22.52
CA VAL D 149 35.52 53.01 -23.63
C VAL D 149 34.28 52.57 -24.42
N ASP D 150 34.32 52.71 -25.74
CA ASP D 150 33.20 52.31 -26.60
C ASP D 150 33.31 50.87 -26.90
N LEU D 151 32.63 50.04 -26.14
CA LEU D 151 32.77 48.63 -26.32
C LEU D 151 32.44 48.32 -27.74
N LEU D 152 31.55 49.10 -28.34
CA LEU D 152 31.23 48.91 -29.73
C LEU D 152 32.41 49.15 -30.63
N ASP D 153 32.91 50.37 -30.67
CA ASP D 153 33.97 50.65 -31.63
C ASP D 153 35.24 49.92 -31.25
N ALA D 154 35.53 49.79 -29.96
CA ALA D 154 36.76 49.18 -29.53
C ALA D 154 36.74 47.65 -29.65
N PHE D 155 35.62 47.02 -29.28
CA PHE D 155 35.58 45.56 -29.20
C PHE D 155 34.54 44.91 -30.09
N ALA D 156 33.27 45.33 -29.97
CA ALA D 156 32.19 44.60 -30.63
C ALA D 156 32.31 44.67 -32.14
N PHE D 157 32.67 45.84 -32.66
CA PHE D 157 32.78 46.00 -34.12
C PHE D 157 33.93 45.20 -34.73
N PRO D 158 35.19 45.33 -34.28
CA PRO D 158 36.27 44.63 -34.99
C PRO D 158 36.18 43.11 -34.96
N LEU D 159 35.63 42.52 -33.90
CA LEU D 159 35.69 41.07 -33.74
C LEU D 159 35.02 40.30 -34.87
N PRO D 160 33.74 40.50 -35.19
CA PRO D 160 33.14 39.74 -36.29
C PRO D 160 33.78 39.99 -37.64
N ILE D 161 34.21 41.24 -37.91
CA ILE D 161 34.76 41.54 -39.23
C ILE D 161 36.08 40.83 -39.47
N ARG D 162 36.92 40.68 -38.45
CA ARG D 162 38.15 39.91 -38.65
C ARG D 162 37.87 38.42 -38.79
N VAL D 163 36.96 37.87 -37.97
CA VAL D 163 36.66 36.45 -38.10
C VAL D 163 36.16 36.14 -39.51
N ILE D 164 35.28 36.99 -40.05
CA ILE D 164 34.81 36.80 -41.42
C ILE D 164 35.97 36.98 -42.41
N CYS D 165 36.81 37.99 -42.19
CA CYS D 165 37.95 38.20 -43.07
C CYS D 165 38.87 36.98 -43.04
N LEU D 166 39.01 36.38 -41.85
CA LEU D 166 39.72 35.10 -41.73
C LEU D 166 39.02 34.02 -42.54
N LEU D 167 37.69 33.98 -42.46
CA LEU D 167 36.94 32.96 -43.19
C LEU D 167 36.98 33.25 -44.69
N LEU D 168 37.21 34.50 -45.07
CA LEU D 168 37.15 34.90 -46.51
C LEU D 168 38.52 35.19 -47.11
N GLY D 169 39.60 35.20 -46.31
CA GLY D 169 40.95 35.36 -46.90
C GLY D 169 41.36 36.80 -47.17
N VAL D 170 40.87 37.75 -46.39
CA VAL D 170 41.33 39.15 -46.53
C VAL D 170 42.06 39.48 -45.23
N PRO D 171 43.14 40.28 -45.22
CA PRO D 171 43.77 40.66 -43.95
C PRO D 171 42.74 41.05 -42.89
N ASN D 177 36.95 46.44 -43.03
CA ASN D 177 37.07 47.13 -41.75
C ASN D 177 37.23 48.61 -41.98
N PHE D 178 36.37 49.18 -42.82
CA PHE D 178 36.42 50.61 -43.11
C PHE D 178 35.06 51.12 -42.83
N LYS D 179 34.72 51.21 -41.56
CA LYS D 179 33.39 51.62 -41.17
C LYS D 179 32.86 52.88 -41.80
N SER D 180 33.70 53.86 -42.07
CA SER D 180 33.26 55.16 -42.54
C SER D 180 32.17 55.20 -43.56
N TRP D 181 32.36 54.50 -44.67
CA TRP D 181 31.28 54.42 -45.69
C TRP D 181 30.45 53.16 -45.47
N SER D 182 31.04 52.08 -44.98
CA SER D 182 30.33 50.79 -44.86
C SER D 182 29.13 50.90 -43.92
N LYS D 183 29.19 51.70 -42.86
CA LYS D 183 28.06 51.79 -41.90
C LYS D 183 26.86 52.37 -42.65
N ALA D 184 27.12 53.13 -43.70
CA ALA D 184 26.04 53.81 -44.44
C ALA D 184 25.70 53.07 -45.71
N LEU D 185 25.43 51.77 -45.63
CA LEU D 185 24.93 51.00 -46.79
C LEU D 185 23.71 50.41 -46.13
N VAL D 186 23.76 50.39 -44.80
CA VAL D 186 22.70 49.75 -43.99
C VAL D 186 22.06 50.85 -43.16
N SER D 187 22.89 51.69 -42.54
CA SER D 187 22.34 52.81 -41.75
C SER D 187 22.44 54.06 -42.60
N GLY D 188 21.92 55.18 -42.10
CA GLY D 188 22.10 56.39 -42.82
C GLY D 188 21.03 57.42 -42.72
N ASP D 189 21.36 58.63 -43.16
CA ASP D 189 20.36 59.68 -43.24
C ASP D 189 20.58 60.32 -44.55
N SER D 190 21.65 59.91 -45.20
CA SER D 190 21.96 60.50 -46.46
C SER D 190 21.86 59.58 -47.59
N PRO D 191 21.00 59.92 -48.51
CA PRO D 191 20.93 59.14 -49.71
C PRO D 191 22.23 59.18 -50.41
N ALA D 192 22.96 60.27 -50.33
CA ALA D 192 24.20 60.42 -51.05
C ALA D 192 25.29 59.68 -50.41
N ALA D 193 25.13 59.35 -49.16
CA ALA D 193 26.08 58.57 -48.46
C ALA D 193 25.79 57.10 -48.53
N THR D 194 24.59 56.71 -48.87
CA THR D 194 24.34 55.31 -48.97
C THR D 194 24.79 55.04 -50.34
N ALA D 195 24.42 55.90 -51.24
CA ALA D 195 24.99 55.75 -52.57
C ALA D 195 26.48 55.81 -52.49
N ALA D 196 27.01 56.49 -51.46
CA ALA D 196 28.47 56.49 -51.27
C ALA D 196 29.06 55.09 -51.06
N ALA D 197 28.50 54.30 -50.10
CA ALA D 197 29.06 53.01 -49.88
C ALA D 197 28.81 52.06 -51.04
N SER D 198 27.70 52.23 -51.78
CA SER D 198 27.33 51.26 -52.81
C SER D 198 28.36 51.14 -53.94
N THR D 199 28.67 52.22 -54.64
CA THR D 199 29.57 52.12 -55.78
C THR D 199 30.97 51.68 -55.36
N ALA D 200 31.47 52.22 -54.27
CA ALA D 200 32.77 51.83 -53.75
C ALA D 200 32.79 50.39 -53.26
N MET D 201 31.67 49.90 -52.72
CA MET D 201 31.64 48.54 -52.18
C MET D 201 31.75 47.51 -53.29
N ILE D 202 30.95 47.65 -54.36
CA ILE D 202 31.09 46.73 -55.48
C ILE D 202 32.48 46.89 -56.10
N GLU D 203 33.07 48.08 -56.00
CA GLU D 203 34.43 48.26 -56.50
C GLU D 203 35.43 47.49 -55.64
N TYR D 204 35.30 47.57 -54.32
CA TYR D 204 36.21 46.83 -53.46
C TYR D 204 36.03 45.34 -53.67
N LEU D 205 34.78 44.89 -53.78
CA LEU D 205 34.49 43.47 -53.99
C LEU D 205 35.00 42.99 -55.35
N GLY D 206 34.81 43.80 -56.40
CA GLY D 206 35.35 43.44 -57.70
C GLY D 206 36.86 43.28 -57.67
N ASP D 207 37.54 44.23 -57.06
CA ASP D 207 38.99 44.13 -56.90
C ASP D 207 39.37 42.88 -56.10
N LEU D 208 38.60 42.60 -55.05
CA LEU D 208 38.88 41.45 -54.20
C LEU D 208 38.77 40.15 -54.97
N ILE D 209 37.76 40.02 -55.83
CA ILE D 209 37.59 38.81 -56.61
C ILE D 209 38.75 38.64 -57.59
N GLU D 210 39.15 39.72 -58.26
CA GLU D 210 40.29 39.66 -59.17
C GLU D 210 41.56 39.29 -58.42
N ARG D 211 41.74 39.84 -57.21
CA ARG D 211 42.90 39.51 -56.38
C ARG D 211 42.98 38.00 -56.14
N LYS D 212 41.83 37.34 -55.99
CA LYS D 212 41.83 35.89 -55.78
C LYS D 212 42.23 35.14 -57.04
N ARG D 213 41.76 35.61 -58.21
CA ARG D 213 42.10 34.93 -59.45
C ARG D 213 43.60 35.02 -59.74
N ARG D 214 44.19 36.20 -59.54
CA ARG D 214 45.62 36.37 -59.82
C ARG D 214 46.47 35.50 -58.90
N THR D 215 46.09 35.41 -57.62
CA THR D 215 46.86 34.67 -56.61
C THR D 215 45.90 33.70 -55.92
N PRO D 216 45.72 32.51 -56.47
CA PRO D 216 44.76 31.56 -55.88
C PRO D 216 45.15 31.18 -54.45
N THR D 217 44.12 30.97 -53.63
CA THR D 217 44.31 30.63 -52.23
C THR D 217 43.26 29.59 -51.85
N ASP D 218 43.20 29.27 -50.55
CA ASP D 218 42.28 28.28 -50.01
C ASP D 218 41.39 28.97 -48.97
N ASP D 219 40.20 29.39 -49.38
CA ASP D 219 39.25 30.00 -48.46
C ASP D 219 37.87 29.99 -49.10
N VAL D 220 36.88 30.49 -48.36
CA VAL D 220 35.50 30.49 -48.83
C VAL D 220 35.38 31.30 -50.12
N LEU D 221 35.96 32.51 -50.13
CA LEU D 221 35.86 33.35 -51.31
C LEU D 221 36.50 32.70 -52.52
N ALA D 222 37.70 32.14 -52.34
CA ALA D 222 38.38 31.47 -53.44
C ALA D 222 37.59 30.29 -53.95
N ALA D 223 36.97 29.52 -53.04
CA ALA D 223 36.12 28.42 -53.45
C ALA D 223 34.96 28.93 -54.29
N LEU D 224 34.45 30.13 -53.98
CA LEU D 224 33.37 30.71 -54.79
C LEU D 224 33.87 31.09 -56.17
N VAL D 225 35.08 31.65 -56.26
CA VAL D 225 35.65 32.01 -57.54
C VAL D 225 35.83 30.76 -58.40
N SER D 226 36.32 29.67 -57.79
CA SER D 226 36.47 28.42 -58.52
C SER D 226 35.13 27.90 -59.01
N ALA D 227 34.10 27.95 -58.16
CA ALA D 227 32.77 27.50 -58.57
C ALA D 227 32.25 28.32 -59.74
N ARG D 228 32.73 29.56 -59.90
CA ARG D 228 32.31 30.39 -61.03
C ARG D 228 33.13 30.08 -62.28
N ASP D 229 34.45 30.01 -62.13
CA ASP D 229 35.33 29.85 -63.30
C ASP D 229 35.47 28.40 -63.70
N VAL D 230 35.79 27.52 -62.73
CA VAL D 230 36.02 26.11 -63.04
C VAL D 230 34.70 25.42 -63.39
N ASP D 231 33.66 25.65 -62.61
CA ASP D 231 32.46 24.81 -62.68
C ASP D 231 31.23 25.51 -63.22
N ASP D 232 31.27 26.83 -63.40
CA ASP D 232 30.15 27.61 -63.98
C ASP D 232 28.87 27.46 -63.17
N ARG D 233 28.92 27.30 -61.90
CA ARG D 233 27.73 27.06 -61.09
C ARG D 233 27.29 28.34 -60.47
N LEU D 234 27.86 29.43 -60.94
CA LEU D 234 27.59 30.74 -60.39
C LEU D 234 27.68 31.74 -61.53
N THR D 235 26.98 32.84 -61.39
CA THR D 235 27.12 33.98 -62.29
C THR D 235 27.97 35.05 -61.63
N GLU D 236 28.54 35.93 -62.46
CA GLU D 236 29.44 36.96 -61.95
C GLU D 236 28.71 37.91 -61.01
N THR D 237 27.49 38.31 -61.35
CA THR D 237 26.70 39.13 -60.45
C THR D 237 26.49 38.44 -59.10
N GLU D 238 26.07 37.17 -59.13
CA GLU D 238 25.85 36.42 -57.90
C GLU D 238 27.13 36.25 -57.11
N LEU D 239 28.25 36.00 -57.81
CA LEU D 239 29.53 35.82 -57.13
C LEU D 239 29.89 37.05 -56.30
N VAL D 240 29.78 38.24 -56.90
CA VAL D 240 30.02 39.48 -56.15
C VAL D 240 28.99 39.61 -55.04
N SER D 241 27.72 39.37 -55.37
CA SER D 241 26.66 39.51 -54.38
C SER D 241 26.81 38.50 -53.25
N MET D 242 27.19 37.26 -53.57
CA MET D 242 27.44 36.28 -52.52
C MET D 242 28.59 36.71 -51.63
N ALA D 243 29.64 37.27 -52.23
CA ALA D 243 30.75 37.82 -51.44
C ALA D 243 30.26 38.94 -50.55
N PHE D 244 29.46 39.85 -51.10
CA PHE D 244 28.87 40.92 -50.30
C PHE D 244 28.05 40.35 -49.15
N LEU D 245 27.26 39.32 -49.45
CA LEU D 245 26.39 38.73 -48.44
C LEU D 245 27.20 38.20 -47.25
N LEU D 246 28.30 37.49 -47.51
CA LEU D 246 29.08 36.92 -46.41
C LEU D 246 29.70 38.00 -45.53
N PHE D 247 30.21 39.08 -46.17
CA PHE D 247 30.89 40.15 -45.43
C PHE D 247 29.88 41.01 -44.68
N ILE D 248 29.00 41.68 -45.42
CA ILE D 248 28.06 42.59 -44.80
C ILE D 248 27.02 41.80 -44.00
N GLY D 249 26.61 40.64 -44.52
CA GLY D 249 25.61 39.84 -43.83
C GLY D 249 26.09 39.29 -42.51
N GLY D 250 27.38 38.96 -42.42
CA GLY D 250 27.83 38.33 -41.20
C GLY D 250 28.39 39.27 -40.18
N HIS D 251 28.68 40.51 -40.59
CA HIS D 251 29.37 41.45 -39.73
C HIS D 251 28.42 42.30 -38.89
N GLU D 252 27.52 43.05 -39.55
CA GLU D 252 26.64 43.98 -38.85
C GLU D 252 25.78 43.27 -37.81
N THR D 253 25.49 41.99 -38.06
CA THR D 253 24.66 41.22 -37.16
C THR D 253 25.34 40.98 -35.82
N THR D 254 26.57 40.48 -35.84
CA THR D 254 27.20 40.04 -34.60
C THR D 254 27.64 41.22 -33.73
N VAL D 255 28.05 42.33 -34.33
CA VAL D 255 28.48 43.48 -33.53
C VAL D 255 27.33 43.97 -32.66
N ASN D 256 26.14 44.08 -33.24
CA ASN D 256 24.98 44.53 -32.49
C ASN D 256 24.49 43.46 -31.51
N THR D 257 24.76 42.18 -31.81
CA THR D 257 24.46 41.13 -30.84
C THR D 257 25.20 41.37 -29.53
N LEU D 258 26.51 41.60 -29.62
CA LEU D 258 27.27 41.96 -28.44
C LEU D 258 26.82 43.31 -27.89
N GLY D 259 26.58 44.27 -28.77
CA GLY D 259 26.19 45.60 -28.32
C GLY D 259 24.84 45.61 -27.64
N ASN D 260 23.82 45.04 -28.28
CA ASN D 260 22.49 45.02 -27.69
C ASN D 260 22.48 44.20 -26.40
N GLY D 261 23.16 43.05 -26.41
CA GLY D 261 23.18 42.21 -25.22
C GLY D 261 23.87 42.87 -24.04
N THR D 262 24.99 43.54 -24.29
CA THR D 262 25.72 44.21 -23.21
C THR D 262 24.88 45.31 -22.57
N LEU D 263 24.16 46.08 -23.39
CA LEU D 263 23.32 47.16 -22.86
C LEU D 263 22.33 46.64 -21.82
N HIS D 264 21.57 45.61 -22.18
CA HIS D 264 20.60 45.06 -21.24
C HIS D 264 21.30 44.42 -20.04
N LEU D 265 22.45 43.78 -20.26
CA LEU D 265 23.23 43.25 -19.14
C LEU D 265 23.71 44.36 -18.23
N MET D 266 24.21 45.46 -18.81
CA MET D 266 24.65 46.60 -18.00
C MET D 266 23.50 47.23 -17.26
N ARG D 267 22.27 46.98 -17.74
CA ARG D 267 21.05 47.52 -17.16
C ARG D 267 20.42 46.60 -16.12
N ASN D 268 20.80 45.33 -16.09
CA ASN D 268 20.34 44.38 -15.07
C ASN D 268 21.60 43.68 -14.56
N LEU D 269 22.26 44.33 -13.60
CA LEU D 269 23.58 43.88 -13.18
C LEU D 269 23.52 42.55 -12.43
N ASP D 270 22.42 42.26 -11.73
CA ASP D 270 22.31 40.98 -11.06
C ASP D 270 22.36 39.83 -12.06
N GLN D 271 21.65 39.96 -13.19
CA GLN D 271 21.75 38.96 -14.25
C GLN D 271 23.15 38.94 -14.84
N TRP D 272 23.77 40.12 -14.95
CA TRP D 272 25.14 40.19 -15.44
C TRP D 272 26.10 39.44 -14.52
N GLU D 273 25.93 39.61 -13.21
CA GLU D 273 26.78 38.90 -12.25
C GLU D 273 26.48 37.40 -12.25
N ALA D 274 25.20 37.02 -12.38
CA ALA D 274 24.86 35.60 -12.43
C ALA D 274 25.56 34.91 -13.58
N LEU D 275 25.80 35.63 -14.67
CA LEU D 275 26.61 35.10 -15.76
C LEU D 275 28.06 34.96 -15.35
N ARG D 276 28.59 35.95 -14.64
CA ARG D 276 29.97 35.87 -14.15
C ARG D 276 30.18 34.65 -13.26
N GLN D 277 29.20 34.34 -12.40
CA GLN D 277 29.33 33.16 -11.55
C GLN D 277 29.24 31.89 -12.39
N ASP D 278 28.17 31.75 -13.14
CA ASP D 278 27.77 30.51 -13.78
C ASP D 278 27.85 30.70 -15.29
N ARG D 279 28.80 30.00 -15.91
CA ARG D 279 29.04 30.07 -17.34
C ARG D 279 28.24 29.00 -18.10
N SER D 280 27.54 28.12 -17.39
CA SER D 280 26.61 27.24 -18.09
C SER D 280 25.41 28.01 -18.60
N LEU D 281 25.17 29.23 -18.10
CA LEU D 281 24.06 30.07 -18.53
C LEU D 281 24.38 30.90 -19.76
N LEU D 282 25.65 31.00 -20.15
CA LEU D 282 26.01 31.82 -21.31
C LEU D 282 25.30 31.40 -22.60
N PRO D 283 25.19 30.11 -22.97
CA PRO D 283 24.49 29.80 -24.22
C PRO D 283 23.04 30.27 -24.24
N GLY D 284 22.29 30.02 -23.16
CA GLY D 284 20.93 30.50 -23.09
C GLY D 284 20.84 32.02 -23.01
N ALA D 285 21.80 32.65 -22.33
CA ALA D 285 21.80 34.10 -22.20
C ALA D 285 21.94 34.78 -23.56
N VAL D 286 22.76 34.21 -24.45
CA VAL D 286 22.90 34.76 -25.79
C VAL D 286 21.57 34.68 -26.54
N GLU D 287 20.88 33.55 -26.43
CA GLU D 287 19.58 33.41 -27.08
C GLU D 287 18.57 34.41 -26.52
N GLU D 288 18.69 34.76 -25.23
CA GLU D 288 17.76 35.75 -24.67
C GLU D 288 18.06 37.15 -25.19
N PHE D 289 19.33 37.47 -25.43
CA PHE D 289 19.66 38.75 -26.07
C PHE D 289 19.07 38.80 -27.46
N LEU D 290 19.17 37.70 -28.21
CA LEU D 290 18.64 37.67 -29.57
C LEU D 290 17.13 37.86 -29.58
N ARG D 291 16.44 37.25 -28.63
CA ARG D 291 14.99 37.40 -28.54
C ARG D 291 14.62 38.81 -28.07
N LEU D 292 15.24 39.27 -26.98
CA LEU D 292 14.83 40.54 -26.38
C LEU D 292 15.16 41.73 -27.28
N GLU D 293 16.40 41.80 -27.77
CA GLU D 293 16.85 42.88 -28.65
C GLU D 293 17.43 42.24 -29.91
N SER D 294 16.54 41.95 -30.86
CA SER D 294 16.95 41.28 -32.09
C SER D 294 17.86 42.19 -32.91
N PRO D 295 19.03 41.70 -33.33
CA PRO D 295 19.92 42.54 -34.17
C PRO D 295 19.28 43.01 -35.46
N LEU D 296 18.42 42.21 -36.07
CA LEU D 296 17.61 42.62 -37.22
C LEU D 296 16.17 42.77 -36.76
N LYS D 297 15.68 44.01 -36.74
CA LYS D 297 14.28 44.22 -36.38
C LYS D 297 13.35 43.52 -37.36
N HIS D 298 13.70 43.55 -38.64
CA HIS D 298 12.83 43.05 -39.69
C HIS D 298 13.59 42.09 -40.61
N ALA D 299 12.85 41.15 -41.18
CA ALA D 299 13.37 40.32 -42.24
C ALA D 299 13.37 41.13 -43.55
N THR D 300 13.94 40.53 -44.59
CA THR D 300 13.96 41.17 -45.89
C THR D 300 12.56 41.37 -46.42
N PHE D 301 12.42 42.36 -47.31
CA PHE D 301 11.14 42.59 -47.96
C PHE D 301 10.75 41.34 -48.73
N ARG D 302 9.50 40.95 -48.61
CA ARG D 302 8.95 39.82 -49.34
C ARG D 302 7.82 40.29 -50.22
N CYS D 303 7.59 39.56 -51.29
CA CYS D 303 6.51 39.86 -52.23
C CYS D 303 5.50 38.72 -52.22
N ALA D 304 4.22 39.08 -52.33
CA ALA D 304 3.16 38.08 -52.38
C ALA D 304 3.03 37.57 -53.81
N THR D 305 3.28 36.27 -54.01
CA THR D 305 3.15 35.68 -55.33
C THR D 305 1.72 35.26 -55.64
N GLU D 306 0.81 35.39 -54.67
CA GLU D 306 -0.62 35.17 -54.88
C GLU D 306 -1.34 35.75 -53.68
N ASP D 307 -2.64 35.97 -53.86
CA ASP D 307 -3.45 36.53 -52.77
C ASP D 307 -3.38 35.64 -51.54
N LEU D 308 -3.20 36.26 -50.38
CA LEU D 308 -3.13 35.53 -49.13
C LEU D 308 -3.60 36.42 -47.98
N ARG D 309 -4.00 35.77 -46.90
CA ARG D 309 -4.49 36.44 -45.70
C ARG D 309 -3.54 36.19 -44.54
N ILE D 310 -3.06 37.27 -43.92
CA ILE D 310 -2.23 37.19 -42.72
C ILE D 310 -3.01 37.82 -41.57
N GLY D 311 -3.16 37.06 -40.49
CA GLY D 311 -4.03 37.49 -39.41
C GLY D 311 -5.46 37.59 -39.91
N ASP D 312 -6.07 38.76 -39.73
CA ASP D 312 -7.46 38.96 -40.16
C ASP D 312 -7.59 39.89 -41.35
N THR D 313 -6.48 40.23 -42.02
CA THR D 313 -6.48 41.12 -43.18
C THR D 313 -5.97 40.39 -44.42
N ALA D 314 -6.63 40.64 -45.55
CA ALA D 314 -6.27 40.05 -46.83
C ALA D 314 -5.19 40.88 -47.52
N ILE D 315 -4.15 40.21 -48.00
CA ILE D 315 -3.02 40.85 -48.67
C ILE D 315 -3.05 40.46 -50.15
N PRO D 316 -3.28 41.40 -51.06
CA PRO D 316 -3.38 41.05 -52.48
C PRO D 316 -2.03 40.65 -53.07
N ALA D 317 -2.10 39.82 -54.12
CA ALA D 317 -0.92 39.38 -54.84
C ALA D 317 -0.13 40.57 -55.37
N GLY D 318 1.19 40.53 -55.22
CA GLY D 318 2.06 41.58 -55.69
C GLY D 318 2.42 42.63 -54.66
N ASP D 319 1.75 42.64 -53.52
CA ASP D 319 2.09 43.60 -52.48
C ASP D 319 3.36 43.16 -51.76
N PHE D 320 3.93 44.08 -50.99
CA PHE D 320 5.19 43.85 -50.31
C PHE D 320 4.97 43.85 -48.81
N VAL D 321 5.69 42.97 -48.12
CA VAL D 321 5.44 42.68 -46.72
C VAL D 321 6.77 42.71 -45.98
N LEU D 322 6.75 43.28 -44.78
CA LEU D 322 7.92 43.37 -43.92
C LEU D 322 7.65 42.60 -42.64
N LEU D 323 8.44 41.58 -42.37
CA LEU D 323 8.23 40.70 -41.22
C LEU D 323 9.03 41.24 -40.04
N ALA D 324 8.32 41.64 -38.99
CA ALA D 324 8.96 42.21 -37.79
C ALA D 324 9.33 41.07 -36.86
N LEU D 325 10.60 40.63 -36.94
CA LEU D 325 11.06 39.59 -36.03
C LEU D 325 11.10 40.09 -34.60
N ALA D 326 11.40 41.37 -34.39
CA ALA D 326 11.41 41.93 -33.05
C ALA D 326 10.03 41.88 -32.41
N SER D 327 8.99 42.18 -33.19
CA SER D 327 7.63 42.10 -32.66
C SER D 327 7.28 40.66 -32.27
N ALA D 328 7.63 39.70 -33.12
CA ALA D 328 7.35 38.30 -32.82
C ALA D 328 8.10 37.85 -31.58
N ASN D 329 9.36 38.30 -31.42
CA ASN D 329 10.19 37.87 -30.30
C ASN D 329 9.79 38.51 -28.98
N ARG D 330 8.87 39.47 -28.98
CA ARG D 330 8.38 40.08 -27.75
C ARG D 330 6.87 39.95 -27.67
N ASP D 331 6.33 38.87 -28.21
CA ASP D 331 4.90 38.62 -28.19
C ASP D 331 4.51 37.94 -26.88
N PRO D 332 3.67 38.55 -26.05
CA PRO D 332 3.24 37.87 -24.81
C PRO D 332 2.47 36.59 -25.07
N GLU D 333 1.89 36.45 -26.26
CA GLU D 333 1.23 35.21 -26.65
C GLU D 333 2.21 34.06 -26.72
N ARG D 334 3.50 34.34 -26.90
CA ARG D 334 4.53 33.30 -26.97
C ARG D 334 5.51 33.33 -25.80
N PHE D 335 5.86 34.51 -25.29
CA PHE D 335 6.84 34.63 -24.22
C PHE D 335 6.24 35.43 -23.06
N GLY D 336 6.33 34.86 -21.86
CA GLY D 336 5.86 35.58 -20.68
C GLY D 336 6.88 36.62 -20.24
N ASP D 337 6.37 37.77 -19.80
CA ASP D 337 7.18 38.94 -19.53
C ASP D 337 8.04 39.29 -20.74
N PRO D 338 7.45 39.55 -21.90
CA PRO D 338 8.25 39.67 -23.13
C PRO D 338 9.24 40.82 -23.11
N HIS D 339 9.02 41.86 -22.33
CA HIS D 339 9.87 43.03 -22.32
C HIS D 339 10.94 42.99 -21.22
N THR D 340 11.02 41.88 -20.49
CA THR D 340 12.00 41.73 -19.41
C THR D 340 13.11 40.79 -19.83
N LEU D 341 14.34 41.16 -19.49
CA LEU D 341 15.50 40.30 -19.74
C LEU D 341 15.57 39.23 -18.66
N ASP D 342 15.49 37.97 -19.07
CA ASP D 342 15.68 36.83 -18.16
C ASP D 342 16.62 35.83 -18.82
N VAL D 343 17.85 35.78 -18.33
CA VAL D 343 18.86 34.89 -18.90
C VAL D 343 18.56 33.43 -18.61
N ARG D 344 17.65 33.14 -17.71
CA ARG D 344 17.38 31.76 -17.35
C ARG D 344 16.13 31.30 -18.03
N ARG D 345 15.62 32.12 -18.93
CA ARG D 345 14.42 31.77 -19.65
C ARG D 345 14.57 30.53 -20.45
N PRO D 346 13.53 29.70 -20.49
CA PRO D 346 13.54 28.55 -21.37
C PRO D 346 14.01 29.03 -22.72
N THR D 347 15.15 28.55 -23.15
CA THR D 347 15.74 29.07 -24.36
C THR D 347 15.08 28.71 -25.64
N GLY D 348 15.31 29.52 -26.66
CA GLY D 348 14.78 29.17 -27.95
C GLY D 348 13.37 29.59 -28.18
N GLY D 349 12.95 29.41 -29.39
CA GLY D 349 11.63 29.85 -29.73
C GLY D 349 11.77 31.10 -30.51
N HIS D 350 12.82 31.89 -30.28
CA HIS D 350 12.86 33.14 -31.01
C HIS D 350 13.08 32.93 -32.50
N VAL D 351 12.75 33.96 -33.28
CA VAL D 351 12.87 33.95 -34.73
C VAL D 351 13.90 34.97 -35.21
N ALA D 352 14.85 35.32 -34.32
CA ALA D 352 15.87 36.31 -34.68
C ALA D 352 16.75 35.82 -35.83
N PHE D 353 16.89 34.50 -35.98
CA PHE D 353 17.63 33.93 -37.09
C PHE D 353 16.72 33.58 -38.27
N GLY D 354 15.44 33.92 -38.18
CA GLY D 354 14.50 33.60 -39.22
C GLY D 354 13.85 32.25 -39.01
N HIS D 355 13.26 31.74 -40.09
CA HIS D 355 12.56 30.47 -40.08
C HIS D 355 12.29 30.06 -41.52
N GLY D 356 12.44 28.77 -41.80
CA GLY D 356 12.24 28.26 -43.14
C GLY D 356 13.52 28.02 -43.89
N ILE D 357 13.40 28.03 -45.22
CA ILE D 357 14.55 27.75 -46.08
C ILE D 357 15.62 28.82 -45.95
N HIS D 358 15.23 30.05 -45.59
CA HIS D 358 16.17 31.15 -45.46
C HIS D 358 16.68 31.32 -44.04
N TYR D 359 16.53 30.29 -43.19
CA TYR D 359 17.07 30.35 -41.84
C TYR D 359 18.57 30.67 -41.89
N CYS D 360 18.99 31.55 -40.99
CA CYS D 360 20.31 32.16 -41.07
C CYS D 360 21.41 31.10 -41.17
N LEU D 361 22.27 31.27 -42.18
CA LEU D 361 23.36 30.33 -42.40
C LEU D 361 24.52 30.55 -41.46
N GLY D 362 24.69 31.78 -40.99
CA GLY D 362 25.74 32.10 -40.04
C GLY D 362 25.36 31.90 -38.60
N ALA D 363 24.24 31.23 -38.33
CA ALA D 363 23.79 31.06 -36.94
C ALA D 363 24.80 30.33 -36.08
N PRO D 364 25.36 29.16 -36.46
CA PRO D 364 26.40 28.56 -35.62
C PRO D 364 27.59 29.48 -35.40
N LEU D 365 28.04 30.17 -36.44
CA LEU D 365 29.15 31.10 -36.30
C LEU D 365 28.79 32.25 -35.38
N ALA D 366 27.60 32.82 -35.56
CA ALA D 366 27.17 33.93 -34.72
C ALA D 366 27.03 33.49 -33.27
N ARG D 367 26.47 32.31 -33.04
CA ARG D 367 26.33 31.80 -31.67
C ARG D 367 27.69 31.64 -31.00
N MET D 368 28.64 31.04 -31.72
CA MET D 368 29.97 30.83 -31.15
C MET D 368 30.68 32.16 -30.88
N GLU D 369 30.62 33.09 -31.84
CA GLU D 369 31.25 34.39 -31.67
C GLU D 369 30.72 35.11 -30.44
N ALA D 370 29.39 35.14 -30.29
CA ALA D 370 28.79 35.83 -29.15
C ALA D 370 29.16 35.15 -27.83
N GLN D 371 29.12 33.82 -27.78
CA GLN D 371 29.47 33.11 -26.55
C GLN D 371 30.91 33.37 -26.16
N VAL D 372 31.84 33.27 -27.11
CA VAL D 372 33.25 33.51 -26.81
C VAL D 372 33.46 34.96 -26.36
N ALA D 373 32.88 35.90 -27.10
CA ALA D 373 33.09 37.32 -26.80
C ALA D 373 32.51 37.69 -25.44
N PHE D 374 31.30 37.21 -25.14
CA PHE D 374 30.72 37.50 -23.83
C PHE D 374 31.51 36.81 -22.72
N GLY D 375 31.91 35.56 -22.94
CA GLY D 375 32.66 34.85 -21.91
C GLY D 375 33.96 35.54 -21.55
N VAL D 376 34.66 36.08 -22.54
CA VAL D 376 35.89 36.84 -22.28
C VAL D 376 35.57 38.11 -21.50
N LEU D 377 34.48 38.79 -21.86
CA LEU D 377 34.12 40.04 -21.20
C LEU D 377 33.77 39.85 -19.72
N LEU D 378 33.31 38.67 -19.34
CA LEU D 378 33.04 38.43 -17.93
C LEU D 378 34.32 38.07 -17.16
N ASP D 379 35.27 37.38 -17.81
CA ASP D 379 36.54 37.08 -17.17
C ASP D 379 37.36 38.34 -16.95
N THR D 380 37.50 39.15 -18.00
CA THR D 380 38.24 40.40 -17.95
C THR D 380 37.26 41.56 -17.91
N PHE D 381 37.54 42.54 -17.05
CA PHE D 381 36.64 43.65 -16.75
C PHE D 381 35.31 43.13 -16.22
N PRO D 382 35.29 42.29 -15.18
CA PRO D 382 34.01 41.79 -14.66
C PRO D 382 33.18 42.86 -13.97
N ALA D 383 33.76 44.01 -13.65
CA ALA D 383 33.07 45.07 -12.91
C ALA D 383 32.72 46.25 -13.80
N MET D 384 32.66 46.05 -15.12
CA MET D 384 32.37 47.15 -16.02
C MET D 384 30.93 47.61 -15.88
N ARG D 385 30.72 48.90 -16.12
CA ARG D 385 29.41 49.53 -15.98
C ARG D 385 29.21 50.50 -17.13
N LEU D 386 27.94 50.81 -17.41
CA LEU D 386 27.63 51.79 -18.44
C LEU D 386 28.24 53.14 -18.08
N ALA D 387 28.87 53.79 -19.05
CA ALA D 387 29.55 55.05 -18.82
C ALA D 387 28.66 56.25 -19.07
N VAL D 388 27.42 56.05 -19.50
CA VAL D 388 26.50 57.15 -19.73
C VAL D 388 25.11 56.77 -19.22
N ASP D 389 24.30 57.80 -19.00
CA ASP D 389 22.92 57.64 -18.58
C ASP D 389 22.18 56.82 -19.63
N PRO D 390 21.49 55.73 -19.25
CA PRO D 390 20.90 54.85 -20.27
C PRO D 390 19.96 55.52 -21.25
N GLU D 391 19.12 56.47 -20.80
CA GLU D 391 18.23 57.14 -21.72
C GLU D 391 18.96 57.99 -22.74
N ASP D 392 20.24 58.27 -22.53
CA ASP D 392 21.00 59.15 -23.41
C ASP D 392 21.68 58.41 -24.55
N MET D 393 21.46 57.11 -24.68
CA MET D 393 22.06 56.34 -25.76
C MET D 393 20.98 56.06 -26.79
N ARG D 394 21.38 56.37 -28.03
CA ARG D 394 20.49 56.26 -29.16
C ARG D 394 20.72 55.15 -30.15
N TRP D 395 19.78 55.01 -31.06
CA TRP D 395 19.85 53.87 -31.97
C TRP D 395 20.04 54.36 -33.40
N ARG D 396 20.86 53.63 -34.15
CA ARG D 396 21.15 54.04 -35.52
C ARG D 396 19.91 53.92 -36.39
N THR D 397 19.87 54.76 -37.43
CA THR D 397 18.71 54.84 -38.34
C THR D 397 18.85 53.77 -39.41
N SER D 398 18.10 52.67 -39.28
CA SER D 398 18.18 51.59 -40.24
C SER D 398 16.81 50.96 -40.42
N THR D 399 16.50 50.59 -41.66
CA THR D 399 15.21 49.95 -41.96
C THR D 399 15.11 48.57 -41.32
N LEU D 400 16.22 47.82 -41.29
CA LEU D 400 16.20 46.45 -40.79
C LEU D 400 17.01 46.22 -39.52
N ILE D 401 18.02 47.04 -39.24
CA ILE D 401 19.01 46.75 -38.21
C ILE D 401 18.61 47.43 -36.91
N ARG D 402 18.87 46.74 -35.79
CA ARG D 402 18.68 47.28 -34.45
C ARG D 402 20.04 47.28 -33.77
N GLY D 403 20.70 48.43 -33.77
CA GLY D 403 22.03 48.54 -33.18
C GLY D 403 22.25 49.93 -32.64
N LEU D 404 23.24 50.04 -31.75
CA LEU D 404 23.54 51.28 -31.08
C LEU D 404 24.56 52.11 -31.84
N HIS D 405 24.47 53.43 -31.69
CA HIS D 405 25.51 54.31 -32.21
C HIS D 405 26.83 54.08 -31.49
N SER D 406 26.78 53.92 -30.17
CA SER D 406 27.97 53.68 -29.36
C SER D 406 27.54 52.97 -28.09
N LEU D 407 28.53 52.48 -27.35
CA LEU D 407 28.29 51.78 -26.08
C LEU D 407 29.43 52.09 -25.12
N PRO D 408 29.49 53.32 -24.61
CA PRO D 408 30.57 53.67 -23.67
C PRO D 408 30.36 52.97 -22.32
N VAL D 409 31.47 52.46 -21.78
CA VAL D 409 31.47 51.71 -20.53
C VAL D 409 32.73 52.10 -19.76
N ARG D 410 32.73 51.82 -18.47
CA ARG D 410 33.91 51.98 -17.63
C ARG D 410 34.32 50.62 -17.09
N LEU D 411 35.61 50.30 -17.17
CA LEU D 411 36.10 48.96 -16.85
C LEU D 411 36.82 48.90 -15.52
N ASN D 412 37.85 49.74 -15.33
CA ASN D 412 38.74 49.69 -14.16
C ASN D 412 39.49 48.37 -14.10
N PRO E 10 -0.57 -24.69 -48.96
CA PRO E 10 0.44 -24.78 -47.89
C PRO E 10 0.43 -23.53 -47.00
N LEU E 11 0.02 -23.70 -45.75
CA LEU E 11 -0.11 -22.57 -44.84
C LEU E 11 1.27 -22.07 -44.42
N GLU E 12 1.47 -20.77 -44.55
CA GLU E 12 2.73 -20.14 -44.13
C GLU E 12 2.64 -19.78 -42.66
N LEU E 13 3.60 -20.28 -41.88
CA LEU E 13 3.65 -20.03 -40.45
C LEU E 13 4.42 -18.76 -40.18
N ASP E 14 3.81 -17.88 -39.42
CA ASP E 14 4.32 -16.56 -39.09
C ASP E 14 4.82 -16.51 -37.66
N ASP E 15 5.06 -15.27 -37.25
CA ASP E 15 5.60 -14.94 -35.94
C ASP E 15 4.71 -15.49 -34.83
N ALA E 16 3.42 -15.25 -34.96
CA ALA E 16 2.40 -15.70 -34.02
C ALA E 16 2.52 -17.20 -33.72
N PHE E 17 2.83 -17.99 -34.75
CA PHE E 17 3.11 -19.40 -34.50
C PHE E 17 4.34 -19.57 -33.63
N MET E 18 5.40 -18.80 -33.89
CA MET E 18 6.62 -18.93 -33.11
C MET E 18 6.40 -18.58 -31.65
N GLN E 19 5.65 -17.49 -31.39
CA GLN E 19 5.39 -17.10 -30.02
C GLN E 19 4.34 -18.00 -29.37
N ASP E 20 3.29 -18.35 -30.11
CA ASP E 20 2.20 -19.18 -29.60
C ASP E 20 1.87 -20.30 -30.58
N PRO E 21 2.68 -21.35 -30.62
CA PRO E 21 2.33 -22.49 -31.50
C PRO E 21 1.17 -23.31 -30.98
N HIS E 22 0.91 -23.28 -29.67
CA HIS E 22 -0.12 -24.12 -29.08
C HIS E 22 -1.51 -23.78 -29.64
N SER E 23 -1.80 -22.48 -29.79
CA SER E 23 -3.07 -22.09 -30.39
C SER E 23 -3.17 -22.60 -31.83
N VAL E 24 -2.07 -22.49 -32.58
CA VAL E 24 -2.07 -22.98 -33.96
C VAL E 24 -2.32 -24.48 -33.99
N TYR E 25 -1.65 -25.23 -33.11
CA TYR E 25 -1.84 -26.69 -33.08
C TYR E 25 -3.28 -27.05 -32.79
N ALA E 26 -3.89 -26.41 -31.79
CA ALA E 26 -5.27 -26.72 -31.44
C ALA E 26 -6.21 -26.41 -32.58
N ARG E 27 -5.98 -25.28 -33.26
CA ARG E 27 -6.78 -24.92 -34.44
C ARG E 27 -6.65 -25.99 -35.51
N LEU E 28 -5.42 -26.40 -35.83
CA LEU E 28 -5.21 -27.40 -36.87
C LEU E 28 -5.76 -28.76 -36.44
N ASN E 29 -5.49 -29.18 -35.20
CA ASN E 29 -5.93 -30.49 -34.75
C ASN E 29 -7.44 -30.58 -34.68
N ALA E 30 -8.12 -29.48 -34.39
CA ALA E 30 -9.58 -29.50 -34.35
C ALA E 30 -10.15 -29.87 -35.71
N GLU E 31 -9.41 -29.58 -36.79
CA GLU E 31 -9.85 -29.89 -38.15
C GLU E 31 -9.27 -31.19 -38.69
N GLY E 32 -8.12 -31.63 -38.19
CA GLY E 32 -7.48 -32.81 -38.75
C GLY E 32 -6.13 -33.06 -38.09
N SER E 33 -5.42 -34.06 -38.62
CA SER E 33 -4.16 -34.47 -38.05
C SER E 33 -2.93 -34.18 -38.90
N ALA E 34 -3.10 -33.91 -40.20
CA ALA E 34 -1.97 -33.67 -41.09
C ALA E 34 -2.25 -32.42 -41.92
N HIS E 35 -1.34 -31.46 -41.87
CA HIS E 35 -1.52 -30.21 -42.59
C HIS E 35 -0.22 -29.83 -43.27
N ARG E 36 -0.31 -29.46 -44.55
CA ARG E 36 0.84 -29.02 -45.31
C ARG E 36 1.13 -27.57 -44.93
N VAL E 37 2.31 -27.33 -44.37
CA VAL E 37 2.66 -26.01 -43.84
C VAL E 37 4.02 -25.60 -44.39
N MET E 38 4.48 -24.43 -43.95
CA MET E 38 5.69 -23.83 -44.48
C MET E 38 6.29 -22.89 -43.44
N MET E 39 7.60 -22.98 -43.26
CA MET E 39 8.32 -22.01 -42.45
C MET E 39 8.46 -20.69 -43.22
N PRO E 40 8.67 -19.57 -42.52
CA PRO E 40 8.84 -18.30 -43.23
C PRO E 40 10.02 -18.38 -44.18
N PRO E 41 9.94 -17.67 -45.31
CA PRO E 41 11.00 -17.78 -46.32
C PRO E 41 12.36 -17.38 -45.80
N GLY E 42 12.41 -16.50 -44.80
CA GLY E 42 13.66 -16.01 -44.24
C GLY E 42 14.29 -16.92 -43.21
N VAL E 43 13.64 -18.01 -42.85
CA VAL E 43 14.22 -18.96 -41.90
C VAL E 43 15.45 -19.61 -42.53
N PRO E 44 16.58 -19.71 -41.80
CA PRO E 44 17.88 -20.03 -42.42
C PRO E 44 17.94 -21.16 -43.43
N VAL E 45 17.55 -22.38 -43.07
CA VAL E 45 17.82 -23.57 -43.88
C VAL E 45 16.53 -24.20 -44.40
N CYS E 46 15.54 -24.35 -43.53
CA CYS E 46 14.27 -24.96 -43.91
C CYS E 46 13.25 -23.93 -44.37
N GLY E 47 13.60 -22.65 -44.39
CA GLY E 47 12.65 -21.59 -44.69
C GLY E 47 11.93 -21.76 -46.00
N GLY E 48 10.60 -21.69 -45.95
CA GLY E 48 9.79 -21.81 -47.15
C GLY E 48 9.78 -23.17 -47.80
N LEU E 49 9.98 -24.24 -47.01
CA LEU E 49 9.96 -25.59 -47.56
C LEU E 49 8.69 -26.31 -47.14
N PRO E 50 7.92 -26.85 -48.09
CA PRO E 50 6.64 -27.48 -47.73
C PRO E 50 6.83 -28.82 -47.03
N VAL E 51 6.15 -28.98 -45.89
CA VAL E 51 6.17 -30.22 -45.12
C VAL E 51 4.79 -30.43 -44.53
N TRP E 52 4.49 -31.66 -44.14
CA TRP E 52 3.25 -31.99 -43.45
C TRP E 52 3.46 -31.82 -41.94
N LEU E 53 2.61 -31.00 -41.33
CA LEU E 53 2.62 -30.87 -39.87
C LEU E 53 1.60 -31.83 -39.29
N ILE E 54 2.00 -32.59 -38.28
CA ILE E 54 1.17 -33.63 -37.68
C ILE E 54 0.77 -33.21 -36.28
N THR E 55 -0.53 -33.32 -35.98
CA THR E 55 -1.12 -32.81 -34.76
C THR E 55 -1.89 -33.95 -34.09
N GLY E 56 -1.80 -34.03 -32.78
CA GLY E 56 -2.49 -35.05 -32.01
C GLY E 56 -1.59 -36.14 -31.44
N TYR E 57 -1.90 -36.54 -30.21
CA TYR E 57 -1.07 -37.50 -29.48
C TYR E 57 -0.97 -38.85 -30.19
N GLU E 58 -2.12 -39.45 -30.52
CA GLU E 58 -2.12 -40.77 -31.15
C GLU E 58 -1.42 -40.75 -32.49
N GLU E 59 -1.68 -39.72 -33.31
CA GLU E 59 -1.08 -39.66 -34.63
C GLU E 59 0.42 -39.37 -34.54
N VAL E 60 0.82 -38.45 -33.66
CA VAL E 60 2.24 -38.12 -33.53
C VAL E 60 3.02 -39.30 -32.93
N ARG E 61 2.49 -39.89 -31.86
CA ARG E 61 3.19 -41.01 -31.22
C ARG E 61 3.33 -42.19 -32.18
N SER E 62 2.27 -42.48 -32.94
CA SER E 62 2.37 -43.53 -33.95
C SER E 62 3.39 -43.17 -35.03
N ALA E 63 3.38 -41.92 -35.48
CA ALA E 63 4.29 -41.50 -36.55
C ALA E 63 5.74 -41.56 -36.11
N LEU E 64 6.03 -41.28 -34.83
CA LEU E 64 7.41 -41.31 -34.35
C LEU E 64 8.03 -42.69 -34.54
N ALA E 65 7.26 -43.75 -34.29
CA ALA E 65 7.76 -45.11 -34.40
C ALA E 65 7.33 -45.81 -35.69
N ASP E 66 6.72 -45.08 -36.61
CA ASP E 66 6.26 -45.72 -37.84
C ASP E 66 7.46 -46.12 -38.69
N PRO E 67 7.55 -47.39 -39.11
CA PRO E 67 8.71 -47.84 -39.90
C PRO E 67 8.80 -47.20 -41.27
N ARG E 68 7.74 -46.58 -41.77
CA ARG E 68 7.76 -45.96 -43.09
C ARG E 68 8.20 -44.50 -43.09
N LEU E 69 8.43 -43.92 -41.91
CA LEU E 69 8.94 -42.56 -41.79
C LEU E 69 10.40 -42.64 -41.38
N SER E 70 11.29 -42.13 -42.22
CA SER E 70 12.72 -42.23 -42.03
C SER E 70 13.34 -40.87 -41.78
N THR E 71 14.34 -40.84 -40.90
CA THR E 71 15.12 -39.63 -40.64
C THR E 71 16.44 -39.64 -41.40
N ASP E 72 16.57 -40.52 -42.39
CA ASP E 72 17.85 -40.70 -43.09
C ASP E 72 18.30 -39.38 -43.72
N LEU E 73 19.56 -39.02 -43.46
CA LEU E 73 20.11 -37.79 -44.02
C LEU E 73 20.10 -37.81 -45.54
N ASN E 74 20.33 -38.98 -46.13
CA ASN E 74 20.32 -39.10 -47.59
C ASN E 74 18.92 -38.87 -48.15
N ARG E 75 17.89 -39.33 -47.43
CA ARG E 75 16.52 -39.10 -47.88
C ARG E 75 16.11 -37.64 -47.70
N THR E 76 16.46 -37.04 -46.56
CA THR E 76 16.10 -35.65 -46.30
C THR E 76 16.91 -34.67 -47.13
N ASP E 77 17.93 -35.15 -47.86
CA ASP E 77 18.66 -34.26 -48.76
C ASP E 77 17.72 -33.62 -49.77
N ARG E 78 16.75 -34.39 -50.26
CA ARG E 78 15.79 -33.87 -51.23
C ARG E 78 15.03 -32.66 -50.70
N LEU E 79 14.68 -32.68 -49.41
CA LEU E 79 14.00 -31.53 -48.81
C LEU E 79 14.92 -30.31 -48.76
N PHE E 80 16.13 -30.47 -48.21
CA PHE E 80 17.01 -29.31 -48.01
C PHE E 80 17.58 -28.79 -49.32
N ALA E 81 17.81 -29.67 -50.29
CA ALA E 81 18.38 -29.24 -51.57
C ALA E 81 17.47 -28.24 -52.28
N GLN E 82 16.20 -28.17 -51.93
CA GLN E 82 15.32 -27.15 -52.49
C GLN E 82 15.77 -25.75 -52.09
N ASN E 83 16.50 -25.62 -50.99
CA ASN E 83 17.06 -24.36 -50.54
C ASN E 83 18.55 -24.26 -50.82
N GLU E 84 19.30 -25.32 -50.51
CA GLU E 84 20.73 -25.36 -50.73
C GLU E 84 21.15 -26.74 -51.23
N PRO E 85 21.51 -26.89 -52.51
CA PRO E 85 21.96 -28.19 -52.99
C PRO E 85 23.26 -28.66 -52.34
N ASP E 86 24.06 -27.74 -51.79
CA ASP E 86 25.36 -28.09 -51.22
C ASP E 86 25.15 -28.74 -49.84
N ARG E 87 25.58 -30.00 -49.73
CA ARG E 87 25.30 -30.78 -48.53
C ARG E 87 25.91 -30.17 -47.27
N ASN E 88 26.98 -29.40 -47.44
CA ASN E 88 27.66 -28.86 -46.28
C ASN E 88 27.45 -27.41 -46.06
N LYS E 89 26.31 -26.92 -46.53
CA LYS E 89 25.95 -25.54 -46.28
C LYS E 89 24.52 -25.56 -45.78
N ARG E 90 24.22 -26.51 -44.91
CA ARG E 90 22.85 -26.65 -44.39
C ARG E 90 22.71 -26.51 -42.89
N GLY E 91 23.60 -25.76 -42.27
CA GLY E 91 23.52 -25.54 -40.84
C GLY E 91 23.86 -26.73 -40.03
N ALA E 92 22.94 -27.13 -39.17
CA ALA E 92 23.15 -28.30 -38.35
C ALA E 92 22.72 -29.53 -39.08
N PHE E 93 22.42 -29.39 -40.36
CA PHE E 93 21.99 -30.49 -41.17
C PHE E 93 23.00 -30.66 -42.26
N SER E 94 24.18 -30.10 -42.07
CA SER E 94 25.27 -30.24 -43.03
C SER E 94 25.86 -31.61 -42.82
N SER E 95 26.22 -32.36 -43.87
CA SER E 95 26.63 -33.74 -43.69
C SER E 95 27.84 -33.86 -42.78
N ALA E 96 28.74 -32.87 -42.79
CA ALA E 96 29.90 -32.94 -41.92
C ALA E 96 29.52 -32.91 -40.44
N LEU E 97 28.29 -32.47 -40.12
CA LEU E 97 27.86 -32.36 -38.73
C LEU E 97 26.64 -33.21 -38.39
N ALA E 98 25.84 -33.63 -39.37
CA ALA E 98 24.56 -34.29 -39.11
C ALA E 98 24.55 -35.77 -39.43
N THR E 99 25.67 -36.34 -39.89
CA THR E 99 25.74 -37.77 -40.20
C THR E 99 25.92 -38.57 -38.91
N HIS E 100 24.85 -38.58 -38.11
CA HIS E 100 24.88 -39.28 -36.83
C HIS E 100 23.70 -40.24 -36.69
N MET E 101 23.54 -40.80 -35.50
CA MET E 101 22.56 -41.87 -35.30
C MET E 101 21.14 -41.39 -35.54
N LEU E 102 20.83 -40.15 -35.15
CA LEU E 102 19.46 -39.65 -35.28
C LEU E 102 19.04 -39.52 -36.73
N HIS E 103 19.99 -39.27 -37.64
CA HIS E 103 19.70 -39.07 -39.05
C HIS E 103 20.08 -40.30 -39.88
N SER E 104 19.86 -41.44 -39.27
CA SER E 104 20.21 -42.66 -39.90
C SER E 104 19.12 -43.67 -39.69
N ASP E 105 19.07 -44.68 -40.53
CA ASP E 105 18.06 -45.70 -40.41
C ASP E 105 18.71 -46.87 -39.69
N PRO E 106 17.92 -47.83 -39.18
CA PRO E 106 18.43 -48.92 -38.35
C PRO E 106 19.68 -49.72 -38.50
N PRO E 107 20.09 -50.12 -39.71
CA PRO E 107 21.35 -50.84 -39.69
C PRO E 107 22.44 -49.98 -39.10
N ASP E 108 22.55 -48.76 -39.55
CA ASP E 108 23.57 -47.85 -39.09
C ASP E 108 23.21 -47.18 -37.82
N HIS E 109 21.93 -47.03 -37.55
CA HIS E 109 21.51 -46.49 -36.30
C HIS E 109 21.94 -47.38 -35.18
N THR E 110 21.81 -48.69 -35.37
CA THR E 110 22.19 -49.58 -34.33
C THR E 110 23.66 -49.51 -34.08
N ARG E 111 24.46 -49.51 -35.13
CA ARG E 111 25.88 -49.35 -34.95
C ARG E 111 26.27 -48.05 -34.27
N LEU E 112 25.70 -46.92 -34.69
CA LEU E 112 26.13 -45.65 -34.16
C LEU E 112 25.69 -45.45 -32.71
N ARG E 113 24.45 -45.84 -32.38
CA ARG E 113 23.98 -45.68 -31.00
C ARG E 113 24.76 -46.58 -30.07
N LYS E 114 25.26 -47.70 -30.61
CA LYS E 114 25.96 -48.71 -29.81
C LYS E 114 27.25 -48.20 -29.20
N LEU E 115 27.92 -47.25 -29.85
CA LEU E 115 29.22 -46.80 -29.38
C LEU E 115 29.13 -46.04 -28.06
N VAL E 116 27.99 -45.42 -27.76
CA VAL E 116 27.87 -44.52 -26.63
C VAL E 116 26.71 -44.87 -25.71
N ASN E 117 25.88 -45.86 -26.06
CA ASN E 117 24.65 -46.08 -25.32
C ASN E 117 24.91 -46.46 -23.87
N LYS E 118 25.93 -47.27 -23.63
CA LYS E 118 26.27 -47.73 -22.30
C LYS E 118 26.76 -46.61 -21.39
N ALA E 119 27.21 -45.48 -21.95
CA ALA E 119 27.66 -44.37 -21.14
C ALA E 119 26.52 -43.41 -20.78
N PHE E 120 25.38 -43.51 -21.45
CA PHE E 120 24.24 -42.63 -21.20
C PHE E 120 23.08 -43.37 -20.54
N THR E 121 23.28 -44.60 -20.09
CA THR E 121 22.23 -45.33 -19.39
C THR E 121 21.91 -44.67 -18.05
N SER E 122 20.73 -45.02 -17.52
CA SER E 122 20.31 -44.49 -16.23
C SER E 122 21.33 -44.81 -15.14
N ARG E 123 21.85 -46.03 -15.12
CA ARG E 123 22.83 -46.39 -14.09
C ARG E 123 24.12 -45.58 -14.24
N ALA E 124 24.60 -45.39 -15.46
CA ALA E 124 25.82 -44.64 -15.68
C ALA E 124 25.68 -43.20 -15.19
N ILE E 125 24.59 -42.54 -15.57
CA ILE E 125 24.40 -41.13 -15.24
C ILE E 125 24.22 -40.92 -13.73
N GLU E 126 23.72 -41.94 -13.01
CA GLU E 126 23.54 -41.77 -11.57
C GLU E 126 24.86 -41.52 -10.85
N LYS E 127 25.96 -42.06 -11.36
CA LYS E 127 27.27 -41.83 -10.75
C LYS E 127 27.69 -40.36 -10.82
N LEU E 128 27.06 -39.58 -11.70
CA LEU E 128 27.44 -38.18 -11.92
C LEU E 128 26.68 -37.22 -11.02
N ARG E 129 25.75 -37.73 -10.24
CA ARG E 129 25.01 -36.86 -9.31
C ARG E 129 25.98 -36.01 -8.50
N PRO E 130 27.04 -36.52 -7.81
CA PRO E 130 27.88 -35.60 -7.03
C PRO E 130 28.41 -34.46 -7.87
N GLU E 131 29.03 -34.75 -9.01
CA GLU E 131 29.63 -33.70 -9.83
C GLU E 131 28.58 -32.71 -10.33
N ILE E 132 27.39 -33.19 -10.70
CA ILE E 132 26.37 -32.28 -11.23
C ILE E 132 25.88 -31.30 -10.16
N GLU E 133 25.62 -31.79 -8.93
CA GLU E 133 25.24 -30.91 -7.83
C GLU E 133 26.35 -29.90 -7.55
N GLN E 134 27.58 -30.36 -7.70
CA GLN E 134 28.79 -29.60 -7.48
C GLN E 134 28.78 -28.38 -8.39
N ILE E 135 28.54 -28.63 -9.69
CA ILE E 135 28.48 -27.58 -10.71
C ILE E 135 27.28 -26.66 -10.49
N THR E 136 26.11 -27.24 -10.19
CA THR E 136 24.91 -26.43 -9.99
C THR E 136 25.09 -25.46 -8.82
N GLY E 137 25.66 -25.94 -7.71
CA GLY E 137 25.86 -25.07 -6.56
C GLY E 137 26.78 -23.91 -6.86
N GLU E 138 27.85 -24.17 -7.61
CA GLU E 138 28.78 -23.10 -7.99
C GLU E 138 28.13 -22.08 -8.91
N LEU E 139 27.33 -22.54 -9.87
CA LEU E 139 26.86 -21.65 -10.93
C LEU E 139 25.99 -20.52 -10.37
N LEU E 140 25.09 -20.84 -9.45
CA LEU E 140 24.24 -19.81 -8.87
C LEU E 140 24.91 -19.05 -7.73
N ALA E 141 25.98 -19.59 -7.15
CA ALA E 141 26.74 -18.79 -6.20
C ALA E 141 27.64 -17.79 -6.92
N ALA E 142 27.97 -18.05 -8.18
CA ALA E 142 28.88 -17.23 -8.97
C ALA E 142 28.22 -16.01 -9.59
N LEU E 143 26.90 -15.91 -9.58
CA LEU E 143 26.19 -14.87 -10.33
C LEU E 143 26.01 -13.63 -9.46
N PRO E 144 25.64 -12.49 -10.04
CA PRO E 144 25.60 -11.23 -9.29
C PRO E 144 24.38 -11.21 -8.37
N ASP E 145 24.24 -10.10 -7.64
CA ASP E 145 23.09 -9.86 -6.78
C ASP E 145 22.36 -8.61 -7.27
N GLU E 146 21.38 -8.82 -8.15
CA GLU E 146 20.69 -7.71 -8.80
C GLU E 146 19.22 -8.01 -8.88
N ASP E 147 18.42 -6.97 -9.12
CA ASP E 147 16.98 -7.16 -9.29
C ASP E 147 16.68 -8.03 -10.51
N PRO E 148 17.13 -7.69 -11.74
CA PRO E 148 17.05 -8.67 -12.83
C PRO E 148 18.30 -9.52 -12.94
N VAL E 149 18.12 -10.84 -13.00
CA VAL E 149 19.24 -11.76 -13.04
C VAL E 149 19.41 -12.42 -14.42
N ASP E 150 18.37 -12.49 -15.24
CA ASP E 150 18.40 -13.25 -16.49
C ASP E 150 18.91 -14.67 -16.24
N LEU E 151 18.08 -15.43 -15.50
CA LEU E 151 18.45 -16.77 -15.09
C LEU E 151 18.77 -17.68 -16.27
N LEU E 152 18.26 -17.36 -17.46
CA LEU E 152 18.57 -18.16 -18.65
C LEU E 152 20.06 -18.13 -18.96
N ASP E 153 20.64 -16.94 -19.07
CA ASP E 153 22.05 -16.82 -19.41
C ASP E 153 22.95 -17.13 -18.23
N ALA E 154 22.53 -16.76 -17.01
CA ALA E 154 23.38 -16.96 -15.84
C ALA E 154 23.41 -18.43 -15.40
N PHE E 155 22.28 -19.12 -15.48
CA PHE E 155 22.16 -20.47 -14.93
C PHE E 155 21.79 -21.52 -15.96
N ALA E 156 20.70 -21.30 -16.71
CA ALA E 156 20.14 -22.38 -17.53
C ALA E 156 21.08 -22.81 -18.64
N PHE E 157 21.67 -21.84 -19.35
CA PHE E 157 22.60 -22.21 -20.42
C PHE E 157 23.86 -22.90 -19.88
N PRO E 158 24.58 -22.36 -18.89
CA PRO E 158 25.84 -22.99 -18.48
C PRO E 158 25.73 -24.40 -17.92
N LEU E 159 24.63 -24.74 -17.23
CA LEU E 159 24.60 -26.01 -16.51
C LEU E 159 24.77 -27.21 -17.42
N PRO E 160 23.88 -27.37 -18.46
CA PRO E 160 24.12 -28.55 -19.27
C PRO E 160 25.44 -28.61 -20.04
N ILE E 161 25.99 -27.48 -20.43
CA ILE E 161 27.19 -27.49 -21.22
C ILE E 161 28.35 -27.96 -20.40
N ARG E 162 28.31 -27.72 -19.12
CA ARG E 162 29.41 -28.07 -18.28
C ARG E 162 29.30 -29.51 -17.96
N VAL E 163 28.11 -29.97 -17.72
CA VAL E 163 27.91 -31.40 -17.51
C VAL E 163 28.32 -32.18 -18.74
N ILE E 164 27.91 -31.70 -19.93
CA ILE E 164 28.28 -32.39 -21.16
C ILE E 164 29.80 -32.33 -21.38
N CYS E 165 30.42 -31.17 -21.11
CA CYS E 165 31.87 -31.07 -21.24
C CYS E 165 32.58 -32.02 -20.28
N LEU E 166 32.00 -32.21 -19.09
CA LEU E 166 32.54 -33.19 -18.16
C LEU E 166 32.50 -34.60 -18.75
N LEU E 167 31.39 -34.94 -19.40
CA LEU E 167 31.26 -36.28 -19.96
C LEU E 167 32.12 -36.48 -21.22
N LEU E 168 32.41 -35.42 -21.94
CA LEU E 168 33.17 -35.55 -23.18
C LEU E 168 34.54 -34.95 -23.12
N GLY E 169 35.07 -34.80 -21.93
CA GLY E 169 36.42 -34.28 -21.77
C GLY E 169 36.83 -32.96 -22.33
N VAL E 170 36.06 -31.92 -22.07
CA VAL E 170 36.41 -30.60 -22.53
C VAL E 170 36.54 -29.63 -21.36
N PRO E 171 37.61 -28.83 -21.33
CA PRO E 171 37.75 -27.84 -20.28
C PRO E 171 37.11 -26.52 -20.65
N LEU E 172 37.18 -25.54 -19.75
CA LEU E 172 36.53 -24.26 -20.02
C LEU E 172 37.45 -23.31 -20.75
N ASN E 177 31.77 -20.17 -25.71
CA ASN E 177 31.59 -20.08 -27.15
C ASN E 177 30.45 -20.99 -27.61
N PHE E 178 30.12 -21.99 -26.80
CA PHE E 178 29.08 -22.94 -27.18
C PHE E 178 27.71 -22.28 -27.23
N LYS E 179 27.39 -21.49 -26.20
CA LYS E 179 26.04 -20.91 -26.10
C LYS E 179 25.74 -20.01 -27.28
N SER E 180 26.70 -19.17 -27.68
CA SER E 180 26.51 -18.37 -28.88
C SER E 180 26.45 -19.24 -30.12
N TRP E 181 27.22 -20.33 -30.14
CA TRP E 181 27.26 -21.20 -31.31
C TRP E 181 25.91 -21.89 -31.50
N SER E 182 25.40 -22.53 -30.45
CA SER E 182 24.14 -23.24 -30.55
C SER E 182 22.98 -22.30 -30.81
N LYS E 183 23.10 -21.03 -30.40
CA LYS E 183 22.06 -20.04 -30.70
C LYS E 183 22.00 -19.74 -32.19
N ALA E 184 23.16 -19.63 -32.85
CA ALA E 184 23.18 -19.35 -34.28
C ALA E 184 22.70 -20.55 -35.08
N LEU E 185 22.99 -21.76 -34.67
CA LEU E 185 22.55 -22.88 -35.45
C LEU E 185 21.05 -23.10 -35.33
N VAL E 186 20.54 -23.22 -34.12
CA VAL E 186 19.12 -23.44 -33.84
C VAL E 186 18.15 -22.32 -34.12
N SER E 187 18.51 -21.11 -33.80
CA SER E 187 17.62 -19.99 -33.94
C SER E 187 18.39 -18.95 -34.63
N GLY E 188 18.65 -19.16 -35.89
CA GLY E 188 19.49 -18.24 -36.58
C GLY E 188 18.94 -16.92 -37.00
N ASP E 189 19.69 -15.86 -36.80
CA ASP E 189 19.27 -14.56 -37.27
C ASP E 189 19.28 -14.43 -38.78
N SER E 190 20.29 -14.98 -39.41
CA SER E 190 20.41 -14.85 -40.83
C SER E 190 21.00 -16.08 -41.35
N PRO E 191 20.75 -16.37 -42.61
CA PRO E 191 21.41 -17.50 -43.21
C PRO E 191 22.93 -17.39 -43.04
N ALA E 192 23.50 -16.20 -43.02
CA ALA E 192 24.94 -15.96 -42.83
C ALA E 192 25.36 -16.27 -41.39
N ALA E 193 24.53 -15.90 -40.41
CA ALA E 193 24.88 -16.15 -39.02
C ALA E 193 24.97 -17.65 -38.74
N THR E 194 24.01 -18.43 -39.24
CA THR E 194 24.02 -19.87 -38.99
C THR E 194 25.08 -20.57 -39.81
N ALA E 195 25.34 -20.11 -41.03
CA ALA E 195 26.41 -20.68 -41.83
C ALA E 195 27.76 -20.49 -41.15
N ALA E 196 27.98 -19.33 -40.53
CA ALA E 196 29.23 -19.09 -39.83
C ALA E 196 29.39 -20.03 -38.64
N ALA E 197 28.32 -20.20 -37.84
CA ALA E 197 28.39 -21.10 -36.70
C ALA E 197 28.59 -22.54 -37.15
N SER E 198 28.00 -22.92 -38.28
CA SER E 198 28.19 -24.27 -38.80
C SER E 198 29.65 -24.50 -39.13
N THR E 199 30.25 -23.58 -39.92
CA THR E 199 31.65 -23.73 -40.31
C THR E 199 32.57 -23.69 -39.10
N ALA E 200 32.29 -22.81 -38.13
CA ALA E 200 33.11 -22.75 -36.94
C ALA E 200 33.05 -24.04 -36.14
N MET E 201 31.91 -24.74 -36.18
CA MET E 201 31.76 -25.95 -35.39
C MET E 201 32.61 -27.10 -35.94
N ILE E 202 32.55 -27.35 -37.25
CA ILE E 202 33.40 -28.41 -37.81
C ILE E 202 34.87 -28.04 -37.66
N GLU E 203 35.17 -26.75 -37.63
CA GLU E 203 36.54 -26.33 -37.34
C GLU E 203 36.91 -26.68 -35.90
N TYR E 204 36.06 -26.30 -34.94
CA TYR E 204 36.35 -26.59 -33.55
C TYR E 204 36.32 -28.09 -33.26
N LEU E 205 35.31 -28.80 -33.79
CA LEU E 205 35.21 -30.23 -33.53
C LEU E 205 36.39 -30.98 -34.13
N GLY E 206 36.81 -30.60 -35.34
CA GLY E 206 38.00 -31.20 -35.92
C GLY E 206 39.24 -30.99 -35.07
N ASP E 207 39.44 -29.75 -34.61
CA ASP E 207 40.58 -29.46 -33.74
C ASP E 207 40.52 -30.27 -32.46
N LEU E 208 39.33 -30.42 -31.88
CA LEU E 208 39.18 -31.16 -30.63
C LEU E 208 39.57 -32.62 -30.81
N ILE E 209 39.20 -33.21 -31.95
CA ILE E 209 39.50 -34.63 -32.19
C ILE E 209 41.00 -34.88 -32.24
N GLU E 210 41.75 -34.01 -32.93
CA GLU E 210 43.21 -34.17 -32.96
C GLU E 210 43.80 -34.02 -31.56
N ARG E 211 43.30 -33.05 -30.80
CA ARG E 211 43.76 -32.87 -29.42
C ARG E 211 43.60 -34.16 -28.63
N LYS E 212 42.55 -34.93 -28.92
CA LYS E 212 42.38 -36.24 -28.30
C LYS E 212 43.38 -37.25 -28.87
N ARG E 213 43.62 -37.21 -30.18
CA ARG E 213 44.59 -38.12 -30.77
C ARG E 213 46.01 -37.81 -30.29
N ARG E 214 46.38 -36.53 -30.29
CA ARG E 214 47.74 -36.16 -29.87
C ARG E 214 47.99 -36.50 -28.42
N THR E 215 47.00 -36.27 -27.56
CA THR E 215 47.11 -36.51 -26.12
C THR E 215 45.92 -37.34 -25.65
N PRO E 216 46.02 -38.67 -25.73
CA PRO E 216 44.87 -39.52 -25.37
C PRO E 216 44.46 -39.32 -23.92
N THR E 217 43.16 -39.45 -23.68
CA THR E 217 42.57 -39.28 -22.36
C THR E 217 41.47 -40.32 -22.19
N ASP E 218 40.73 -40.22 -21.09
CA ASP E 218 39.68 -41.18 -20.75
C ASP E 218 38.36 -40.43 -20.67
N ASP E 219 37.58 -40.48 -21.75
CA ASP E 219 36.25 -39.88 -21.79
C ASP E 219 35.50 -40.47 -22.97
N VAL E 220 34.23 -40.06 -23.10
CA VAL E 220 33.39 -40.59 -24.17
C VAL E 220 33.99 -40.22 -25.53
N LEU E 221 34.35 -38.95 -25.70
CA LEU E 221 34.89 -38.48 -26.97
C LEU E 221 36.18 -39.19 -27.33
N ALA E 222 37.10 -39.30 -26.37
CA ALA E 222 38.36 -40.00 -26.63
C ALA E 222 38.13 -41.47 -26.92
N ALA E 223 37.21 -42.11 -26.18
CA ALA E 223 36.86 -43.50 -26.47
C ALA E 223 36.30 -43.66 -27.87
N LEU E 224 35.57 -42.65 -28.35
CA LEU E 224 35.05 -42.67 -29.71
C LEU E 224 36.19 -42.60 -30.73
N VAL E 225 37.21 -41.80 -30.45
CA VAL E 225 38.36 -41.71 -31.35
C VAL E 225 39.05 -43.07 -31.46
N SER E 226 39.20 -43.77 -30.33
CA SER E 226 39.79 -45.11 -30.36
C SER E 226 38.94 -46.05 -31.21
N ALA E 227 37.61 -45.99 -31.07
CA ALA E 227 36.73 -46.81 -31.89
C ALA E 227 36.91 -46.55 -33.38
N ARG E 228 37.38 -45.35 -33.75
CA ARG E 228 37.59 -45.04 -35.16
C ARG E 228 38.94 -45.57 -35.65
N ASP E 229 40.01 -45.30 -34.90
CA ASP E 229 41.36 -45.61 -35.35
C ASP E 229 41.75 -47.06 -35.04
N VAL E 230 41.54 -47.50 -33.81
CA VAL E 230 41.92 -48.86 -33.43
C VAL E 230 40.98 -49.88 -34.06
N ASP E 231 39.67 -49.62 -34.00
CA ASP E 231 38.66 -50.63 -34.29
C ASP E 231 37.86 -50.39 -35.56
N ASP E 232 38.01 -49.23 -36.20
CA ASP E 232 37.31 -48.92 -37.44
C ASP E 232 35.79 -49.04 -37.31
N ARG E 233 35.27 -48.77 -36.12
CA ARG E 233 33.84 -48.87 -35.90
C ARG E 233 33.08 -47.69 -36.49
N LEU E 234 33.80 -46.68 -36.98
CA LEU E 234 33.23 -45.38 -37.31
C LEU E 234 33.89 -44.85 -38.57
N THR E 235 33.16 -43.96 -39.25
CA THR E 235 33.72 -43.18 -40.34
C THR E 235 34.09 -41.81 -39.80
N GLU E 236 34.97 -41.11 -40.52
CA GLU E 236 35.44 -39.83 -40.04
C GLU E 236 34.31 -38.81 -39.92
N THR E 237 33.44 -38.75 -40.93
CA THR E 237 32.26 -37.90 -40.86
C THR E 237 31.38 -38.27 -39.66
N GLU E 238 31.09 -39.56 -39.50
CA GLU E 238 30.24 -40.01 -38.41
C GLU E 238 30.82 -39.64 -37.06
N LEU E 239 32.15 -39.74 -36.92
CA LEU E 239 32.80 -39.33 -35.68
C LEU E 239 32.56 -37.85 -35.39
N VAL E 240 32.79 -36.99 -36.38
CA VAL E 240 32.57 -35.56 -36.20
C VAL E 240 31.10 -35.28 -35.90
N SER E 241 30.20 -35.90 -36.68
CA SER E 241 28.78 -35.69 -36.48
C SER E 241 28.32 -36.18 -35.11
N MET E 242 28.87 -37.32 -34.67
CA MET E 242 28.55 -37.82 -33.34
C MET E 242 28.96 -36.84 -32.26
N ALA E 243 30.14 -36.22 -32.41
CA ALA E 243 30.56 -35.19 -31.47
C ALA E 243 29.58 -34.03 -31.47
N PHE E 244 29.17 -33.58 -32.65
CA PHE E 244 28.19 -32.50 -32.75
C PHE E 244 26.88 -32.89 -32.08
N LEU E 245 26.37 -34.09 -32.38
CA LEU E 245 25.11 -34.52 -31.79
C LEU E 245 25.23 -34.61 -30.29
N LEU E 246 26.31 -35.20 -29.78
CA LEU E 246 26.48 -35.28 -28.34
C LEU E 246 26.64 -33.90 -27.71
N PHE E 247 27.35 -33.00 -28.41
CA PHE E 247 27.55 -31.66 -27.87
C PHE E 247 26.29 -30.81 -28.03
N ILE E 248 25.87 -30.57 -29.27
CA ILE E 248 24.72 -29.71 -29.55
C ILE E 248 23.41 -30.39 -29.15
N GLY E 249 23.30 -31.72 -29.30
CA GLY E 249 22.06 -32.41 -29.03
C GLY E 249 21.59 -32.29 -27.60
N GLY E 250 22.52 -32.17 -26.66
CA GLY E 250 22.16 -32.12 -25.26
C GLY E 250 22.06 -30.72 -24.70
N HIS E 251 22.55 -29.72 -25.42
CA HIS E 251 22.68 -28.39 -24.84
C HIS E 251 21.38 -27.60 -24.93
N GLU E 252 20.91 -27.32 -26.15
CA GLU E 252 19.72 -26.48 -26.32
C GLU E 252 18.49 -27.08 -25.67
N THR E 253 18.43 -28.41 -25.57
CA THR E 253 17.27 -29.07 -25.00
C THR E 253 17.15 -28.80 -23.50
N THR E 254 18.21 -29.07 -22.74
CA THR E 254 18.10 -29.02 -21.29
C THR E 254 18.00 -27.60 -20.78
N VAL E 255 18.67 -26.64 -21.43
CA VAL E 255 18.59 -25.25 -20.98
C VAL E 255 17.16 -24.76 -21.03
N ASN E 256 16.46 -25.07 -22.13
CA ASN E 256 15.08 -24.61 -22.27
C ASN E 256 14.13 -25.36 -21.34
N THR E 257 14.46 -26.59 -20.96
CA THR E 257 13.68 -27.28 -19.94
C THR E 257 13.70 -26.48 -18.65
N LEU E 258 14.88 -26.07 -18.21
CA LEU E 258 15.00 -25.22 -17.02
C LEU E 258 14.35 -23.87 -17.24
N GLY E 259 14.56 -23.28 -18.42
CA GLY E 259 13.95 -21.99 -18.70
C GLY E 259 12.43 -22.08 -18.76
N ASN E 260 11.91 -23.02 -19.56
CA ASN E 260 10.46 -23.17 -19.67
C ASN E 260 9.85 -23.59 -18.34
N GLY E 261 10.50 -24.52 -17.64
CA GLY E 261 9.95 -24.96 -16.36
C GLY E 261 9.90 -23.86 -15.32
N THR E 262 10.97 -23.05 -15.23
CA THR E 262 11.00 -21.96 -14.26
C THR E 262 9.93 -20.92 -14.58
N LEU E 263 9.73 -20.59 -15.86
CA LEU E 263 8.70 -19.63 -16.22
C LEU E 263 7.33 -20.08 -15.73
N HIS E 264 6.95 -21.31 -16.04
CA HIS E 264 5.64 -21.82 -15.63
C HIS E 264 5.54 -21.91 -14.12
N LEU E 265 6.64 -22.28 -13.44
CA LEU E 265 6.62 -22.30 -11.99
C LEU E 265 6.37 -20.91 -11.42
N MET E 266 7.03 -19.89 -11.97
CA MET E 266 6.83 -18.53 -11.52
C MET E 266 5.43 -18.01 -11.82
N ARG E 267 4.74 -18.60 -12.80
CA ARG E 267 3.40 -18.18 -13.15
C ARG E 267 2.33 -18.89 -12.32
N ASN E 268 2.70 -19.97 -11.64
CA ASN E 268 1.82 -20.69 -10.72
C ASN E 268 2.59 -20.86 -9.41
N LEU E 269 2.54 -19.85 -8.55
CA LEU E 269 3.39 -19.82 -7.37
C LEU E 269 2.98 -20.88 -6.35
N ASP E 270 1.69 -21.26 -6.32
CA ASP E 270 1.26 -22.33 -5.42
C ASP E 270 1.94 -23.64 -5.76
N GLN E 271 2.00 -23.99 -7.04
CA GLN E 271 2.69 -25.20 -7.44
C GLN E 271 4.19 -25.09 -7.18
N TRP E 272 4.73 -23.89 -7.19
CA TRP E 272 6.15 -23.69 -6.89
C TRP E 272 6.46 -23.92 -5.42
N GLU E 273 5.44 -23.51 -4.58
CA GLU E 273 5.67 -23.59 -3.16
C GLU E 273 5.44 -25.01 -2.70
N ALA E 274 4.64 -25.75 -3.38
CA ALA E 274 4.36 -27.11 -3.01
C ALA E 274 5.59 -27.92 -3.27
N LEU E 275 6.32 -27.56 -4.31
CA LEU E 275 7.60 -28.22 -4.54
C LEU E 275 8.63 -27.86 -3.48
N ARG E 276 8.73 -26.57 -3.13
CA ARG E 276 9.66 -26.17 -2.07
C ARG E 276 9.34 -26.87 -0.76
N GLN E 277 8.06 -27.02 -0.44
CA GLN E 277 7.69 -27.73 0.78
C GLN E 277 8.01 -29.21 0.68
N ASP E 278 7.56 -29.86 -0.40
CA ASP E 278 7.66 -31.30 -0.58
C ASP E 278 8.50 -31.55 -1.82
N ARG E 279 9.65 -32.21 -1.64
CA ARG E 279 10.60 -32.45 -2.71
C ARG E 279 10.41 -33.78 -3.43
N SER E 280 9.46 -34.61 -2.99
CA SER E 280 9.16 -35.83 -3.73
C SER E 280 8.44 -35.56 -5.04
N LEU E 281 7.90 -34.34 -5.22
CA LEU E 281 7.20 -33.99 -6.44
C LEU E 281 8.15 -33.58 -7.56
N LEU E 282 9.42 -33.37 -7.24
CA LEU E 282 10.39 -32.92 -8.25
C LEU E 282 10.46 -33.84 -9.46
N PRO E 283 10.54 -35.17 -9.31
CA PRO E 283 10.57 -36.01 -10.53
C PRO E 283 9.31 -35.86 -11.38
N GLY E 284 8.14 -35.89 -10.75
CA GLY E 284 6.91 -35.71 -11.50
C GLY E 284 6.78 -34.30 -12.07
N ALA E 285 7.25 -33.29 -11.33
CA ALA E 285 7.20 -31.93 -11.83
C ALA E 285 8.04 -31.78 -13.09
N VAL E 286 9.19 -32.43 -13.14
CA VAL E 286 10.06 -32.35 -14.32
C VAL E 286 9.35 -32.93 -15.54
N GLU E 287 8.70 -34.09 -15.39
CA GLU E 287 7.97 -34.67 -16.50
C GLU E 287 6.81 -33.78 -16.94
N GLU E 288 6.18 -33.07 -16.00
CA GLU E 288 5.10 -32.17 -16.40
C GLU E 288 5.62 -30.93 -17.11
N PHE E 289 6.81 -30.45 -16.75
CA PHE E 289 7.41 -29.36 -17.51
C PHE E 289 7.67 -29.78 -18.94
N LEU E 290 8.17 -31.00 -19.14
CA LEU E 290 8.47 -31.47 -20.49
C LEU E 290 7.20 -31.56 -21.33
N ARG E 291 6.10 -32.00 -20.72
CA ARG E 291 4.84 -32.08 -21.44
C ARG E 291 4.29 -30.68 -21.76
N LEU E 292 4.24 -29.81 -20.75
CA LEU E 292 3.58 -28.52 -20.93
C LEU E 292 4.31 -27.62 -21.92
N GLU E 293 5.63 -27.46 -21.74
CA GLU E 293 6.45 -26.63 -22.63
C GLU E 293 7.62 -27.49 -23.12
N SER E 294 7.38 -28.25 -24.17
CA SER E 294 8.39 -29.15 -24.70
C SER E 294 9.57 -28.35 -25.24
N PRO E 295 10.80 -28.64 -24.82
CA PRO E 295 11.96 -27.90 -25.36
C PRO E 295 12.07 -28.00 -26.87
N LEU E 296 11.69 -29.13 -27.44
CA LEU E 296 11.58 -29.29 -28.89
C LEU E 296 10.11 -29.35 -29.27
N LYS E 297 9.65 -28.30 -29.95
CA LYS E 297 8.27 -28.30 -30.44
C LYS E 297 8.06 -29.43 -31.43
N HIS E 298 9.07 -29.71 -32.26
CA HIS E 298 8.95 -30.70 -33.33
C HIS E 298 10.12 -31.68 -33.28
N ALA E 299 9.85 -32.91 -33.73
CA ALA E 299 10.91 -33.88 -33.95
C ALA E 299 11.63 -33.57 -35.26
N THR E 300 12.72 -34.29 -35.52
CA THR E 300 13.43 -34.07 -36.78
C THR E 300 12.56 -34.48 -37.96
N PHE E 301 12.85 -33.87 -39.11
CA PHE E 301 12.10 -34.15 -40.32
C PHE E 301 12.20 -35.62 -40.70
N ARG E 302 11.08 -36.20 -41.08
CA ARG E 302 11.02 -37.56 -41.56
C ARG E 302 10.51 -37.59 -42.98
N CYS E 303 10.90 -38.62 -43.72
CA CYS E 303 10.50 -38.78 -45.11
C CYS E 303 9.64 -40.04 -45.24
N ALA E 304 8.62 -39.96 -46.08
CA ALA E 304 7.74 -41.09 -46.33
C ALA E 304 8.39 -41.97 -47.39
N THR E 305 8.75 -43.20 -47.00
CA THR E 305 9.38 -44.15 -47.91
C THR E 305 8.37 -44.95 -48.72
N GLU E 306 7.08 -44.77 -48.46
CA GLU E 306 6.02 -45.35 -49.25
C GLU E 306 4.74 -44.62 -48.90
N ASP E 307 3.73 -44.76 -49.75
CA ASP E 307 2.46 -44.11 -49.50
C ASP E 307 1.90 -44.56 -48.15
N LEU E 308 1.44 -43.60 -47.36
CA LEU E 308 0.83 -43.89 -46.07
C LEU E 308 -0.17 -42.80 -45.75
N ARG E 309 -1.11 -43.13 -44.88
CA ARG E 309 -2.15 -42.20 -44.47
C ARG E 309 -1.98 -41.89 -42.98
N ILE E 310 -1.92 -40.60 -42.65
CA ILE E 310 -1.84 -40.13 -41.28
C ILE E 310 -3.15 -39.43 -40.96
N GLY E 311 -3.82 -39.89 -39.91
CA GLY E 311 -5.16 -39.41 -39.64
C GLY E 311 -6.06 -39.79 -40.80
N ASP E 312 -6.71 -38.78 -41.39
CA ASP E 312 -7.61 -38.99 -42.52
C ASP E 312 -7.04 -38.48 -43.83
N THR E 313 -5.78 -38.09 -43.86
CA THR E 313 -5.16 -37.51 -45.04
C THR E 313 -4.05 -38.41 -45.55
N ALA E 314 -4.01 -38.59 -46.88
CA ALA E 314 -3.02 -39.45 -47.51
C ALA E 314 -1.72 -38.69 -47.73
N ILE E 315 -0.61 -39.33 -47.36
CA ILE E 315 0.71 -38.72 -47.47
C ILE E 315 1.49 -39.46 -48.57
N PRO E 316 1.80 -38.81 -49.67
CA PRO E 316 2.47 -39.52 -50.78
C PRO E 316 3.92 -39.83 -50.45
N ALA E 317 4.41 -40.90 -51.07
CA ALA E 317 5.81 -41.30 -50.91
C ALA E 317 6.75 -40.19 -51.36
N GLY E 318 7.78 -39.93 -50.56
CA GLY E 318 8.76 -38.91 -50.86
C GLY E 318 8.49 -37.57 -50.21
N ASP E 319 7.29 -37.37 -49.67
CA ASP E 319 7.00 -36.12 -48.98
C ASP E 319 7.65 -36.14 -47.60
N PHE E 320 7.69 -34.97 -46.98
CA PHE E 320 8.39 -34.79 -45.72
C PHE E 320 7.40 -34.40 -44.64
N VAL E 321 7.66 -34.88 -43.42
CA VAL E 321 6.72 -34.81 -42.32
C VAL E 321 7.40 -34.24 -41.10
N LEU E 322 6.71 -33.35 -40.40
CA LEU E 322 7.22 -32.71 -39.18
C LEU E 322 6.28 -33.05 -38.03
N LEU E 323 6.80 -33.73 -37.02
CA LEU E 323 6.00 -34.22 -35.90
C LEU E 323 5.98 -33.18 -34.78
N ALA E 324 4.78 -32.69 -34.46
CA ALA E 324 4.61 -31.67 -33.42
C ALA E 324 4.52 -32.37 -32.08
N LEU E 325 5.65 -32.45 -31.38
CA LEU E 325 5.68 -33.05 -30.05
C LEU E 325 4.91 -32.22 -29.04
N ALA E 326 4.95 -30.89 -29.18
CA ALA E 326 4.19 -30.02 -28.29
C ALA E 326 2.69 -30.23 -28.45
N SER E 327 2.22 -30.40 -29.69
CA SER E 327 0.81 -30.65 -29.93
C SER E 327 0.36 -31.96 -29.30
N ALA E 328 1.16 -33.02 -29.46
CA ALA E 328 0.80 -34.31 -28.89
C ALA E 328 0.73 -34.23 -27.36
N ASN E 329 1.63 -33.48 -26.74
CA ASN E 329 1.68 -33.38 -25.28
C ASN E 329 0.57 -32.52 -24.71
N ARG E 330 -0.20 -31.83 -25.55
CA ARG E 330 -1.32 -31.02 -25.07
C ARG E 330 -2.62 -31.41 -25.77
N ASP E 331 -2.74 -32.69 -26.13
CA ASP E 331 -3.96 -33.19 -26.76
C ASP E 331 -4.96 -33.56 -25.67
N PRO E 332 -6.13 -32.91 -25.62
CA PRO E 332 -7.13 -33.28 -24.60
C PRO E 332 -7.62 -34.72 -24.72
N GLU E 333 -7.52 -35.31 -25.91
CA GLU E 333 -7.86 -36.72 -26.08
C GLU E 333 -6.97 -37.63 -25.25
N ARG E 334 -5.77 -37.16 -24.90
CA ARG E 334 -4.83 -37.92 -24.09
C ARG E 334 -4.57 -37.32 -22.70
N PHE E 335 -4.57 -35.99 -22.57
CA PHE E 335 -4.24 -35.33 -21.32
C PHE E 335 -5.37 -34.39 -20.91
N GLY E 336 -5.84 -34.53 -19.67
CA GLY E 336 -6.86 -33.63 -19.16
C GLY E 336 -6.27 -32.30 -18.72
N ASP E 337 -6.98 -31.22 -19.02
CA ASP E 337 -6.49 -29.86 -18.82
C ASP E 337 -5.11 -29.70 -19.44
N PRO E 338 -4.97 -29.93 -20.75
CA PRO E 338 -3.63 -30.02 -21.34
C PRO E 338 -2.82 -28.73 -21.24
N HIS E 339 -3.47 -27.57 -21.15
CA HIS E 339 -2.78 -26.30 -21.12
C HIS E 339 -2.53 -25.78 -19.71
N THR E 340 -2.88 -26.56 -18.69
CA THR E 340 -2.69 -26.16 -17.30
C THR E 340 -1.53 -26.96 -16.71
N LEU E 341 -0.67 -26.27 -15.96
CA LEU E 341 0.44 -26.91 -15.27
C LEU E 341 -0.09 -27.58 -14.01
N ASP E 342 0.08 -28.89 -13.91
CA ASP E 342 -0.23 -29.65 -12.71
C ASP E 342 0.95 -30.58 -12.43
N VAL E 343 1.75 -30.24 -11.42
CA VAL E 343 2.91 -31.05 -11.11
C VAL E 343 2.53 -32.40 -10.52
N ARG E 344 1.29 -32.54 -10.04
CA ARG E 344 0.78 -33.79 -9.50
C ARG E 344 0.09 -34.65 -10.55
N ARG E 345 0.12 -34.23 -11.81
CA ARG E 345 -0.52 -34.97 -12.90
C ARG E 345 0.12 -36.36 -13.00
N PRO E 346 -0.65 -37.39 -13.43
CA PRO E 346 0.04 -38.65 -13.66
C PRO E 346 1.24 -38.46 -14.56
N THR E 347 2.39 -38.91 -14.14
CA THR E 347 3.61 -38.66 -14.89
C THR E 347 3.86 -39.23 -16.28
N GLY E 348 3.52 -40.48 -16.54
CA GLY E 348 3.87 -41.06 -17.81
C GLY E 348 3.16 -40.57 -19.04
N GLY E 349 3.70 -40.84 -20.21
CA GLY E 349 3.02 -40.50 -21.45
C GLY E 349 3.44 -39.37 -22.32
N HIS E 350 4.26 -38.51 -21.79
CA HIS E 350 4.74 -37.42 -22.60
C HIS E 350 5.64 -37.96 -23.66
N VAL E 351 5.63 -37.28 -24.76
CA VAL E 351 6.44 -37.70 -25.91
C VAL E 351 7.55 -36.68 -26.17
N ALA E 352 7.93 -35.95 -25.11
CA ALA E 352 8.98 -34.93 -25.26
C ALA E 352 10.32 -35.55 -25.65
N PHE E 353 10.56 -36.80 -25.26
CA PHE E 353 11.79 -37.50 -25.60
C PHE E 353 11.67 -38.35 -26.87
N GLY E 354 10.54 -38.25 -27.56
CA GLY E 354 10.31 -39.04 -28.75
C GLY E 354 9.67 -40.39 -28.46
N HIS E 355 9.74 -41.26 -29.45
CA HIS E 355 9.16 -42.59 -29.38
C HIS E 355 9.72 -43.42 -30.51
N GLY E 356 10.01 -44.69 -30.22
CA GLY E 356 10.59 -45.59 -31.18
C GLY E 356 12.08 -45.77 -30.97
N ILE E 357 12.75 -46.19 -32.04
CA ILE E 357 14.18 -46.49 -31.96
C ILE E 357 15.00 -45.25 -31.65
N HIS E 358 14.49 -44.07 -32.01
CA HIS E 358 15.21 -42.82 -31.80
C HIS E 358 14.88 -42.15 -30.48
N TYR E 359 14.25 -42.86 -29.55
CA TYR E 359 13.97 -42.30 -28.23
C TYR E 359 15.25 -41.75 -27.63
N CYS E 360 15.15 -40.55 -27.06
CA CYS E 360 16.32 -39.78 -26.67
C CYS E 360 17.27 -40.59 -25.80
N LEU E 361 18.54 -40.61 -26.19
CA LEU E 361 19.55 -41.33 -25.43
C LEU E 361 19.98 -40.55 -24.19
N GLY E 362 19.88 -39.23 -24.23
CA GLY E 362 20.23 -38.37 -23.11
C GLY E 362 19.12 -38.14 -22.11
N ALA E 363 18.01 -38.88 -22.21
CA ALA E 363 16.90 -38.68 -21.28
C ALA E 363 17.30 -38.88 -19.82
N PRO E 364 17.98 -39.97 -19.43
CA PRO E 364 18.40 -40.07 -18.01
C PRO E 364 19.27 -38.91 -17.57
N LEU E 365 20.20 -38.47 -18.41
CA LEU E 365 21.06 -37.34 -18.04
C LEU E 365 20.24 -36.07 -17.89
N ALA E 366 19.33 -35.80 -18.83
CA ALA E 366 18.51 -34.60 -18.74
C ALA E 366 17.60 -34.63 -17.52
N ARG E 367 17.01 -35.79 -17.22
CA ARG E 367 16.13 -35.90 -16.06
C ARG E 367 16.89 -35.60 -14.77
N MET E 368 18.08 -36.19 -14.62
CA MET E 368 18.88 -35.93 -13.43
C MET E 368 19.28 -34.47 -13.36
N GLU E 369 19.72 -33.90 -14.49
CA GLU E 369 20.09 -32.49 -14.52
C GLU E 369 18.94 -31.60 -14.07
N ALA E 370 17.74 -31.86 -14.61
CA ALA E 370 16.58 -31.05 -14.24
C ALA E 370 16.21 -31.21 -12.78
N GLN E 371 16.23 -32.44 -12.28
CA GLN E 371 15.90 -32.69 -10.87
C GLN E 371 16.86 -31.96 -9.93
N VAL E 372 18.17 -32.12 -10.16
CA VAL E 372 19.15 -31.49 -9.29
C VAL E 372 19.06 -29.97 -9.36
N ALA E 373 18.98 -29.44 -10.58
CA ALA E 373 18.99 -27.99 -10.75
C ALA E 373 17.77 -27.35 -10.13
N PHE E 374 16.58 -27.93 -10.33
CA PHE E 374 15.38 -27.38 -9.73
C PHE E 374 15.43 -27.51 -8.21
N GLY E 375 15.86 -28.67 -7.71
CA GLY E 375 15.94 -28.87 -6.27
C GLY E 375 16.84 -27.86 -5.59
N VAL E 376 17.98 -27.58 -6.21
CA VAL E 376 18.87 -26.54 -5.69
C VAL E 376 18.18 -25.18 -5.77
N LEU E 377 17.47 -24.93 -6.88
CA LEU E 377 16.77 -23.65 -7.05
C LEU E 377 15.71 -23.42 -5.99
N LEU E 378 15.16 -24.50 -5.42
CA LEU E 378 14.21 -24.32 -4.33
C LEU E 378 14.92 -24.10 -3.00
N ASP E 379 16.07 -24.74 -2.79
CA ASP E 379 16.83 -24.55 -1.56
C ASP E 379 17.40 -23.13 -1.49
N THR E 380 18.05 -22.69 -2.56
CA THR E 380 18.61 -21.36 -2.64
C THR E 380 17.72 -20.48 -3.51
N PHE E 381 17.45 -19.26 -3.03
CA PHE E 381 16.50 -18.33 -3.63
C PHE E 381 15.09 -18.90 -3.67
N PRO E 382 14.55 -19.40 -2.55
CA PRO E 382 13.19 -19.96 -2.56
C PRO E 382 12.09 -18.92 -2.78
N ALA E 383 12.38 -17.63 -2.62
CA ALA E 383 11.37 -16.59 -2.73
C ALA E 383 11.49 -15.80 -4.03
N MET E 384 12.16 -16.36 -5.02
CA MET E 384 12.37 -15.65 -6.28
C MET E 384 11.08 -15.52 -7.08
N ARG E 385 10.99 -14.45 -7.86
CA ARG E 385 9.82 -14.16 -8.68
C ARG E 385 10.27 -13.60 -10.02
N LEU E 386 9.39 -13.73 -11.01
CA LEU E 386 9.64 -13.13 -12.32
C LEU E 386 9.79 -11.63 -12.17
N ALA E 387 10.69 -11.01 -12.90
CA ALA E 387 10.92 -9.58 -12.74
C ALA E 387 10.11 -8.77 -13.70
N VAL E 388 9.40 -9.44 -14.58
CA VAL E 388 8.56 -8.73 -15.52
C VAL E 388 7.22 -9.35 -15.65
N ASP E 389 6.42 -8.83 -16.58
CA ASP E 389 5.12 -9.36 -16.83
C ASP E 389 5.30 -10.51 -17.73
N PRO E 390 4.61 -11.60 -17.45
CA PRO E 390 4.70 -12.79 -18.28
C PRO E 390 4.50 -12.60 -19.79
N GLU E 391 3.88 -11.52 -20.22
CA GLU E 391 3.62 -11.32 -21.64
C GLU E 391 4.58 -10.39 -22.30
N ASP E 392 5.66 -10.04 -21.63
CA ASP E 392 6.68 -9.25 -22.25
C ASP E 392 7.73 -10.24 -22.62
N MET E 393 7.46 -11.49 -22.35
CA MET E 393 8.41 -12.52 -22.64
C MET E 393 8.30 -13.05 -24.04
N ARG E 394 9.43 -13.17 -24.70
CA ARG E 394 9.43 -13.60 -26.07
C ARG E 394 10.06 -14.95 -26.26
N TRP E 395 9.76 -15.56 -27.39
CA TRP E 395 10.30 -16.86 -27.68
C TRP E 395 11.22 -16.75 -28.86
N ARG E 396 12.31 -17.50 -28.85
CA ARG E 396 13.28 -17.49 -29.93
C ARG E 396 12.69 -18.12 -31.18
N THR E 397 13.15 -17.67 -32.34
CA THR E 397 12.63 -18.13 -33.62
C THR E 397 13.41 -19.38 -34.01
N SER E 398 12.78 -20.54 -33.85
CA SER E 398 13.42 -21.81 -34.15
C SER E 398 12.40 -22.77 -34.72
N THR E 399 12.82 -23.54 -35.74
CA THR E 399 11.94 -24.52 -36.37
C THR E 399 11.60 -25.64 -35.41
N LEU E 400 12.54 -26.05 -34.55
CA LEU E 400 12.34 -27.17 -33.65
C LEU E 400 12.34 -26.80 -32.17
N ILE E 401 12.99 -25.71 -31.79
CA ILE E 401 13.30 -25.42 -30.40
C ILE E 401 12.25 -24.49 -29.80
N ARG E 402 11.91 -24.72 -28.54
CA ARG E 402 11.01 -23.87 -27.76
C ARG E 402 11.79 -23.30 -26.58
N GLY E 403 12.27 -22.07 -26.72
CA GLY E 403 13.05 -21.46 -25.66
C GLY E 403 12.86 -19.95 -25.65
N LEU E 404 13.19 -19.37 -24.50
CA LEU E 404 13.00 -17.95 -24.27
C LEU E 404 14.24 -17.15 -24.62
N HIS E 405 14.02 -15.88 -25.02
CA HIS E 405 15.14 -14.96 -25.19
C HIS E 405 15.85 -14.69 -23.87
N SER E 406 15.09 -14.54 -22.79
CA SER E 406 15.64 -14.26 -21.48
C SER E 406 14.65 -14.78 -20.43
N LEU E 407 15.07 -14.75 -19.17
CA LEU E 407 14.21 -15.15 -18.05
C LEU E 407 14.59 -14.32 -16.83
N PRO E 408 14.24 -13.03 -16.82
CA PRO E 408 14.62 -12.17 -15.70
C PRO E 408 13.85 -12.52 -14.44
N VAL E 409 14.56 -12.58 -13.31
CA VAL E 409 13.99 -12.95 -12.03
C VAL E 409 14.67 -12.13 -10.93
N ARG E 410 13.97 -11.99 -9.81
CA ARG E 410 14.49 -11.35 -8.61
C ARG E 410 14.62 -12.39 -7.51
N LEU E 411 15.76 -12.38 -6.82
CA LEU E 411 16.12 -13.46 -5.91
C LEU E 411 15.96 -13.11 -4.44
N ASN E 412 16.59 -12.01 -4.00
CA ASN E 412 16.63 -11.60 -2.59
C ASN E 412 17.37 -12.63 -1.73
N PRO F 10 -25.88 32.75 50.62
CA PRO F 10 -25.12 32.34 49.44
C PRO F 10 -25.92 31.39 48.55
N LEU F 11 -26.29 31.85 47.36
CA LEU F 11 -27.16 31.07 46.48
C LEU F 11 -26.39 29.90 45.87
N GLU F 12 -26.99 28.72 45.95
CA GLU F 12 -26.41 27.51 45.37
C GLU F 12 -26.81 27.40 43.90
N LEU F 13 -25.81 27.27 43.03
CA LEU F 13 -26.07 27.14 41.60
C LEU F 13 -26.30 25.67 41.29
N ASP F 14 -27.41 25.37 40.62
CA ASP F 14 -27.78 23.99 40.34
C ASP F 14 -27.50 23.67 38.87
N ASP F 15 -27.91 22.47 38.45
CA ASP F 15 -27.72 22.07 37.05
C ASP F 15 -28.48 22.99 36.10
N ALA F 16 -29.70 23.40 36.49
CA ALA F 16 -30.48 24.32 35.66
C ALA F 16 -29.66 25.56 35.30
N PHE F 17 -28.84 26.04 36.23
CA PHE F 17 -27.90 27.11 35.89
C PHE F 17 -26.90 26.64 34.84
N MET F 18 -26.40 25.41 34.98
CA MET F 18 -25.42 24.91 34.02
C MET F 18 -26.01 24.80 32.62
N GLN F 19 -27.26 24.35 32.52
CA GLN F 19 -27.88 24.23 31.20
C GLN F 19 -28.28 25.59 30.65
N ASP F 20 -28.82 26.47 31.48
CA ASP F 20 -29.26 27.81 31.06
C ASP F 20 -28.73 28.85 32.03
N PRO F 21 -27.45 29.23 31.91
CA PRO F 21 -26.93 30.28 32.79
C PRO F 21 -27.47 31.66 32.45
N HIS F 22 -27.90 31.89 31.22
CA HIS F 22 -28.33 33.22 30.80
C HIS F 22 -29.55 33.69 31.58
N SER F 23 -30.52 32.79 31.79
CA SER F 23 -31.70 33.16 32.57
C SER F 23 -31.32 33.52 34.00
N VAL F 24 -30.41 32.76 34.61
CA VAL F 24 -29.98 33.06 35.96
C VAL F 24 -29.30 34.41 36.03
N TYR F 25 -28.43 34.71 35.06
CA TYR F 25 -27.76 36.02 35.06
C TYR F 25 -28.76 37.15 34.98
N ALA F 26 -29.75 37.04 34.10
CA ALA F 26 -30.74 38.10 33.92
C ALA F 26 -31.52 38.35 35.20
N ARG F 27 -31.93 37.28 35.89
CA ARG F 27 -32.61 37.43 37.18
C ARG F 27 -31.72 38.16 38.17
N LEU F 28 -30.46 37.74 38.27
CA LEU F 28 -29.54 38.39 39.21
C LEU F 28 -29.28 39.83 38.81
N ASN F 29 -29.03 40.09 37.52
CA ASN F 29 -28.72 41.45 37.10
C ASN F 29 -29.91 42.39 37.25
N ALA F 30 -31.13 41.88 37.07
CA ALA F 30 -32.30 42.72 37.26
C ALA F 30 -32.40 43.21 38.70
N GLU F 31 -31.83 42.46 39.64
CA GLU F 31 -31.87 42.81 41.06
C GLU F 31 -30.62 43.52 41.55
N GLY F 32 -29.49 43.36 40.86
CA GLY F 32 -28.24 43.96 41.31
C GLY F 32 -27.11 43.52 40.41
N SER F 33 -25.89 43.90 40.81
CA SER F 33 -24.70 43.61 40.01
C SER F 33 -23.75 42.61 40.65
N ALA F 34 -23.86 42.37 41.95
CA ALA F 34 -22.98 41.45 42.66
C ALA F 34 -23.81 40.56 43.56
N HIS F 35 -23.67 39.25 43.41
CA HIS F 35 -24.44 38.30 44.21
C HIS F 35 -23.52 37.19 44.72
N ARG F 36 -23.63 36.89 46.00
CA ARG F 36 -22.84 35.82 46.60
C ARG F 36 -23.47 34.49 46.24
N VAL F 37 -22.72 33.65 45.55
CA VAL F 37 -23.21 32.39 45.02
C VAL F 37 -22.25 31.27 45.43
N MET F 38 -22.56 30.06 44.97
CA MET F 38 -21.81 28.88 45.35
C MET F 38 -22.01 27.82 44.27
N MET F 39 -20.91 27.20 43.85
CA MET F 39 -21.03 26.05 42.96
C MET F 39 -21.50 24.84 43.74
N PRO F 40 -22.10 23.85 43.08
CA PRO F 40 -22.56 22.67 43.79
C PRO F 40 -21.39 21.98 44.50
N PRO F 41 -21.66 21.35 45.64
CA PRO F 41 -20.55 20.76 46.42
C PRO F 41 -19.77 19.72 45.65
N GLY F 42 -20.38 19.06 44.66
CA GLY F 42 -19.72 18.01 43.91
C GLY F 42 -18.84 18.48 42.76
N VAL F 43 -18.78 19.77 42.47
CA VAL F 43 -17.89 20.27 41.41
C VAL F 43 -16.46 20.04 41.83
N PRO F 44 -15.59 19.55 40.94
CA PRO F 44 -14.28 19.02 41.33
C PRO F 44 -13.47 19.84 42.33
N VAL F 45 -13.15 21.10 42.02
CA VAL F 45 -12.20 21.87 42.79
C VAL F 45 -12.85 23.09 43.47
N CYS F 46 -13.67 23.83 42.74
CA CYS F 46 -14.32 25.01 43.28
C CYS F 46 -15.65 24.72 43.92
N GLY F 47 -16.07 23.45 43.95
CA GLY F 47 -17.39 23.09 44.44
C GLY F 47 -17.69 23.54 45.85
N GLY F 48 -18.84 24.19 46.02
CA GLY F 48 -19.27 24.65 47.32
C GLY F 48 -18.44 25.76 47.92
N LEU F 49 -17.78 26.56 47.09
CA LEU F 49 -16.97 27.66 47.60
C LEU F 49 -17.66 28.99 47.31
N PRO F 50 -17.86 29.82 48.33
CA PRO F 50 -18.59 31.09 48.12
C PRO F 50 -17.75 32.12 47.37
N VAL F 51 -18.35 32.72 46.34
CA VAL F 51 -17.73 33.76 45.55
C VAL F 51 -18.79 34.78 45.17
N TRP F 52 -18.34 35.98 44.83
CA TRP F 52 -19.23 37.02 44.34
C TRP F 52 -19.36 36.91 42.82
N LEU F 53 -20.58 36.77 42.33
CA LEU F 53 -20.84 36.76 40.90
C LEU F 53 -21.19 38.17 40.45
N ILE F 54 -20.50 38.58 39.40
CA ILE F 54 -20.69 39.90 38.90
C ILE F 54 -21.43 39.84 37.61
N THR F 55 -22.58 40.49 37.58
CA THR F 55 -23.40 40.50 36.41
C THR F 55 -23.34 41.93 35.97
N GLY F 56 -23.51 42.16 34.70
CA GLY F 56 -23.53 43.52 34.23
C GLY F 56 -22.37 43.97 33.42
N TYR F 57 -22.61 44.35 32.18
CA TYR F 57 -21.54 44.80 31.31
C TYR F 57 -20.57 45.82 31.88
N GLU F 58 -21.05 46.99 32.25
CA GLU F 58 -20.16 48.02 32.71
C GLU F 58 -19.43 47.53 33.91
N GLU F 59 -20.13 46.86 34.80
CA GLU F 59 -19.50 46.42 36.04
C GLU F 59 -18.50 45.30 35.77
N VAL F 60 -18.85 44.35 34.90
CA VAL F 60 -17.93 43.25 34.58
C VAL F 60 -16.71 43.77 33.85
N ARG F 61 -16.92 44.62 32.83
CA ARG F 61 -15.79 45.15 32.08
C ARG F 61 -14.86 45.95 32.96
N SER F 62 -15.41 46.79 33.85
CA SER F 62 -14.58 47.53 34.79
C SER F 62 -13.85 46.57 35.73
N ALA F 63 -14.54 45.54 36.23
CA ALA F 63 -13.92 44.61 37.16
C ALA F 63 -12.76 43.86 36.53
N LEU F 64 -12.88 43.56 35.22
CA LEU F 64 -11.81 42.84 34.53
C LEU F 64 -10.49 43.59 34.62
N ALA F 65 -10.53 44.91 34.46
CA ALA F 65 -9.33 45.74 34.48
C ALA F 65 -9.15 46.50 35.78
N ASP F 66 -9.96 46.20 36.79
CA ASP F 66 -9.86 46.93 38.05
C ASP F 66 -8.54 46.56 38.72
N PRO F 67 -7.71 47.55 39.07
CA PRO F 67 -6.41 47.24 39.69
C PRO F 67 -6.52 46.60 41.07
N ARG F 68 -7.68 46.63 41.70
CA ARG F 68 -7.87 46.05 43.03
C ARG F 68 -8.30 44.59 42.98
N LEU F 69 -8.54 44.02 41.80
CA LEU F 69 -8.91 42.63 41.65
C LEU F 69 -7.72 41.87 41.09
N SER F 70 -7.21 40.91 41.84
CA SER F 70 -6.00 40.19 41.48
C SER F 70 -6.32 38.73 41.18
N THR F 71 -5.65 38.21 40.14
CA THR F 71 -5.74 36.80 39.77
C THR F 71 -4.56 36.00 40.28
N ASP F 72 -3.76 36.59 41.19
CA ASP F 72 -2.53 35.95 41.63
C ASP F 72 -2.83 34.59 42.26
N LEU F 73 -2.07 33.58 41.83
CA LEU F 73 -2.25 32.23 42.34
C LEU F 73 -2.03 32.17 43.85
N ASN F 74 -1.10 32.98 44.36
CA ASN F 74 -0.84 32.99 45.79
C ASN F 74 -2.05 33.53 46.56
N ARG F 75 -2.73 34.54 46.01
CA ARG F 75 -3.91 35.08 46.68
C ARG F 75 -5.08 34.12 46.59
N THR F 76 -5.30 33.52 45.41
CA THR F 76 -6.42 32.60 45.26
C THR F 76 -6.21 31.29 46.01
N ASP F 77 -5.03 31.08 46.58
CA ASP F 77 -4.79 29.91 47.41
C ASP F 77 -5.77 29.86 48.57
N ARG F 78 -6.06 31.01 49.17
CA ARG F 78 -7.01 31.07 50.28
C ARG F 78 -8.38 30.54 49.87
N LEU F 79 -8.80 30.82 48.64
CA LEU F 79 -10.07 30.29 48.16
C LEU F 79 -10.04 28.76 48.05
N PHE F 80 -9.03 28.21 47.36
CA PHE F 80 -8.99 26.78 47.10
C PHE F 80 -8.68 25.98 48.35
N ALA F 81 -7.88 26.52 49.27
CA ALA F 81 -7.51 25.79 50.48
C ALA F 81 -8.71 25.40 51.30
N GLN F 82 -9.85 26.07 51.13
CA GLN F 82 -11.07 25.65 51.81
C GLN F 82 -11.52 24.26 51.36
N ASN F 83 -11.11 23.84 50.16
CA ASN F 83 -11.42 22.50 49.66
C ASN F 83 -10.20 21.58 49.73
N GLU F 84 -9.03 22.04 49.27
CA GLU F 84 -7.82 21.24 49.30
C GLU F 84 -6.63 22.09 49.71
N PRO F 85 -6.09 21.89 50.96
CA PRO F 85 -4.86 22.63 51.28
C PRO F 85 -3.61 22.36 50.47
N ASP F 86 -3.55 21.24 49.76
CA ASP F 86 -2.42 20.95 48.93
C ASP F 86 -2.51 21.75 47.70
N ARG F 87 -1.35 22.60 47.55
CA ARG F 87 -1.36 23.44 46.40
C ARG F 87 -1.32 22.65 45.10
N ASN F 88 -0.99 21.42 45.12
CA ASN F 88 -0.83 20.62 43.95
C ASN F 88 -1.86 19.52 43.84
N LYS F 89 -3.02 19.75 44.42
CA LYS F 89 -4.10 18.81 44.29
C LYS F 89 -5.31 19.64 43.94
N ARG F 90 -5.17 20.65 43.09
CA ARG F 90 -6.28 21.50 42.70
C ARG F 90 -6.62 21.53 41.21
N GLY F 91 -6.34 20.46 40.52
CA GLY F 91 -6.69 20.36 39.11
C GLY F 91 -5.89 21.23 38.20
N ALA F 92 -6.57 22.09 37.46
CA ALA F 92 -5.86 23.04 36.60
C ALA F 92 -5.43 24.26 37.36
N PHE F 93 -5.62 24.27 38.67
CA PHE F 93 -5.22 25.37 39.53
C PHE F 93 -4.20 24.81 40.45
N SER F 94 -3.66 23.65 40.10
CA SER F 94 -2.61 23.06 40.87
C SER F 94 -1.37 23.86 40.53
N SER F 95 -0.58 24.25 41.52
CA SER F 95 0.56 25.13 41.29
C SER F 95 1.51 24.73 40.20
N ALA F 96 1.82 23.46 40.12
CA ALA F 96 2.71 22.94 39.09
C ALA F 96 2.18 23.20 37.69
N LEU F 97 0.89 23.52 37.56
CA LEU F 97 0.28 23.75 36.26
C LEU F 97 -0.30 25.16 36.09
N ALA F 98 -0.55 25.88 37.17
CA ALA F 98 -1.25 27.16 37.10
C ALA F 98 -0.35 28.37 37.38
N THR F 99 0.94 28.16 37.61
CA THR F 99 1.86 29.26 37.88
C THR F 99 2.26 29.91 36.54
N HIS F 100 1.28 30.56 35.93
CA HIS F 100 1.53 31.21 34.64
C HIS F 100 1.08 32.66 34.62
N MET F 101 1.14 33.28 33.44
CA MET F 101 0.94 34.72 33.34
C MET F 101 -0.48 35.13 33.74
N LEU F 102 -1.49 34.31 33.41
CA LEU F 102 -2.85 34.68 33.74
C LEU F 102 -3.07 34.74 35.25
N HIS F 103 -2.31 33.95 36.00
CA HIS F 103 -2.46 33.87 37.45
C HIS F 103 -1.32 34.60 38.15
N SER F 104 -0.88 35.72 37.56
CA SER F 104 0.17 36.52 38.15
C SER F 104 -0.17 38.00 37.97
N ASP F 105 0.37 38.81 38.85
CA ASP F 105 0.17 40.26 38.84
C ASP F 105 1.25 40.93 38.00
N PRO F 106 1.08 42.22 37.66
CA PRO F 106 1.82 42.82 36.53
C PRO F 106 3.32 42.64 36.59
N PRO F 107 4.00 42.71 37.78
CA PRO F 107 5.46 42.51 37.77
C PRO F 107 5.82 41.20 37.08
N ASP F 108 5.29 40.10 37.60
CA ASP F 108 5.56 38.80 36.98
C ASP F 108 4.78 38.62 35.68
N HIS F 109 3.60 39.26 35.56
CA HIS F 109 2.81 39.09 34.35
C HIS F 109 3.52 39.65 33.12
N THR F 110 4.15 40.81 33.26
CA THR F 110 4.89 41.38 32.12
C THR F 110 6.04 40.48 31.71
N ARG F 111 6.79 39.96 32.68
CA ARG F 111 7.90 39.07 32.38
C ARG F 111 7.43 37.82 31.65
N LEU F 112 6.34 37.21 32.12
CA LEU F 112 5.88 35.95 31.54
C LEU F 112 5.29 36.16 30.15
N ARG F 113 4.51 37.22 29.97
CA ARG F 113 3.87 37.44 28.67
C ARG F 113 4.88 37.80 27.59
N LYS F 114 5.96 38.51 27.97
CA LYS F 114 6.95 38.92 26.99
C LYS F 114 7.64 37.74 26.34
N LEU F 115 7.69 36.59 27.04
CA LEU F 115 8.40 35.43 26.53
C LEU F 115 7.77 34.87 25.27
N VAL F 116 6.46 35.02 25.10
CA VAL F 116 5.76 34.34 24.01
C VAL F 116 4.89 35.31 23.22
N ASN F 117 4.78 36.56 23.69
CA ASN F 117 3.82 37.48 23.06
C ASN F 117 4.17 37.75 21.60
N LYS F 118 5.46 37.76 21.27
CA LYS F 118 5.86 38.02 19.89
C LYS F 118 5.39 36.93 18.94
N ALA F 119 5.15 35.70 19.43
CA ALA F 119 4.72 34.60 18.59
C ALA F 119 3.21 34.51 18.39
N PHE F 120 2.43 35.20 19.22
CA PHE F 120 0.97 35.18 19.12
C PHE F 120 0.43 36.48 18.56
N THR F 121 1.28 37.30 17.98
CA THR F 121 0.88 38.54 17.35
C THR F 121 0.01 38.25 16.12
N SER F 122 -0.87 39.20 15.78
CA SER F 122 -1.74 39.04 14.62
C SER F 122 -0.92 38.86 13.34
N ARG F 123 0.14 39.65 13.19
CA ARG F 123 1.01 39.51 12.03
C ARG F 123 1.69 38.14 12.01
N ALA F 124 2.16 37.66 13.16
CA ALA F 124 2.79 36.35 13.22
C ALA F 124 1.82 35.23 12.87
N ILE F 125 0.62 35.27 13.46
CA ILE F 125 -0.37 34.21 13.27
C ILE F 125 -0.88 34.16 11.84
N GLU F 126 -0.83 35.27 11.10
CA GLU F 126 -1.26 35.27 9.71
C GLU F 126 -0.44 34.32 8.85
N LYS F 127 0.84 34.13 9.20
CA LYS F 127 1.69 33.22 8.46
C LYS F 127 1.19 31.78 8.54
N LEU F 128 0.32 31.48 9.50
CA LEU F 128 -0.12 30.10 9.67
C LEU F 128 -1.36 29.77 8.88
N ARG F 129 -1.97 30.76 8.21
CA ARG F 129 -3.21 30.53 7.46
C ARG F 129 -3.12 29.35 6.50
N PRO F 130 -2.04 29.16 5.73
CA PRO F 130 -1.96 27.95 4.90
C PRO F 130 -2.01 26.66 5.69
N GLU F 131 -1.26 26.57 6.79
CA GLU F 131 -1.27 25.34 7.59
C GLU F 131 -2.64 25.09 8.20
N ILE F 132 -3.28 26.13 8.73
CA ILE F 132 -4.59 25.92 9.35
C ILE F 132 -5.63 25.51 8.31
N GLU F 133 -5.60 26.12 7.13
CA GLU F 133 -6.52 25.72 6.05
C GLU F 133 -6.36 24.24 5.72
N GLN F 134 -5.11 23.78 5.77
CA GLN F 134 -4.73 22.42 5.44
C GLN F 134 -5.36 21.44 6.41
N ILE F 135 -5.17 21.69 7.73
CA ILE F 135 -5.70 20.83 8.79
C ILE F 135 -7.22 20.81 8.73
N THR F 136 -7.83 21.97 8.50
CA THR F 136 -9.28 22.05 8.43
C THR F 136 -9.82 21.18 7.29
N GLY F 137 -9.19 21.27 6.12
CA GLY F 137 -9.67 20.50 4.99
C GLY F 137 -9.56 19.00 5.20
N GLU F 138 -8.45 18.55 5.79
CA GLU F 138 -8.28 17.13 6.07
C GLU F 138 -9.28 16.64 7.11
N LEU F 139 -9.50 17.44 8.17
CA LEU F 139 -10.24 16.94 9.32
C LEU F 139 -11.68 16.58 8.96
N LEU F 140 -12.35 17.40 8.15
CA LEU F 140 -13.72 17.07 7.78
C LEU F 140 -13.80 16.10 6.61
N ALA F 141 -12.74 15.98 5.82
CA ALA F 141 -12.70 14.92 4.83
C ALA F 141 -12.38 13.57 5.46
N ALA F 142 -11.77 13.58 6.63
CA ALA F 142 -11.36 12.37 7.33
C ALA F 142 -12.50 11.70 8.09
N LEU F 143 -13.65 12.40 8.12
CA LEU F 143 -14.82 11.93 8.85
C LEU F 143 -15.87 11.17 8.09
N PRO F 144 -16.83 10.59 8.80
CA PRO F 144 -17.81 9.74 8.13
C PRO F 144 -18.87 10.31 7.27
N ASP F 145 -19.46 9.47 6.44
CA ASP F 145 -20.59 9.90 5.64
C ASP F 145 -21.76 9.31 6.40
N GLU F 146 -21.60 9.16 7.71
CA GLU F 146 -22.66 8.64 8.58
C GLU F 146 -23.81 9.59 8.73
N ASP F 147 -24.99 9.07 9.01
CA ASP F 147 -26.12 9.96 9.23
C ASP F 147 -25.81 10.91 10.36
N PRO F 148 -25.59 10.40 11.57
CA PRO F 148 -25.30 11.43 12.54
C PRO F 148 -23.84 11.55 12.83
N VAL F 149 -23.24 12.67 12.48
CA VAL F 149 -21.84 12.88 12.82
C VAL F 149 -21.71 13.93 13.92
N ASP F 150 -21.07 13.58 15.03
CA ASP F 150 -20.84 14.55 16.11
C ASP F 150 -19.78 15.53 15.63
N LEU F 151 -20.19 16.65 15.03
CA LEU F 151 -19.14 17.54 14.53
C LEU F 151 -18.21 18.02 15.65
N LEU F 152 -18.69 18.00 16.89
CA LEU F 152 -17.86 18.43 18.02
C LEU F 152 -16.63 17.55 18.17
N ASP F 153 -16.81 16.23 18.24
CA ASP F 153 -15.68 15.33 18.45
C ASP F 153 -14.89 15.09 17.17
N ALA F 154 -15.57 15.04 16.02
CA ALA F 154 -14.89 14.74 14.76
C ALA F 154 -14.07 15.92 14.24
N PHE F 155 -14.59 17.14 14.40
CA PHE F 155 -13.99 18.33 13.82
C PHE F 155 -13.57 19.36 14.85
N ALA F 156 -14.49 19.74 15.75
CA ALA F 156 -14.26 20.89 16.62
C ALA F 156 -13.10 20.65 17.58
N PHE F 157 -13.05 19.46 18.20
CA PHE F 157 -11.95 19.18 19.13
C PHE F 157 -10.60 19.08 18.43
N PRO F 158 -10.42 18.26 17.38
CA PRO F 158 -9.07 18.10 16.81
C PRO F 158 -8.46 19.38 16.23
N LEU F 159 -9.26 20.29 15.68
CA LEU F 159 -8.69 21.43 14.96
C LEU F 159 -7.80 22.30 15.85
N PRO F 160 -8.28 22.87 16.96
CA PRO F 160 -7.39 23.72 17.77
C PRO F 160 -6.17 22.98 18.30
N ILE F 161 -6.33 21.72 18.70
CA ILE F 161 -5.20 20.98 19.25
C ILE F 161 -4.17 20.70 18.17
N ARG F 162 -4.60 20.43 16.94
CA ARG F 162 -3.65 20.27 15.85
C ARG F 162 -2.93 21.58 15.54
N VAL F 163 -3.66 22.69 15.51
CA VAL F 163 -3.05 23.98 15.22
C VAL F 163 -2.06 24.37 16.31
N ILE F 164 -2.46 24.21 17.58
CA ILE F 164 -1.58 24.59 18.69
C ILE F 164 -0.33 23.73 18.71
N CYS F 165 -0.49 22.43 18.47
CA CYS F 165 0.66 21.52 18.47
C CYS F 165 1.67 21.89 17.40
N LEU F 166 1.21 22.42 16.27
CA LEU F 166 2.14 22.91 15.25
C LEU F 166 3.03 24.01 15.80
N LEU F 167 2.51 24.90 16.61
CA LEU F 167 3.31 26.01 17.09
C LEU F 167 4.20 25.61 18.23
N LEU F 168 3.78 24.61 19.00
CA LEU F 168 4.53 24.18 20.16
C LEU F 168 5.30 22.91 19.90
N GLY F 169 5.44 22.53 18.64
CA GLY F 169 6.18 21.33 18.28
C GLY F 169 5.83 19.97 18.82
N VAL F 170 4.58 19.57 18.71
CA VAL F 170 4.17 18.29 19.20
C VAL F 170 3.55 17.45 18.06
N PRO F 171 4.00 16.19 17.83
CA PRO F 171 3.42 15.37 16.77
C PRO F 171 2.10 14.75 17.22
N LEU F 172 1.54 13.92 16.35
CA LEU F 172 0.30 13.20 16.65
C LEU F 172 0.62 11.81 17.19
N ASN F 177 -5.50 12.00 23.45
CA ASN F 177 -5.24 12.10 24.88
C ASN F 177 -5.54 13.50 25.41
N PHE F 178 -5.20 14.52 24.62
CA PHE F 178 -5.46 15.89 25.02
C PHE F 178 -6.96 16.14 25.19
N LYS F 179 -7.77 15.62 24.26
CA LYS F 179 -9.21 15.88 24.30
C LYS F 179 -9.84 15.32 25.56
N SER F 180 -9.49 14.09 25.96
CA SER F 180 -10.00 13.52 27.19
C SER F 180 -9.42 14.22 28.41
N TRP F 181 -8.16 14.65 28.34
CA TRP F 181 -7.53 15.31 29.48
C TRP F 181 -8.21 16.63 29.77
N SER F 182 -8.36 17.46 28.74
CA SER F 182 -8.95 18.78 28.94
C SER F 182 -10.42 18.67 29.36
N LYS F 183 -11.06 17.58 28.98
CA LYS F 183 -12.41 17.38 29.40
C LYS F 183 -12.47 17.18 30.87
N ALA F 184 -11.60 16.37 31.42
CA ALA F 184 -11.55 16.12 32.87
C ALA F 184 -11.18 17.30 33.71
N LEU F 185 -10.23 18.06 33.27
CA LEU F 185 -9.88 19.25 33.97
C LEU F 185 -10.96 20.32 33.97
N VAL F 186 -11.54 20.64 32.81
CA VAL F 186 -12.61 21.62 32.71
C VAL F 186 -13.97 21.14 33.21
N SER F 187 -14.33 19.92 32.92
CA SER F 187 -15.60 19.39 33.32
C SER F 187 -15.25 18.13 34.05
N GLY F 188 -15.72 17.94 35.23
CA GLY F 188 -15.28 16.75 35.87
C GLY F 188 -16.32 15.82 36.34
N ASP F 189 -16.17 14.58 35.95
CA ASP F 189 -17.09 13.61 36.39
C ASP F 189 -16.94 13.40 37.84
N SER F 190 -15.71 13.44 38.30
CA SER F 190 -15.45 13.28 39.69
C SER F 190 -14.22 14.04 40.12
N PRO F 191 -14.10 14.43 41.40
CA PRO F 191 -12.81 14.99 41.79
C PRO F 191 -11.64 14.08 41.44
N ALA F 192 -11.86 12.76 41.49
CA ALA F 192 -10.82 11.82 41.10
C ALA F 192 -10.48 11.95 39.62
N ALA F 193 -11.49 12.16 38.77
CA ALA F 193 -11.25 12.27 37.33
C ALA F 193 -10.37 13.47 37.00
N THR F 194 -10.65 14.61 37.61
CA THR F 194 -9.87 15.81 37.33
C THR F 194 -8.48 15.73 37.97
N ALA F 195 -8.39 15.14 39.15
CA ALA F 195 -7.08 14.91 39.76
C ALA F 195 -6.22 14.01 38.91
N ALA F 196 -6.83 12.98 38.30
CA ALA F 196 -6.08 12.09 37.43
C ALA F 196 -5.51 12.83 36.23
N ALA F 197 -6.34 13.67 35.59
CA ALA F 197 -5.86 14.42 34.43
C ALA F 197 -4.77 15.41 34.81
N SER F 198 -4.89 16.00 36.00
CA SER F 198 -3.87 16.95 36.43
C SER F 198 -2.51 16.27 36.58
N THR F 199 -2.47 15.16 37.33
CA THR F 199 -1.21 14.43 37.51
C THR F 199 -0.68 13.92 36.18
N ALA F 200 -1.57 13.43 35.31
CA ALA F 200 -1.14 12.97 34.00
C ALA F 200 -0.56 14.11 33.18
N MET F 201 -1.07 15.32 33.38
CA MET F 201 -0.59 16.48 32.62
C MET F 201 0.82 16.89 33.02
N ILE F 202 1.09 17.03 34.32
CA ILE F 202 2.44 17.41 34.75
C ILE F 202 3.45 16.33 34.37
N GLU F 203 3.02 15.08 34.30
CA GLU F 203 3.90 14.02 33.83
C GLU F 203 4.22 14.21 32.36
N TYR F 204 3.20 14.42 31.53
CA TYR F 204 3.43 14.58 30.10
C TYR F 204 4.22 15.84 29.78
N LEU F 205 3.89 16.96 30.42
CA LEU F 205 4.59 18.21 30.14
C LEU F 205 6.06 18.13 30.52
N GLY F 206 6.35 17.54 31.69
CA GLY F 206 7.74 17.37 32.09
C GLY F 206 8.52 16.52 31.11
N ASP F 207 7.94 15.40 30.70
CA ASP F 207 8.59 14.55 29.70
C ASP F 207 8.78 15.28 28.38
N LEU F 208 7.78 16.05 27.97
CA LEU F 208 7.86 16.79 26.70
C LEU F 208 8.99 17.81 26.76
N ILE F 209 9.11 18.50 27.91
CA ILE F 209 10.20 19.46 28.08
C ILE F 209 11.53 18.74 28.03
N GLU F 210 11.61 17.58 28.66
CA GLU F 210 12.86 16.84 28.60
C GLU F 210 13.22 16.49 27.15
N ARG F 211 12.27 16.11 26.34
CA ARG F 211 12.61 15.74 25.01
C ARG F 211 13.11 16.93 24.23
N LYS F 212 12.68 18.13 24.60
CA LYS F 212 13.19 19.34 23.96
C LYS F 212 14.65 19.55 24.34
N ARG F 213 15.02 19.26 25.59
CA ARG F 213 16.41 19.39 25.98
C ARG F 213 17.29 18.35 25.29
N ARG F 214 16.87 17.10 25.26
CA ARG F 214 17.70 16.05 24.67
C ARG F 214 17.84 16.16 23.17
N THR F 215 16.78 16.60 22.52
CA THR F 215 16.81 16.79 21.06
C THR F 215 16.23 18.16 20.75
N PRO F 216 17.05 19.21 20.81
CA PRO F 216 16.55 20.57 20.61
C PRO F 216 15.93 20.75 19.23
N THR F 217 14.90 21.60 19.17
CA THR F 217 14.16 21.86 17.94
C THR F 217 13.85 23.35 17.89
N ASP F 218 13.08 23.75 16.88
CA ASP F 218 12.73 25.15 16.64
C ASP F 218 11.22 25.29 16.70
N ASP F 219 10.71 25.72 17.86
CA ASP F 219 9.30 25.99 18.04
C ASP F 219 9.14 26.84 19.28
N VAL F 220 7.89 27.24 19.55
CA VAL F 220 7.61 28.13 20.68
C VAL F 220 8.01 27.45 21.98
N LEU F 221 7.62 26.19 22.15
CA LEU F 221 7.92 25.48 23.39
C LEU F 221 9.41 25.31 23.59
N ALA F 222 10.14 24.92 22.53
CA ALA F 222 11.59 24.76 22.65
C ALA F 222 12.28 26.08 22.97
N ALA F 223 11.84 27.18 22.34
CA ALA F 223 12.39 28.48 22.65
C ALA F 223 12.19 28.83 24.12
N LEU F 224 11.08 28.39 24.71
CA LEU F 224 10.85 28.62 26.13
C LEU F 224 11.86 27.87 26.98
N VAL F 225 12.21 26.64 26.58
CA VAL F 225 13.22 25.88 27.30
C VAL F 225 14.56 26.62 27.25
N SER F 226 14.92 27.15 26.08
CA SER F 226 16.15 27.91 25.95
C SER F 226 16.15 29.14 26.84
N ALA F 227 15.02 29.87 26.89
CA ALA F 227 14.90 31.01 27.78
C ALA F 227 15.07 30.61 29.24
N ARG F 228 14.82 29.34 29.55
CA ARG F 228 14.95 28.84 30.92
C ARG F 228 16.40 28.50 31.24
N ASP F 229 17.09 27.77 30.36
CA ASP F 229 18.42 27.27 30.68
C ASP F 229 19.49 28.32 30.37
N VAL F 230 19.47 28.86 29.16
CA VAL F 230 20.51 29.79 28.73
C VAL F 230 20.36 31.15 29.42
N ASP F 231 19.13 31.65 29.54
CA ASP F 231 18.90 33.05 29.92
C ASP F 231 18.32 33.24 31.31
N ASP F 232 17.92 32.16 32.00
CA ASP F 232 17.40 32.24 33.37
C ASP F 232 16.19 33.18 33.46
N ARG F 233 15.45 33.32 32.37
CA ARG F 233 14.29 34.20 32.34
C ARG F 233 13.08 33.57 33.00
N LEU F 234 13.16 32.30 33.39
CA LEU F 234 11.98 31.55 33.76
C LEU F 234 12.31 30.64 34.93
N THR F 235 11.27 30.26 35.67
CA THR F 235 11.38 29.24 36.70
C THR F 235 10.85 27.92 36.13
N GLU F 236 11.27 26.81 36.74
CA GLU F 236 10.88 25.51 36.22
C GLU F 236 9.38 25.30 36.30
N THR F 237 8.77 25.68 37.43
CA THR F 237 7.31 25.62 37.54
C THR F 237 6.64 26.48 36.46
N GLU F 238 7.11 27.72 36.30
CA GLU F 238 6.56 28.63 35.31
C GLU F 238 6.73 28.08 33.91
N LEU F 239 7.88 27.46 33.62
CA LEU F 239 8.06 26.82 32.31
C LEU F 239 7.01 25.74 32.10
N VAL F 240 6.85 24.85 33.10
CA VAL F 240 5.84 23.80 33.02
C VAL F 240 4.45 24.42 32.95
N SER F 241 4.18 25.38 33.83
CA SER F 241 2.86 26.01 33.87
C SER F 241 2.55 26.77 32.59
N MET F 242 3.55 27.45 32.02
CA MET F 242 3.34 28.15 30.74
C MET F 242 2.95 27.16 29.65
N ALA F 243 3.58 25.98 29.63
CA ALA F 243 3.21 24.96 28.67
C ALA F 243 1.75 24.54 28.85
N PHE F 244 1.34 24.31 30.10
CA PHE F 244 -0.04 23.93 30.37
C PHE F 244 -1.01 24.99 29.87
N LEU F 245 -0.75 26.26 30.16
CA LEU F 245 -1.63 27.33 29.73
C LEU F 245 -1.70 27.41 28.21
N LEU F 246 -0.56 27.33 27.54
CA LEU F 246 -0.56 27.39 26.08
C LEU F 246 -1.30 26.20 25.47
N PHE F 247 -1.19 25.03 26.08
CA PHE F 247 -1.84 23.83 25.55
C PHE F 247 -3.34 23.82 25.82
N ILE F 248 -3.71 23.75 27.10
CA ILE F 248 -5.11 23.64 27.49
C ILE F 248 -5.84 24.98 27.34
N GLY F 249 -5.16 26.09 27.60
CA GLY F 249 -5.83 27.39 27.55
C GLY F 249 -6.40 27.70 26.19
N GLY F 250 -5.76 27.21 25.13
CA GLY F 250 -6.24 27.52 23.81
C GLY F 250 -7.18 26.48 23.24
N HIS F 251 -7.27 25.32 23.88
CA HIS F 251 -8.00 24.21 23.28
C HIS F 251 -9.50 24.27 23.56
N GLU F 252 -9.88 24.22 24.84
CA GLU F 252 -11.31 24.19 25.17
C GLU F 252 -12.02 25.45 24.70
N THR F 253 -11.31 26.57 24.64
CA THR F 253 -11.92 27.82 24.23
C THR F 253 -12.36 27.76 22.77
N THR F 254 -11.45 27.39 21.88
CA THR F 254 -11.75 27.48 20.44
C THR F 254 -12.71 26.39 20.00
N VAL F 255 -12.63 25.20 20.61
CA VAL F 255 -13.54 24.11 20.22
C VAL F 255 -14.99 24.53 20.47
N ASN F 256 -15.26 25.12 21.63
CA ASN F 256 -16.62 25.52 21.97
C ASN F 256 -17.06 26.75 21.17
N THR F 257 -16.11 27.59 20.73
CA THR F 257 -16.46 28.66 19.80
C THR F 257 -17.08 28.08 18.54
N LEU F 258 -16.40 27.11 17.93
CA LEU F 258 -16.94 26.42 16.77
C LEU F 258 -18.22 25.67 17.13
N GLY F 259 -18.23 24.99 18.28
CA GLY F 259 -19.42 24.26 18.68
C GLY F 259 -20.61 25.16 18.95
N ASN F 260 -20.42 26.17 19.81
CA ASN F 260 -21.51 27.09 20.12
C ASN F 260 -21.94 27.87 18.89
N GLY F 261 -20.98 28.34 18.09
CA GLY F 261 -21.32 29.09 16.91
C GLY F 261 -22.08 28.26 15.89
N THR F 262 -21.66 27.01 15.67
CA THR F 262 -22.34 26.15 14.72
C THR F 262 -23.76 25.85 15.19
N LEU F 263 -23.94 25.60 16.49
CA LEU F 263 -25.27 25.31 17.01
C LEU F 263 -26.23 26.45 16.70
N HIS F 264 -25.85 27.69 17.04
CA HIS F 264 -26.72 28.82 16.77
C HIS F 264 -26.93 29.02 15.28
N LEU F 265 -25.89 28.76 14.48
CA LEU F 265 -26.06 28.81 13.04
C LEU F 265 -27.07 27.77 12.58
N MET F 266 -27.00 26.56 13.13
CA MET F 266 -27.96 25.51 12.80
C MET F 266 -29.37 25.85 13.28
N ARG F 267 -29.50 26.77 14.24
CA ARG F 267 -30.81 27.18 14.74
C ARG F 267 -31.37 28.38 13.98
N ASN F 268 -30.54 29.09 13.22
CA ASN F 268 -30.99 30.21 12.39
C ASN F 268 -30.43 30.00 10.98
N LEU F 269 -31.07 29.13 10.21
CA LEU F 269 -30.50 28.73 8.89
C LEU F 269 -30.53 29.95 7.98
N ASP F 270 -31.26 30.96 8.40
CA ASP F 270 -31.35 32.21 7.62
C ASP F 270 -29.98 32.86 7.67
N GLN F 271 -29.34 32.83 8.84
CA GLN F 271 -28.05 33.52 8.99
C GLN F 271 -26.94 32.62 8.46
N TRP F 272 -27.22 31.34 8.36
CA TRP F 272 -26.21 30.36 7.90
C TRP F 272 -26.11 30.44 6.37
N GLU F 273 -27.25 30.64 5.73
CA GLU F 273 -27.24 30.78 4.25
C GLU F 273 -26.68 32.16 3.88
N ALA F 274 -26.89 33.16 4.73
CA ALA F 274 -26.42 34.52 4.43
C ALA F 274 -24.89 34.52 4.48
N LEU F 275 -24.33 33.58 5.23
CA LEU F 275 -22.86 33.44 5.29
C LEU F 275 -22.37 32.56 4.15
N ARG F 276 -23.16 31.57 3.73
CA ARG F 276 -22.78 30.70 2.58
C ARG F 276 -22.71 31.54 1.31
N GLN F 277 -23.50 32.61 1.24
CA GLN F 277 -23.55 33.44 0.02
C GLN F 277 -22.56 34.59 0.19
N ASP F 278 -22.48 35.14 1.39
CA ASP F 278 -21.61 36.30 1.58
C ASP F 278 -20.56 35.95 2.62
N ARG F 279 -19.29 35.91 2.21
CA ARG F 279 -18.19 35.55 3.11
C ARG F 279 -17.56 36.76 3.77
N SER F 280 -17.99 37.97 3.41
CA SER F 280 -17.49 39.16 4.09
C SER F 280 -18.04 39.28 5.51
N LEU F 281 -19.11 38.57 5.83
CA LEU F 281 -19.71 38.59 7.16
C LEU F 281 -19.05 37.63 8.13
N LEU F 282 -18.22 36.71 7.63
CA LEU F 282 -17.59 35.72 8.51
C LEU F 282 -16.78 36.33 9.65
N PRO F 283 -15.93 37.35 9.44
CA PRO F 283 -15.20 37.91 10.60
C PRO F 283 -16.14 38.47 11.66
N GLY F 284 -17.13 39.27 11.25
CA GLY F 284 -18.09 39.80 12.20
C GLY F 284 -18.96 38.74 12.82
N ALA F 285 -19.32 37.70 12.05
CA ALA F 285 -20.13 36.62 12.58
C ALA F 285 -19.42 35.88 13.71
N VAL F 286 -18.11 35.69 13.58
CA VAL F 286 -17.35 35.00 14.62
C VAL F 286 -17.41 35.79 15.92
N GLU F 287 -17.24 37.11 15.85
CA GLU F 287 -17.37 37.94 17.04
C GLU F 287 -18.78 37.89 17.62
N GLU F 288 -19.79 37.72 16.77
CA GLU F 288 -21.16 37.61 17.28
C GLU F 288 -21.39 36.26 17.95
N PHE F 289 -20.75 35.19 17.46
CA PHE F 289 -20.82 33.94 18.19
C PHE F 289 -20.21 34.09 19.57
N LEU F 290 -19.08 34.82 19.65
CA LEU F 290 -18.39 35.02 20.92
C LEU F 290 -19.27 35.78 21.91
N ARG F 291 -20.01 36.78 21.42
CA ARG F 291 -20.87 37.55 22.32
C ARG F 291 -22.03 36.71 22.82
N LEU F 292 -22.75 36.04 21.91
CA LEU F 292 -23.98 35.36 22.30
C LEU F 292 -23.72 34.19 23.24
N GLU F 293 -22.81 33.30 22.88
CA GLU F 293 -22.45 32.15 23.71
C GLU F 293 -20.94 32.14 23.88
N SER F 294 -20.47 32.89 24.87
CA SER F 294 -19.04 32.98 25.12
C SER F 294 -18.50 31.60 25.51
N PRO F 295 -17.44 31.11 24.87
CA PRO F 295 -16.91 29.79 25.23
C PRO F 295 -16.52 29.70 26.69
N LEU F 296 -16.06 30.80 27.28
CA LEU F 296 -15.83 30.88 28.71
C LEU F 296 -16.95 31.75 29.28
N LYS F 297 -17.88 31.13 30.01
CA LYS F 297 -18.94 31.89 30.64
C LYS F 297 -18.37 32.85 31.67
N HIS F 298 -17.33 32.43 32.40
CA HIS F 298 -16.74 33.22 33.47
C HIS F 298 -15.24 33.35 33.28
N ALA F 299 -14.69 34.47 33.74
CA ALA F 299 -13.25 34.67 33.84
C ALA F 299 -12.70 33.95 35.07
N THR F 300 -11.38 33.96 35.20
CA THR F 300 -10.74 33.34 36.35
C THR F 300 -11.11 34.07 37.64
N PHE F 301 -11.03 33.32 38.75
CA PHE F 301 -11.28 33.88 40.06
C PHE F 301 -10.30 35.00 40.35
N ARG F 302 -10.82 36.10 40.90
CA ARG F 302 -10.02 37.23 41.32
C ARG F 302 -10.22 37.47 42.81
N CYS F 303 -9.23 38.06 43.45
CA CYS F 303 -9.29 38.36 44.88
C CYS F 303 -9.24 39.86 45.09
N ALA F 304 -10.03 40.34 46.06
CA ALA F 304 -10.06 41.75 46.41
C ALA F 304 -8.92 42.07 47.38
N THR F 305 -7.99 42.91 46.95
CA THR F 305 -6.87 43.31 47.78
C THR F 305 -7.20 44.49 48.68
N GLU F 306 -8.41 45.04 48.57
CA GLU F 306 -8.91 46.08 49.46
C GLU F 306 -10.41 46.18 49.26
N ASP F 307 -11.06 46.87 50.20
CA ASP F 307 -12.49 47.09 50.09
C ASP F 307 -12.81 47.80 48.77
N LEU F 308 -13.87 47.35 48.10
CA LEU F 308 -14.29 47.98 46.87
C LEU F 308 -15.79 47.80 46.73
N ARG F 309 -16.39 48.68 45.94
CA ARG F 309 -17.83 48.66 45.68
C ARG F 309 -18.04 48.30 44.22
N ILE F 310 -18.81 47.25 43.99
CA ILE F 310 -19.22 46.86 42.64
C ILE F 310 -20.73 47.06 42.56
N GLY F 311 -21.16 47.89 41.61
CA GLY F 311 -22.55 48.28 41.61
C GLY F 311 -22.87 49.01 42.89
N ASP F 312 -23.86 48.50 43.63
CA ASP F 312 -24.28 49.09 44.89
C ASP F 312 -23.94 48.22 46.11
N THR F 313 -23.16 47.17 45.93
CA THR F 313 -22.85 46.23 47.00
C THR F 313 -21.37 46.30 47.35
N ALA F 314 -21.08 46.32 48.65
CA ALA F 314 -19.71 46.42 49.13
C ALA F 314 -19.05 45.06 49.11
N ILE F 315 -17.85 44.99 48.55
CA ILE F 315 -17.09 43.76 48.44
C ILE F 315 -15.91 43.84 49.41
N PRO F 316 -15.89 43.05 50.48
CA PRO F 316 -14.82 43.18 51.47
C PRO F 316 -13.50 42.64 50.95
N ALA F 317 -12.41 43.19 51.48
CA ALA F 317 -11.07 42.75 51.13
C ALA F 317 -10.88 41.28 51.44
N GLY F 318 -10.29 40.54 50.49
CA GLY F 318 -10.01 39.14 50.66
C GLY F 318 -11.06 38.21 50.10
N ASP F 319 -12.24 38.72 49.77
CA ASP F 319 -13.28 37.91 49.17
C ASP F 319 -12.95 37.63 47.71
N PHE F 320 -13.68 36.68 47.13
CA PHE F 320 -13.39 36.22 45.79
C PHE F 320 -14.55 36.52 44.85
N VAL F 321 -14.22 36.83 43.61
CA VAL F 321 -15.17 37.37 42.65
C VAL F 321 -15.03 36.60 41.34
N LEU F 322 -16.17 36.27 40.72
CA LEU F 322 -16.22 35.56 39.46
C LEU F 322 -16.94 36.44 38.44
N LEU F 323 -16.24 36.80 37.36
CA LEU F 323 -16.75 37.75 36.37
C LEU F 323 -17.51 37.00 35.28
N ALA F 324 -18.76 37.35 35.11
CA ALA F 324 -19.56 36.74 34.07
C ALA F 324 -19.52 37.49 32.80
N LEU F 325 -18.81 36.94 31.85
CA LEU F 325 -18.64 37.57 30.58
C LEU F 325 -19.82 37.29 29.74
N ALA F 326 -20.48 36.19 30.01
CA ALA F 326 -21.68 35.87 29.30
C ALA F 326 -22.83 36.78 29.67
N SER F 327 -22.88 37.24 30.91
CA SER F 327 -23.89 38.17 31.32
C SER F 327 -23.66 39.49 30.74
N ALA F 328 -22.40 39.88 30.69
CA ALA F 328 -22.03 41.15 30.14
C ALA F 328 -22.26 41.18 28.68
N ASN F 329 -21.98 40.10 28.03
CA ASN F 329 -22.14 40.06 26.61
C ASN F 329 -23.60 39.99 26.18
N ARG F 330 -24.51 39.77 27.12
CA ARG F 330 -25.92 39.74 26.81
C ARG F 330 -26.69 40.73 27.67
N ASP F 331 -26.06 41.86 28.01
CA ASP F 331 -26.69 42.92 28.80
C ASP F 331 -27.47 43.84 27.88
N PRO F 332 -28.78 43.98 28.05
CA PRO F 332 -29.54 44.92 27.21
C PRO F 332 -29.09 46.36 27.37
N GLU F 333 -28.46 46.70 28.50
CA GLU F 333 -27.89 48.03 28.68
C GLU F 333 -26.76 48.32 27.69
N ARG F 334 -26.12 47.28 27.15
CA ARG F 334 -25.02 47.46 26.21
C ARG F 334 -25.33 46.95 24.81
N PHE F 335 -26.08 45.87 24.66
CA PHE F 335 -26.35 45.28 23.34
C PHE F 335 -27.85 45.17 23.15
N GLY F 336 -28.36 45.69 22.04
CA GLY F 336 -29.77 45.56 21.74
C GLY F 336 -30.11 44.17 21.20
N ASP F 337 -31.24 43.65 21.65
CA ASP F 337 -31.64 42.27 21.40
C ASP F 337 -30.49 41.32 21.76
N PRO F 338 -30.04 41.35 23.03
CA PRO F 338 -28.80 40.62 23.38
C PRO F 338 -28.90 39.12 23.20
N HIS F 339 -30.10 38.55 23.23
CA HIS F 339 -30.28 37.11 23.17
C HIS F 339 -30.56 36.61 21.76
N THR F 340 -30.48 37.47 20.75
CA THR F 340 -30.72 37.11 19.37
C THR F 340 -29.41 37.06 18.61
N LEU F 341 -29.25 36.05 17.75
CA LEU F 341 -28.08 35.99 16.88
C LEU F 341 -28.29 36.93 15.71
N ASP F 342 -27.40 37.91 15.58
CA ASP F 342 -27.35 38.79 14.42
C ASP F 342 -25.91 38.86 13.98
N VAL F 343 -25.59 38.19 12.87
CA VAL F 343 -24.22 38.15 12.38
C VAL F 343 -23.80 39.51 11.83
N ARG F 344 -24.75 40.39 11.55
CA ARG F 344 -24.47 41.74 11.08
C ARG F 344 -24.41 42.76 12.21
N ARG F 345 -24.50 42.31 13.47
CA ARG F 345 -24.45 43.22 14.61
C ARG F 345 -23.11 43.94 14.65
N PRO F 346 -23.09 45.18 15.14
CA PRO F 346 -21.80 45.85 15.38
C PRO F 346 -20.88 45.01 16.26
N THR F 347 -19.65 44.83 15.81
CA THR F 347 -18.78 43.76 16.28
C THR F 347 -18.18 44.07 17.64
N GLY F 348 -17.45 45.17 17.76
CA GLY F 348 -16.65 45.38 18.95
C GLY F 348 -17.50 45.57 20.18
N GLY F 349 -16.85 45.38 21.33
CA GLY F 349 -17.43 45.65 22.62
C GLY F 349 -17.61 44.40 23.46
N HIS F 350 -17.57 43.22 22.85
CA HIS F 350 -17.80 42.01 23.62
C HIS F 350 -16.57 41.74 24.47
N VAL F 351 -16.78 40.97 25.54
CA VAL F 351 -15.70 40.71 26.49
C VAL F 351 -15.37 39.23 26.55
N ALA F 352 -15.64 38.51 25.46
CA ALA F 352 -15.34 37.08 25.45
C ALA F 352 -13.84 36.83 25.61
N PHE F 353 -13.02 37.79 25.18
CA PHE F 353 -11.57 37.70 25.33
C PHE F 353 -11.04 38.42 26.56
N GLY F 354 -11.92 38.94 27.42
CA GLY F 354 -11.48 39.67 28.60
C GLY F 354 -11.29 41.15 28.36
N HIS F 355 -10.56 41.77 29.29
CA HIS F 355 -10.27 43.20 29.25
C HIS F 355 -9.16 43.50 30.25
N GLY F 356 -8.25 44.40 29.88
CA GLY F 356 -7.14 44.75 30.74
C GLY F 356 -5.84 44.08 30.36
N ILE F 357 -4.95 43.97 31.36
CA ILE F 357 -3.62 43.40 31.12
C ILE F 357 -3.72 41.94 30.74
N HIS F 358 -4.77 41.25 31.18
CA HIS F 358 -4.95 39.84 30.92
C HIS F 358 -5.77 39.57 29.66
N TYR F 359 -5.93 40.57 28.80
CA TYR F 359 -6.64 40.36 27.54
C TYR F 359 -6.00 39.22 26.78
N CYS F 360 -6.86 38.38 26.19
CA CYS F 360 -6.44 37.10 25.64
C CYS F 360 -5.29 37.27 24.65
N LEU F 361 -4.24 36.49 24.85
CA LEU F 361 -3.08 36.51 23.97
C LEU F 361 -3.32 35.73 22.69
N GLY F 362 -4.20 34.73 22.74
CA GLY F 362 -4.54 33.91 21.59
C GLY F 362 -5.67 34.42 20.73
N ALA F 363 -6.09 35.66 20.94
CA ALA F 363 -7.22 36.20 20.17
C ALA F 363 -6.96 36.18 18.66
N PRO F 364 -5.82 36.66 18.15
CA PRO F 364 -5.58 36.54 16.69
C PRO F 364 -5.63 35.11 16.19
N LEU F 365 -5.03 34.17 16.91
CA LEU F 365 -5.07 32.77 16.48
C LEU F 365 -6.49 32.21 16.52
N ALA F 366 -7.22 32.49 17.61
CA ALA F 366 -8.58 31.97 17.74
C ALA F 366 -9.49 32.54 16.66
N ARG F 367 -9.37 33.84 16.37
CA ARG F 367 -10.19 34.45 15.33
C ARG F 367 -9.93 33.79 13.97
N MET F 368 -8.65 33.59 13.63
CA MET F 368 -8.32 32.97 12.36
C MET F 368 -8.83 31.54 12.28
N GLU F 369 -8.62 30.76 13.35
CA GLU F 369 -9.11 29.39 13.36
C GLU F 369 -10.61 29.36 13.12
N ALA F 370 -11.36 30.21 13.83
CA ALA F 370 -12.81 30.22 13.67
C ALA F 370 -13.20 30.67 12.26
N GLN F 371 -12.55 31.72 11.75
CA GLN F 371 -12.86 32.18 10.40
C GLN F 371 -12.57 31.10 9.36
N VAL F 372 -11.39 30.50 9.44
CA VAL F 372 -11.02 29.47 8.48
C VAL F 372 -11.94 28.25 8.62
N ALA F 373 -12.16 27.82 9.87
CA ALA F 373 -12.95 26.62 10.10
C ALA F 373 -14.39 26.79 9.61
N PHE F 374 -15.00 27.94 9.93
CA PHE F 374 -16.36 28.18 9.47
C PHE F 374 -16.41 28.33 7.95
N GLY F 375 -15.46 29.08 7.38
CA GLY F 375 -15.47 29.29 5.94
C GLY F 375 -15.41 27.98 5.17
N VAL F 376 -14.61 27.04 5.64
CA VAL F 376 -14.61 25.72 5.04
C VAL F 376 -15.95 25.03 5.25
N LEU F 377 -16.52 25.15 6.46
CA LEU F 377 -17.80 24.51 6.75
C LEU F 377 -18.92 25.07 5.89
N LEU F 378 -18.79 26.32 5.43
CA LEU F 378 -19.77 26.84 4.49
C LEU F 378 -19.48 26.37 3.07
N ASP F 379 -18.20 26.18 2.72
CA ASP F 379 -17.87 25.66 1.39
C ASP F 379 -18.28 24.20 1.25
N THR F 380 -17.88 23.35 2.19
CA THR F 380 -18.24 21.94 2.18
C THR F 380 -19.32 21.67 3.22
N PHE F 381 -20.31 20.87 2.84
CA PHE F 381 -21.51 20.60 3.63
C PHE F 381 -22.30 21.88 3.88
N PRO F 382 -22.60 22.68 2.85
CA PRO F 382 -23.37 23.91 3.08
C PRO F 382 -24.82 23.68 3.49
N ALA F 383 -25.34 22.47 3.31
CA ALA F 383 -26.73 22.15 3.61
C ALA F 383 -26.88 21.32 4.87
N MET F 384 -25.87 21.31 5.72
CA MET F 384 -25.91 20.50 6.93
C MET F 384 -26.91 21.07 7.92
N ARG F 385 -27.53 20.18 8.71
CA ARG F 385 -28.55 20.53 9.68
C ARG F 385 -28.34 19.71 10.95
N LEU F 386 -28.90 20.22 12.05
CA LEU F 386 -28.87 19.50 13.32
C LEU F 386 -29.57 18.16 13.19
N ALA F 387 -28.97 17.12 13.77
CA ALA F 387 -29.53 15.77 13.69
C ALA F 387 -30.44 15.44 14.86
N VAL F 388 -30.59 16.34 15.83
CA VAL F 388 -31.48 16.16 16.98
C VAL F 388 -32.16 17.48 17.29
N ASP F 389 -33.18 17.39 18.13
CA ASP F 389 -33.87 18.57 18.65
C ASP F 389 -32.90 19.42 19.50
N PRO F 390 -32.92 20.75 19.34
CA PRO F 390 -32.02 21.58 20.17
C PRO F 390 -32.22 21.41 21.67
N GLU F 391 -33.46 21.25 22.12
CA GLU F 391 -33.73 20.99 23.54
C GLU F 391 -33.22 19.62 23.98
N ASP F 392 -32.81 18.76 23.04
CA ASP F 392 -32.27 17.44 23.37
C ASP F 392 -30.78 17.50 23.60
N MET F 393 -30.16 18.66 23.48
CA MET F 393 -28.73 18.80 23.63
C MET F 393 -28.39 19.48 24.95
N ARG F 394 -27.39 18.94 25.63
CA ARG F 394 -27.07 19.33 26.98
C ARG F 394 -25.70 20.01 27.00
N TRP F 395 -25.42 20.68 28.10
CA TRP F 395 -24.21 21.47 28.26
C TRP F 395 -23.34 20.82 29.32
N ARG F 396 -22.03 20.82 29.07
CA ARG F 396 -21.10 20.20 30.01
C ARG F 396 -21.08 20.98 31.31
N THR F 397 -20.80 20.27 32.41
CA THR F 397 -20.80 20.87 33.74
C THR F 397 -19.42 21.47 33.97
N SER F 398 -19.32 22.80 33.86
CA SER F 398 -18.06 23.48 34.03
C SER F 398 -18.29 24.82 34.70
N THR F 399 -17.42 25.17 35.63
CA THR F 399 -17.53 26.45 36.32
C THR F 399 -17.27 27.63 35.37
N LEU F 400 -16.33 27.45 34.43
CA LEU F 400 -15.94 28.54 33.55
C LEU F 400 -16.28 28.32 32.08
N ILE F 401 -16.43 27.08 31.64
CA ILE F 401 -16.52 26.75 30.22
C ILE F 401 -17.97 26.63 29.80
N ARG F 402 -18.27 27.07 28.58
CA ARG F 402 -19.59 26.94 27.97
C ARG F 402 -19.44 26.07 26.73
N GLY F 403 -19.76 24.78 26.87
CA GLY F 403 -19.60 23.86 25.77
C GLY F 403 -20.62 22.74 25.79
N LEU F 404 -20.80 22.14 24.62
CA LEU F 404 -21.79 21.09 24.42
C LEU F 404 -21.19 19.71 24.68
N HIS F 405 -22.05 18.79 25.12
CA HIS F 405 -21.66 17.39 25.19
C HIS F 405 -21.42 16.83 23.79
N SER F 406 -22.28 17.18 22.84
CA SER F 406 -22.16 16.71 21.47
C SER F 406 -22.81 17.72 20.54
N LEU F 407 -22.60 17.52 19.24
CA LEU F 407 -23.19 18.38 18.21
C LEU F 407 -23.49 17.52 16.98
N PRO F 408 -24.52 16.69 17.06
CA PRO F 408 -24.86 15.82 15.92
C PRO F 408 -25.42 16.61 14.76
N VAL F 409 -24.95 16.28 13.55
CA VAL F 409 -25.34 16.97 12.33
C VAL F 409 -25.45 15.95 11.21
N ARG F 410 -26.21 16.32 10.17
CA ARG F 410 -26.32 15.54 8.95
C ARG F 410 -25.74 16.36 7.80
N LEU F 411 -24.91 15.74 6.96
CA LEU F 411 -24.16 16.45 5.94
C LEU F 411 -24.71 16.24 4.54
N ASN F 412 -24.84 14.98 4.11
CA ASN F 412 -25.23 14.62 2.74
C ASN F 412 -24.19 15.10 1.74
N PRO G 10 20.86 -74.46 -27.73
CA PRO G 10 19.57 -73.88 -27.35
C PRO G 10 19.09 -74.35 -25.99
N LEU G 11 19.05 -73.43 -25.03
CA LEU G 11 18.68 -73.78 -23.66
C LEU G 11 17.18 -74.08 -23.58
N GLU G 12 16.84 -75.24 -23.03
CA GLU G 12 15.46 -75.62 -22.83
C GLU G 12 14.98 -75.08 -21.48
N LEU G 13 13.87 -74.36 -21.50
CA LEU G 13 13.31 -73.76 -20.29
C LEU G 13 12.37 -74.72 -19.57
N ASP G 14 12.55 -74.86 -18.25
CA ASP G 14 11.70 -75.72 -17.46
C ASP G 14 10.71 -74.81 -16.70
N ASP G 15 9.89 -75.41 -15.83
CA ASP G 15 9.02 -74.59 -14.97
C ASP G 15 9.75 -73.68 -13.98
N ALA G 16 10.91 -74.06 -13.43
CA ALA G 16 11.55 -73.13 -12.53
C ALA G 16 11.62 -71.77 -13.20
N PHE G 17 11.78 -71.73 -14.53
CA PHE G 17 11.61 -70.49 -15.28
C PHE G 17 10.17 -69.97 -15.19
N MET G 18 9.17 -70.85 -15.30
CA MET G 18 7.78 -70.40 -15.20
C MET G 18 7.47 -69.83 -13.82
N GLN G 19 7.95 -70.49 -12.76
CA GLN G 19 7.70 -69.98 -11.41
C GLN G 19 8.56 -68.76 -11.13
N ASP G 20 9.82 -68.79 -11.58
CA ASP G 20 10.78 -67.72 -11.35
C ASP G 20 11.51 -67.39 -12.65
N PRO G 21 10.85 -66.65 -13.55
CA PRO G 21 11.56 -66.25 -14.79
C PRO G 21 12.60 -65.19 -14.54
N HIS G 22 12.43 -64.40 -13.49
CA HIS G 22 13.30 -63.25 -13.25
C HIS G 22 14.74 -63.67 -12.97
N SER G 23 14.94 -64.73 -12.18
CA SER G 23 16.30 -65.22 -11.94
C SER G 23 16.94 -65.69 -13.24
N VAL G 24 16.17 -66.36 -14.09
CA VAL G 24 16.69 -66.79 -15.38
C VAL G 24 17.10 -65.59 -16.22
N TYR G 25 16.27 -64.54 -16.22
CA TYR G 25 16.58 -63.34 -16.99
C TYR G 25 17.90 -62.72 -16.55
N ALA G 26 18.10 -62.58 -15.23
CA ALA G 26 19.31 -61.93 -14.73
C ALA G 26 20.55 -62.71 -15.12
N ARG G 27 20.50 -64.05 -15.02
CA ARG G 27 21.61 -64.88 -15.46
C ARG G 27 21.85 -64.69 -16.96
N LEU G 28 20.79 -64.72 -17.75
CA LEU G 28 20.95 -64.54 -19.20
C LEU G 28 21.45 -63.14 -19.53
N ASN G 29 20.87 -62.12 -18.90
CA ASN G 29 21.27 -60.75 -19.22
C ASN G 29 22.70 -60.45 -18.81
N ALA G 30 23.19 -61.08 -17.74
CA ALA G 30 24.57 -60.87 -17.31
C ALA G 30 25.58 -61.31 -18.38
N GLU G 31 25.19 -62.24 -19.25
CA GLU G 31 26.08 -62.76 -20.29
C GLU G 31 25.89 -62.07 -21.64
N GLY G 32 24.72 -61.49 -21.89
CA GLY G 32 24.44 -60.92 -23.19
C GLY G 32 22.99 -60.50 -23.26
N SER G 33 22.57 -60.10 -24.48
CA SER G 33 21.21 -59.63 -24.68
C SER G 33 20.34 -60.55 -25.54
N ALA G 34 20.94 -61.49 -26.27
CA ALA G 34 20.18 -62.38 -27.16
C ALA G 34 20.62 -63.81 -26.91
N HIS G 35 19.66 -64.68 -26.59
CA HIS G 35 19.93 -66.06 -26.24
C HIS G 35 18.95 -67.00 -26.92
N ARG G 36 19.48 -68.11 -27.45
CA ARG G 36 18.65 -69.15 -28.06
C ARG G 36 17.99 -69.97 -26.98
N VAL G 37 16.65 -69.99 -26.97
CA VAL G 37 15.90 -70.67 -25.93
C VAL G 37 14.82 -71.53 -26.58
N MET G 38 14.03 -72.20 -25.74
CA MET G 38 13.02 -73.14 -26.18
C MET G 38 11.98 -73.27 -25.07
N MET G 39 10.71 -73.29 -25.45
CA MET G 39 9.66 -73.60 -24.50
C MET G 39 9.69 -75.09 -24.15
N PRO G 40 9.15 -75.48 -23.01
CA PRO G 40 9.06 -76.90 -22.69
C PRO G 40 8.25 -77.62 -23.74
N PRO G 41 8.60 -78.85 -24.11
CA PRO G 41 7.87 -79.52 -25.21
C PRO G 41 6.39 -79.68 -24.93
N GLY G 42 6.01 -79.77 -23.66
CA GLY G 42 4.61 -79.99 -23.32
C GLY G 42 3.75 -78.75 -23.27
N VAL G 43 4.32 -77.57 -23.42
CA VAL G 43 3.47 -76.37 -23.45
C VAL G 43 2.61 -76.40 -24.71
N PRO G 44 1.30 -76.17 -24.60
CA PRO G 44 0.36 -76.50 -25.69
C PRO G 44 0.76 -76.13 -27.11
N VAL G 45 1.03 -74.84 -27.36
CA VAL G 45 1.19 -74.32 -28.71
C VAL G 45 2.62 -73.85 -28.95
N CYS G 46 3.21 -73.16 -27.99
CA CYS G 46 4.56 -72.66 -28.13
C CYS G 46 5.62 -73.65 -27.65
N GLY G 47 5.23 -74.82 -27.18
CA GLY G 47 6.16 -75.79 -26.64
C GLY G 47 7.28 -76.27 -27.53
N GLY G 48 8.52 -76.22 -27.05
CA GLY G 48 9.64 -76.75 -27.81
C GLY G 48 9.97 -75.99 -29.09
N LEU G 49 9.75 -74.69 -29.13
CA LEU G 49 10.05 -73.93 -30.34
C LEU G 49 11.30 -73.09 -30.16
N PRO G 50 12.26 -73.18 -31.08
CA PRO G 50 13.50 -72.41 -30.94
C PRO G 50 13.25 -70.95 -31.26
N VAL G 51 13.61 -70.06 -30.32
CA VAL G 51 13.47 -68.63 -30.51
C VAL G 51 14.60 -67.91 -29.79
N TRP G 52 14.82 -66.66 -30.20
CA TRP G 52 15.77 -65.77 -29.53
C TRP G 52 15.06 -65.02 -28.41
N LEU G 53 15.61 -65.12 -27.20
CA LEU G 53 15.14 -64.35 -26.06
C LEU G 53 15.96 -63.08 -25.92
N ILE G 54 15.29 -61.95 -25.75
CA ILE G 54 15.95 -60.64 -25.61
C ILE G 54 15.76 -60.19 -24.17
N THR G 55 16.87 -59.83 -23.52
CA THR G 55 16.87 -59.69 -22.07
C THR G 55 17.41 -58.35 -21.58
N GLY G 56 17.17 -57.26 -22.31
CA GLY G 56 17.73 -55.99 -21.86
C GLY G 56 16.85 -54.80 -22.08
N TYR G 57 16.85 -53.84 -21.15
CA TYR G 57 15.93 -52.71 -21.23
C TYR G 57 16.12 -51.94 -22.53
N GLU G 58 17.35 -51.49 -22.79
CA GLU G 58 17.62 -50.76 -24.03
C GLU G 58 17.37 -51.65 -25.24
N GLU G 59 17.81 -52.90 -25.17
CA GLU G 59 17.68 -53.82 -26.29
C GLU G 59 16.23 -54.21 -26.54
N VAL G 60 15.46 -54.48 -25.47
CA VAL G 60 14.06 -54.86 -25.62
C VAL G 60 13.25 -53.68 -26.14
N ARG G 61 13.43 -52.50 -25.55
CA ARG G 61 12.67 -51.33 -25.97
C ARG G 61 12.98 -50.98 -27.43
N SER G 62 14.25 -51.05 -27.81
CA SER G 62 14.62 -50.83 -29.20
C SER G 62 14.00 -51.88 -30.11
N ALA G 63 14.04 -53.15 -29.69
CA ALA G 63 13.52 -54.22 -30.53
C ALA G 63 12.02 -54.11 -30.72
N LEU G 64 11.28 -53.63 -29.71
CA LEU G 64 9.84 -53.49 -29.83
C LEU G 64 9.49 -52.57 -30.99
N ALA G 65 10.25 -51.49 -31.18
CA ALA G 65 9.98 -50.52 -32.23
C ALA G 65 10.88 -50.69 -33.45
N ASP G 66 11.67 -51.76 -33.50
CA ASP G 66 12.59 -51.94 -34.62
C ASP G 66 11.81 -52.23 -35.90
N PRO G 67 12.04 -51.47 -36.97
CA PRO G 67 11.28 -51.71 -38.21
C PRO G 67 11.59 -53.04 -38.88
N ARG G 68 12.67 -53.71 -38.49
CA ARG G 68 13.04 -55.00 -39.09
C ARG G 68 12.43 -56.17 -38.35
N LEU G 69 11.69 -55.93 -37.27
CA LEU G 69 11.00 -56.97 -36.53
C LEU G 69 9.51 -56.87 -36.83
N SER G 70 8.95 -57.94 -37.39
CA SER G 70 7.57 -57.97 -37.84
C SER G 70 6.75 -58.89 -36.94
N THR G 71 5.51 -58.47 -36.68
CA THR G 71 4.55 -59.27 -35.93
C THR G 71 3.55 -59.97 -36.84
N ASP G 72 3.82 -59.97 -38.15
CA ASP G 72 2.88 -60.49 -39.15
C ASP G 72 2.53 -61.95 -38.90
N LEU G 73 1.24 -62.25 -38.95
CA LEU G 73 0.79 -63.63 -38.79
C LEU G 73 1.34 -64.54 -39.87
N ASN G 74 1.43 -64.03 -41.11
CA ASN G 74 1.96 -64.84 -42.20
C ASN G 74 3.44 -65.14 -42.00
N ARG G 75 4.19 -64.21 -41.46
CA ARG G 75 5.60 -64.42 -41.29
C ARG G 75 5.88 -65.33 -40.14
N THR G 76 4.98 -65.36 -39.18
CA THR G 76 5.18 -66.16 -38.00
C THR G 76 4.50 -67.50 -38.16
N ASP G 77 3.99 -67.75 -39.33
CA ASP G 77 3.34 -68.99 -39.59
C ASP G 77 4.33 -70.11 -39.43
N ARG G 78 5.51 -69.96 -39.97
CA ARG G 78 6.52 -71.01 -39.91
C ARG G 78 6.82 -71.48 -38.53
N LEU G 79 6.95 -70.57 -37.59
CA LEU G 79 7.22 -70.94 -36.24
C LEU G 79 6.16 -71.88 -35.75
N PHE G 80 4.92 -71.49 -35.88
CA PHE G 80 3.88 -72.32 -35.31
C PHE G 80 3.63 -73.58 -36.13
N ALA G 81 3.95 -73.52 -37.41
CA ALA G 81 3.76 -74.66 -38.25
C ALA G 81 4.74 -75.72 -37.86
N GLN G 82 5.81 -75.29 -37.21
CA GLN G 82 6.79 -76.27 -36.75
C GLN G 82 6.15 -77.24 -35.77
N ASN G 83 5.09 -76.80 -35.08
CA ASN G 83 4.32 -77.63 -34.16
C ASN G 83 2.96 -78.02 -34.72
N GLU G 84 2.25 -77.06 -35.31
CA GLU G 84 0.90 -77.26 -35.83
C GLU G 84 0.81 -76.71 -37.24
N PRO G 85 0.80 -77.58 -38.26
CA PRO G 85 0.71 -77.07 -39.64
C PRO G 85 -0.63 -76.47 -39.96
N ASP G 86 -1.69 -76.90 -39.30
CA ASP G 86 -3.03 -76.39 -39.56
C ASP G 86 -3.20 -75.06 -38.83
N ARG G 87 -3.36 -73.98 -39.58
CA ARG G 87 -3.29 -72.65 -39.00
C ARG G 87 -4.34 -72.40 -37.94
N ASN G 88 -5.47 -73.09 -38.00
CA ASN G 88 -6.59 -72.81 -37.09
C ASN G 88 -6.66 -73.78 -35.92
N LYS G 89 -5.59 -74.49 -35.64
CA LYS G 89 -5.58 -75.33 -34.45
C LYS G 89 -4.45 -74.89 -33.53
N ARG G 90 -4.08 -73.61 -33.57
CA ARG G 90 -2.96 -73.08 -32.79
C ARG G 90 -3.35 -72.25 -31.60
N GLY G 91 -4.52 -72.49 -31.06
CA GLY G 91 -4.92 -71.78 -29.86
C GLY G 91 -5.36 -70.38 -30.12
N ALA G 92 -4.84 -69.45 -29.34
CA ALA G 92 -5.15 -68.05 -29.54
C ALA G 92 -4.38 -67.49 -30.70
N PHE G 93 -3.48 -68.29 -31.26
CA PHE G 93 -2.68 -67.84 -32.36
C PHE G 93 -3.22 -68.47 -33.59
N SER G 94 -4.47 -68.86 -33.53
CA SER G 94 -5.11 -69.43 -34.69
C SER G 94 -5.49 -68.30 -35.59
N SER G 95 -5.41 -68.51 -36.88
CA SER G 95 -5.66 -67.44 -37.81
C SER G 95 -7.00 -66.78 -37.61
N ALA G 96 -8.05 -67.56 -37.57
CA ALA G 96 -9.41 -67.07 -37.33
C ALA G 96 -9.50 -66.20 -36.09
N LEU G 97 -8.49 -66.24 -35.22
CA LEU G 97 -8.50 -65.47 -33.99
C LEU G 97 -7.38 -64.46 -33.87
N ALA G 98 -6.28 -64.64 -34.60
CA ALA G 98 -5.09 -63.81 -34.42
C ALA G 98 -4.83 -62.88 -35.60
N THR G 99 -5.67 -62.89 -36.62
CA THR G 99 -5.49 -61.99 -37.77
C THR G 99 -6.03 -60.61 -37.39
N HIS G 100 -5.29 -59.96 -36.49
CA HIS G 100 -5.70 -58.64 -36.02
C HIS G 100 -4.54 -57.64 -36.14
N MET G 101 -4.74 -56.44 -35.58
CA MET G 101 -3.78 -55.36 -35.77
C MET G 101 -2.43 -55.69 -35.18
N LEU G 102 -2.41 -56.37 -34.03
CA LEU G 102 -1.15 -56.68 -33.39
C LEU G 102 -0.30 -57.62 -34.24
N HIS G 103 -0.96 -58.43 -35.07
CA HIS G 103 -0.29 -59.39 -35.92
C HIS G 103 -0.31 -58.98 -37.38
N SER G 104 -0.19 -57.67 -37.63
CA SER G 104 -0.13 -57.13 -38.97
C SER G 104 0.91 -56.02 -39.04
N ASP G 105 1.41 -55.78 -40.23
CA ASP G 105 2.45 -54.78 -40.49
C ASP G 105 1.81 -53.42 -40.78
N PRO G 106 2.60 -52.34 -40.77
CA PRO G 106 2.03 -50.98 -40.63
C PRO G 106 0.93 -50.64 -41.63
N PRO G 107 1.02 -51.05 -42.93
CA PRO G 107 -0.07 -50.70 -43.85
C PRO G 107 -1.43 -51.16 -43.32
N ASP G 108 -1.53 -52.47 -43.04
CA ASP G 108 -2.77 -53.00 -42.50
C ASP G 108 -2.98 -52.60 -41.05
N HIS G 109 -1.89 -52.38 -40.30
CA HIS G 109 -2.04 -52.03 -38.88
C HIS G 109 -2.73 -50.70 -38.69
N THR G 110 -2.41 -49.71 -39.53
CA THR G 110 -3.07 -48.42 -39.44
C THR G 110 -4.57 -48.57 -39.73
N ARG G 111 -4.91 -49.35 -40.75
CA ARG G 111 -6.32 -49.55 -41.10
C ARG G 111 -7.10 -50.17 -39.95
N LEU G 112 -6.52 -51.19 -39.31
CA LEU G 112 -7.25 -51.90 -38.25
C LEU G 112 -7.36 -51.04 -36.99
N ARG G 113 -6.27 -50.35 -36.62
CA ARG G 113 -6.31 -49.51 -35.43
C ARG G 113 -7.25 -48.32 -35.63
N LYS G 114 -7.39 -47.86 -36.88
CA LYS G 114 -8.26 -46.72 -37.15
C LYS G 114 -9.71 -47.01 -36.82
N LEU G 115 -10.10 -48.29 -36.91
CA LEU G 115 -11.50 -48.66 -36.68
C LEU G 115 -11.93 -48.47 -35.23
N VAL G 116 -11.01 -48.59 -34.27
CA VAL G 116 -11.41 -48.64 -32.87
C VAL G 116 -10.65 -47.68 -31.96
N ASN G 117 -9.62 -47.03 -32.48
CA ASN G 117 -8.74 -46.26 -31.59
C ASN G 117 -9.48 -45.12 -30.90
N LYS G 118 -10.46 -44.51 -31.56
CA LYS G 118 -11.17 -43.38 -30.97
C LYS G 118 -11.95 -43.77 -29.72
N ALA G 119 -12.33 -45.04 -29.57
CA ALA G 119 -13.13 -45.48 -28.42
C ALA G 119 -12.30 -45.85 -27.20
N PHE G 120 -10.99 -46.04 -27.36
CA PHE G 120 -10.11 -46.40 -26.26
C PHE G 120 -9.23 -45.24 -25.82
N THR G 121 -9.55 -44.04 -26.28
CA THR G 121 -8.80 -42.85 -25.92
C THR G 121 -8.92 -42.57 -24.42
N SER G 122 -7.90 -41.88 -23.87
CA SER G 122 -7.90 -41.55 -22.44
C SER G 122 -9.13 -40.73 -22.07
N ARG G 123 -9.48 -39.73 -22.88
CA ARG G 123 -10.67 -38.94 -22.62
C ARG G 123 -11.94 -39.78 -22.74
N ALA G 124 -12.01 -40.63 -23.76
CA ALA G 124 -13.20 -41.46 -23.97
C ALA G 124 -13.41 -42.43 -22.81
N ILE G 125 -12.34 -43.15 -22.42
CA ILE G 125 -12.45 -44.14 -21.36
C ILE G 125 -12.71 -43.47 -20.01
N GLU G 126 -12.34 -42.21 -19.84
CA GLU G 126 -12.60 -41.50 -18.60
C GLU G 126 -14.11 -41.40 -18.32
N LYS G 127 -14.93 -41.37 -19.36
CA LYS G 127 -16.38 -41.31 -19.18
C LYS G 127 -16.92 -42.55 -18.47
N LEU G 128 -16.15 -43.63 -18.41
CA LEU G 128 -16.61 -44.89 -17.85
C LEU G 128 -16.31 -45.07 -16.38
N ARG G 129 -15.67 -44.10 -15.74
CA ARG G 129 -15.36 -44.23 -14.32
C ARG G 129 -16.58 -44.53 -13.44
N PRO G 130 -17.77 -43.88 -13.60
CA PRO G 130 -18.90 -44.22 -12.73
C PRO G 130 -19.30 -45.70 -12.78
N GLU G 131 -19.43 -46.26 -13.97
CA GLU G 131 -19.78 -47.69 -14.13
C GLU G 131 -18.68 -48.56 -13.51
N ILE G 132 -17.41 -48.31 -13.84
CA ILE G 132 -16.29 -49.14 -13.30
C ILE G 132 -16.33 -49.07 -11.78
N GLU G 133 -16.56 -47.90 -11.22
CA GLU G 133 -16.70 -47.78 -9.76
C GLU G 133 -17.86 -48.65 -9.29
N GLN G 134 -18.98 -48.63 -10.00
CA GLN G 134 -20.17 -49.39 -9.56
C GLN G 134 -19.84 -50.87 -9.62
N ILE G 135 -19.31 -51.28 -10.76
CA ILE G 135 -18.89 -52.68 -10.97
C ILE G 135 -18.07 -53.12 -9.77
N THR G 136 -17.09 -52.32 -9.37
CA THR G 136 -16.23 -52.65 -8.21
C THR G 136 -17.15 -52.77 -6.99
N GLY G 137 -17.94 -51.72 -6.72
CA GLY G 137 -18.86 -51.70 -5.57
C GLY G 137 -19.65 -52.96 -5.38
N GLU G 138 -20.16 -53.53 -6.48
CA GLU G 138 -21.01 -54.72 -6.36
C GLU G 138 -20.13 -55.93 -6.07
N LEU G 139 -19.05 -56.11 -6.78
CA LEU G 139 -18.24 -57.31 -6.61
C LEU G 139 -17.70 -57.42 -5.23
N LEU G 140 -17.32 -56.30 -4.67
CA LEU G 140 -16.77 -56.32 -3.34
C LEU G 140 -17.80 -56.82 -2.35
N ALA G 141 -19.04 -56.38 -2.50
CA ALA G 141 -20.09 -56.79 -1.62
C ALA G 141 -20.43 -58.26 -1.74
N ALA G 142 -20.46 -58.78 -2.94
CA ALA G 142 -20.88 -60.16 -3.15
C ALA G 142 -20.04 -61.28 -2.53
N LEU G 143 -18.80 -61.02 -2.15
CA LEU G 143 -17.93 -62.12 -1.70
C LEU G 143 -18.17 -62.63 -0.28
N PRO G 144 -17.75 -63.87 0.03
CA PRO G 144 -18.13 -64.36 1.37
C PRO G 144 -17.41 -63.84 2.56
N ASP G 145 -18.02 -64.04 3.73
CA ASP G 145 -17.41 -63.52 4.94
C ASP G 145 -16.62 -64.53 5.69
N GLU G 146 -15.32 -64.61 5.39
CA GLU G 146 -14.46 -65.58 5.99
C GLU G 146 -13.07 -65.63 5.44
N ASP G 147 -12.38 -66.72 5.71
CA ASP G 147 -11.04 -66.95 5.20
C ASP G 147 -10.83 -67.28 3.73
N PRO G 148 -11.72 -68.07 3.12
CA PRO G 148 -11.40 -68.39 1.75
C PRO G 148 -11.97 -67.44 0.76
N VAL G 149 -11.22 -66.40 0.44
CA VAL G 149 -11.67 -65.50 -0.57
C VAL G 149 -10.49 -65.39 -1.45
N ASP G 150 -10.50 -66.04 -2.59
CA ASP G 150 -9.40 -65.82 -3.50
C ASP G 150 -9.71 -64.57 -4.26
N LEU G 151 -9.01 -63.50 -3.91
CA LEU G 151 -9.30 -62.22 -4.50
C LEU G 151 -9.22 -62.33 -5.96
N LEU G 152 -8.43 -63.27 -6.43
CA LEU G 152 -8.27 -63.43 -7.85
C LEU G 152 -9.57 -63.79 -8.51
N ASP G 153 -10.13 -64.92 -8.17
CA ASP G 153 -11.35 -65.30 -8.88
C ASP G 153 -12.56 -64.49 -8.40
N ALA G 154 -12.60 -64.15 -7.13
CA ALA G 154 -13.78 -63.46 -6.60
C ALA G 154 -13.85 -62.03 -7.10
N PHE G 155 -12.71 -61.35 -7.18
CA PHE G 155 -12.67 -59.94 -7.55
C PHE G 155 -11.84 -59.69 -8.81
N ALA G 156 -10.60 -60.17 -8.86
CA ALA G 156 -9.67 -59.72 -9.89
C ALA G 156 -10.14 -60.13 -11.28
N PHE G 157 -10.56 -61.39 -11.46
CA PHE G 157 -10.99 -61.82 -12.78
C PHE G 157 -12.29 -61.18 -13.24
N PRO G 158 -13.38 -61.18 -12.45
CA PRO G 158 -14.64 -60.65 -12.99
C PRO G 158 -14.60 -59.17 -13.40
N LEU G 159 -13.83 -58.31 -12.72
CA LEU G 159 -13.88 -56.88 -13.02
C LEU G 159 -13.49 -56.55 -14.46
N PRO G 160 -12.32 -56.95 -14.95
CA PRO G 160 -11.99 -56.58 -16.34
C PRO G 160 -12.96 -57.14 -17.36
N ILE G 161 -13.47 -58.35 -17.14
CA ILE G 161 -14.41 -58.96 -18.07
C ILE G 161 -15.68 -58.15 -18.10
N ARG G 162 -15.87 -57.39 -16.99
CA ARG G 162 -17.06 -56.56 -16.89
C ARG G 162 -16.91 -55.26 -17.65
N VAL G 163 -15.87 -54.52 -17.43
CA VAL G 163 -15.71 -53.29 -18.21
C VAL G 163 -15.64 -53.62 -19.68
N ILE G 164 -14.94 -54.70 -20.03
CA ILE G 164 -14.89 -55.08 -21.43
C ILE G 164 -16.30 -55.43 -21.91
N CYS G 165 -17.02 -56.30 -21.17
CA CYS G 165 -18.32 -56.74 -21.65
C CYS G 165 -19.27 -55.55 -21.84
N LEU G 166 -19.14 -54.52 -21.00
CA LEU G 166 -19.88 -53.29 -21.22
C LEU G 166 -19.48 -52.60 -22.52
N LEU G 167 -18.18 -52.53 -22.80
CA LEU G 167 -17.71 -51.83 -24.00
C LEU G 167 -18.06 -52.58 -25.27
N LEU G 168 -18.16 -53.89 -25.20
CA LEU G 168 -18.42 -54.69 -26.39
C LEU G 168 -19.80 -55.37 -26.48
N GLY G 169 -20.78 -54.85 -25.77
CA GLY G 169 -22.13 -55.40 -25.82
C GLY G 169 -22.39 -56.83 -25.45
N VAL G 170 -21.82 -57.29 -24.34
CA VAL G 170 -22.07 -58.64 -23.90
C VAL G 170 -22.68 -58.65 -22.53
N PRO G 171 -23.80 -59.32 -22.41
CA PRO G 171 -24.45 -59.39 -21.11
C PRO G 171 -23.93 -60.50 -20.25
N LEU G 172 -24.63 -60.85 -19.20
CA LEU G 172 -24.23 -61.98 -18.38
C LEU G 172 -24.96 -63.23 -18.86
N ASN G 177 -18.78 -66.34 -18.38
CA ASN G 177 -18.33 -67.70 -18.64
C ASN G 177 -17.00 -67.61 -19.32
N PHE G 178 -16.59 -66.39 -19.62
CA PHE G 178 -15.35 -66.19 -20.34
C PHE G 178 -14.15 -66.67 -19.59
N LYS G 179 -14.17 -66.48 -18.30
CA LYS G 179 -13.00 -66.81 -17.53
C LYS G 179 -12.67 -68.27 -17.69
N SER G 180 -13.67 -69.13 -17.65
CA SER G 180 -13.35 -70.50 -17.90
C SER G 180 -12.85 -70.69 -19.30
N TRP G 181 -13.49 -70.06 -20.26
CA TRP G 181 -13.16 -70.31 -21.65
C TRP G 181 -11.76 -69.96 -22.17
N SER G 182 -11.23 -68.82 -21.77
CA SER G 182 -9.94 -68.44 -22.30
C SER G 182 -8.76 -68.84 -21.44
N LYS G 183 -9.01 -69.45 -20.30
CA LYS G 183 -7.91 -69.80 -19.44
C LYS G 183 -7.28 -71.07 -19.93
N ALA G 184 -7.72 -71.58 -21.06
CA ALA G 184 -7.17 -72.79 -21.60
C ALA G 184 -6.50 -72.37 -22.84
N LEU G 185 -6.93 -71.23 -23.36
CA LEU G 185 -6.32 -70.71 -24.55
C LEU G 185 -4.99 -70.10 -24.21
N VAL G 186 -4.84 -69.65 -22.99
CA VAL G 186 -3.63 -68.94 -22.60
C VAL G 186 -2.75 -69.82 -21.75
N SER G 187 -3.36 -70.62 -20.91
CA SER G 187 -2.60 -71.44 -20.03
C SER G 187 -2.56 -72.78 -20.64
N GLY G 188 -3.64 -73.52 -20.50
CA GLY G 188 -3.71 -74.81 -21.12
C GLY G 188 -3.03 -75.93 -20.39
N ASP G 189 -3.80 -76.94 -20.00
CA ASP G 189 -3.17 -78.09 -19.38
C ASP G 189 -2.76 -79.17 -20.38
N SER G 190 -3.34 -79.17 -21.58
CA SER G 190 -3.06 -80.16 -22.60
C SER G 190 -3.33 -79.54 -23.96
N PRO G 191 -2.66 -80.00 -25.02
CA PRO G 191 -3.02 -79.53 -26.36
C PRO G 191 -4.48 -79.73 -26.69
N ALA G 192 -5.10 -80.79 -26.18
CA ALA G 192 -6.53 -80.99 -26.39
C ALA G 192 -7.35 -79.90 -25.73
N ALA G 193 -6.97 -79.48 -24.52
CA ALA G 193 -7.72 -78.45 -23.82
C ALA G 193 -7.67 -77.12 -24.56
N THR G 194 -6.49 -76.74 -25.06
CA THR G 194 -6.37 -75.47 -25.77
C THR G 194 -6.96 -75.53 -27.16
N ALA G 195 -6.89 -76.69 -27.81
CA ALA G 195 -7.50 -76.78 -29.15
C ALA G 195 -9.02 -76.83 -29.05
N ALA G 196 -9.53 -77.32 -27.93
CA ALA G 196 -10.99 -77.32 -27.77
C ALA G 196 -11.40 -75.88 -27.56
N ALA G 197 -10.68 -75.21 -26.68
CA ALA G 197 -11.04 -73.82 -26.37
C ALA G 197 -10.94 -72.97 -27.64
N SER G 198 -10.02 -73.28 -28.54
CA SER G 198 -9.97 -72.54 -29.81
C SER G 198 -11.29 -72.72 -30.55
N THR G 199 -11.60 -73.93 -30.99
CA THR G 199 -12.83 -74.18 -31.78
C THR G 199 -14.04 -73.53 -31.10
N ALA G 200 -14.11 -73.59 -29.78
CA ALA G 200 -15.21 -72.99 -29.02
C ALA G 200 -15.25 -71.47 -29.18
N MET G 201 -14.13 -70.79 -29.04
CA MET G 201 -14.15 -69.31 -29.09
C MET G 201 -14.44 -68.89 -30.53
N ILE G 202 -13.82 -69.52 -31.52
CA ILE G 202 -14.17 -69.17 -32.90
C ILE G 202 -15.65 -69.36 -33.11
N GLU G 203 -16.29 -70.22 -32.37
CA GLU G 203 -17.73 -70.40 -32.49
C GLU G 203 -18.47 -69.32 -31.74
N TYR G 204 -18.05 -69.07 -30.47
CA TYR G 204 -18.79 -68.06 -29.70
C TYR G 204 -18.72 -66.69 -30.40
N LEU G 205 -17.57 -66.36 -30.98
CA LEU G 205 -17.45 -65.09 -31.67
C LEU G 205 -18.37 -65.02 -32.89
N GLY G 206 -18.46 -66.12 -33.65
CA GLY G 206 -19.42 -66.19 -34.75
C GLY G 206 -20.83 -65.96 -34.24
N ASP G 207 -21.16 -66.54 -33.10
CA ASP G 207 -22.43 -66.26 -32.48
C ASP G 207 -22.66 -64.78 -32.29
N LEU G 208 -21.67 -64.12 -31.70
CA LEU G 208 -21.80 -62.73 -31.28
C LEU G 208 -22.01 -61.80 -32.46
N ILE G 209 -21.25 -62.04 -33.53
CA ILE G 209 -21.33 -61.16 -34.69
C ILE G 209 -22.72 -61.23 -35.33
N GLU G 210 -23.28 -62.44 -35.44
CA GLU G 210 -24.61 -62.57 -36.02
C GLU G 210 -25.69 -61.87 -35.16
N ARG G 211 -25.47 -61.96 -33.84
CA ARG G 211 -26.39 -61.29 -32.96
C ARG G 211 -26.35 -59.79 -33.23
N LYS G 212 -25.22 -59.23 -33.50
CA LYS G 212 -25.13 -57.81 -33.80
C LYS G 212 -25.83 -57.49 -35.12
N ARG G 213 -25.71 -58.37 -36.12
CA ARG G 213 -26.40 -58.16 -37.38
C ARG G 213 -27.91 -58.32 -37.24
N ARG G 214 -28.35 -59.38 -36.57
CA ARG G 214 -29.79 -59.63 -36.43
C ARG G 214 -30.47 -58.55 -35.61
N THR G 215 -29.82 -58.10 -34.53
CA THR G 215 -30.38 -57.09 -33.64
C THR G 215 -29.33 -56.01 -33.46
N PRO G 216 -29.27 -55.04 -34.38
CA PRO G 216 -28.23 -54.00 -34.30
C PRO G 216 -28.34 -53.19 -33.02
N THR G 217 -27.18 -52.79 -32.50
CA THR G 217 -27.08 -52.02 -31.27
C THR G 217 -25.97 -50.98 -31.45
N ASP G 218 -25.65 -50.28 -30.37
CA ASP G 218 -24.63 -49.23 -30.38
C ASP G 218 -23.54 -49.60 -29.38
N ASP G 219 -22.45 -50.16 -29.88
CA ASP G 219 -21.30 -50.50 -29.04
C ASP G 219 -20.09 -50.69 -29.94
N VAL G 220 -18.95 -50.96 -29.33
CA VAL G 220 -17.72 -51.10 -30.11
C VAL G 220 -17.86 -52.25 -31.10
N LEU G 221 -18.30 -53.42 -30.61
CA LEU G 221 -18.37 -54.60 -31.46
C LEU G 221 -19.30 -54.38 -32.66
N ALA G 222 -20.47 -53.80 -32.42
CA ALA G 222 -21.39 -53.51 -33.52
C ALA G 222 -20.78 -52.52 -34.51
N ALA G 223 -20.06 -51.52 -34.01
CA ALA G 223 -19.38 -50.57 -34.90
C ALA G 223 -18.41 -51.29 -35.83
N LEU G 224 -17.77 -52.35 -35.32
CA LEU G 224 -16.89 -53.14 -36.18
C LEU G 224 -17.67 -53.86 -37.26
N VAL G 225 -18.84 -54.40 -36.91
CA VAL G 225 -19.69 -55.07 -37.89
C VAL G 225 -20.14 -54.08 -38.95
N SER G 226 -20.53 -52.87 -38.54
CA SER G 226 -20.93 -51.86 -39.50
C SER G 226 -19.77 -51.49 -40.41
N ALA G 227 -18.56 -51.33 -39.84
CA ALA G 227 -17.39 -51.04 -40.66
C ALA G 227 -17.10 -52.17 -41.64
N ARG G 228 -17.50 -53.40 -41.31
CA ARG G 228 -17.25 -54.53 -42.20
C ARG G 228 -18.30 -54.61 -43.31
N ASP G 229 -19.59 -54.50 -42.95
CA ASP G 229 -20.66 -54.71 -43.91
C ASP G 229 -20.97 -53.45 -44.69
N VAL G 230 -21.11 -52.32 -44.01
CA VAL G 230 -21.48 -51.07 -44.68
C VAL G 230 -20.35 -50.57 -45.57
N ASP G 231 -19.11 -50.63 -45.08
CA ASP G 231 -18.01 -49.91 -45.69
C ASP G 231 -16.96 -50.80 -46.35
N ASP G 232 -17.06 -52.13 -46.25
CA ASP G 232 -16.07 -53.04 -46.84
C ASP G 232 -14.66 -52.75 -46.33
N ARG G 233 -14.60 -52.22 -45.10
CA ARG G 233 -13.38 -51.77 -44.45
C ARG G 233 -12.56 -52.87 -43.85
N LEU G 234 -13.14 -54.05 -43.74
CA LEU G 234 -12.60 -55.05 -42.87
C LEU G 234 -12.79 -56.39 -43.55
N THR G 235 -11.99 -57.35 -43.17
CA THR G 235 -12.20 -58.69 -43.65
C THR G 235 -12.93 -59.48 -42.56
N GLU G 236 -13.63 -60.54 -43.00
CA GLU G 236 -14.42 -61.31 -42.06
C GLU G 236 -13.54 -61.98 -41.01
N THR G 237 -12.41 -62.55 -41.44
CA THR G 237 -11.45 -63.11 -40.49
C THR G 237 -10.98 -62.06 -39.49
N GLU G 238 -10.60 -60.88 -40.01
CA GLU G 238 -10.14 -59.81 -39.15
C GLU G 238 -11.23 -59.37 -38.18
N LEU G 239 -12.49 -59.34 -38.63
CA LEU G 239 -13.59 -58.98 -37.74
C LEU G 239 -13.65 -59.92 -36.55
N VAL G 240 -13.64 -61.23 -36.80
CA VAL G 240 -13.62 -62.19 -35.70
C VAL G 240 -12.34 -62.03 -34.89
N SER G 241 -11.19 -61.92 -35.58
CA SER G 241 -9.92 -61.79 -34.88
C SER G 241 -9.84 -60.49 -34.10
N MET G 242 -10.30 -59.38 -34.69
CA MET G 242 -10.32 -58.12 -33.96
C MET G 242 -11.23 -58.21 -32.73
N ALA G 243 -12.38 -58.87 -32.87
CA ALA G 243 -13.24 -59.09 -31.72
C ALA G 243 -12.54 -59.91 -30.65
N PHE G 244 -11.88 -61.00 -31.06
CA PHE G 244 -11.14 -61.82 -30.12
C PHE G 244 -10.10 -61.00 -29.37
N LEU G 245 -9.36 -60.17 -30.10
CA LEU G 245 -8.31 -59.35 -29.48
C LEU G 245 -8.89 -58.47 -28.40
N LEU G 246 -10.02 -57.82 -28.68
CA LEU G 246 -10.63 -56.94 -27.68
C LEU G 246 -11.11 -57.71 -26.46
N PHE G 247 -11.63 -58.94 -26.62
CA PHE G 247 -12.11 -59.68 -25.46
C PHE G 247 -10.94 -60.23 -24.64
N ILE G 248 -10.12 -61.08 -25.25
CA ILE G 248 -9.06 -61.72 -24.50
C ILE G 248 -7.97 -60.71 -24.15
N GLY G 249 -7.70 -59.76 -25.04
CA GLY G 249 -6.62 -58.82 -24.80
C GLY G 249 -6.85 -57.99 -23.56
N GLY G 250 -8.10 -57.67 -23.27
CA GLY G 250 -8.38 -56.82 -22.13
C GLY G 250 -8.67 -57.57 -20.86
N HIS G 251 -8.93 -58.87 -20.97
CA HIS G 251 -9.39 -59.67 -19.84
C HIS G 251 -8.21 -60.23 -19.05
N GLU G 252 -7.38 -61.07 -19.69
CA GLU G 252 -6.27 -61.71 -19.00
C GLU G 252 -5.26 -60.71 -18.45
N THR G 253 -5.14 -59.54 -19.10
CA THR G 253 -4.14 -58.56 -18.70
C THR G 253 -4.45 -57.93 -17.34
N THR G 254 -5.61 -57.33 -17.17
CA THR G 254 -5.87 -56.56 -15.94
C THR G 254 -5.96 -57.29 -14.63
N VAL G 255 -6.48 -58.51 -14.64
CA VAL G 255 -6.58 -59.30 -13.44
C VAL G 255 -5.23 -59.54 -12.86
N ASN G 256 -4.25 -59.78 -13.72
CA ASN G 256 -2.92 -60.07 -13.27
C ASN G 256 -2.26 -58.84 -12.75
N THR G 257 -2.66 -57.67 -13.19
CA THR G 257 -2.13 -56.43 -12.62
C THR G 257 -2.58 -56.35 -11.20
N LEU G 258 -3.85 -56.59 -11.00
CA LEU G 258 -4.40 -56.50 -9.67
C LEU G 258 -3.88 -57.60 -8.82
N GLY G 259 -3.88 -58.81 -9.34
CA GLY G 259 -3.37 -59.94 -8.59
C GLY G 259 -1.93 -59.86 -8.20
N ASN G 260 -1.08 -59.55 -9.14
CA ASN G 260 0.32 -59.52 -8.85
C ASN G 260 0.60 -58.34 -7.98
N GLY G 261 -0.11 -57.25 -8.22
CA GLY G 261 0.09 -56.06 -7.41
C GLY G 261 -0.37 -56.23 -6.01
N THR G 262 -1.52 -56.84 -5.84
CA THR G 262 -2.01 -57.11 -4.51
C THR G 262 -1.01 -58.01 -3.80
N LEU G 263 -0.55 -59.06 -4.46
CA LEU G 263 0.40 -59.97 -3.81
C LEU G 263 1.62 -59.21 -3.30
N HIS G 264 2.26 -58.41 -4.16
CA HIS G 264 3.44 -57.66 -3.74
C HIS G 264 3.08 -56.64 -2.67
N LEU G 265 1.92 -56.01 -2.78
CA LEU G 265 1.45 -55.13 -1.72
C LEU G 265 1.30 -55.91 -0.42
N MET G 266 0.77 -57.13 -0.52
CA MET G 266 0.60 -57.96 0.66
C MET G 266 1.94 -58.38 1.27
N ARG G 267 3.01 -58.36 0.49
CA ARG G 267 4.32 -58.75 0.96
C ARG G 267 5.12 -57.61 1.54
N ASN G 268 4.74 -56.40 1.21
CA ASN G 268 5.44 -55.21 1.77
C ASN G 268 4.31 -54.41 2.39
N LEU G 269 3.83 -54.83 3.56
CA LEU G 269 2.62 -54.18 4.16
C LEU G 269 2.85 -52.69 4.33
N ASP G 270 4.08 -52.29 4.59
CA ASP G 270 4.42 -50.85 4.67
C ASP G 270 3.83 -50.14 3.47
N GLN G 271 4.24 -50.56 2.28
CA GLN G 271 3.81 -49.87 1.05
C GLN G 271 2.28 -49.83 0.97
N TRP G 272 1.62 -50.90 1.41
CA TRP G 272 0.14 -50.99 1.34
C TRP G 272 -0.46 -49.88 2.18
N GLU G 273 0.00 -49.74 3.42
CA GLU G 273 -0.62 -48.75 4.33
C GLU G 273 -0.30 -47.35 3.83
N ALA G 274 0.82 -47.18 3.15
CA ALA G 274 1.21 -45.83 2.68
C ALA G 274 0.26 -45.41 1.58
N LEU G 275 -0.20 -46.37 0.81
CA LEU G 275 -1.16 -46.06 -0.27
C LEU G 275 -2.50 -45.76 0.39
N ARG G 276 -2.75 -46.39 1.53
CA ARG G 276 -4.05 -46.20 2.20
C ARG G 276 -4.04 -44.81 2.79
N GLN G 277 -2.86 -44.24 2.99
CA GLN G 277 -2.76 -42.85 3.47
C GLN G 277 -2.78 -41.89 2.26
N ASP G 278 -1.74 -41.94 1.44
CA ASP G 278 -1.65 -40.99 0.28
C ASP G 278 -2.27 -41.65 -0.93
N ARG G 279 -3.45 -41.19 -1.35
CA ARG G 279 -4.15 -41.83 -2.48
C ARG G 279 -3.77 -41.12 -3.77
N SER G 280 -2.76 -40.25 -3.67
CA SER G 280 -2.25 -39.58 -4.88
C SER G 280 -1.00 -40.36 -5.29
N LEU G 281 -0.69 -41.41 -4.54
CA LEU G 281 0.47 -42.26 -4.84
C LEU G 281 -0.01 -43.44 -5.68
N LEU G 282 -1.29 -43.76 -5.58
CA LEU G 282 -1.85 -44.93 -6.29
C LEU G 282 -1.56 -44.88 -7.79
N PRO G 283 -1.69 -43.77 -8.57
CA PRO G 283 -1.35 -43.88 -9.99
C PRO G 283 0.07 -44.35 -10.24
N GLY G 284 1.05 -43.76 -9.55
CA GLY G 284 2.42 -44.23 -9.68
C GLY G 284 2.62 -45.62 -9.12
N ALA G 285 1.93 -45.95 -8.03
CA ALA G 285 2.03 -47.28 -7.45
C ALA G 285 1.56 -48.35 -8.43
N VAL G 286 0.51 -48.04 -9.20
CA VAL G 286 0.04 -48.97 -10.22
C VAL G 286 1.11 -49.19 -11.27
N GLU G 287 1.76 -48.11 -11.72
CA GLU G 287 2.84 -48.23 -12.69
C GLU G 287 4.00 -49.05 -12.13
N GLU G 288 4.22 -48.99 -10.82
CA GLU G 288 5.28 -49.80 -10.23
C GLU G 288 4.90 -51.28 -10.21
N PHE G 289 3.62 -51.59 -10.06
CA PHE G 289 3.18 -52.98 -10.19
C PHE G 289 3.44 -53.50 -11.58
N LEU G 290 3.17 -52.69 -12.61
CA LEU G 290 3.35 -53.12 -13.99
C LEU G 290 4.81 -53.42 -14.29
N ARG G 291 5.72 -52.59 -13.77
CA ARG G 291 7.14 -52.81 -14.02
C ARG G 291 7.64 -54.04 -13.28
N LEU G 292 7.35 -54.13 -11.98
CA LEU G 292 7.95 -55.18 -11.16
C LEU G 292 7.44 -56.56 -11.56
N GLU G 293 6.13 -56.71 -11.69
CA GLU G 293 5.51 -57.96 -12.10
C GLU G 293 4.67 -57.66 -13.33
N SER G 294 5.32 -57.67 -14.49
CA SER G 294 4.62 -57.36 -15.74
C SER G 294 3.59 -58.45 -16.03
N PRO G 295 2.33 -58.07 -16.27
CA PRO G 295 1.31 -59.10 -16.57
C PRO G 295 1.65 -59.96 -17.77
N LEU G 296 2.27 -59.38 -18.79
CA LEU G 296 2.80 -60.14 -19.91
C LEU G 296 4.32 -60.11 -19.81
N LYS G 297 4.92 -61.26 -19.48
CA LYS G 297 6.37 -61.32 -19.43
C LYS G 297 6.98 -61.08 -20.81
N HIS G 298 6.32 -61.55 -21.86
CA HIS G 298 6.84 -61.46 -23.20
C HIS G 298 5.82 -60.81 -24.13
N ALA G 299 6.33 -60.09 -25.12
CA ALA G 299 5.51 -59.61 -26.22
C ALA G 299 5.27 -60.75 -27.20
N THR G 300 4.43 -60.49 -28.20
CA THR G 300 4.20 -61.51 -29.20
C THR G 300 5.49 -61.78 -29.97
N PHE G 301 5.58 -62.99 -30.51
CA PHE G 301 6.73 -63.37 -31.31
C PHE G 301 6.85 -62.44 -32.51
N ARG G 302 8.09 -62.03 -32.78
CA ARG G 302 8.40 -61.19 -33.92
C ARG G 302 9.36 -61.96 -34.84
N CYS G 303 9.32 -61.62 -36.12
CA CYS G 303 10.16 -62.24 -37.11
C CYS G 303 11.12 -61.20 -37.69
N ALA G 304 12.35 -61.63 -37.96
CA ALA G 304 13.36 -60.76 -38.54
C ALA G 304 13.16 -60.71 -40.05
N THR G 305 12.84 -59.53 -40.57
CA THR G 305 12.62 -59.35 -42.00
C THR G 305 13.91 -59.13 -42.78
N GLU G 306 15.04 -58.96 -42.10
CA GLU G 306 16.37 -58.89 -42.70
C GLU G 306 17.37 -59.07 -41.57
N ASP G 307 18.62 -59.36 -41.94
CA ASP G 307 19.67 -59.56 -40.94
C ASP G 307 19.82 -58.33 -40.06
N LEU G 308 19.91 -58.55 -38.74
CA LEU G 308 20.12 -57.47 -37.79
C LEU G 308 20.83 -58.00 -36.56
N ARG G 309 21.45 -57.08 -35.82
CA ARG G 309 22.20 -57.41 -34.62
C ARG G 309 21.49 -56.84 -33.40
N ILE G 310 21.25 -57.69 -32.41
CA ILE G 310 20.69 -57.27 -31.13
C ILE G 310 21.79 -57.47 -30.09
N GLY G 311 22.14 -56.41 -29.39
CA GLY G 311 23.30 -56.47 -28.51
C GLY G 311 24.54 -56.73 -29.33
N ASP G 312 25.27 -57.79 -28.98
CA ASP G 312 26.50 -58.15 -29.68
C ASP G 312 26.35 -59.42 -30.52
N THR G 313 25.12 -59.94 -30.67
CA THR G 313 24.88 -61.18 -31.40
C THR G 313 24.05 -60.89 -32.64
N ALA G 314 24.45 -61.48 -33.75
CA ALA G 314 23.76 -61.27 -35.03
C ALA G 314 22.57 -62.21 -35.15
N ILE G 315 21.43 -61.66 -35.54
CA ILE G 315 20.19 -62.40 -35.71
C ILE G 315 19.90 -62.49 -37.21
N PRO G 316 19.95 -63.68 -37.82
CA PRO G 316 19.76 -63.76 -39.27
C PRO G 316 18.32 -63.49 -39.68
N ALA G 317 18.16 -63.04 -40.92
CA ALA G 317 16.85 -62.79 -41.47
C ALA G 317 15.98 -64.05 -41.41
N GLY G 318 14.74 -63.87 -40.97
CA GLY G 318 13.80 -64.96 -40.89
C GLY G 318 13.71 -65.66 -39.54
N ASP G 319 14.66 -65.41 -38.64
CA ASP G 319 14.59 -66.03 -37.33
C ASP G 319 13.52 -65.33 -36.48
N PHE G 320 13.17 -65.97 -35.36
CA PHE G 320 12.07 -65.52 -34.52
C PHE G 320 12.60 -65.06 -33.17
N VAL G 321 11.96 -64.00 -32.64
CA VAL G 321 12.47 -63.29 -31.47
C VAL G 321 11.35 -63.13 -30.45
N LEU G 322 11.68 -63.33 -29.18
CA LEU G 322 10.76 -63.15 -28.08
C LEU G 322 11.31 -62.06 -27.16
N LEU G 323 10.54 -60.99 -26.99
CA LEU G 323 10.99 -59.83 -26.22
C LEU G 323 10.57 -59.99 -24.77
N ALA G 324 11.55 -60.08 -23.88
CA ALA G 324 11.27 -60.26 -22.45
C ALA G 324 11.05 -58.89 -21.83
N LEU G 325 9.78 -58.48 -21.76
CA LEU G 325 9.44 -57.22 -21.11
C LEU G 325 9.75 -57.27 -19.62
N ALA G 326 9.54 -58.44 -19.00
CA ALA G 326 9.86 -58.58 -17.58
C ALA G 326 11.36 -58.39 -17.33
N SER G 327 12.19 -58.90 -18.23
CA SER G 327 13.64 -58.67 -18.10
C SER G 327 13.96 -57.18 -18.24
N ALA G 328 13.36 -56.53 -19.23
CA ALA G 328 13.60 -55.10 -19.43
C ALA G 328 13.11 -54.28 -18.23
N ASN G 329 11.97 -54.66 -17.66
CA ASN G 329 11.39 -53.92 -16.55
C ASN G 329 12.13 -54.16 -15.24
N ARG G 330 13.08 -55.09 -15.19
CA ARG G 330 13.88 -55.31 -14.00
C ARG G 330 15.37 -55.24 -14.33
N ASP G 331 15.73 -54.41 -15.30
CA ASP G 331 17.12 -54.23 -15.70
C ASP G 331 17.78 -53.23 -14.76
N PRO G 332 18.83 -53.62 -14.02
CA PRO G 332 19.51 -52.66 -13.14
C PRO G 332 20.15 -51.51 -13.88
N GLU G 333 20.45 -51.68 -15.18
CA GLU G 333 20.98 -50.58 -15.98
C GLU G 333 19.98 -49.44 -16.13
N ARG G 334 18.68 -49.70 -15.96
CA ARG G 334 17.66 -48.67 -16.09
C ARG G 334 16.94 -48.35 -14.79
N PHE G 335 16.73 -49.33 -13.91
CA PHE G 335 15.98 -49.12 -12.68
C PHE G 335 16.83 -49.54 -11.48
N GLY G 336 16.96 -48.67 -10.51
CA GLY G 336 17.68 -49.00 -9.29
C GLY G 336 16.83 -49.85 -8.36
N ASP G 337 17.49 -50.83 -7.74
CA ASP G 337 16.81 -51.87 -6.96
C ASP G 337 15.73 -52.53 -7.81
N PRO G 338 16.07 -53.13 -8.95
CA PRO G 338 15.04 -53.59 -9.89
C PRO G 338 14.12 -54.63 -9.31
N HIS G 339 14.55 -55.39 -8.30
CA HIS G 339 13.78 -56.47 -7.75
C HIS G 339 13.00 -56.07 -6.49
N THR G 340 13.02 -54.78 -6.13
CA THR G 340 12.33 -54.28 -4.95
C THR G 340 11.09 -53.49 -5.37
N LEU G 341 9.99 -53.70 -4.65
CA LEU G 341 8.77 -52.92 -4.87
C LEU G 341 8.90 -51.57 -4.17
N ASP G 342 8.84 -50.49 -4.93
CA ASP G 342 8.82 -49.13 -4.37
C ASP G 342 7.74 -48.33 -5.07
N VAL G 343 6.63 -48.08 -4.36
CA VAL G 343 5.52 -47.34 -4.94
C VAL G 343 5.85 -45.87 -5.16
N ARG G 344 6.86 -45.36 -4.48
CA ARG G 344 7.17 -43.94 -4.57
C ARG G 344 8.26 -43.72 -5.58
N ARG G 345 8.40 -44.66 -6.49
CA ARG G 345 9.43 -44.58 -7.51
C ARG G 345 9.14 -43.58 -8.56
N PRO G 346 10.16 -43.20 -9.33
CA PRO G 346 9.85 -42.36 -10.47
C PRO G 346 8.90 -43.19 -11.25
N THR G 347 7.75 -42.66 -11.59
CA THR G 347 6.71 -43.46 -12.22
C THR G 347 6.91 -44.07 -13.58
N GLY G 348 7.53 -43.34 -14.49
CA GLY G 348 7.62 -43.86 -15.84
C GLY G 348 8.74 -44.77 -16.23
N GLY G 349 8.78 -45.11 -17.51
CA GLY G 349 9.89 -45.88 -17.99
C GLY G 349 9.64 -47.28 -18.43
N HIS G 350 8.67 -47.94 -17.82
CA HIS G 350 8.46 -49.33 -18.14
C HIS G 350 7.94 -49.60 -19.53
N VAL G 351 8.00 -50.85 -19.92
CA VAL G 351 7.62 -51.18 -21.25
C VAL G 351 6.57 -52.26 -21.16
N ALA G 352 5.91 -52.34 -20.02
CA ALA G 352 4.90 -53.38 -19.85
C ALA G 352 3.79 -53.26 -20.88
N PHE G 353 3.54 -52.05 -21.38
CA PHE G 353 2.56 -51.83 -22.42
C PHE G 353 3.16 -51.90 -23.81
N GLY G 354 4.44 -52.25 -23.92
CA GLY G 354 5.10 -52.28 -25.20
C GLY G 354 5.73 -50.95 -25.52
N HIS G 355 6.05 -50.78 -26.81
CA HIS G 355 6.69 -49.58 -27.32
C HIS G 355 6.61 -49.61 -28.83
N GLY G 356 6.39 -48.45 -29.43
CA GLY G 356 6.28 -48.36 -30.87
C GLY G 356 4.85 -48.27 -31.36
N ILE G 357 4.68 -48.64 -32.63
CA ILE G 357 3.37 -48.53 -33.26
C ILE G 357 2.38 -49.50 -32.62
N HIS G 358 2.86 -50.58 -32.02
CA HIS G 358 2.00 -51.57 -31.38
C HIS G 358 1.79 -51.30 -29.88
N TYR G 359 2.12 -50.09 -29.42
CA TYR G 359 1.89 -49.74 -28.02
C TYR G 359 0.43 -49.97 -27.62
N CYS G 360 0.24 -50.50 -26.42
CA CYS G 360 -1.03 -51.03 -25.97
C CYS G 360 -2.18 -50.05 -26.15
N LEU G 361 -3.24 -50.53 -26.79
CA LEU G 361 -4.42 -49.71 -27.05
C LEU G 361 -5.31 -49.58 -25.81
N GLY G 362 -5.29 -50.58 -24.92
CA GLY G 362 -6.05 -50.56 -23.70
C GLY G 362 -5.36 -49.93 -22.52
N ALA G 363 -4.23 -49.27 -22.73
CA ALA G 363 -3.47 -48.68 -21.61
C ALA G 363 -4.27 -47.68 -20.81
N PRO G 364 -4.92 -46.66 -21.39
CA PRO G 364 -5.75 -45.78 -20.56
C PRO G 364 -6.84 -46.53 -19.83
N LEU G 365 -7.47 -47.50 -20.50
CA LEU G 365 -8.51 -48.30 -19.85
C LEU G 365 -7.92 -49.16 -18.74
N ALA G 366 -6.77 -49.80 -19.01
CA ALA G 366 -6.15 -50.66 -18.00
C ALA G 366 -5.75 -49.85 -16.78
N ARG G 367 -5.20 -48.66 -16.99
CA ARG G 367 -4.85 -47.80 -15.86
C ARG G 367 -6.08 -47.43 -15.05
N MET G 368 -7.17 -47.10 -15.74
CA MET G 368 -8.41 -46.73 -15.05
C MET G 368 -8.94 -47.88 -14.21
N GLU G 369 -9.00 -49.09 -14.79
CA GLU G 369 -9.48 -50.26 -14.05
C GLU G 369 -8.65 -50.55 -12.82
N ALA G 370 -7.31 -50.58 -12.97
CA ALA G 370 -6.43 -50.87 -11.85
C ALA G 370 -6.57 -49.80 -10.80
N GLN G 371 -6.70 -48.56 -11.25
CA GLN G 371 -6.75 -47.40 -10.38
C GLN G 371 -7.95 -47.49 -9.44
N VAL G 372 -9.15 -47.68 -10.02
CA VAL G 372 -10.39 -47.78 -9.25
C VAL G 372 -10.40 -49.04 -8.39
N ALA G 373 -9.97 -50.17 -8.96
CA ALA G 373 -10.03 -51.43 -8.22
C ALA G 373 -9.15 -51.37 -6.97
N PHE G 374 -7.94 -50.82 -7.10
CA PHE G 374 -7.07 -50.70 -5.93
C PHE G 374 -7.61 -49.68 -4.94
N GLY G 375 -8.09 -48.53 -5.43
CA GLY G 375 -8.57 -47.49 -4.52
C GLY G 375 -9.72 -47.96 -3.65
N VAL G 376 -10.67 -48.70 -4.23
CA VAL G 376 -11.76 -49.26 -3.44
C VAL G 376 -11.24 -50.29 -2.45
N LEU G 377 -10.29 -51.11 -2.88
CA LEU G 377 -9.74 -52.15 -2.02
C LEU G 377 -9.02 -51.58 -0.80
N LEU G 378 -8.53 -50.37 -0.90
CA LEU G 378 -7.96 -49.74 0.28
C LEU G 378 -9.04 -49.12 1.17
N ASP G 379 -10.15 -48.66 0.58
CA ASP G 379 -11.26 -48.17 1.41
C ASP G 379 -11.92 -49.31 2.18
N THR G 380 -12.25 -50.39 1.49
CA THR G 380 -12.88 -51.56 2.09
C THR G 380 -11.86 -52.67 2.25
N PHE G 381 -11.89 -53.31 3.42
CA PHE G 381 -10.90 -54.31 3.80
C PHE G 381 -9.50 -53.71 3.78
N PRO G 382 -9.27 -52.56 4.44
CA PRO G 382 -7.92 -51.99 4.46
C PRO G 382 -6.93 -52.84 5.23
N ALA G 383 -7.42 -53.80 6.01
CA ALA G 383 -6.61 -54.64 6.87
C ALA G 383 -6.50 -56.06 6.35
N MET G 384 -6.77 -56.29 5.06
CA MET G 384 -6.74 -57.65 4.55
C MET G 384 -5.30 -58.16 4.50
N ARG G 385 -5.14 -59.46 4.77
CA ARG G 385 -3.83 -60.07 4.83
C ARG G 385 -3.82 -61.39 4.09
N LEU G 386 -2.62 -61.78 3.64
CA LEU G 386 -2.45 -63.04 2.93
C LEU G 386 -2.84 -64.20 3.83
N ALA G 387 -3.63 -65.13 3.30
CA ALA G 387 -4.13 -66.27 4.04
C ALA G 387 -3.20 -67.47 3.91
N VAL G 388 -2.11 -67.35 3.14
CA VAL G 388 -1.16 -68.44 2.95
C VAL G 388 0.27 -67.91 2.94
N ASP G 389 1.23 -68.78 3.12
CA ASP G 389 2.64 -68.42 2.93
C ASP G 389 2.87 -67.85 1.56
N PRO G 390 3.64 -66.76 1.43
CA PRO G 390 3.86 -66.33 0.05
C PRO G 390 4.49 -67.40 -0.81
N GLU G 391 5.39 -68.17 -0.25
CA GLU G 391 6.07 -69.19 -1.02
C GLU G 391 5.14 -70.23 -1.57
N ASP G 392 4.14 -70.59 -0.79
CA ASP G 392 3.23 -71.63 -1.22
C ASP G 392 2.41 -71.24 -2.42
N MET G 393 2.34 -69.96 -2.70
CA MET G 393 1.60 -69.52 -3.86
C MET G 393 2.24 -69.95 -5.17
N ARG G 394 1.44 -70.18 -6.19
CA ARG G 394 2.00 -70.67 -7.43
C ARG G 394 1.57 -69.94 -8.69
N TRP G 395 2.39 -70.04 -9.72
CA TRP G 395 2.10 -69.32 -10.94
C TRP G 395 1.67 -70.25 -12.03
N ARG G 396 0.83 -69.76 -12.93
CA ARG G 396 0.32 -70.57 -14.01
C ARG G 396 1.23 -70.75 -15.18
N THR G 397 1.07 -71.83 -15.91
CA THR G 397 1.97 -72.14 -17.04
C THR G 397 1.51 -71.40 -18.28
N SER G 398 2.17 -70.28 -18.60
CA SER G 398 1.88 -69.56 -19.81
C SER G 398 3.14 -69.08 -20.41
N THR G 399 3.15 -68.98 -21.72
CA THR G 399 4.34 -68.57 -22.40
C THR G 399 4.47 -67.09 -22.28
N LEU G 400 3.36 -66.37 -22.41
CA LEU G 400 3.42 -64.91 -22.40
C LEU G 400 2.89 -64.27 -21.14
N ILE G 401 2.00 -64.93 -20.41
CA ILE G 401 1.23 -64.30 -19.33
C ILE G 401 1.91 -64.58 -18.01
N ARG G 402 1.91 -63.58 -17.13
CA ARG G 402 2.42 -63.70 -15.77
C ARG G 402 1.28 -63.42 -14.78
N GLY G 403 0.69 -64.49 -14.23
CA GLY G 403 -0.40 -64.36 -13.28
C GLY G 403 -0.45 -65.53 -12.30
N LEU G 404 -1.17 -65.31 -11.20
CA LEU G 404 -1.25 -66.28 -10.10
C LEU G 404 -2.42 -67.25 -10.24
N HIS G 405 -2.21 -68.51 -9.81
CA HIS G 405 -3.32 -69.45 -9.84
C HIS G 405 -4.46 -69.01 -8.95
N SER G 406 -4.15 -68.48 -7.76
CA SER G 406 -5.15 -68.00 -6.82
C SER G 406 -4.47 -66.95 -5.95
N LEU G 407 -5.28 -66.26 -5.14
CA LEU G 407 -4.77 -65.23 -4.22
C LEU G 407 -5.62 -65.25 -2.98
N PRO G 408 -5.47 -66.29 -2.14
CA PRO G 408 -6.28 -66.36 -0.92
C PRO G 408 -5.87 -65.28 0.07
N VAL G 409 -6.87 -64.68 0.71
CA VAL G 409 -6.67 -63.55 1.62
C VAL G 409 -7.65 -63.65 2.77
N ARG G 410 -7.31 -63.00 3.88
CA ARG G 410 -8.19 -62.84 5.03
C ARG G 410 -8.56 -61.37 5.15
N LEU G 411 -9.84 -61.09 5.35
CA LEU G 411 -10.37 -59.73 5.26
C LEU G 411 -10.70 -59.11 6.61
N ASN G 412 -11.53 -59.77 7.43
CA ASN G 412 -12.03 -59.23 8.69
C ASN G 412 -12.91 -58.01 8.45
N PRO H 10 16.92 63.25 25.51
CA PRO H 10 15.48 63.46 25.30
C PRO H 10 15.18 64.11 23.96
N LEU H 11 14.54 63.35 23.06
CA LEU H 11 14.27 63.86 21.72
C LEU H 11 13.16 64.90 21.76
N GLU H 12 13.42 66.07 21.21
CA GLU H 12 12.40 67.12 21.15
C GLU H 12 11.56 66.99 19.89
N LEU H 13 10.24 66.96 20.08
CA LEU H 13 9.32 66.85 18.96
C LEU H 13 9.01 68.24 18.43
N ASP H 14 9.12 68.41 17.11
CA ASP H 14 8.94 69.69 16.45
C ASP H 14 7.59 69.72 15.75
N ASP H 15 7.35 70.78 14.96
CA ASP H 15 6.09 70.88 14.22
C ASP H 15 5.89 69.71 13.27
N ALA H 16 6.97 69.27 12.61
CA ALA H 16 6.86 68.11 11.72
C ALA H 16 6.19 66.94 12.42
N PHE H 17 6.46 66.76 13.71
CA PHE H 17 5.73 65.79 14.50
C PHE H 17 4.26 66.15 14.59
N MET H 18 3.94 67.42 14.82
CA MET H 18 2.55 67.82 14.96
C MET H 18 1.78 67.57 13.67
N GLN H 19 2.38 67.89 12.52
CA GLN H 19 1.71 67.68 11.24
C GLN H 19 1.69 66.20 10.87
N ASP H 20 2.79 65.52 10.97
CA ASP H 20 2.92 64.09 10.66
C ASP H 20 3.51 63.34 11.90
N PRO H 21 2.75 63.03 12.92
CA PRO H 21 3.28 62.23 14.04
C PRO H 21 3.47 60.77 13.68
N HIS H 22 2.75 60.27 12.68
CA HIS H 22 2.77 58.85 12.35
C HIS H 22 4.16 58.40 11.91
N SER H 23 4.83 59.26 11.13
CA SER H 23 6.17 58.95 10.70
C SER H 23 7.09 58.84 11.89
N VAL H 24 6.99 59.74 12.81
CA VAL H 24 7.81 59.73 14.02
C VAL H 24 7.54 58.47 14.83
N TYR H 25 6.26 58.10 14.97
CA TYR H 25 5.91 56.89 15.71
C TYR H 25 6.55 55.66 15.08
N ALA H 26 6.51 55.57 13.74
CA ALA H 26 7.08 54.42 13.05
C ALA H 26 8.59 54.32 13.28
N ARG H 27 9.30 55.45 13.25
CA ARG H 27 10.72 55.45 13.53
C ARG H 27 11.01 54.88 14.91
N LEU H 28 10.35 55.42 15.92
CA LEU H 28 10.62 55.01 17.30
C LEU H 28 10.21 53.57 17.55
N ASN H 29 9.03 53.15 17.05
CA ASN H 29 8.58 51.80 17.31
C ASN H 29 9.47 50.76 16.64
N ALA H 30 10.07 51.08 15.50
CA ALA H 30 11.00 50.16 14.86
C ALA H 30 12.17 49.83 15.77
N GLU H 31 12.50 50.72 16.68
CA GLU H 31 13.63 50.55 17.59
C GLU H 31 13.22 50.02 18.97
N GLY H 32 12.00 50.28 19.40
CA GLY H 32 11.58 49.93 20.74
C GLY H 32 10.22 50.52 21.04
N SER H 33 9.79 50.37 22.30
CA SER H 33 8.47 50.80 22.71
C SER H 33 8.45 51.99 23.65
N ALA H 34 9.56 52.35 24.28
CA ALA H 34 9.56 53.46 25.25
C ALA H 34 10.72 54.40 24.93
N HIS H 35 10.38 55.67 24.71
CA HIS H 35 11.37 56.69 24.36
C HIS H 35 11.08 57.96 25.13
N ARG H 36 12.12 58.55 25.72
CA ARG H 36 11.98 59.82 26.41
C ARG H 36 11.98 60.93 25.36
N VAL H 37 10.89 61.68 25.28
CA VAL H 37 10.71 62.70 24.25
C VAL H 37 10.31 63.99 24.92
N MET H 38 10.07 65.01 24.09
CA MET H 38 9.74 66.34 24.59
C MET H 38 8.93 67.08 23.54
N MET H 39 7.87 67.70 24.00
CA MET H 39 7.06 68.60 23.22
C MET H 39 7.82 69.93 23.06
N PRO H 40 7.49 70.73 22.06
CA PRO H 40 8.18 72.02 21.90
C PRO H 40 8.03 72.86 23.14
N PRO H 41 9.07 73.62 23.52
CA PRO H 41 8.98 74.40 24.76
C PRO H 41 7.87 75.43 24.75
N GLY H 42 7.46 75.90 23.57
CA GLY H 42 6.44 76.92 23.47
C GLY H 42 5.01 76.43 23.55
N VAL H 43 4.81 75.12 23.60
CA VAL H 43 3.44 74.60 23.77
C VAL H 43 2.94 75.01 25.16
N PRO H 44 1.71 75.53 25.27
CA PRO H 44 1.29 76.25 26.49
C PRO H 44 1.63 75.64 27.84
N VAL H 45 1.18 74.41 28.12
CA VAL H 45 1.24 73.85 29.45
C VAL H 45 2.17 72.65 29.55
N CYS H 46 2.10 71.73 28.59
CA CYS H 46 2.97 70.57 28.64
C CYS H 46 4.28 70.81 27.93
N GLY H 47 4.46 71.97 27.31
CA GLY H 47 5.61 72.24 26.46
C GLY H 47 6.97 72.03 27.11
N GLY H 48 7.84 71.30 26.42
CA GLY H 48 9.18 71.09 26.93
C GLY H 48 9.25 70.23 28.17
N LEU H 49 8.33 69.28 28.33
CA LEU H 49 8.32 68.42 29.50
C LEU H 49 8.82 67.03 29.12
N PRO H 50 9.81 66.48 29.82
CA PRO H 50 10.33 65.16 29.47
C PRO H 50 9.35 64.08 29.93
N VAL H 51 8.98 63.19 29.00
CA VAL H 51 8.06 62.09 29.30
C VAL H 51 8.46 60.88 28.48
N TRP H 52 7.99 59.72 28.91
CA TRP H 52 8.19 58.47 28.18
C TRP H 52 7.08 58.31 27.16
N LEU H 53 7.45 58.15 25.89
CA LEU H 53 6.50 57.87 24.82
C LEU H 53 6.46 56.36 24.55
N ILE H 54 5.24 55.81 24.49
CA ILE H 54 5.03 54.38 24.24
C ILE H 54 4.39 54.22 22.87
N THR H 55 4.97 53.37 22.02
CA THR H 55 4.63 53.37 20.61
C THR H 55 4.21 52.00 20.06
N GLY H 56 3.57 51.16 20.87
CA GLY H 56 3.26 49.84 20.35
C GLY H 56 1.93 49.29 20.82
N TYR H 57 1.23 48.57 19.93
CA TYR H 57 -0.13 48.14 20.24
C TYR H 57 -0.18 47.32 21.52
N GLU H 58 0.60 46.25 21.59
CA GLU H 58 0.64 45.44 22.80
C GLU H 58 1.13 46.26 23.98
N GLU H 59 2.16 47.07 23.76
CA GLU H 59 2.74 47.85 24.84
C GLU H 59 1.81 48.97 25.29
N VAL H 60 1.16 49.66 24.35
CA VAL H 60 0.24 50.75 24.72
C VAL H 60 -1.00 50.18 25.38
N ARG H 61 -1.59 49.13 24.81
CA ARG H 61 -2.81 48.56 25.36
C ARG H 61 -2.60 48.05 26.78
N SER H 62 -1.47 47.38 27.02
CA SER H 62 -1.15 46.96 28.38
C SER H 62 -0.95 48.16 29.31
N ALA H 63 -0.26 49.19 28.83
CA ALA H 63 0.03 50.35 29.66
C ALA H 63 -1.25 51.08 30.05
N LEU H 64 -2.23 51.11 29.15
CA LEU H 64 -3.48 51.79 29.44
C LEU H 64 -4.16 51.20 30.67
N ALA H 65 -4.12 49.88 30.81
CA ALA H 65 -4.76 49.19 31.93
C ALA H 65 -3.76 48.72 32.99
N ASP H 66 -2.50 49.10 32.89
CA ASP H 66 -1.51 48.61 33.86
C ASP H 66 -1.81 49.20 35.23
N PRO H 67 -1.97 48.38 36.27
CA PRO H 67 -2.32 48.92 37.60
C PRO H 67 -1.23 49.78 38.21
N ARG H 68 -0.02 49.75 37.67
CA ARG H 68 1.09 50.53 38.20
C ARG H 68 1.21 51.91 37.55
N LEU H 69 0.38 52.22 36.56
CA LEU H 69 0.37 53.53 35.92
C LEU H 69 -0.87 54.28 36.37
N SER H 70 -0.67 55.44 36.99
CA SER H 70 -1.75 56.20 37.60
C SER H 70 -2.01 57.49 36.84
N THR H 71 -3.28 57.86 36.73
CA THR H 71 -3.71 59.11 36.12
C THR H 71 -4.04 60.18 37.16
N ASP H 72 -3.67 59.95 38.42
CA ASP H 72 -4.03 60.86 39.51
C ASP H 72 -3.49 62.26 39.26
N LEU H 73 -4.35 63.26 39.43
CA LEU H 73 -3.93 64.64 39.26
C LEU H 73 -2.83 65.02 40.25
N ASN H 74 -2.88 64.47 41.46
CA ASN H 74 -1.86 64.78 42.46
C ASN H 74 -0.49 64.26 42.05
N ARG H 75 -0.44 63.07 41.44
CA ARG H 75 0.84 62.52 41.03
C ARG H 75 1.42 63.28 39.85
N THR H 76 0.58 63.63 38.87
CA THR H 76 1.02 64.39 37.71
C THR H 76 1.26 65.86 38.02
N ASP H 77 0.90 66.33 39.21
CA ASP H 77 1.16 67.72 39.58
C ASP H 77 2.64 68.04 39.50
N ARG H 78 3.49 67.13 39.98
CA ARG H 78 4.92 67.33 39.94
C ARG H 78 5.41 67.55 38.51
N LEU H 79 4.80 66.85 37.55
CA LEU H 79 5.13 67.07 36.14
C LEU H 79 4.77 68.49 35.72
N PHE H 80 3.54 68.93 36.03
CA PHE H 80 3.10 70.24 35.58
C PHE H 80 3.78 71.35 36.37
N ALA H 81 4.12 71.11 37.64
CA ALA H 81 4.84 72.10 38.43
C ALA H 81 6.20 72.43 37.82
N GLN H 82 6.71 71.57 36.94
CA GLN H 82 7.96 71.86 36.25
C GLN H 82 7.84 73.10 35.37
N ASN H 83 6.63 73.43 34.92
CA ASN H 83 6.36 74.63 34.12
C ASN H 83 5.61 75.71 34.87
N GLU H 84 4.49 75.35 35.48
CA GLU H 84 3.66 76.34 36.10
C GLU H 84 3.37 75.91 37.48
N PRO H 85 3.96 76.61 38.42
CA PRO H 85 3.71 76.28 39.81
C PRO H 85 2.24 76.48 40.15
N ASP H 86 1.59 77.49 39.60
CA ASP H 86 0.21 77.75 39.96
C ASP H 86 -0.68 76.68 39.38
N ARG H 87 -1.39 75.98 40.23
CA ARG H 87 -2.18 74.87 39.79
C ARG H 87 -3.31 75.25 38.86
N ASN H 88 -3.93 76.39 39.11
CA ASN H 88 -5.10 76.76 38.32
C ASN H 88 -4.78 77.53 37.06
N LYS H 89 -3.52 77.60 36.70
CA LYS H 89 -3.15 78.21 35.43
C LYS H 89 -2.63 77.16 34.48
N ARG H 90 -2.89 75.89 34.79
CA ARG H 90 -2.38 74.77 33.99
C ARG H 90 -3.27 74.44 32.82
N GLY H 91 -4.26 75.27 32.57
CA GLY H 91 -5.09 75.08 31.40
C GLY H 91 -6.22 74.15 31.67
N ALA H 92 -6.37 73.18 30.80
CA ALA H 92 -7.40 72.19 31.02
C ALA H 92 -6.89 71.15 31.96
N PHE H 93 -5.77 71.41 32.59
CA PHE H 93 -5.20 70.49 33.54
C PHE H 93 -5.11 71.21 34.85
N SER H 94 -5.86 72.28 34.95
CA SER H 94 -5.90 73.03 36.18
C SER H 94 -6.78 72.29 37.11
N SER H 95 -6.43 72.27 38.37
CA SER H 95 -7.18 71.50 39.33
C SER H 95 -8.69 71.73 39.35
N ALA H 96 -9.10 72.98 39.43
CA ALA H 96 -10.52 73.33 39.47
C ALA H 96 -11.28 72.75 38.28
N LEU H 97 -10.56 72.32 37.24
CA LEU H 97 -11.19 71.79 36.04
C LEU H 97 -10.82 70.35 35.74
N ALA H 98 -9.70 69.84 36.26
CA ALA H 98 -9.21 68.51 35.90
C ALA H 98 -9.36 67.50 37.01
N THR H 99 -9.90 67.89 38.16
CA THR H 99 -10.10 66.96 39.29
C THR H 99 -11.38 66.16 39.03
N HIS H 100 -11.31 65.29 38.02
CA HIS H 100 -12.46 64.49 37.64
C HIS H 100 -12.12 63.01 37.60
N MET H 101 -13.05 62.18 37.09
CA MET H 101 -12.89 60.74 37.20
C MET H 101 -11.65 60.23 36.47
N LEU H 102 -11.34 60.82 35.31
CA LEU H 102 -10.19 60.35 34.55
C LEU H 102 -8.88 60.59 35.28
N HIS H 103 -8.83 61.62 36.14
CA HIS H 103 -7.61 61.98 36.86
C HIS H 103 -7.70 61.56 38.32
N SER H 104 -8.29 60.39 38.56
CA SER H 104 -8.41 59.83 39.90
C SER H 104 -8.15 58.34 39.82
N ASP H 105 -7.74 57.79 40.96
CA ASP H 105 -7.41 56.38 41.11
C ASP H 105 -8.67 55.60 41.46
N PRO H 106 -8.63 54.26 41.38
CA PRO H 106 -9.88 53.46 41.32
C PRO H 106 -10.84 53.75 42.47
N PRO H 107 -10.38 53.96 43.74
CA PRO H 107 -11.37 54.22 44.81
C PRO H 107 -12.28 55.38 44.47
N ASP H 108 -11.68 56.54 44.20
CA ASP H 108 -12.46 57.72 43.85
C ASP H 108 -13.02 57.61 42.44
N HIS H 109 -12.35 56.86 41.55
CA HIS H 109 -12.81 56.74 40.18
C HIS H 109 -14.18 56.07 40.12
N THR H 110 -14.39 55.03 40.95
CA THR H 110 -15.69 54.38 41.01
C THR H 110 -16.76 55.35 41.49
N ARG H 111 -16.45 56.13 42.53
CA ARG H 111 -17.41 57.09 43.07
C ARG H 111 -17.82 58.10 42.00
N LEU H 112 -16.84 58.64 41.26
CA LEU H 112 -17.14 59.67 40.27
C LEU H 112 -17.86 59.09 39.05
N ARG H 113 -17.42 57.92 38.59
CA ARG H 113 -18.05 57.32 37.41
C ARG H 113 -19.48 56.87 37.68
N LYS H 114 -19.76 56.44 38.91
CA LYS H 114 -21.11 55.96 39.23
C LYS H 114 -22.15 57.05 39.12
N LEU H 115 -21.75 58.32 39.31
CA LEU H 115 -22.71 59.41 39.33
C LEU H 115 -23.39 59.61 37.98
N VAL H 116 -22.70 59.29 36.88
CA VAL H 116 -23.19 59.68 35.57
C VAL H 116 -23.21 58.51 34.58
N ASN H 117 -22.66 57.36 34.96
CA ASN H 117 -22.49 56.28 34.00
C ASN H 117 -23.83 55.76 33.48
N LYS H 118 -24.87 55.77 34.30
CA LYS H 118 -26.17 55.26 33.87
C LYS H 118 -26.77 56.08 32.73
N ALA H 119 -26.38 57.35 32.59
CA ALA H 119 -26.91 58.22 31.56
C ALA H 119 -26.16 58.15 30.24
N PHE H 120 -24.97 57.56 30.22
CA PHE H 120 -24.18 57.42 29.00
C PHE H 120 -24.19 55.99 28.48
N THR H 121 -25.09 55.16 28.99
CA THR H 121 -25.21 53.77 28.56
C THR H 121 -25.65 53.69 27.10
N SER H 122 -25.30 52.57 26.45
CA SER H 122 -25.65 52.37 25.05
C SER H 122 -27.16 52.45 24.84
N ARG H 123 -27.93 51.81 25.73
CA ARG H 123 -29.38 51.89 25.65
C ARG H 123 -29.86 53.31 25.91
N ALA H 124 -29.26 53.99 26.90
CA ALA H 124 -29.64 55.36 27.21
C ALA H 124 -29.38 56.27 26.03
N ILE H 125 -28.18 56.19 25.44
CA ILE H 125 -27.85 57.05 24.31
C ILE H 125 -28.72 56.71 23.11
N GLU H 126 -29.22 55.48 23.03
CA GLU H 126 -30.13 55.11 21.96
C GLU H 126 -31.42 55.93 22.03
N LYS H 127 -31.82 56.34 23.23
CA LYS H 127 -33.02 57.16 23.37
C LYS H 127 -32.88 58.52 22.69
N LEU H 128 -31.65 58.95 22.41
CA LEU H 128 -31.38 60.27 21.86
C LEU H 128 -31.28 60.29 20.35
N ARG H 129 -31.43 59.14 19.69
CA ARG H 129 -31.33 59.11 18.22
C ARG H 129 -32.23 60.12 17.53
N PRO H 130 -33.51 60.29 17.90
CA PRO H 130 -34.31 61.32 17.21
C PRO H 130 -33.74 62.71 17.36
N GLU H 131 -33.27 63.09 18.56
CA GLU H 131 -32.72 64.43 18.75
C GLU H 131 -31.47 64.66 17.91
N ILE H 132 -30.57 63.68 17.88
CA ILE H 132 -29.31 63.86 17.15
C ILE H 132 -29.56 63.98 15.64
N GLU H 133 -30.42 63.13 15.08
CA GLU H 133 -30.80 63.29 13.67
C GLU H 133 -31.48 64.63 13.47
N GLN H 134 -32.27 65.05 14.44
CA GLN H 134 -32.94 66.35 14.41
C GLN H 134 -31.93 67.48 14.30
N ILE H 135 -30.94 67.51 15.20
CA ILE H 135 -29.93 68.57 15.19
C ILE H 135 -29.11 68.52 13.92
N THR H 136 -28.74 67.31 13.48
CA THR H 136 -27.92 67.16 12.28
C THR H 136 -28.61 67.77 11.07
N GLY H 137 -29.92 67.54 10.92
CA GLY H 137 -30.64 68.06 9.77
C GLY H 137 -30.66 69.58 9.70
N GLU H 138 -30.85 70.24 10.86
CA GLU H 138 -30.85 71.69 10.87
C GLU H 138 -29.48 72.26 10.53
N LEU H 139 -28.42 71.65 11.09
CA LEU H 139 -27.08 72.24 11.02
C LEU H 139 -26.57 72.33 9.59
N LEU H 140 -26.78 71.27 8.80
CA LEU H 140 -26.27 71.28 7.43
C LEU H 140 -27.19 72.01 6.47
N ALA H 141 -28.47 72.17 6.82
CA ALA H 141 -29.34 73.04 6.02
C ALA H 141 -29.12 74.51 6.32
N ALA H 142 -28.57 74.84 7.50
CA ALA H 142 -28.38 76.21 7.93
C ALA H 142 -27.13 76.86 7.34
N LEU H 143 -26.23 76.10 6.74
CA LEU H 143 -24.95 76.61 6.29
C LEU H 143 -25.07 77.11 4.86
N PRO H 144 -24.08 77.87 4.35
CA PRO H 144 -24.31 78.55 3.07
C PRO H 144 -24.27 77.60 1.89
N ASP H 145 -24.46 78.15 0.69
CA ASP H 145 -24.31 77.45 -0.56
C ASP H 145 -23.13 78.18 -1.18
N GLU H 146 -21.94 77.68 -0.88
CA GLU H 146 -20.72 78.39 -1.17
C GLU H 146 -19.75 77.44 -1.82
N ASP H 147 -18.71 78.01 -2.45
CA ASP H 147 -17.80 77.14 -3.18
C ASP H 147 -17.02 76.29 -2.19
N PRO H 148 -16.20 76.86 -1.22
CA PRO H 148 -15.73 76.11 -0.06
C PRO H 148 -16.63 76.29 1.15
N VAL H 149 -16.91 75.22 1.86
CA VAL H 149 -17.87 75.28 2.97
C VAL H 149 -17.21 75.27 4.35
N ASP H 150 -15.95 74.84 4.46
CA ASP H 150 -15.31 74.64 5.76
C ASP H 150 -16.23 73.79 6.64
N LEU H 151 -16.39 72.53 6.21
CA LEU H 151 -17.28 71.60 6.88
C LEU H 151 -16.94 71.45 8.36
N LEU H 152 -15.70 71.73 8.73
CA LEU H 152 -15.28 71.63 10.13
C LEU H 152 -16.04 72.63 11.01
N ASP H 153 -16.01 73.91 10.65
CA ASP H 153 -16.65 74.93 11.49
C ASP H 153 -18.16 74.97 11.29
N ALA H 154 -18.61 74.74 10.05
CA ALA H 154 -20.05 74.86 9.77
C ALA H 154 -20.82 73.68 10.34
N PHE H 155 -20.25 72.48 10.27
CA PHE H 155 -20.96 71.26 10.65
C PHE H 155 -20.30 70.51 11.80
N ALA H 156 -19.01 70.20 11.68
CA ALA H 156 -18.38 69.25 12.59
C ALA H 156 -18.33 69.77 14.03
N PHE H 157 -17.95 71.04 14.21
CA PHE H 157 -17.87 71.58 15.58
C PHE H 157 -19.23 71.73 16.24
N PRO H 158 -20.23 72.40 15.63
CA PRO H 158 -21.48 72.66 16.37
C PRO H 158 -22.24 71.42 16.80
N LEU H 159 -22.21 70.34 16.02
CA LEU H 159 -23.07 69.20 16.31
C LEU H 159 -22.79 68.59 17.69
N PRO H 160 -21.56 68.16 18.02
CA PRO H 160 -21.34 67.60 19.36
C PRO H 160 -21.63 68.57 20.49
N ILE H 161 -21.28 69.84 20.33
CA ILE H 161 -21.54 70.79 21.42
C ILE H 161 -23.05 70.97 21.58
N ARG H 162 -23.80 70.92 20.48
CA ARG H 162 -25.25 70.97 20.58
C ARG H 162 -25.77 69.72 21.29
N VAL H 163 -25.26 68.55 20.91
CA VAL H 163 -25.68 67.32 21.56
C VAL H 163 -25.28 67.33 23.02
N ILE H 164 -24.05 67.76 23.32
CA ILE H 164 -23.62 67.80 24.72
C ILE H 164 -24.43 68.83 25.50
N CYS H 165 -24.66 70.01 24.91
CA CYS H 165 -25.42 71.04 25.61
C CYS H 165 -26.85 70.58 25.88
N LEU H 166 -27.43 69.81 24.95
CA LEU H 166 -28.75 69.23 25.19
C LEU H 166 -28.74 68.29 26.38
N LEU H 167 -27.71 67.44 26.46
CA LEU H 167 -27.63 66.52 27.58
C LEU H 167 -27.27 67.24 28.86
N LEU H 168 -26.62 68.39 28.80
CA LEU H 168 -26.16 69.06 30.03
C LEU H 168 -26.84 70.37 30.43
N GLY H 169 -28.04 70.62 29.95
CA GLY H 169 -28.75 71.83 30.29
C GLY H 169 -28.23 73.18 29.91
N VAL H 170 -27.68 73.30 28.71
CA VAL H 170 -27.22 74.58 28.24
C VAL H 170 -27.98 74.99 27.00
N PRO H 171 -28.49 76.20 27.01
CA PRO H 171 -29.15 76.67 25.80
C PRO H 171 -28.18 77.40 24.89
N LEU H 172 -28.68 78.17 23.93
CA LEU H 172 -27.79 78.96 23.09
C LEU H 172 -27.43 80.26 23.81
N ASN H 177 -19.07 80.65 21.58
CA ASN H 177 -18.35 80.94 22.80
C ASN H 177 -17.71 79.66 23.25
N PHE H 178 -18.50 78.60 23.30
CA PHE H 178 -17.99 77.31 23.71
C PHE H 178 -16.88 76.86 22.81
N LYS H 179 -17.16 76.81 21.51
CA LYS H 179 -16.16 76.31 20.59
C LYS H 179 -15.01 77.26 20.38
N SER H 180 -15.06 78.44 20.98
CA SER H 180 -13.96 79.33 20.82
C SER H 180 -13.05 79.16 21.99
N TRP H 181 -13.63 78.87 23.14
CA TRP H 181 -12.82 78.75 24.33
C TRP H 181 -12.18 77.39 24.34
N SER H 182 -12.82 76.43 23.69
CA SER H 182 -12.30 75.09 23.65
C SER H 182 -11.03 75.09 22.88
N LYS H 183 -10.96 75.90 21.85
CA LYS H 183 -9.79 75.86 21.05
C LYS H 183 -8.63 76.43 21.79
N ALA H 184 -8.85 77.40 22.63
CA ALA H 184 -7.75 78.05 23.31
C ALA H 184 -7.26 77.22 24.45
N LEU H 185 -8.19 76.54 25.10
CA LEU H 185 -7.80 75.64 26.17
C LEU H 185 -7.06 74.40 25.67
N VAL H 186 -7.46 73.86 24.54
CA VAL H 186 -6.83 72.66 24.00
C VAL H 186 -5.70 72.91 23.01
N SER H 187 -5.80 73.98 22.24
CA SER H 187 -4.80 74.29 21.24
C SER H 187 -4.42 75.73 21.34
N GLY H 188 -3.68 76.05 22.35
CA GLY H 188 -3.31 77.42 22.53
C GLY H 188 -2.14 78.01 21.79
N ASP H 189 -2.32 79.18 21.20
CA ASP H 189 -1.22 79.89 20.60
C ASP H 189 -0.28 80.39 21.64
N SER H 190 -0.81 80.80 22.77
CA SER H 190 0.02 81.40 23.77
C SER H 190 -0.27 81.00 25.16
N PRO H 191 0.75 81.02 26.01
CA PRO H 191 0.52 80.76 27.42
C PRO H 191 -0.56 81.67 27.95
N ALA H 192 -0.57 82.95 27.59
CA ALA H 192 -1.60 83.91 27.97
C ALA H 192 -2.98 83.48 27.49
N ALA H 193 -3.08 82.98 26.25
CA ALA H 193 -4.39 82.58 25.74
C ALA H 193 -4.99 81.42 26.52
N THR H 194 -4.18 80.41 26.83
CA THR H 194 -4.70 79.23 27.53
C THR H 194 -4.96 79.49 29.00
N ALA H 195 -4.09 80.27 29.67
CA ALA H 195 -4.37 80.64 31.05
C ALA H 195 -5.63 81.49 31.13
N ALA H 196 -5.79 82.41 30.17
CA ALA H 196 -6.97 83.25 30.12
C ALA H 196 -8.23 82.44 29.83
N ALA H 197 -8.16 81.51 28.86
CA ALA H 197 -9.31 80.67 28.56
C ALA H 197 -9.67 79.80 29.75
N SER H 198 -8.66 79.34 30.50
CA SER H 198 -8.96 78.54 31.68
C SER H 198 -9.78 79.35 32.68
N THR H 199 -9.27 80.54 33.05
CA THR H 199 -9.94 81.34 34.07
C THR H 199 -11.37 81.66 33.66
N ALA H 200 -11.61 81.87 32.38
CA ALA H 200 -12.99 82.11 31.91
C ALA H 200 -13.87 80.87 32.10
N MET H 201 -13.31 79.67 31.95
CA MET H 201 -14.14 78.44 32.04
C MET H 201 -14.53 78.17 33.49
N ILE H 202 -13.60 78.38 34.40
CA ILE H 202 -13.91 78.16 35.84
C ILE H 202 -15.06 79.08 36.22
N GLU H 203 -15.13 80.25 35.61
CA GLU H 203 -16.17 81.22 35.99
C GLU H 203 -17.48 80.87 35.30
N TYR H 204 -17.46 80.59 34.01
CA TYR H 204 -18.70 80.18 33.32
C TYR H 204 -19.27 78.95 34.02
N LEU H 205 -18.41 78.01 34.37
CA LEU H 205 -18.91 76.75 34.94
C LEU H 205 -19.41 77.03 36.35
N GLY H 206 -18.76 77.90 37.09
CA GLY H 206 -19.30 78.24 38.40
C GLY H 206 -20.66 78.90 38.29
N ASP H 207 -20.79 79.80 37.32
CA ASP H 207 -22.05 80.53 37.16
C ASP H 207 -23.11 79.56 36.68
N LEU H 208 -22.73 78.58 35.87
CA LEU H 208 -23.70 77.58 35.46
C LEU H 208 -24.16 76.72 36.63
N ILE H 209 -23.24 76.35 37.54
CA ILE H 209 -23.61 75.48 38.65
C ILE H 209 -24.57 76.19 39.61
N GLU H 210 -24.27 77.44 39.96
CA GLU H 210 -25.16 78.22 40.80
C GLU H 210 -26.50 78.35 40.12
N ARG H 211 -26.46 78.53 38.80
CA ARG H 211 -27.66 78.65 38.00
C ARG H 211 -28.58 77.47 38.16
N LYS H 212 -28.02 76.27 38.32
CA LYS H 212 -28.84 75.08 38.51
C LYS H 212 -29.48 75.07 39.88
N ARG H 213 -28.76 75.56 40.89
CA ARG H 213 -29.30 75.60 42.25
C ARG H 213 -30.50 76.53 42.34
N ARG H 214 -30.40 77.72 41.75
CA ARG H 214 -31.50 78.68 41.83
C ARG H 214 -32.74 78.18 41.10
N THR H 215 -32.57 77.56 39.93
CA THR H 215 -33.69 77.10 39.11
C THR H 215 -33.43 75.63 38.77
N PRO H 216 -33.88 74.72 39.65
CA PRO H 216 -33.64 73.29 39.41
C PRO H 216 -34.31 72.81 38.14
N THR H 217 -33.67 71.86 37.48
CA THR H 217 -34.17 71.26 36.26
C THR H 217 -33.79 69.78 36.28
N ASP H 218 -34.07 69.07 35.19
CA ASP H 218 -33.79 67.64 35.09
C ASP H 218 -32.83 67.41 33.93
N ASP H 219 -31.55 67.26 34.26
CA ASP H 219 -30.53 66.94 33.26
C ASP H 219 -29.32 66.41 34.02
N VAL H 220 -28.29 66.01 33.27
CA VAL H 220 -27.11 65.40 33.89
C VAL H 220 -26.45 66.36 34.87
N LEU H 221 -26.19 67.60 34.43
CA LEU H 221 -25.49 68.56 35.28
C LEU H 221 -26.26 68.83 36.56
N ALA H 222 -27.57 69.05 36.44
CA ALA H 222 -28.39 69.28 37.62
C ALA H 222 -28.39 68.06 38.53
N ALA H 223 -28.43 66.85 37.96
CA ALA H 223 -28.35 65.64 38.76
C ALA H 223 -27.03 65.57 39.51
N LEU H 224 -25.95 66.07 38.91
CA LEU H 224 -24.67 66.11 39.61
C LEU H 224 -24.71 67.05 40.80
N VAL H 225 -25.34 68.22 40.62
CA VAL H 225 -25.47 69.18 41.71
C VAL H 225 -26.26 68.59 42.88
N SER H 226 -27.38 67.91 42.57
CA SER H 226 -28.16 67.28 43.62
C SER H 226 -27.33 66.23 44.36
N ALA H 227 -26.58 65.42 43.62
CA ALA H 227 -25.69 64.46 44.26
C ALA H 227 -24.65 65.16 45.13
N ARG H 228 -24.33 66.41 44.83
CA ARG H 228 -23.39 67.18 45.63
C ARG H 228 -24.06 67.78 46.86
N ASP H 229 -25.22 68.42 46.66
CA ASP H 229 -25.88 69.14 47.75
C ASP H 229 -26.73 68.22 48.60
N VAL H 230 -27.57 67.40 47.96
CA VAL H 230 -28.46 66.53 48.71
C VAL H 230 -27.68 65.41 49.41
N ASP H 231 -26.74 64.78 48.70
CA ASP H 231 -26.17 63.52 49.17
C ASP H 231 -24.70 63.61 49.56
N ASP H 232 -24.03 64.74 49.29
CA ASP H 232 -22.62 64.91 49.63
C ASP H 232 -21.77 63.79 49.03
N ARG H 233 -22.16 63.31 47.79
CA ARG H 233 -21.37 62.21 47.25
C ARG H 233 -20.23 62.74 46.46
N LEU H 234 -19.93 64.02 46.62
CA LEU H 234 -19.02 64.68 45.70
C LEU H 234 -18.46 65.94 46.34
N THR H 235 -17.31 66.40 45.84
CA THR H 235 -16.79 67.69 46.28
C THR H 235 -17.09 68.78 45.24
N GLU H 236 -17.07 70.03 45.71
CA GLU H 236 -17.41 71.15 44.84
C GLU H 236 -16.40 71.28 43.70
N THR H 237 -15.10 71.12 44.00
CA THR H 237 -14.08 71.13 42.96
C THR H 237 -14.37 70.05 41.91
N GLU H 238 -14.64 68.83 42.38
CA GLU H 238 -14.96 67.73 41.47
C GLU H 238 -16.21 68.05 40.65
N LEU H 239 -17.21 68.67 41.28
CA LEU H 239 -18.42 69.05 40.56
C LEU H 239 -18.10 69.95 39.37
N VAL H 240 -17.30 70.99 39.59
CA VAL H 240 -16.89 71.83 38.48
C VAL H 240 -16.06 71.03 37.48
N SER H 241 -15.12 70.22 37.99
CA SER H 241 -14.28 69.41 37.13
C SER H 241 -15.10 68.37 36.38
N MET H 242 -16.07 67.75 37.06
CA MET H 242 -16.96 66.81 36.38
C MET H 242 -17.73 67.51 35.27
N ALA H 243 -18.18 68.74 35.53
CA ALA H 243 -18.82 69.52 34.49
C ALA H 243 -17.86 69.79 33.35
N PHE H 244 -16.64 70.25 33.66
CA PHE H 244 -15.67 70.51 32.60
C PHE H 244 -15.39 69.27 31.76
N LEU H 245 -15.21 68.13 32.43
CA LEU H 245 -14.90 66.90 31.70
C LEU H 245 -16.01 66.56 30.71
N LEU H 246 -17.26 66.65 31.13
CA LEU H 246 -18.38 66.37 30.23
C LEU H 246 -18.45 67.39 29.10
N PHE H 247 -18.13 68.65 29.39
CA PHE H 247 -18.26 69.71 28.39
C PHE H 247 -17.16 69.59 27.32
N ILE H 248 -15.90 69.74 27.72
CA ILE H 248 -14.81 69.69 26.75
C ILE H 248 -14.59 68.26 26.26
N GLY H 249 -14.78 67.28 27.15
CA GLY H 249 -14.45 65.91 26.80
C GLY H 249 -15.27 65.37 25.65
N GLY H 250 -16.52 65.82 25.51
CA GLY H 250 -17.33 65.26 24.46
C GLY H 250 -17.32 66.02 23.17
N HIS H 251 -16.84 67.26 23.20
CA HIS H 251 -16.92 68.13 22.04
C HIS H 251 -15.71 67.97 21.11
N GLU H 252 -14.50 68.27 21.61
CA GLU H 252 -13.31 68.24 20.78
C GLU H 252 -13.05 66.87 20.20
N THR H 253 -13.52 65.82 20.87
CA THR H 253 -13.30 64.45 20.39
C THR H 253 -14.10 64.18 19.13
N THR H 254 -15.42 64.39 19.16
CA THR H 254 -16.27 63.96 18.07
C THR H 254 -16.07 64.81 16.82
N VAL H 255 -15.77 66.11 17.00
CA VAL H 255 -15.58 66.99 15.86
C VAL H 255 -14.45 66.47 14.97
N ASN H 256 -13.38 65.99 15.57
CA ASN H 256 -12.27 65.51 14.81
C ASN H 256 -12.52 64.14 14.22
N THR H 257 -13.44 63.37 14.79
CA THR H 257 -13.78 62.10 14.18
C THR H 257 -14.46 62.35 12.87
N LEU H 258 -15.39 63.29 12.88
CA LEU H 258 -16.11 63.59 11.68
C LEU H 258 -15.24 64.22 10.67
N GLY H 259 -14.35 65.11 11.08
CA GLY H 259 -13.46 65.77 10.16
C GLY H 259 -12.33 64.94 9.60
N ASN H 260 -11.59 64.27 10.46
CA ASN H 260 -10.48 63.45 10.02
C ASN H 260 -11.01 62.30 9.19
N GLY H 261 -12.15 61.77 9.56
CA GLY H 261 -12.75 60.71 8.80
C GLY H 261 -13.27 61.17 7.48
N THR H 262 -13.86 62.35 7.44
CA THR H 262 -14.33 62.89 6.19
C THR H 262 -13.17 63.15 5.26
N LEU H 263 -12.06 63.65 5.78
CA LEU H 263 -10.95 63.98 4.93
C LEU H 263 -10.44 62.75 4.23
N HIS H 264 -10.45 61.65 4.93
CA HIS H 264 -9.91 60.47 4.36
C HIS H 264 -10.86 59.90 3.37
N LEU H 265 -12.15 60.03 3.63
CA LEU H 265 -13.11 59.55 2.70
C LEU H 265 -13.00 60.35 1.45
N MET H 266 -12.62 61.60 1.56
CA MET H 266 -12.51 62.47 0.41
C MET H 266 -11.36 62.09 -0.45
N ARG H 267 -10.41 61.37 0.12
CA ARG H 267 -9.22 61.04 -0.62
C ARG H 267 -9.32 59.63 -1.15
N ASN H 268 -10.25 58.86 -0.61
CA ASN H 268 -10.47 57.51 -1.08
C ASN H 268 -11.93 57.44 -1.34
N LEU H 269 -12.35 57.99 -2.46
CA LEU H 269 -13.76 58.08 -2.75
C LEU H 269 -14.43 56.82 -3.14
N ASP H 270 -13.65 55.81 -3.43
CA ASP H 270 -14.20 54.53 -3.80
C ASP H 270 -14.89 54.10 -2.59
N GLN H 271 -14.19 54.20 -1.48
CA GLN H 271 -14.75 53.82 -0.19
C GLN H 271 -15.88 54.77 0.22
N TRP H 272 -15.74 56.07 -0.10
CA TRP H 272 -16.81 57.01 0.20
C TRP H 272 -18.09 56.66 -0.55
N GLU H 273 -17.97 56.32 -1.84
CA GLU H 273 -19.16 55.95 -2.58
C GLU H 273 -19.72 54.63 -2.07
N ALA H 274 -18.84 53.69 -1.73
CA ALA H 274 -19.29 52.43 -1.16
C ALA H 274 -20.07 52.64 0.13
N LEU H 275 -19.74 53.69 0.90
CA LEU H 275 -20.51 53.98 2.11
C LEU H 275 -21.87 54.57 1.77
N ARG H 276 -21.90 55.56 0.87
CA ARG H 276 -23.17 56.07 0.39
C ARG H 276 -23.93 54.95 -0.32
N GLN H 277 -23.19 54.03 -0.96
CA GLN H 277 -23.82 52.87 -1.57
C GLN H 277 -24.47 51.92 -0.58
N ASP H 278 -23.71 51.44 0.37
CA ASP H 278 -24.12 50.36 1.25
C ASP H 278 -24.06 50.88 2.66
N ARG H 279 -25.11 50.88 3.42
CA ARG H 279 -25.08 51.47 4.75
C ARG H 279 -24.83 50.49 5.85
N SER H 280 -24.77 49.17 5.55
CA SER H 280 -24.42 48.30 6.67
C SER H 280 -22.99 48.52 7.14
N LEU H 281 -22.18 49.20 6.34
CA LEU H 281 -20.78 49.43 6.65
C LEU H 281 -20.52 50.67 7.51
N LEU H 282 -21.48 51.58 7.67
CA LEU H 282 -21.23 52.79 8.43
C LEU H 282 -20.74 52.55 9.86
N PRO H 283 -21.32 51.63 10.65
CA PRO H 283 -20.78 51.42 12.00
C PRO H 283 -19.32 50.99 12.01
N GLY H 284 -18.97 50.02 11.17
CA GLY H 284 -17.56 49.62 11.06
C GLY H 284 -16.70 50.71 10.47
N ALA H 285 -17.24 51.48 9.52
CA ALA H 285 -16.48 52.57 8.91
C ALA H 285 -16.09 53.61 9.96
N VAL H 286 -16.97 53.88 10.93
CA VAL H 286 -16.63 54.79 12.01
C VAL H 286 -15.46 54.25 12.82
N GLU H 287 -15.49 52.95 13.13
CA GLU H 287 -14.40 52.33 13.89
C GLU H 287 -13.08 52.41 13.12
N GLU H 288 -13.12 52.35 11.79
CA GLU H 288 -11.87 52.50 11.05
C GLU H 288 -11.39 53.95 11.04
N PHE H 289 -12.30 54.92 11.07
CA PHE H 289 -11.89 56.31 11.20
C PHE H 289 -11.16 56.54 12.52
N LEU H 290 -11.68 55.93 13.59
CA LEU H 290 -11.06 56.11 14.91
C LEU H 290 -9.67 55.49 14.96
N ARG H 291 -9.49 54.33 14.33
CA ARG H 291 -8.18 53.68 14.34
C ARG H 291 -7.16 54.47 13.52
N LEU H 292 -7.51 54.81 12.29
CA LEU H 292 -6.53 55.40 11.38
C LEU H 292 -6.08 56.77 11.84
N GLU H 293 -7.02 57.65 12.15
CA GLU H 293 -6.72 59.01 12.65
C GLU H 293 -7.46 59.19 13.95
N SER H 294 -6.85 58.74 15.04
CA SER H 294 -7.49 58.83 16.34
C SER H 294 -7.66 60.29 16.73
N PRO H 295 -8.87 60.72 17.11
CA PRO H 295 -9.04 62.11 17.54
C PRO H 295 -8.14 62.49 18.69
N LEU H 296 -7.79 61.55 19.55
CA LEU H 296 -6.79 61.75 20.59
C LEU H 296 -5.53 60.97 20.21
N LYS H 297 -4.47 61.69 19.88
CA LYS H 297 -3.20 61.02 19.59
C LYS H 297 -2.68 60.30 20.84
N HIS H 298 -2.83 60.92 22.00
CA HIS H 298 -2.29 60.40 23.24
C HIS H 298 -3.37 60.36 24.31
N ALA H 299 -3.23 59.40 25.22
CA ALA H 299 -4.02 59.38 26.44
C ALA H 299 -3.44 60.40 27.42
N THR H 300 -4.11 60.56 28.56
CA THR H 300 -3.61 61.48 29.56
C THR H 300 -2.26 61.03 30.09
N PHE H 301 -1.49 62.00 30.58
CA PHE H 301 -0.20 61.68 31.17
C PHE H 301 -0.41 60.75 32.35
N ARG H 302 0.44 59.73 32.45
CA ARG H 302 0.39 58.79 33.56
C ARG H 302 1.70 58.82 34.33
N CYS H 303 1.61 58.48 35.61
CA CYS H 303 2.76 58.43 36.50
C CYS H 303 2.96 57.00 36.98
N ALA H 304 4.22 56.59 37.06
CA ALA H 304 4.56 55.25 37.53
C ALA H 304 4.60 55.22 39.06
N THR H 305 3.74 54.42 39.68
CA THR H 305 3.69 54.31 41.13
C THR H 305 4.70 53.31 41.68
N GLU H 306 5.40 52.59 40.81
CA GLU H 306 6.49 51.70 41.20
C GLU H 306 7.28 51.38 39.94
N ASP H 307 8.49 50.88 40.14
CA ASP H 307 9.34 50.55 39.00
C ASP H 307 8.63 49.54 38.10
N LEU H 308 8.67 49.81 36.79
CA LEU H 308 8.11 48.89 35.82
C LEU H 308 8.89 49.05 34.51
N ARG H 309 8.87 47.99 33.72
CA ARG H 309 9.57 47.95 32.44
C ARG H 309 8.56 47.74 31.32
N ILE H 310 8.59 48.63 30.33
CA ILE H 310 7.72 48.57 29.16
C ILE H 310 8.59 48.19 27.96
N GLY H 311 8.22 47.12 27.28
CA GLY H 311 9.08 46.57 26.25
C GLY H 311 10.37 46.10 26.89
N ASP H 312 11.49 46.60 26.42
CA ASP H 312 12.80 46.24 26.95
C ASP H 312 13.46 47.36 27.74
N THR H 313 12.73 48.44 28.03
CA THR H 313 13.28 49.59 28.74
C THR H 313 12.59 49.74 30.08
N ALA H 314 13.38 49.96 31.13
CA ALA H 314 12.89 50.10 32.50
C ALA H 314 12.47 51.54 32.77
N ILE H 315 11.30 51.71 33.35
CA ILE H 315 10.76 53.02 33.71
C ILE H 315 10.70 53.12 35.23
N PRO H 316 11.48 53.99 35.86
CA PRO H 316 11.52 54.04 37.32
C PRO H 316 10.25 54.65 37.91
N ALA H 317 10.00 54.29 39.17
CA ALA H 317 8.87 54.85 39.89
C ALA H 317 8.97 56.37 39.92
N GLY H 318 7.85 57.04 39.65
CA GLY H 318 7.80 58.48 39.65
C GLY H 318 7.96 59.13 38.29
N ASP H 319 8.39 58.38 37.27
CA ASP H 319 8.50 58.96 35.94
C ASP H 319 7.11 59.07 35.31
N PHE H 320 7.03 59.82 34.22
CA PHE H 320 5.77 60.12 33.57
C PHE H 320 5.75 59.53 32.17
N VAL H 321 4.58 59.04 31.75
CA VAL H 321 4.44 58.25 30.53
C VAL H 321 3.29 58.80 29.71
N LEU H 322 3.50 58.88 28.40
CA LEU H 322 2.49 59.32 27.43
C LEU H 322 2.25 58.19 26.46
N LEU H 323 1.01 57.71 26.39
CA LEU H 323 0.66 56.55 25.59
C LEU H 323 0.21 56.99 24.21
N ALA H 324 0.95 56.59 23.17
CA ALA H 324 0.64 56.99 21.80
C ALA H 324 -0.41 56.03 21.24
N LEU H 325 -1.68 56.44 21.34
CA LEU H 325 -2.76 55.64 20.79
C LEU H 325 -2.69 55.57 19.27
N ALA H 326 -2.25 56.66 18.64
CA ALA H 326 -2.12 56.66 17.18
C ALA H 326 -1.08 55.64 16.74
N SER H 327 0.03 55.53 17.46
CA SER H 327 1.02 54.51 17.16
C SER H 327 0.44 53.12 17.34
N ALA H 328 -0.27 52.90 18.45
CA ALA H 328 -0.87 51.59 18.70
C ALA H 328 -1.89 51.25 17.62
N ASN H 329 -2.68 52.23 17.19
CA ASN H 329 -3.71 52.00 16.19
C ASN H 329 -3.14 51.82 14.79
N ARG H 330 -1.84 52.05 14.59
CA ARG H 330 -1.22 51.86 13.29
C ARG H 330 0.01 50.96 13.38
N ASP H 331 -0.01 50.00 14.30
CA ASP H 331 1.08 49.06 14.44
C ASP H 331 0.92 47.93 13.43
N PRO H 332 1.87 47.71 12.53
CA PRO H 332 1.73 46.60 11.57
C PRO H 332 1.68 45.25 12.26
N GLU H 333 2.21 45.14 13.47
CA GLU H 333 2.11 43.92 14.26
C GLU H 333 0.67 43.55 14.57
N ARG H 334 -0.24 44.52 14.58
CA ARG H 334 -1.64 44.27 14.87
C ARG H 334 -2.57 44.50 13.68
N PHE H 335 -2.31 45.51 12.85
CA PHE H 335 -3.19 45.84 11.74
C PHE H 335 -2.40 45.81 10.45
N GLY H 336 -2.89 45.04 9.48
CA GLY H 336 -2.25 45.00 8.17
C GLY H 336 -2.62 46.24 7.36
N ASP H 337 -1.65 46.75 6.62
CA ASP H 337 -1.77 48.03 5.94
C ASP H 337 -2.20 49.11 6.92
N PRO H 338 -1.43 49.36 7.97
CA PRO H 338 -1.90 50.25 9.06
C PRO H 338 -2.14 51.67 8.61
N HIS H 339 -1.46 52.13 7.55
CA HIS H 339 -1.56 53.50 7.09
C HIS H 339 -2.57 53.65 5.94
N THR H 340 -3.29 52.58 5.61
CA THR H 340 -4.29 52.59 4.55
C THR H 340 -5.69 52.56 5.14
N LEU H 341 -6.59 53.37 4.56
CA LEU H 341 -8.00 53.37 4.96
C LEU H 341 -8.72 52.20 4.29
N ASP H 342 -9.30 51.32 5.10
CA ASP H 342 -10.16 50.23 4.62
C ASP H 342 -11.40 50.18 5.48
N VAL H 343 -12.54 50.58 4.94
CA VAL H 343 -13.76 50.66 5.72
C VAL H 343 -14.45 49.34 6.00
N ARG H 344 -14.00 48.30 5.33
CA ARG H 344 -14.58 47.01 5.56
C ARG H 344 -13.58 46.20 6.34
N ARG H 345 -12.74 46.88 7.10
CA ARG H 345 -11.75 46.22 7.91
C ARG H 345 -12.37 45.48 9.01
N PRO H 346 -11.86 44.27 9.31
CA PRO H 346 -12.33 43.55 10.47
C PRO H 346 -12.31 44.54 11.58
N THR H 347 -13.46 44.92 12.05
CA THR H 347 -13.53 45.98 13.02
C THR H 347 -13.29 45.44 14.42
N GLY H 348 -12.65 46.24 15.26
CA GLY H 348 -12.38 45.81 16.61
C GLY H 348 -10.90 45.89 16.81
N GLY H 349 -10.50 46.25 18.01
CA GLY H 349 -9.09 46.29 18.31
C GLY H 349 -8.57 47.62 18.67
N HIS H 350 -9.05 48.66 18.03
CA HIS H 350 -8.50 49.95 18.29
C HIS H 350 -8.63 50.39 19.71
N VAL H 351 -7.71 51.22 20.13
CA VAL H 351 -7.73 51.68 21.47
C VAL H 351 -7.89 53.17 21.46
N ALA H 352 -8.61 53.67 20.46
CA ALA H 352 -8.86 55.10 20.40
C ALA H 352 -9.71 55.58 21.57
N PHE H 353 -10.51 54.69 22.15
CA PHE H 353 -11.33 54.99 23.32
C PHE H 353 -10.63 54.64 24.62
N GLY H 354 -9.36 54.26 24.57
CA GLY H 354 -8.65 53.85 25.75
C GLY H 354 -8.78 52.37 26.00
N HIS H 355 -8.47 51.99 27.24
CA HIS H 355 -8.52 50.60 27.67
C HIS H 355 -8.44 50.57 29.18
N GLY H 356 -9.18 49.67 29.80
CA GLY H 356 -9.16 49.55 31.24
C GLY H 356 -10.34 50.24 31.91
N ILE H 357 -10.13 50.58 33.19
CA ILE H 357 -11.18 51.20 33.97
C ILE H 357 -11.54 52.57 33.43
N HIS H 358 -10.61 53.23 32.73
CA HIS H 358 -10.83 54.56 32.19
C HIS H 358 -11.33 54.53 30.75
N TYR H 359 -11.81 53.38 30.28
CA TYR H 359 -12.38 53.30 28.93
C TYR H 359 -13.47 54.35 28.76
N CYS H 360 -13.44 54.99 27.59
CA CYS H 360 -14.23 56.20 27.36
C CYS H 360 -15.69 56.02 27.73
N LEU H 361 -16.21 56.96 28.52
CA LEU H 361 -17.60 56.90 28.94
C LEU H 361 -18.54 57.39 27.86
N GLY H 362 -18.08 58.28 26.98
CA GLY H 362 -18.85 58.80 25.89
C GLY H 362 -18.75 58.00 24.60
N ALA H 363 -18.15 56.80 24.65
CA ALA H 363 -17.99 56.01 23.43
C ALA H 363 -19.34 55.70 22.78
N PRO H 364 -20.36 55.19 23.49
CA PRO H 364 -21.66 55.01 22.80
C PRO H 364 -22.21 56.30 22.23
N LEU H 365 -22.12 57.42 22.96
CA LEU H 365 -22.62 58.69 22.44
C LEU H 365 -21.83 59.13 21.21
N ALA H 366 -20.50 59.08 21.29
CA ALA H 366 -19.68 59.50 20.17
C ALA H 366 -19.94 58.64 18.95
N ARG H 367 -20.08 57.33 19.16
CA ARG H 367 -20.39 56.43 18.05
C ARG H 367 -21.72 56.79 17.41
N MET H 368 -22.74 57.04 18.22
CA MET H 368 -24.05 57.42 17.68
C MET H 368 -23.97 58.73 16.92
N GLU H 369 -23.28 59.73 17.48
CA GLU H 369 -23.13 61.02 16.80
C GLU H 369 -22.47 60.83 15.44
N ALA H 370 -21.38 60.06 15.40
CA ALA H 370 -20.71 59.80 14.14
C ALA H 370 -21.64 59.04 13.19
N GLN H 371 -22.42 58.11 13.74
CA GLN H 371 -23.34 57.33 12.92
C GLN H 371 -24.31 58.21 12.16
N VAL H 372 -25.04 59.06 12.89
CA VAL H 372 -26.05 59.92 12.28
C VAL H 372 -25.40 60.96 11.38
N ALA H 373 -24.32 61.59 11.85
CA ALA H 373 -23.70 62.67 11.09
C ALA H 373 -23.18 62.16 9.75
N PHE H 374 -22.52 61.01 9.75
CA PHE H 374 -22.03 60.44 8.48
C PHE H 374 -23.19 60.02 7.60
N GLY H 375 -24.22 59.39 8.17
CA GLY H 375 -25.36 58.96 7.39
C GLY H 375 -26.07 60.11 6.70
N VAL H 376 -26.23 61.22 7.39
CA VAL H 376 -26.85 62.40 6.78
C VAL H 376 -25.96 62.95 5.66
N LEU H 377 -24.65 63.00 5.89
CA LEU H 377 -23.72 63.53 4.89
C LEU H 377 -23.70 62.69 3.61
N LEU H 378 -24.01 61.40 3.71
CA LEU H 378 -24.11 60.59 2.50
C LEU H 378 -25.45 60.81 1.81
N ASP H 379 -26.52 61.02 2.57
CA ASP H 379 -27.81 61.32 1.97
C ASP H 379 -27.80 62.70 1.31
N THR H 380 -27.35 63.71 2.05
CA THR H 380 -27.29 65.09 1.57
C THR H 380 -25.85 65.44 1.24
N PHE H 381 -25.65 66.08 0.09
CA PHE H 381 -24.33 66.37 -0.47
C PHE H 381 -23.54 65.09 -0.72
N PRO H 382 -24.09 64.08 -1.39
CA PRO H 382 -23.32 62.86 -1.64
C PRO H 382 -22.17 63.05 -2.60
N ALA H 383 -22.13 64.17 -3.33
CA ALA H 383 -21.12 64.44 -4.34
C ALA H 383 -20.11 65.49 -3.88
N MET H 384 -20.01 65.70 -2.58
CA MET H 384 -19.09 66.71 -2.08
C MET H 384 -17.64 66.25 -2.27
N ARG H 385 -16.75 67.23 -2.49
CA ARG H 385 -15.33 66.94 -2.73
C ARG H 385 -14.48 67.98 -2.02
N LEU H 386 -13.24 67.60 -1.71
CA LEU H 386 -12.30 68.52 -1.09
C LEU H 386 -12.07 69.71 -2.02
N ALA H 387 -12.09 70.91 -1.45
CA ALA H 387 -11.97 72.14 -2.23
C ALA H 387 -10.52 72.62 -2.32
N VAL H 388 -9.61 71.86 -1.74
CA VAL H 388 -8.21 72.21 -1.80
C VAL H 388 -7.40 70.99 -2.14
N ASP H 389 -6.10 71.16 -2.23
CA ASP H 389 -5.24 70.01 -2.41
C ASP H 389 -5.05 69.48 -1.00
N PRO H 390 -4.95 68.17 -0.82
CA PRO H 390 -4.87 67.61 0.53
C PRO H 390 -3.71 68.07 1.35
N GLU H 391 -2.58 68.24 0.71
CA GLU H 391 -1.39 68.66 1.40
C GLU H 391 -1.38 70.13 1.75
N ASP H 392 -2.42 70.83 1.40
CA ASP H 392 -2.50 72.23 1.70
C ASP H 392 -3.30 72.43 2.96
N MET H 393 -3.73 71.33 3.57
CA MET H 393 -4.42 71.45 4.84
C MET H 393 -3.41 71.28 5.96
N ARG H 394 -3.68 71.87 7.13
CA ARG H 394 -2.76 71.77 8.24
C ARG H 394 -3.48 71.26 9.48
N TRP H 395 -2.68 70.86 10.47
CA TRP H 395 -3.19 70.21 11.67
C TRP H 395 -2.98 71.12 12.86
N ARG H 396 -3.95 71.13 13.76
CA ARG H 396 -3.88 71.99 14.93
C ARG H 396 -2.76 71.56 15.87
N THR H 397 -2.22 72.53 16.59
CA THR H 397 -1.12 72.30 17.52
C THR H 397 -1.71 71.94 18.87
N SER H 398 -1.67 70.65 19.21
CA SER H 398 -2.21 70.18 20.48
C SER H 398 -1.36 69.02 20.97
N THR H 399 -1.13 68.98 22.29
CA THR H 399 -0.33 67.91 22.86
C THR H 399 -1.03 66.56 22.72
N LEU H 400 -2.35 66.54 22.85
CA LEU H 400 -3.12 65.30 22.82
C LEU H 400 -4.09 65.17 21.65
N ILE H 401 -4.54 66.28 21.05
CA ILE H 401 -5.65 66.29 20.12
C ILE H 401 -5.13 66.22 18.68
N ARG H 402 -5.83 65.45 17.84
CA ARG H 402 -5.53 65.36 16.40
C ARG H 402 -6.75 65.87 15.65
N GLY H 403 -6.66 67.12 15.20
CA GLY H 403 -7.76 67.75 14.48
C GLY H 403 -7.24 68.75 13.48
N LEU H 404 -8.09 69.06 12.51
CA LEU H 404 -7.72 69.95 11.42
C LEU H 404 -8.05 71.40 11.77
N HIS H 405 -7.30 72.33 11.18
CA HIS H 405 -7.66 73.74 11.29
C HIS H 405 -8.98 74.03 10.58
N SER H 406 -9.17 73.47 9.40
CA SER H 406 -10.38 73.67 8.62
C SER H 406 -10.55 72.48 7.68
N LEU H 407 -11.72 72.41 7.03
CA LEU H 407 -12.01 71.34 6.08
C LEU H 407 -12.90 71.90 4.97
N PRO H 408 -12.32 72.71 4.08
CA PRO H 408 -13.11 73.26 2.98
C PRO H 408 -13.48 72.17 1.97
N VAL H 409 -14.73 72.22 1.52
CA VAL H 409 -15.27 71.21 0.62
C VAL H 409 -16.22 71.89 -0.35
N ARG H 410 -16.46 71.26 -1.50
CA ARG H 410 -17.43 71.71 -2.49
C ARG H 410 -18.58 70.71 -2.53
N LEU H 411 -19.81 71.19 -2.53
CA LEU H 411 -20.99 70.35 -2.31
C LEU H 411 -21.78 70.05 -3.59
N ASN H 412 -22.18 71.07 -4.32
CA ASN H 412 -23.07 70.94 -5.48
C ASN H 412 -24.43 70.40 -5.08
#